data_6VY2
#
_entry.id   6VY2
#
_cell.length_a   1.00
_cell.length_b   1.00
_cell.length_c   1.00
_cell.angle_alpha   90.00
_cell.angle_beta   90.00
_cell.angle_gamma   90.00
#
_symmetry.space_group_name_H-M   'P 1'
#
loop_
_entity.id
_entity.type
_entity.pdbx_description
1 polymer 'Glycoprotein 120'
2 polymer 'Glycoprotein 41'
3 polymer 'M1214 N1 Fab heavy chain'
4 polymer 'M1214 N1 Fab light chain'
5 branched 2-acetamido-2-deoxy-beta-D-glucopyranose-(1-4)-2-acetamido-2-deoxy-beta-D-glucopyranose
6 branched beta-D-mannopyranose-(1-4)-2-acetamido-2-deoxy-beta-D-glucopyranose-(1-4)-2-acetamido-2-deoxy-beta-D-glucopyranose
7 branched alpha-D-mannopyranose-(1-6)-alpha-D-mannopyranose-(1-6)-beta-D-mannopyranose-(1-4)-2-acetamido-2-deoxy-beta-D-glucopyranose-(1-4)-2-acetamido-2-deoxy-beta-D-glucopyranose
8 branched alpha-D-mannopyranose-(1-3)-beta-D-mannopyranose-(1-4)-2-acetamido-2-deoxy-beta-D-glucopyranose-(1-4)-2-acetamido-2-deoxy-beta-D-glucopyranose
9 branched alpha-D-mannopyranose-(1-3)-[alpha-D-mannopyranose-(1-6)]beta-D-mannopyranose-(1-4)-2-acetamido-2-deoxy-beta-D-glucopyranose-(1-4)-2-acetamido-2-deoxy-beta-D-glucopyranose
10 branched alpha-D-mannopyranose-(1-3)-alpha-D-mannopyranose-(1-3)-[alpha-D-mannopyranose-(1-6)-alpha-D-mannopyranose-(1-6)]beta-D-mannopyranose-(1-4)-2-acetamido-2-deoxy-beta-D-glucopyranose-(1-4)-2-acetamido-2-deoxy-beta-D-glucopyranose
11 non-polymer 2-acetamido-2-deoxy-beta-D-glucopyranose
#
loop_
_entity_poly.entity_id
_entity_poly.type
_entity_poly.pdbx_seq_one_letter_code
_entity_poly.pdbx_strand_id
1 'polypeptide(L)'
;MPMGSLQPLATLYLLGMLVASVLAAENLWVTVYYGVPVWKEAKTTLFCASDAKAYEKKVHNVWATHACVPTDPNPQEMVL
KNVTENFNMWKNDMVDQMHEDVISLWDQSLKPCVKLTPLCVTLNCTNATASNSSIIEGMKNCSFNITTELRDKREKKNAL
FYKLDIVQLDGNSSQYRLINCNTSVITQACPKVSFDPIPIHYCAPAGYAILKCNNKTFTGTGPCNNVSTVQCTHGIKPVV
STQLLLNGSLAEGEIIIRSENITNNVKTIIVHLNESVKIECTRPNNKTRTSIRIGPGQWFYATGQVIGDIREAYCNINES
KWNETLQRVSKKLKEYFPHKNITFQPSSGGDLEITTHSFNCGGEFFYCNTSSLFNRTYMANSTDMANSTETNSTRTITIH
CRIKQIINMWQEVGRAMYAPPIAGNITCISNITGLLLTRDGGKNNTETFRPGGGNMKDNWRSELYKYKVVKIEPLGVAPT
RCKRRVV
;
A,C,E
2 'polypeptide(L)'
;GRRRRRRAVGIGAVFLGFLGAAGSTMGAASMTLTVQARNLLSGIVQQQSNLLRAPEAQQHLLKLTVWGIKQLQARVLAVE
RYLRDQQLLGIWGCSGKLICCTNVPWNSSWSNRNLSEIWDNMTWLQWDKEISNYTQIIYGLLEESQNQQEKNEQDLLALD
;
B,D,F
3 'polypeptide(L)'
;DRLFQSGGGVSRPGGSLRVNCGASGFTVRTHYMYWLRQSPGKGLEWVAFMNSGGSVSYVDSVRGRFSVSRDNPANAMVLQ
MDALKIEDTGTYYCARELREAWYGDLRDYSGLDVWGRGTIVSISSASTKGPSVFPLAPSSKSTSGGTAALGCLVKDYFPE
PVTVSWNSGALTSGVHTFPAVLQSSGLYSLSSVVTVPSSSLGTQTYICNVNHKPSNTKVDKRVEPK
;
H,I,J
4 'polypeptide(L)'
;QSALAQPPSVSGSPGQSVTITCTGINDYGAAYKFVSWYQQHPGKEPRLIMKNVKDRWSVTPNRFSGSTSGNTASLTISNL
QSDDEAQYFCAVYAGGFTFPRLGGGTKLSVLSQPKAAPSVTLFPPSSEELQANKATLVCLISDFYPGAVTVAWKADSSPV
KAGVETTTPSKQSNNKYAASSYLSLTPEQWKSHRSYSCQVTHEGSTVEKTVAPT
;
L,M,N
#
loop_
_chem_comp.id
_chem_comp.type
_chem_comp.name
_chem_comp.formula
BMA D-saccharide, beta linking beta-D-mannopyranose 'C6 H12 O6'
MAN D-saccharide, alpha linking alpha-D-mannopyranose 'C6 H12 O6'
NAG D-saccharide, beta linking 2-acetamido-2-deoxy-beta-D-glucopyranose 'C8 H15 N O6'
#
# COMPACT_ATOMS: atom_id res chain seq x y z
N GLU A 26 29.99 -57.37 -24.02
CA GLU A 26 28.76 -57.81 -23.37
C GLU A 26 28.58 -57.13 -22.02
N ASN A 27 29.31 -56.04 -21.82
CA ASN A 27 29.27 -55.27 -20.59
C ASN A 27 28.51 -53.98 -20.87
N LEU A 28 27.47 -53.74 -20.09
CA LEU A 28 26.64 -52.54 -20.22
C LEU A 28 26.45 -51.96 -18.84
N TRP A 29 27.12 -50.85 -18.57
CA TRP A 29 27.09 -50.18 -17.28
C TRP A 29 26.30 -48.90 -17.38
N VAL A 30 25.81 -48.45 -16.22
CA VAL A 30 25.04 -47.21 -16.15
C VAL A 30 25.95 -46.03 -16.43
N THR A 31 25.43 -45.03 -17.14
CA THR A 31 26.07 -43.73 -17.22
C THR A 31 25.01 -42.64 -17.15
N VAL A 32 25.46 -41.49 -16.66
CA VAL A 32 24.63 -40.30 -16.47
C VAL A 32 25.20 -39.18 -17.33
N TYR A 33 24.33 -38.38 -17.90
CA TYR A 33 24.71 -37.18 -18.62
C TYR A 33 23.97 -35.98 -18.07
N TYR A 34 24.67 -34.85 -18.05
CA TYR A 34 24.13 -33.58 -17.59
C TYR A 34 24.26 -32.58 -18.72
N GLY A 35 23.17 -31.88 -19.00
CA GLY A 35 23.11 -30.98 -20.13
C GLY A 35 22.35 -31.54 -21.31
N VAL A 36 21.57 -32.60 -21.11
CA VAL A 36 20.86 -33.24 -22.22
C VAL A 36 19.83 -32.28 -22.79
N PRO A 37 19.72 -32.16 -24.10
CA PRO A 37 18.66 -31.32 -24.69
C PRO A 37 17.31 -32.01 -24.62
N VAL A 38 16.69 -31.94 -23.44
CA VAL A 38 15.40 -32.58 -23.21
C VAL A 38 14.50 -31.64 -22.44
N TRP A 39 13.22 -31.61 -22.79
CA TRP A 39 12.27 -30.68 -22.19
C TRP A 39 10.92 -31.35 -21.98
N LYS A 40 10.08 -30.68 -21.20
CA LYS A 40 8.70 -31.09 -20.97
C LYS A 40 7.78 -29.88 -20.92
N GLU A 41 6.53 -30.11 -21.29
CA GLU A 41 5.50 -29.08 -21.12
C GLU A 41 5.31 -28.80 -19.64
N ALA A 42 5.15 -27.53 -19.29
CA ALA A 42 5.08 -27.17 -17.88
C ALA A 42 4.47 -25.78 -17.76
N LYS A 43 3.83 -25.55 -16.61
CA LYS A 43 3.25 -24.25 -16.29
C LYS A 43 4.27 -23.42 -15.53
N THR A 44 4.36 -22.14 -15.87
CA THR A 44 5.33 -21.27 -15.23
C THR A 44 4.91 -19.82 -15.44
N THR A 45 5.82 -18.90 -15.07
CA THR A 45 5.59 -17.48 -15.19
C THR A 45 6.54 -16.90 -16.24
N LEU A 46 5.98 -16.12 -17.15
CA LEU A 46 6.74 -15.42 -18.18
C LEU A 46 6.93 -13.97 -17.75
N PHE A 47 7.91 -13.30 -18.37
CA PHE A 47 8.27 -11.95 -17.95
C PHE A 47 8.26 -10.98 -19.11
N CYS A 48 7.82 -9.75 -18.82
CA CYS A 48 7.72 -8.73 -19.84
C CYS A 48 9.09 -8.20 -20.22
N ALA A 49 9.19 -7.72 -21.46
CA ALA A 49 10.37 -7.06 -22.01
C ALA A 49 9.91 -5.99 -22.97
N SER A 50 10.67 -4.90 -23.05
CA SER A 50 10.16 -3.68 -23.66
C SER A 50 11.10 -3.20 -24.75
N ASP A 51 10.70 -2.11 -25.40
CA ASP A 51 11.51 -1.47 -26.42
C ASP A 51 12.45 -0.45 -25.78
N ALA A 52 13.43 -0.01 -26.57
CA ALA A 52 14.49 0.84 -26.04
C ALA A 52 13.96 2.20 -25.57
N LYS A 53 13.00 2.77 -26.28
CA LYS A 53 12.50 4.10 -25.95
C LYS A 53 11.65 4.03 -24.68
N ALA A 54 11.92 4.91 -23.74
CA ALA A 54 11.22 4.91 -22.46
C ALA A 54 9.99 5.81 -22.50
N TYR A 55 9.06 5.55 -21.58
CA TYR A 55 7.88 6.39 -21.44
C TYR A 55 8.27 7.79 -20.98
N GLU A 56 9.20 7.88 -20.03
CA GLU A 56 9.79 9.15 -19.58
C GLU A 56 8.75 10.07 -18.96
N LYS A 57 7.75 9.51 -18.29
CA LYS A 57 6.76 10.30 -17.57
C LYS A 57 6.71 9.99 -16.07
N LYS A 58 7.59 9.11 -15.57
CA LYS A 58 7.71 8.79 -14.15
C LYS A 58 6.38 8.33 -13.56
N VAL A 59 5.60 7.59 -14.35
CA VAL A 59 4.33 7.02 -13.90
C VAL A 59 4.58 5.60 -13.42
N HIS A 60 3.87 5.21 -12.36
CA HIS A 60 4.07 3.88 -11.78
C HIS A 60 3.67 2.76 -12.73
N ASN A 61 2.62 2.96 -13.52
CA ASN A 61 1.99 1.81 -14.18
C ASN A 61 2.48 1.60 -15.61
N VAL A 62 3.21 2.54 -16.17
CA VAL A 62 3.82 2.39 -17.48
C VAL A 62 5.34 2.53 -17.42
N TRP A 63 5.82 3.64 -16.86
CA TRP A 63 7.26 3.86 -16.78
C TRP A 63 7.92 2.87 -15.83
N ALA A 64 7.43 2.80 -14.60
CA ALA A 64 7.93 1.86 -13.61
C ALA A 64 7.45 0.43 -13.87
N THR A 65 6.70 0.21 -14.95
CA THR A 65 6.22 -1.12 -15.31
C THR A 65 6.68 -1.57 -16.68
N HIS A 66 6.94 -0.66 -17.60
CA HIS A 66 7.41 -1.02 -18.93
C HIS A 66 8.72 -0.33 -19.27
N ALA A 67 8.86 0.94 -18.91
CA ALA A 67 10.05 1.70 -19.25
C ALA A 67 11.24 1.37 -18.36
N CYS A 68 11.02 0.68 -17.24
CA CYS A 68 12.11 0.26 -16.37
C CYS A 68 12.43 -1.23 -16.56
N VAL A 69 11.85 -1.86 -17.57
CA VAL A 69 12.06 -3.28 -17.84
C VAL A 69 13.19 -3.40 -18.84
N PRO A 70 14.09 -4.38 -18.70
CA PRO A 70 15.18 -4.56 -19.66
C PRO A 70 14.68 -4.55 -21.09
N THR A 71 15.40 -3.83 -21.95
CA THR A 71 14.91 -3.47 -23.26
C THR A 71 15.67 -4.19 -24.37
N ASP A 72 15.07 -4.17 -25.55
CA ASP A 72 15.65 -4.73 -26.77
C ASP A 72 16.25 -6.12 -26.59
N PRO A 73 15.43 -7.13 -26.29
CA PRO A 73 15.92 -8.50 -26.37
C PRO A 73 16.12 -8.91 -27.81
N ASN A 74 17.22 -9.63 -28.07
CA ASN A 74 17.57 -9.99 -29.44
C ASN A 74 17.00 -11.36 -29.76
N PRO A 75 16.03 -11.46 -30.67
CA PRO A 75 15.46 -12.77 -31.01
C PRO A 75 16.34 -13.54 -31.99
N GLN A 76 17.51 -13.94 -31.51
CA GLN A 76 18.43 -14.77 -32.30
C GLN A 76 17.87 -16.18 -32.34
N GLU A 77 16.80 -16.35 -33.12
CA GLU A 77 16.09 -17.62 -33.17
C GLU A 77 17.01 -18.72 -33.68
N MET A 78 16.81 -19.92 -33.17
CA MET A 78 17.54 -21.09 -33.64
C MET A 78 16.54 -22.08 -34.21
N VAL A 79 16.75 -22.49 -35.46
CA VAL A 79 15.88 -23.46 -36.11
C VAL A 79 16.37 -24.85 -35.74
N LEU A 80 15.44 -25.81 -35.68
CA LEU A 80 15.77 -27.14 -35.20
C LEU A 80 15.52 -28.19 -36.27
N LYS A 81 16.56 -28.96 -36.59
CA LYS A 81 16.48 -30.01 -37.60
C LYS A 81 15.86 -31.27 -37.01
N ASN A 82 14.89 -31.84 -37.74
CA ASN A 82 14.29 -33.15 -37.44
C ASN A 82 13.46 -33.14 -36.15
N VAL A 83 12.85 -32.01 -35.84
CA VAL A 83 12.13 -31.86 -34.59
C VAL A 83 10.65 -31.77 -34.89
N THR A 84 9.84 -32.42 -34.06
CA THR A 84 8.39 -32.32 -34.15
C THR A 84 7.82 -31.99 -32.78
N GLU A 85 6.84 -31.10 -32.75
CA GLU A 85 6.21 -30.73 -31.49
C GLU A 85 4.76 -30.35 -31.75
N ASN A 86 3.91 -30.67 -30.78
CA ASN A 86 2.49 -30.35 -30.85
C ASN A 86 2.25 -28.99 -30.24
N PHE A 87 1.36 -28.21 -30.84
CA PHE A 87 1.03 -26.87 -30.36
C PHE A 87 -0.48 -26.75 -30.27
N ASN A 88 -0.97 -26.51 -29.05
CA ASN A 88 -2.40 -26.28 -28.81
C ASN A 88 -2.59 -24.81 -28.50
N MET A 89 -3.15 -24.07 -29.46
CA MET A 89 -3.43 -22.67 -29.23
C MET A 89 -4.70 -22.46 -28.43
N TRP A 90 -5.62 -23.41 -28.47
CA TRP A 90 -6.86 -23.27 -27.71
C TRP A 90 -6.62 -23.48 -26.23
N LYS A 91 -5.72 -24.39 -25.89
CA LYS A 91 -5.34 -24.62 -24.51
C LYS A 91 -3.85 -24.35 -24.37
N ASN A 92 -3.51 -23.25 -23.71
CA ASN A 92 -2.13 -22.92 -23.37
C ASN A 92 -2.15 -22.17 -22.06
N ASP A 93 -0.96 -21.80 -21.59
CA ASP A 93 -0.80 -21.36 -20.21
C ASP A 93 -0.40 -19.90 -20.10
N MET A 94 -0.24 -19.19 -21.22
CA MET A 94 0.28 -17.84 -21.17
C MET A 94 -0.73 -16.76 -21.47
N VAL A 95 -1.76 -17.04 -22.27
CA VAL A 95 -2.80 -16.06 -22.55
C VAL A 95 -3.38 -15.52 -21.26
N ASP A 96 -3.57 -16.39 -20.28
CA ASP A 96 -4.10 -15.95 -18.99
C ASP A 96 -3.20 -14.89 -18.40
N GLN A 97 -1.89 -15.11 -18.43
CA GLN A 97 -0.96 -14.10 -17.91
C GLN A 97 -1.15 -12.77 -18.63
N MET A 98 -1.48 -12.81 -19.92
CA MET A 98 -1.58 -11.58 -20.67
C MET A 98 -2.82 -10.79 -20.25
N HIS A 99 -3.96 -11.48 -20.20
CA HIS A 99 -5.15 -10.97 -19.54
C HIS A 99 -4.81 -10.38 -18.18
N GLU A 100 -3.98 -11.11 -17.43
CA GLU A 100 -3.61 -10.77 -16.07
C GLU A 100 -2.89 -9.43 -16.03
N ASP A 101 -1.92 -9.26 -16.91
CA ASP A 101 -1.12 -8.04 -16.96
C ASP A 101 -1.96 -6.85 -17.37
N VAL A 102 -2.81 -7.01 -18.39
CA VAL A 102 -3.64 -5.88 -18.80
C VAL A 102 -4.50 -5.42 -17.65
N ILE A 103 -5.11 -6.37 -16.94
CA ILE A 103 -5.96 -5.99 -15.81
C ILE A 103 -5.13 -5.25 -14.77
N SER A 104 -3.95 -5.78 -14.45
CA SER A 104 -3.12 -5.14 -13.43
C SER A 104 -2.77 -3.72 -13.83
N LEU A 105 -2.35 -3.52 -15.08
CA LEU A 105 -1.99 -2.19 -15.53
C LEU A 105 -3.16 -1.23 -15.43
N TRP A 106 -4.33 -1.65 -15.93
CA TRP A 106 -5.46 -0.74 -15.95
C TRP A 106 -5.94 -0.42 -14.54
N ASP A 107 -5.75 -1.34 -13.61
CA ASP A 107 -6.04 -1.02 -12.22
C ASP A 107 -5.06 0.02 -11.70
N GLN A 108 -3.77 -0.23 -11.89
CA GLN A 108 -2.75 0.67 -11.36
C GLN A 108 -2.86 2.06 -11.97
N SER A 109 -3.36 2.16 -13.19
CA SER A 109 -3.43 3.44 -13.88
C SER A 109 -4.23 4.47 -13.09
N LEU A 110 -5.33 4.05 -12.47
CA LEU A 110 -6.20 5.00 -11.78
C LEU A 110 -5.88 5.14 -10.31
N LYS A 111 -4.85 4.46 -9.81
CA LYS A 111 -4.52 4.57 -8.39
C LYS A 111 -4.33 6.01 -7.91
N PRO A 112 -3.58 6.88 -8.59
CA PRO A 112 -3.25 8.19 -8.00
C PRO A 112 -4.14 9.35 -8.40
N CYS A 113 -5.08 9.19 -9.34
CA CYS A 113 -5.80 10.35 -9.84
C CYS A 113 -7.23 10.38 -9.30
N VAL A 114 -7.88 11.52 -9.51
CA VAL A 114 -8.96 11.96 -8.63
C VAL A 114 -10.22 11.14 -8.83
N LYS A 115 -10.94 10.93 -7.73
CA LYS A 115 -12.27 10.34 -7.73
C LYS A 115 -13.33 11.41 -7.91
N LEU A 116 -14.43 11.05 -8.56
CA LEU A 116 -15.49 11.99 -8.89
C LEU A 116 -16.67 11.90 -7.95
N THR A 117 -16.48 11.29 -6.78
CA THR A 117 -17.57 11.12 -5.82
C THR A 117 -18.33 12.41 -5.54
N PRO A 118 -17.69 13.55 -5.27
CA PRO A 118 -18.47 14.78 -5.02
C PRO A 118 -19.32 15.19 -6.19
N LEU A 119 -19.15 14.59 -7.37
CA LEU A 119 -19.85 15.01 -8.57
C LEU A 119 -21.19 14.33 -8.79
N CYS A 120 -21.37 13.06 -8.45
CA CYS A 120 -22.63 12.43 -8.84
C CYS A 120 -23.70 13.04 -7.94
N VAL A 121 -24.28 14.10 -8.46
CA VAL A 121 -25.29 14.82 -7.72
C VAL A 121 -26.46 15.01 -8.66
N THR A 122 -27.57 15.49 -8.10
CA THR A 122 -28.73 15.86 -8.89
C THR A 122 -28.30 16.79 -10.02
N LEU A 123 -28.62 16.39 -11.25
CA LEU A 123 -28.25 17.18 -12.42
C LEU A 123 -29.49 17.83 -13.02
N ASN A 124 -29.41 19.13 -13.20
CA ASN A 124 -30.44 19.89 -13.90
C ASN A 124 -29.89 20.25 -15.27
N CYS A 125 -30.40 19.60 -16.30
CA CYS A 125 -29.85 19.75 -17.64
C CYS A 125 -30.99 19.87 -18.63
N THR A 126 -31.09 21.03 -19.27
CA THR A 126 -31.95 21.20 -20.43
C THR A 126 -31.20 20.77 -21.67
N ASN A 127 -31.92 20.68 -22.78
CA ASN A 127 -31.32 20.30 -24.05
C ASN A 127 -31.28 21.50 -24.98
N ALA A 128 -30.07 21.97 -25.26
CA ALA A 128 -29.81 23.03 -26.22
C ALA A 128 -28.49 22.71 -26.89
N THR A 129 -27.93 23.66 -27.62
CA THR A 129 -26.59 23.49 -28.16
C THR A 129 -26.10 24.84 -28.68
N ALA A 130 -25.07 24.78 -29.51
CA ALA A 130 -24.53 25.87 -30.30
C ALA A 130 -25.52 26.26 -31.39
N SER A 131 -25.04 27.09 -32.32
CA SER A 131 -25.86 28.08 -33.02
C SER A 131 -27.34 27.71 -33.12
N ASN A 132 -27.64 26.47 -33.52
CA ASN A 132 -29.03 26.00 -33.62
C ASN A 132 -29.15 24.63 -32.93
N SER A 133 -29.97 24.61 -31.87
CA SER A 133 -30.08 23.56 -30.85
C SER A 133 -30.02 22.11 -31.31
N SER A 134 -30.67 21.77 -32.43
CA SER A 134 -31.22 20.44 -32.72
C SER A 134 -30.34 19.33 -32.18
N ILE A 135 -29.05 19.28 -32.50
CA ILE A 135 -28.18 18.22 -31.99
C ILE A 135 -27.77 18.56 -30.56
N ILE A 136 -27.87 17.59 -29.65
CA ILE A 136 -27.33 17.87 -28.32
C ILE A 136 -26.29 16.80 -27.95
N GLU A 137 -26.67 15.51 -27.82
CA GLU A 137 -28.03 14.97 -27.90
C GLU A 137 -28.65 14.97 -26.51
N GLY A 138 -27.80 15.13 -25.49
CA GLY A 138 -28.26 15.43 -24.15
C GLY A 138 -27.33 16.40 -23.43
N MET A 139 -26.23 16.73 -24.08
CA MET A 139 -25.08 17.41 -23.51
C MET A 139 -25.35 18.77 -22.83
N LYS A 140 -25.92 19.73 -23.56
CA LYS A 140 -25.69 21.14 -23.27
C LYS A 140 -26.19 21.55 -21.89
N ASN A 141 -25.36 22.37 -21.21
CA ASN A 141 -25.72 23.10 -20.00
C ASN A 141 -26.41 22.21 -18.98
N CYS A 142 -25.75 21.08 -18.70
CA CYS A 142 -26.08 20.25 -17.54
C CYS A 142 -25.50 20.95 -16.32
N SER A 143 -26.38 21.45 -15.46
CA SER A 143 -25.97 22.25 -14.31
C SER A 143 -25.91 21.41 -13.05
N PHE A 144 -25.11 21.87 -12.10
CA PHE A 144 -24.90 21.14 -10.86
C PHE A 144 -24.28 22.07 -9.83
N ASN A 145 -24.52 21.74 -8.57
CA ASN A 145 -23.95 22.45 -7.43
C ASN A 145 -22.64 21.78 -7.05
N ILE A 146 -21.58 22.56 -6.88
CA ILE A 146 -20.30 22.05 -6.43
C ILE A 146 -19.76 22.95 -5.33
N THR A 147 -19.36 22.34 -4.22
CA THR A 147 -18.83 23.07 -3.09
C THR A 147 -17.30 23.06 -3.17
N THR A 148 -16.70 24.22 -3.37
CA THR A 148 -15.27 24.36 -3.65
C THR A 148 -14.85 25.80 -3.44
N GLU A 149 -13.72 26.05 -2.77
CA GLU A 149 -12.85 25.02 -2.23
C GLU A 149 -12.77 25.18 -0.73
N LEU A 150 -13.54 26.13 -0.21
CA LEU A 150 -13.62 26.40 1.21
C LEU A 150 -14.73 25.59 1.87
N ARG A 151 -15.33 24.66 1.12
CA ARG A 151 -16.34 23.73 1.63
C ARG A 151 -17.54 24.45 2.23
N ASP A 152 -17.62 25.76 2.00
CA ASP A 152 -18.80 26.50 2.40
C ASP A 152 -19.39 27.28 1.21
N LYS A 153 -18.52 27.78 0.33
CA LYS A 153 -18.97 28.57 -0.82
C LYS A 153 -19.21 27.63 -2.00
N ARG A 154 -20.41 27.07 -2.04
CA ARG A 154 -20.77 26.25 -3.20
C ARG A 154 -21.29 27.13 -4.33
N GLU A 155 -21.00 26.72 -5.55
CA GLU A 155 -21.33 27.48 -6.75
C GLU A 155 -22.10 26.60 -7.72
N LYS A 156 -22.88 27.28 -8.56
CA LYS A 156 -23.62 26.64 -9.64
C LYS A 156 -22.76 26.65 -10.89
N LYS A 157 -22.45 25.46 -11.40
CA LYS A 157 -21.67 25.32 -12.62
C LYS A 157 -22.47 24.51 -13.62
N ASN A 158 -21.99 24.49 -14.86
CA ASN A 158 -22.62 23.68 -15.88
C ASN A 158 -21.57 23.18 -16.85
N ALA A 159 -21.90 22.06 -17.51
CA ALA A 159 -21.01 21.43 -18.47
C ALA A 159 -21.84 20.49 -19.32
N LEU A 160 -21.20 19.94 -20.35
CA LEU A 160 -21.89 19.10 -21.32
C LEU A 160 -21.40 17.66 -21.16
N PHE A 161 -22.33 16.71 -21.18
CA PHE A 161 -22.01 15.29 -21.16
C PHE A 161 -22.75 14.61 -22.29
N TYR A 162 -22.04 13.78 -23.05
CA TYR A 162 -22.70 13.05 -24.13
C TYR A 162 -23.89 12.26 -23.60
N LYS A 163 -25.03 12.43 -24.28
CA LYS A 163 -26.31 11.97 -23.77
C LYS A 163 -26.27 10.55 -23.26
N LEU A 164 -25.60 9.66 -23.99
CA LEU A 164 -25.62 8.26 -23.62
C LEU A 164 -24.98 8.01 -22.26
N ASP A 165 -24.30 9.01 -21.70
CA ASP A 165 -23.72 8.91 -20.37
C ASP A 165 -24.64 9.40 -19.27
N ILE A 166 -25.81 9.93 -19.61
CA ILE A 166 -26.72 10.53 -18.65
C ILE A 166 -27.95 9.65 -18.54
N VAL A 167 -28.49 9.51 -17.33
CA VAL A 167 -29.75 8.81 -17.15
C VAL A 167 -30.75 9.78 -16.56
N GLN A 168 -32.02 9.51 -16.82
CA GLN A 168 -33.08 10.28 -16.19
C GLN A 168 -33.25 9.82 -14.74
N LEU A 169 -33.31 10.78 -13.83
CA LEU A 169 -33.49 10.46 -12.42
C LEU A 169 -34.83 9.82 -12.17
N ASP A 170 -34.89 9.02 -11.11
CA ASP A 170 -36.06 8.22 -10.79
C ASP A 170 -37.14 9.12 -10.20
N GLY A 171 -37.63 10.06 -11.01
CA GLY A 171 -38.56 11.07 -10.52
C GLY A 171 -38.90 12.05 -11.61
N ASN A 172 -38.76 13.35 -11.35
CA ASN A 172 -39.08 14.32 -12.39
C ASN A 172 -38.07 14.37 -13.52
N SER A 173 -38.64 14.42 -14.72
CA SER A 173 -37.88 14.35 -15.95
C SER A 173 -36.87 15.48 -16.10
N SER A 174 -37.02 16.59 -15.38
CA SER A 174 -36.01 17.64 -15.41
C SER A 174 -34.74 17.28 -14.67
N GLN A 175 -34.81 16.28 -13.80
CA GLN A 175 -33.68 15.84 -13.00
C GLN A 175 -32.99 14.69 -13.71
N TYR A 176 -31.67 14.69 -13.66
CA TYR A 176 -30.87 13.65 -14.29
C TYR A 176 -29.76 13.24 -13.36
N ARG A 177 -29.17 12.09 -13.65
CA ARG A 177 -28.14 11.50 -12.82
C ARG A 177 -27.05 10.96 -13.73
N LEU A 178 -25.84 10.89 -13.18
CA LEU A 178 -24.79 10.15 -13.85
C LEU A 178 -25.22 8.69 -14.00
N ILE A 179 -24.70 8.04 -15.03
CA ILE A 179 -25.21 6.74 -15.43
C ILE A 179 -24.97 5.69 -14.34
N ASN A 180 -23.85 5.77 -13.64
CA ASN A 180 -23.38 4.68 -12.79
C ASN A 180 -23.31 4.99 -11.31
N CYS A 181 -23.90 6.08 -10.81
CA CYS A 181 -23.31 6.51 -9.55
C CYS A 181 -23.97 5.92 -8.31
N ASN A 182 -25.17 5.35 -8.40
CA ASN A 182 -25.74 4.64 -7.26
C ASN A 182 -25.07 3.29 -7.05
N THR A 183 -24.23 2.87 -7.98
CA THR A 183 -23.80 1.49 -8.06
C THR A 183 -22.32 1.31 -7.93
N SER A 184 -21.51 2.27 -8.34
CA SER A 184 -20.09 2.05 -8.42
C SER A 184 -19.37 3.38 -8.27
N VAL A 185 -18.07 3.28 -8.05
CA VAL A 185 -17.20 4.43 -7.94
C VAL A 185 -16.65 4.79 -9.31
N ILE A 186 -16.68 6.08 -9.62
CA ILE A 186 -16.27 6.60 -10.92
C ILE A 186 -15.02 7.43 -10.72
N THR A 187 -14.00 7.18 -11.54
CA THR A 187 -12.72 7.86 -11.43
C THR A 187 -12.34 8.53 -12.75
N GLN A 188 -11.69 9.69 -12.65
CA GLN A 188 -11.17 10.39 -13.81
C GLN A 188 -9.78 9.87 -14.14
N ALA A 189 -9.49 9.83 -15.44
CA ALA A 189 -8.22 9.30 -15.93
C ALA A 189 -7.22 10.43 -15.99
N CYS A 190 -5.98 10.15 -15.63
CA CYS A 190 -5.07 11.25 -15.41
C CYS A 190 -4.21 11.49 -16.65
N PRO A 191 -3.90 12.74 -16.97
CA PRO A 191 -3.34 13.05 -18.31
C PRO A 191 -2.04 12.33 -18.60
N LYS A 192 -1.16 12.21 -17.61
CA LYS A 192 0.07 11.47 -17.82
C LYS A 192 -0.15 9.98 -18.00
N VAL A 193 -1.31 9.46 -17.62
CA VAL A 193 -1.57 8.03 -17.62
C VAL A 193 -2.37 7.59 -18.84
N SER A 194 -2.63 8.50 -19.78
CA SER A 194 -3.27 8.12 -21.03
C SER A 194 -2.45 7.01 -21.70
N PHE A 195 -3.06 5.83 -21.81
CA PHE A 195 -2.34 4.62 -22.19
C PHE A 195 -2.59 4.33 -23.66
N ASP A 196 -1.54 4.34 -24.43
CA ASP A 196 -1.53 3.92 -25.81
C ASP A 196 -0.76 2.62 -25.93
N PRO A 197 -1.00 1.84 -27.00
CA PRO A 197 -0.38 0.51 -27.09
C PRO A 197 1.14 0.60 -27.10
N ILE A 198 1.75 -0.25 -26.28
CA ILE A 198 3.20 -0.40 -26.20
C ILE A 198 3.51 -1.87 -26.48
N PRO A 199 4.29 -2.19 -27.50
CA PRO A 199 4.56 -3.60 -27.81
C PRO A 199 5.30 -4.28 -26.67
N ILE A 200 4.73 -5.37 -26.18
CA ILE A 200 5.28 -6.12 -25.06
C ILE A 200 5.84 -7.43 -25.59
N HIS A 201 7.13 -7.64 -25.36
CA HIS A 201 7.79 -8.91 -25.63
C HIS A 201 7.77 -9.75 -24.36
N TYR A 202 7.96 -11.05 -24.52
CA TYR A 202 7.97 -11.93 -23.37
C TYR A 202 9.19 -12.84 -23.39
N CYS A 203 9.71 -13.10 -22.20
CA CYS A 203 10.93 -13.88 -22.01
C CYS A 203 10.67 -14.92 -20.93
N ALA A 204 11.33 -16.05 -21.07
CA ALA A 204 11.19 -17.11 -20.09
C ALA A 204 12.35 -17.05 -19.09
N PRO A 205 12.12 -17.46 -17.84
CA PRO A 205 13.21 -17.60 -16.90
C PRO A 205 14.11 -18.77 -17.29
N ALA A 206 15.27 -18.82 -16.62
CA ALA A 206 16.22 -19.89 -16.87
C ALA A 206 15.55 -21.25 -16.66
N GLY A 207 16.07 -22.27 -17.35
CA GLY A 207 15.48 -23.58 -17.34
C GLY A 207 14.24 -23.71 -18.21
N TYR A 208 13.76 -22.60 -18.75
CA TYR A 208 12.58 -22.60 -19.60
C TYR A 208 12.93 -22.05 -20.97
N ALA A 209 12.18 -22.49 -21.97
CA ALA A 209 12.42 -22.11 -23.35
C ALA A 209 11.10 -21.90 -24.07
N ILE A 210 11.12 -20.99 -25.05
CA ILE A 210 9.95 -20.65 -25.84
C ILE A 210 10.16 -21.18 -27.25
N LEU A 211 9.23 -22.02 -27.69
CA LEU A 211 9.29 -22.68 -28.98
C LEU A 211 8.19 -22.16 -29.89
N LYS A 212 8.56 -21.91 -31.15
CA LYS A 212 7.63 -21.50 -32.19
C LYS A 212 7.53 -22.62 -33.21
N CYS A 213 6.31 -23.15 -33.37
CA CYS A 213 5.94 -23.70 -34.66
C CYS A 213 6.06 -22.61 -35.69
N ASN A 214 6.72 -22.91 -36.79
CA ASN A 214 7.05 -21.86 -37.75
C ASN A 214 6.41 -22.15 -39.09
N ASN A 215 5.15 -22.55 -39.05
CA ASN A 215 4.41 -22.99 -40.22
C ASN A 215 3.69 -21.82 -40.87
N LYS A 216 3.51 -21.89 -42.17
CA LYS A 216 2.75 -20.87 -42.88
C LYS A 216 1.29 -21.26 -43.09
N THR A 217 0.91 -22.48 -42.72
CA THR A 217 -0.48 -22.92 -42.78
C THR A 217 -0.93 -23.59 -41.49
N PHE A 218 -0.27 -23.30 -40.37
CA PHE A 218 -0.67 -23.84 -39.10
C PHE A 218 -2.07 -23.37 -38.74
N THR A 219 -2.93 -24.30 -38.32
CA THR A 219 -4.30 -23.98 -37.96
C THR A 219 -4.49 -23.86 -36.45
N GLY A 220 -3.47 -24.15 -35.66
CA GLY A 220 -3.56 -24.05 -34.23
C GLY A 220 -3.61 -25.36 -33.48
N THR A 221 -3.39 -26.49 -34.15
CA THR A 221 -3.43 -27.78 -33.49
C THR A 221 -2.58 -28.77 -34.25
N GLY A 222 -2.31 -29.90 -33.62
CA GLY A 222 -1.60 -30.99 -34.25
C GLY A 222 -0.10 -30.79 -34.20
N PRO A 223 0.63 -31.71 -34.81
CA PRO A 223 2.09 -31.61 -34.82
C PRO A 223 2.56 -30.61 -35.85
N CYS A 224 3.77 -30.09 -35.61
CA CYS A 224 4.37 -29.10 -36.49
C CYS A 224 5.78 -29.55 -36.83
N ASN A 225 6.03 -29.81 -38.11
CA ASN A 225 7.32 -30.31 -38.57
C ASN A 225 8.34 -29.19 -38.70
N ASN A 226 8.08 -28.05 -38.05
CA ASN A 226 8.87 -26.84 -38.23
C ASN A 226 8.94 -26.11 -36.89
N VAL A 227 10.01 -26.36 -36.14
CA VAL A 227 10.15 -25.79 -34.80
C VAL A 227 11.45 -25.01 -34.70
N SER A 228 11.37 -23.84 -34.06
CA SER A 228 12.55 -23.10 -33.65
C SER A 228 12.35 -22.62 -32.23
N THR A 229 13.41 -22.09 -31.66
CA THR A 229 13.39 -21.59 -30.29
C THR A 229 13.89 -20.16 -30.25
N VAL A 230 13.37 -19.41 -29.29
CA VAL A 230 13.79 -18.04 -29.08
C VAL A 230 13.95 -17.78 -27.59
N GLN A 231 14.85 -16.85 -27.28
CA GLN A 231 14.91 -16.26 -25.96
C GLN A 231 13.85 -15.18 -25.75
N CYS A 232 13.21 -14.71 -26.81
CA CYS A 232 12.26 -13.62 -26.67
C CYS A 232 11.24 -13.67 -27.80
N THR A 233 10.01 -13.29 -27.45
CA THR A 233 8.93 -13.14 -28.41
C THR A 233 8.88 -11.71 -28.93
N HIS A 234 8.27 -11.53 -30.09
CA HIS A 234 8.12 -10.16 -30.59
C HIS A 234 7.10 -9.42 -29.74
N GLY A 235 7.07 -8.10 -29.92
CA GLY A 235 6.12 -7.26 -29.21
C GLY A 235 4.71 -7.56 -29.67
N ILE A 236 3.78 -7.62 -28.71
CA ILE A 236 2.36 -7.78 -29.00
C ILE A 236 1.62 -6.65 -28.30
N LYS A 237 0.76 -5.96 -29.03
CA LYS A 237 0.31 -4.78 -28.30
C LYS A 237 -0.98 -5.06 -27.55
N PRO A 238 -1.12 -4.50 -26.36
CA PRO A 238 -2.33 -4.72 -25.55
C PRO A 238 -3.51 -3.93 -26.09
N VAL A 239 -4.00 -4.35 -27.25
CA VAL A 239 -5.10 -3.68 -27.92
C VAL A 239 -6.41 -4.34 -27.48
N VAL A 240 -7.35 -3.54 -27.00
CA VAL A 240 -8.65 -4.03 -26.54
C VAL A 240 -9.64 -3.86 -27.68
N SER A 241 -10.35 -4.93 -28.01
CA SER A 241 -11.16 -4.90 -29.21
C SER A 241 -12.47 -5.62 -28.99
N THR A 242 -13.43 -5.28 -29.85
CA THR A 242 -14.80 -5.74 -29.83
C THR A 242 -15.06 -6.93 -30.74
N GLN A 243 -14.86 -6.78 -32.05
CA GLN A 243 -15.15 -7.81 -33.03
C GLN A 243 -13.99 -7.93 -34.02
N LEU A 244 -13.62 -6.79 -34.59
CA LEU A 244 -12.57 -6.77 -35.60
C LEU A 244 -11.20 -6.82 -34.94
N LEU A 245 -10.22 -7.32 -35.69
CA LEU A 245 -8.84 -7.33 -35.22
C LEU A 245 -8.04 -6.30 -35.99
N LEU A 246 -7.37 -5.40 -35.26
CA LEU A 246 -6.74 -4.24 -35.86
C LEU A 246 -5.33 -4.08 -35.29
N ASN A 247 -4.49 -3.36 -36.04
CA ASN A 247 -3.08 -3.17 -35.69
C ASN A 247 -2.32 -4.48 -35.57
N GLY A 248 -2.88 -5.57 -36.10
CA GLY A 248 -2.34 -6.90 -35.89
C GLY A 248 -1.41 -7.34 -37.01
N SER A 249 -0.82 -8.51 -36.80
CA SER A 249 0.07 -9.06 -37.81
C SER A 249 -0.74 -9.75 -38.91
N LEU A 250 -0.15 -9.84 -40.09
CA LEU A 250 -0.81 -10.41 -41.24
C LEU A 250 -0.39 -11.86 -41.44
N ALA A 251 -1.33 -12.66 -41.94
CA ALA A 251 -1.01 -14.04 -42.30
C ALA A 251 -0.05 -14.05 -43.47
N GLU A 252 0.84 -15.04 -43.48
CA GLU A 252 1.89 -15.10 -44.48
C GLU A 252 1.38 -15.55 -45.84
N GLY A 253 0.48 -16.52 -45.87
CA GLY A 253 -0.01 -17.06 -47.13
C GLY A 253 -1.40 -16.61 -47.49
N GLU A 254 -2.37 -17.51 -47.34
CA GLU A 254 -3.77 -17.21 -47.56
C GLU A 254 -4.44 -16.90 -46.22
N ILE A 255 -5.69 -16.46 -46.29
CA ILE A 255 -6.46 -16.24 -45.08
C ILE A 255 -6.67 -17.57 -44.38
N ILE A 256 -6.56 -17.57 -43.06
CA ILE A 256 -6.58 -18.78 -42.25
C ILE A 256 -7.71 -18.69 -41.24
N ILE A 257 -8.45 -19.77 -41.10
CA ILE A 257 -9.61 -19.82 -40.22
C ILE A 257 -9.33 -20.81 -39.11
N ARG A 258 -9.44 -20.35 -37.87
CA ARG A 258 -9.11 -21.18 -36.72
C ARG A 258 -10.30 -21.27 -35.77
N SER A 259 -10.66 -22.50 -35.41
CA SER A 259 -11.77 -22.74 -34.50
C SER A 259 -11.45 -23.95 -33.65
N GLU A 260 -11.91 -23.92 -32.39
CA GLU A 260 -11.69 -25.06 -31.51
C GLU A 260 -12.52 -26.24 -31.97
N ASN A 261 -13.76 -26.00 -32.37
CA ASN A 261 -14.61 -27.04 -32.92
C ASN A 261 -15.57 -26.39 -33.90
N ILE A 262 -15.31 -26.57 -35.19
CA ILE A 262 -16.12 -25.90 -36.20
C ILE A 262 -17.57 -26.35 -36.13
N THR A 263 -17.81 -27.63 -35.83
CA THR A 263 -19.17 -28.14 -35.76
C THR A 263 -19.88 -27.75 -34.47
N ASN A 264 -19.16 -27.32 -33.45
CA ASN A 264 -19.79 -26.83 -32.23
C ASN A 264 -20.26 -25.40 -32.50
N ASN A 265 -21.49 -25.10 -32.12
CA ASN A 265 -22.10 -23.81 -32.40
C ASN A 265 -21.74 -22.77 -31.35
N VAL A 266 -21.13 -23.17 -30.22
CA VAL A 266 -20.81 -22.17 -29.20
C VAL A 266 -19.39 -21.65 -29.33
N LYS A 267 -18.56 -22.25 -30.18
CA LYS A 267 -17.15 -21.92 -30.26
C LYS A 267 -16.95 -20.76 -31.22
N THR A 268 -16.19 -19.76 -30.77
CA THR A 268 -15.92 -18.59 -31.60
C THR A 268 -14.97 -18.95 -32.74
N ILE A 269 -15.25 -18.41 -33.91
CA ILE A 269 -14.41 -18.62 -35.08
C ILE A 269 -13.50 -17.42 -35.27
N ILE A 270 -12.24 -17.69 -35.63
CA ILE A 270 -11.22 -16.66 -35.79
C ILE A 270 -10.82 -16.60 -37.25
N VAL A 271 -10.86 -15.40 -37.83
CA VAL A 271 -10.48 -15.15 -39.21
C VAL A 271 -9.20 -14.32 -39.19
N HIS A 272 -8.12 -14.88 -39.73
CA HIS A 272 -6.84 -14.19 -39.82
C HIS A 272 -6.57 -13.91 -41.29
N LEU A 273 -6.66 -12.64 -41.67
CA LEU A 273 -6.45 -12.24 -43.04
C LEU A 273 -4.97 -12.27 -43.39
N ASN A 274 -4.70 -12.33 -44.69
CA ASN A 274 -3.34 -12.22 -45.19
C ASN A 274 -3.06 -10.85 -45.81
N GLU A 275 -4.06 -10.00 -45.92
CA GLU A 275 -3.88 -8.65 -46.43
C GLU A 275 -4.67 -7.69 -45.56
N SER A 276 -4.00 -6.64 -45.10
CA SER A 276 -4.64 -5.64 -44.26
C SER A 276 -5.62 -4.82 -45.08
N VAL A 277 -6.54 -4.15 -44.37
CA VAL A 277 -7.49 -3.26 -45.02
C VAL A 277 -7.50 -1.95 -44.26
N LYS A 278 -7.21 -0.85 -44.94
CA LYS A 278 -7.17 0.45 -44.29
C LYS A 278 -8.59 0.91 -43.96
N ILE A 279 -8.78 1.34 -42.72
CA ILE A 279 -10.03 1.95 -42.27
C ILE A 279 -9.72 3.34 -41.73
N GLU A 280 -10.56 4.31 -42.06
CA GLU A 280 -10.32 5.69 -41.65
C GLU A 280 -11.50 6.19 -40.84
N CYS A 281 -11.28 6.51 -39.57
CA CYS A 281 -12.34 7.03 -38.72
C CYS A 281 -12.02 8.46 -38.31
N THR A 282 -13.06 9.25 -38.13
CA THR A 282 -12.89 10.63 -37.73
C THR A 282 -14.06 11.10 -36.90
N ARG A 283 -13.75 11.94 -35.93
CA ARG A 283 -14.72 12.79 -35.25
C ARG A 283 -14.44 14.19 -35.78
N PRO A 284 -15.31 14.71 -36.65
CA PRO A 284 -14.96 15.91 -37.42
C PRO A 284 -15.25 17.21 -36.71
N ASN A 285 -16.07 17.22 -35.67
CA ASN A 285 -16.30 18.46 -34.96
C ASN A 285 -15.23 18.65 -33.88
N ASN A 286 -15.20 19.84 -33.29
CA ASN A 286 -14.34 20.12 -32.15
C ASN A 286 -15.19 20.35 -30.91
N LYS A 287 -14.52 20.39 -29.78
CA LYS A 287 -15.12 20.73 -28.50
C LYS A 287 -14.10 21.52 -27.70
N THR A 288 -14.54 22.57 -27.03
CA THR A 288 -13.66 23.33 -26.16
C THR A 288 -13.60 22.69 -24.78
N ARG A 289 -12.40 22.30 -24.36
CA ARG A 289 -12.22 21.70 -23.05
C ARG A 289 -12.35 22.75 -21.97
N THR A 290 -13.09 22.41 -20.92
CA THR A 290 -13.24 23.26 -19.75
C THR A 290 -12.94 22.45 -18.50
N SER A 291 -12.73 23.16 -17.39
CA SER A 291 -12.34 22.52 -16.15
C SER A 291 -13.06 23.20 -15.00
N ILE A 292 -13.57 22.39 -14.07
CA ILE A 292 -14.19 22.88 -12.85
C ILE A 292 -13.40 22.35 -11.68
N ARG A 293 -12.90 23.26 -10.85
CA ARG A 293 -12.10 22.89 -9.70
C ARG A 293 -12.91 22.04 -8.72
N ILE A 294 -12.22 21.17 -8.01
CA ILE A 294 -12.81 20.33 -6.98
C ILE A 294 -12.17 20.60 -5.62
N GLY A 295 -10.85 20.76 -5.60
CA GLY A 295 -10.13 21.01 -4.38
C GLY A 295 -8.66 21.27 -4.62
N PRO A 296 -7.83 20.94 -3.64
CA PRO A 296 -6.37 21.16 -3.72
C PRO A 296 -5.66 20.13 -4.60
N GLY A 297 -5.66 20.41 -5.91
CA GLY A 297 -5.07 19.52 -6.87
C GLY A 297 -6.05 18.65 -7.64
N GLN A 298 -7.34 18.99 -7.60
CA GLN A 298 -8.37 18.20 -8.25
C GLN A 298 -9.20 19.11 -9.15
N TRP A 299 -9.43 18.68 -10.38
CA TRP A 299 -10.35 19.38 -11.26
C TRP A 299 -11.02 18.37 -12.17
N PHE A 300 -12.31 18.55 -12.38
CA PHE A 300 -13.07 17.73 -13.30
C PHE A 300 -13.05 18.39 -14.66
N TYR A 301 -12.70 17.62 -15.68
CA TYR A 301 -12.59 18.10 -17.05
C TYR A 301 -13.88 17.77 -17.79
N ALA A 302 -14.35 18.70 -18.61
CA ALA A 302 -15.62 18.52 -19.28
C ALA A 302 -15.62 19.28 -20.59
N THR A 303 -16.73 19.13 -21.31
CA THR A 303 -16.91 19.81 -22.57
C THR A 303 -17.51 21.19 -22.35
N GLY A 304 -16.88 22.19 -22.95
CA GLY A 304 -17.37 23.56 -22.94
C GLY A 304 -18.16 23.86 -24.19
N GLN A 305 -17.84 24.99 -24.81
CA GLN A 305 -18.45 25.32 -26.08
C GLN A 305 -18.09 24.27 -27.13
N VAL A 306 -19.04 23.96 -28.01
CA VAL A 306 -18.81 23.07 -29.13
C VAL A 306 -18.67 23.90 -30.40
N ILE A 307 -17.64 23.61 -31.19
CA ILE A 307 -17.33 24.38 -32.39
C ILE A 307 -17.09 23.44 -33.55
N GLY A 308 -17.57 23.83 -34.73
CA GLY A 308 -18.56 24.89 -34.85
C GLY A 308 -19.78 24.36 -35.59
N ASP A 309 -19.51 23.43 -36.50
CA ASP A 309 -20.55 22.75 -37.26
C ASP A 309 -20.73 21.33 -36.76
N ILE A 310 -21.89 20.75 -37.04
CA ILE A 310 -22.27 19.48 -36.46
C ILE A 310 -22.24 18.40 -37.53
N ARG A 311 -21.37 17.41 -37.33
CA ARG A 311 -21.32 16.21 -38.15
C ARG A 311 -21.11 15.02 -37.22
N GLU A 312 -21.78 13.91 -37.52
CA GLU A 312 -21.57 12.70 -36.73
C GLU A 312 -20.26 12.03 -37.11
N ALA A 313 -19.57 11.50 -36.10
CA ALA A 313 -18.34 10.79 -36.36
C ALA A 313 -18.60 9.59 -37.25
N TYR A 314 -17.64 9.31 -38.12
CA TYR A 314 -17.87 8.27 -39.12
C TYR A 314 -16.57 7.56 -39.46
N CYS A 315 -16.70 6.51 -40.24
CA CYS A 315 -15.58 5.71 -40.71
C CYS A 315 -15.80 5.32 -42.15
N ASN A 316 -14.69 5.21 -42.89
CA ASN A 316 -14.69 4.99 -44.33
C ASN A 316 -13.85 3.77 -44.65
N ILE A 317 -14.30 3.02 -45.65
CA ILE A 317 -13.76 1.71 -46.02
C ILE A 317 -13.76 1.60 -47.55
N ASN A 318 -12.78 0.88 -48.09
CA ASN A 318 -12.77 0.57 -49.52
C ASN A 318 -13.75 -0.57 -49.81
N GLU A 319 -14.76 -0.31 -50.65
CA GLU A 319 -15.75 -1.33 -50.94
C GLU A 319 -15.11 -2.57 -51.53
N SER A 320 -14.33 -2.39 -52.60
CA SER A 320 -13.82 -3.54 -53.35
C SER A 320 -12.94 -4.42 -52.49
N LYS A 321 -12.10 -3.81 -51.64
CA LYS A 321 -11.23 -4.62 -50.80
C LYS A 321 -12.03 -5.41 -49.78
N TRP A 322 -12.89 -4.73 -49.04
CA TRP A 322 -13.90 -5.39 -48.22
C TRP A 322 -14.50 -6.58 -48.96
N ASN A 323 -14.79 -6.38 -50.24
CA ASN A 323 -15.64 -7.27 -51.01
C ASN A 323 -14.92 -8.55 -51.36
N GLU A 324 -13.84 -8.39 -52.13
CA GLU A 324 -12.99 -9.52 -52.45
C GLU A 324 -12.56 -10.21 -51.16
N THR A 325 -12.27 -9.42 -50.11
CA THR A 325 -11.87 -9.99 -48.84
C THR A 325 -12.91 -10.98 -48.35
N LEU A 326 -14.12 -10.49 -48.09
CA LEU A 326 -15.15 -11.36 -47.54
C LEU A 326 -15.48 -12.50 -48.48
N GLN A 327 -15.32 -12.30 -49.78
CA GLN A 327 -15.54 -13.40 -50.71
C GLN A 327 -14.55 -14.53 -50.46
N ARG A 328 -13.26 -14.19 -50.36
CA ARG A 328 -12.26 -15.20 -50.02
C ARG A 328 -12.55 -15.80 -48.66
N VAL A 329 -13.01 -14.97 -47.72
CA VAL A 329 -13.39 -15.47 -46.40
C VAL A 329 -14.43 -16.57 -46.52
N SER A 330 -15.44 -16.34 -47.33
CA SER A 330 -16.50 -17.33 -47.53
C SER A 330 -15.96 -18.58 -48.21
N LYS A 331 -15.13 -18.39 -49.23
CA LYS A 331 -14.59 -19.53 -49.96
C LYS A 331 -13.75 -20.42 -49.03
N LYS A 332 -13.03 -19.81 -48.10
CA LYS A 332 -12.28 -20.59 -47.13
C LYS A 332 -13.18 -21.15 -46.05
N LEU A 333 -14.23 -20.41 -45.68
CA LEU A 333 -15.10 -20.83 -44.60
C LEU A 333 -15.87 -22.09 -44.98
N LYS A 334 -16.32 -22.17 -46.22
CA LYS A 334 -17.11 -23.31 -46.65
C LYS A 334 -16.34 -24.62 -46.59
N GLU A 335 -15.02 -24.57 -46.41
CA GLU A 335 -14.26 -25.79 -46.16
C GLU A 335 -14.71 -26.45 -44.87
N TYR A 336 -14.79 -25.68 -43.78
CA TYR A 336 -15.15 -26.23 -42.49
C TYR A 336 -16.61 -26.67 -42.43
N PHE A 337 -17.46 -26.11 -43.28
CA PHE A 337 -18.83 -26.60 -43.48
C PHE A 337 -18.93 -27.01 -44.95
N PRO A 338 -18.38 -28.15 -45.30
CA PRO A 338 -18.19 -28.51 -46.72
C PRO A 338 -19.51 -28.85 -47.41
N HIS A 339 -20.34 -27.83 -47.59
CA HIS A 339 -21.69 -28.04 -48.08
C HIS A 339 -22.34 -26.71 -48.46
N LYS A 340 -23.65 -26.71 -48.37
CA LYS A 340 -24.62 -25.67 -48.75
C LYS A 340 -24.19 -24.29 -48.25
N ASN A 341 -24.82 -23.27 -48.82
CA ASN A 341 -24.37 -21.89 -49.01
C ASN A 341 -24.14 -21.18 -47.67
N ILE A 342 -23.72 -19.93 -47.72
CA ILE A 342 -23.25 -19.20 -46.54
C ILE A 342 -23.96 -17.85 -46.46
N THR A 343 -24.31 -17.41 -45.25
CA THR A 343 -24.95 -16.12 -45.08
C THR A 343 -24.41 -15.38 -43.86
N PHE A 344 -24.13 -14.09 -44.04
CA PHE A 344 -23.72 -13.21 -42.96
C PHE A 344 -24.90 -12.35 -42.52
N GLN A 345 -24.93 -12.03 -41.24
CA GLN A 345 -25.97 -11.17 -40.71
C GLN A 345 -25.31 -10.12 -39.82
N PRO A 346 -25.97 -8.99 -39.61
CA PRO A 346 -25.47 -8.03 -38.63
C PRO A 346 -25.53 -8.61 -37.23
N SER A 347 -25.12 -7.79 -36.27
CA SER A 347 -25.20 -8.19 -34.88
C SER A 347 -26.65 -8.39 -34.47
N SER A 348 -26.86 -9.16 -33.40
CA SER A 348 -28.19 -9.59 -33.02
C SER A 348 -28.78 -8.79 -31.87
N GLY A 349 -28.02 -8.54 -30.82
CA GLY A 349 -28.56 -7.85 -29.67
C GLY A 349 -27.75 -8.14 -28.42
N GLY A 350 -28.10 -7.42 -27.36
CA GLY A 350 -27.32 -7.37 -26.15
C GLY A 350 -26.78 -5.98 -25.93
N ASP A 351 -25.70 -5.90 -25.15
CA ASP A 351 -25.10 -4.60 -24.99
C ASP A 351 -24.27 -4.26 -26.23
N LEU A 352 -24.36 -2.99 -26.63
CA LEU A 352 -23.70 -2.57 -27.86
C LEU A 352 -22.24 -2.97 -27.87
N GLU A 353 -21.63 -3.09 -26.68
CA GLU A 353 -20.32 -3.71 -26.56
C GLU A 353 -20.17 -4.95 -27.43
N ILE A 354 -21.12 -5.88 -27.34
CA ILE A 354 -20.99 -7.08 -28.15
C ILE A 354 -21.57 -6.91 -29.55
N THR A 355 -22.12 -5.74 -29.86
CA THR A 355 -22.80 -5.56 -31.13
C THR A 355 -22.14 -4.57 -32.07
N THR A 356 -21.32 -3.66 -31.56
CA THR A 356 -20.72 -2.62 -32.38
C THR A 356 -19.20 -2.75 -32.40
N HIS A 357 -18.59 -1.90 -33.20
CA HIS A 357 -17.14 -1.78 -33.24
C HIS A 357 -16.70 -0.69 -32.26
N SER A 358 -16.12 -1.09 -31.14
CA SER A 358 -15.59 -0.18 -30.14
C SER A 358 -14.10 0.02 -30.36
N PHE A 359 -13.63 1.24 -30.09
CA PHE A 359 -12.20 1.50 -30.06
C PHE A 359 -11.96 2.81 -29.34
N ASN A 360 -10.70 3.25 -29.34
CA ASN A 360 -10.26 4.36 -28.50
C ASN A 360 -9.27 5.25 -29.23
N CYS A 361 -9.49 5.48 -30.51
CA CYS A 361 -8.64 6.41 -31.25
C CYS A 361 -8.70 7.78 -30.59
N GLY A 362 -7.53 8.41 -30.48
CA GLY A 362 -7.45 9.74 -29.91
C GLY A 362 -7.80 9.83 -28.43
N GLY A 363 -7.89 8.71 -27.73
CA GLY A 363 -8.20 8.71 -26.32
C GLY A 363 -9.68 8.79 -26.01
N GLU A 364 -10.51 9.15 -26.97
CA GLU A 364 -11.95 9.11 -26.80
C GLU A 364 -12.47 7.79 -27.34
N PHE A 365 -13.60 7.34 -26.83
CA PHE A 365 -14.08 5.99 -27.08
C PHE A 365 -15.24 6.01 -28.07
N PHE A 366 -15.17 5.12 -29.05
CA PHE A 366 -16.02 5.11 -30.23
C PHE A 366 -16.74 3.78 -30.35
N TYR A 367 -17.97 3.83 -30.85
CA TYR A 367 -18.83 2.66 -31.05
C TYR A 367 -19.51 2.86 -32.40
N CYS A 368 -19.12 2.06 -33.38
CA CYS A 368 -19.63 2.18 -34.74
C CYS A 368 -20.61 1.05 -35.04
N ASN A 369 -21.79 1.43 -35.54
CA ASN A 369 -22.80 0.48 -35.99
C ASN A 369 -22.33 -0.18 -37.28
N THR A 370 -21.91 -1.43 -37.18
CA THR A 370 -21.29 -2.11 -38.32
C THR A 370 -22.27 -2.97 -39.09
N SER A 371 -23.58 -2.80 -38.83
CA SER A 371 -24.56 -3.70 -39.42
C SER A 371 -24.48 -3.70 -40.94
N SER A 372 -24.19 -2.55 -41.55
CA SER A 372 -24.16 -2.48 -43.00
C SER A 372 -23.04 -3.31 -43.60
N LEU A 373 -22.11 -3.80 -42.78
CA LEU A 373 -20.92 -4.46 -43.30
C LEU A 373 -21.11 -5.95 -43.54
N PHE A 374 -22.10 -6.58 -42.92
CA PHE A 374 -22.23 -8.02 -43.02
C PHE A 374 -23.61 -8.39 -43.54
N ASN A 375 -24.02 -7.73 -44.62
CA ASN A 375 -25.34 -7.88 -45.22
C ASN A 375 -25.24 -8.52 -46.60
N ARG A 376 -24.38 -9.53 -46.72
CA ARG A 376 -24.11 -10.17 -48.00
C ARG A 376 -24.40 -11.65 -47.95
N THR A 377 -24.46 -12.27 -49.13
CA THR A 377 -24.59 -13.71 -49.28
C THR A 377 -23.64 -14.20 -50.36
N TYR A 378 -23.46 -15.52 -50.43
CA TYR A 378 -22.57 -16.13 -51.39
C TYR A 378 -23.18 -17.43 -51.89
N MET A 379 -23.20 -17.61 -53.20
CA MET A 379 -23.84 -18.72 -53.88
C MET A 379 -22.78 -19.65 -54.46
N ALA A 380 -23.23 -20.63 -55.24
CA ALA A 380 -22.35 -21.59 -55.89
C ALA A 380 -22.39 -21.43 -57.39
N ASN A 381 -21.38 -20.76 -57.95
CA ASN A 381 -21.08 -20.77 -59.38
C ASN A 381 -22.08 -19.96 -60.20
N SER A 382 -23.08 -19.37 -59.55
CA SER A 382 -24.24 -18.74 -60.20
C SER A 382 -23.73 -17.65 -61.15
N THR A 383 -23.12 -16.58 -60.67
CA THR A 383 -22.67 -15.48 -61.52
C THR A 383 -21.53 -14.73 -60.86
N ASP A 384 -20.55 -14.35 -61.68
CA ASP A 384 -19.35 -13.69 -61.19
C ASP A 384 -19.02 -12.44 -62.01
N MET A 385 -20.00 -11.58 -62.22
CA MET A 385 -19.76 -10.34 -62.96
C MET A 385 -18.68 -9.51 -62.30
N ALA A 386 -17.51 -9.45 -62.93
CA ALA A 386 -16.38 -8.73 -62.39
C ALA A 386 -15.85 -7.65 -63.31
N ASN A 387 -16.55 -7.36 -64.41
CA ASN A 387 -16.16 -6.25 -65.27
C ASN A 387 -16.32 -4.92 -64.55
N SER A 388 -17.08 -4.91 -63.45
CA SER A 388 -17.37 -3.67 -62.74
C SER A 388 -16.11 -2.99 -62.24
N THR A 389 -15.25 -3.72 -61.51
CA THR A 389 -14.02 -3.13 -60.97
C THR A 389 -14.41 -1.93 -60.12
N GLU A 390 -14.97 -2.18 -58.94
CA GLU A 390 -16.26 -1.65 -58.48
C GLU A 390 -16.54 -0.28 -59.12
N THR A 391 -15.80 0.78 -58.78
CA THR A 391 -15.87 2.02 -59.54
C THR A 391 -14.75 2.97 -59.14
N ASN A 392 -13.78 3.17 -60.04
CA ASN A 392 -12.86 4.30 -60.06
C ASN A 392 -12.50 4.83 -58.67
N SER A 393 -12.24 3.92 -57.72
CA SER A 393 -11.94 4.26 -56.33
C SER A 393 -12.80 5.41 -55.82
N THR A 394 -14.12 5.26 -55.98
CA THR A 394 -15.05 6.29 -55.54
C THR A 394 -16.20 5.76 -54.72
N ARG A 395 -16.31 4.45 -54.51
CA ARG A 395 -17.34 3.88 -53.65
C ARG A 395 -16.77 3.56 -52.27
N THR A 396 -16.60 4.62 -51.48
CA THR A 396 -16.23 4.47 -50.08
C THR A 396 -17.46 4.08 -49.27
N ILE A 397 -17.36 2.98 -48.54
CA ILE A 397 -18.41 2.58 -47.62
C ILE A 397 -18.28 3.40 -46.35
N THR A 398 -19.37 4.03 -45.94
CA THR A 398 -19.37 4.94 -44.80
C THR A 398 -20.26 4.38 -43.70
N ILE A 399 -19.79 4.49 -42.46
CA ILE A 399 -20.52 4.00 -41.31
C ILE A 399 -20.53 5.06 -40.22
N HIS A 400 -21.67 5.18 -39.54
CA HIS A 400 -21.88 6.16 -38.49
C HIS A 400 -21.38 5.59 -37.17
N CYS A 401 -20.93 6.47 -36.28
CA CYS A 401 -20.49 6.04 -34.98
C CYS A 401 -20.95 7.04 -33.93
N ARG A 402 -21.10 6.54 -32.70
CA ARG A 402 -21.29 7.38 -31.53
C ARG A 402 -20.07 7.24 -30.64
N ILE A 403 -19.97 8.08 -29.62
CA ILE A 403 -18.82 8.12 -28.74
C ILE A 403 -19.31 8.23 -27.30
N LYS A 404 -18.39 7.98 -26.37
CA LYS A 404 -18.78 8.06 -24.97
C LYS A 404 -17.60 8.42 -24.09
N GLN A 405 -17.88 8.59 -22.80
CA GLN A 405 -16.93 9.04 -21.80
C GLN A 405 -16.75 8.10 -20.62
N ILE A 406 -17.82 7.64 -19.99
CA ILE A 406 -17.72 6.80 -18.80
C ILE A 406 -17.63 5.35 -19.26
N ILE A 407 -16.59 4.67 -18.82
CA ILE A 407 -16.21 3.37 -19.34
C ILE A 407 -16.14 2.36 -18.21
N ASN A 408 -17.03 1.36 -18.25
CA ASN A 408 -16.89 0.17 -17.42
C ASN A 408 -16.08 -0.84 -18.22
N MET A 409 -14.77 -0.70 -18.15
CA MET A 409 -13.90 -1.52 -18.97
C MET A 409 -14.19 -2.99 -18.78
N TRP A 410 -13.99 -3.76 -19.86
CA TRP A 410 -14.11 -5.21 -19.79
C TRP A 410 -13.30 -5.81 -18.65
N GLN A 411 -12.25 -5.11 -18.21
CA GLN A 411 -11.34 -5.67 -17.23
C GLN A 411 -12.03 -5.93 -15.90
N GLU A 412 -13.06 -5.16 -15.58
CA GLU A 412 -13.59 -5.20 -14.21
C GLU A 412 -15.03 -4.72 -14.20
N VAL A 413 -15.72 -5.01 -13.10
CA VAL A 413 -17.01 -4.42 -12.77
C VAL A 413 -16.88 -3.74 -11.41
N GLY A 414 -17.67 -2.68 -11.21
CA GLY A 414 -17.69 -1.95 -9.96
C GLY A 414 -16.81 -0.72 -9.91
N ARG A 415 -15.93 -0.52 -10.89
CA ARG A 415 -15.01 0.61 -10.91
C ARG A 415 -15.03 1.20 -12.31
N ALA A 416 -15.77 2.30 -12.49
CA ALA A 416 -15.90 2.91 -13.80
C ALA A 416 -14.83 3.96 -14.01
N MET A 417 -14.31 4.04 -15.23
CA MET A 417 -13.33 5.05 -15.59
C MET A 417 -14.08 6.17 -16.30
N TYR A 418 -13.83 7.40 -15.88
CA TYR A 418 -14.29 8.53 -16.67
C TYR A 418 -13.17 8.98 -17.59
N ALA A 419 -13.56 9.60 -18.71
CA ALA A 419 -12.59 10.03 -19.67
C ALA A 419 -12.80 11.52 -19.94
N PRO A 420 -11.73 12.31 -19.90
CA PRO A 420 -11.89 13.73 -20.18
C PRO A 420 -12.00 13.96 -21.68
N PRO A 421 -12.74 14.96 -22.10
CA PRO A 421 -12.85 15.25 -23.53
C PRO A 421 -11.54 15.78 -24.09
N ILE A 422 -11.34 15.54 -25.38
CA ILE A 422 -10.16 16.01 -26.09
C ILE A 422 -10.58 17.19 -26.94
N ALA A 423 -9.92 18.33 -26.73
CA ALA A 423 -10.23 19.52 -27.50
C ALA A 423 -9.87 19.32 -28.97
N GLY A 424 -10.49 20.11 -29.83
CA GLY A 424 -10.28 19.97 -31.25
C GLY A 424 -11.02 18.76 -31.79
N ASN A 425 -10.62 18.33 -32.99
CA ASN A 425 -11.21 17.19 -33.67
C ASN A 425 -10.29 15.97 -33.56
N ILE A 426 -10.70 14.86 -34.18
CA ILE A 426 -9.97 13.61 -34.09
C ILE A 426 -9.91 12.94 -35.46
N THR A 427 -8.71 12.55 -35.87
CA THR A 427 -8.54 11.60 -36.96
C THR A 427 -7.90 10.33 -36.41
N CYS A 428 -8.18 9.21 -37.06
CA CYS A 428 -7.55 7.95 -36.69
C CYS A 428 -7.57 7.04 -37.90
N ILE A 429 -6.45 6.41 -38.19
CA ILE A 429 -6.31 5.52 -39.33
C ILE A 429 -5.78 4.20 -38.81
N SER A 430 -6.35 3.09 -39.30
CA SER A 430 -5.93 1.80 -38.77
C SER A 430 -5.93 0.74 -39.85
N ASN A 431 -5.16 -0.31 -39.60
CA ASN A 431 -5.14 -1.52 -40.42
C ASN A 431 -6.15 -2.50 -39.84
N ILE A 432 -6.86 -3.19 -40.72
CA ILE A 432 -7.77 -4.26 -40.32
C ILE A 432 -7.13 -5.58 -40.71
N THR A 433 -7.09 -6.52 -39.76
CA THR A 433 -6.30 -7.72 -39.89
C THR A 433 -7.08 -9.01 -39.66
N GLY A 434 -8.18 -8.98 -38.91
CA GLY A 434 -8.87 -10.22 -38.62
C GLY A 434 -10.27 -9.96 -38.09
N LEU A 435 -11.01 -11.06 -37.94
CA LEU A 435 -12.41 -11.03 -37.57
C LEU A 435 -12.69 -12.10 -36.52
N LEU A 436 -13.65 -11.80 -35.65
CA LEU A 436 -14.10 -12.73 -34.62
C LEU A 436 -15.58 -13.01 -34.84
N LEU A 437 -15.89 -14.16 -35.40
CA LEU A 437 -17.24 -14.50 -35.82
C LEU A 437 -17.85 -15.52 -34.88
N THR A 438 -19.18 -15.56 -34.86
CA THR A 438 -19.96 -16.64 -34.26
C THR A 438 -20.97 -17.10 -35.30
N ARG A 439 -21.61 -18.24 -35.02
CA ARG A 439 -22.43 -18.95 -35.99
C ARG A 439 -23.82 -19.21 -35.43
N ASP A 440 -24.64 -19.85 -36.26
CA ASP A 440 -25.99 -20.22 -35.89
C ASP A 440 -26.45 -21.36 -36.80
N GLY A 441 -27.01 -22.40 -36.21
CA GLY A 441 -27.52 -23.54 -36.95
C GLY A 441 -29.01 -23.40 -37.18
N GLY A 442 -29.61 -24.32 -37.92
CA GLY A 442 -31.01 -24.09 -38.18
C GLY A 442 -31.44 -23.81 -39.59
N LYS A 443 -31.50 -22.53 -39.93
CA LYS A 443 -32.56 -21.86 -40.66
C LYS A 443 -33.29 -22.69 -41.73
N ASN A 444 -32.66 -23.08 -42.84
CA ASN A 444 -33.32 -23.97 -43.79
C ASN A 444 -32.48 -25.22 -44.08
N ASN A 445 -31.30 -25.05 -44.68
CA ASN A 445 -30.34 -26.12 -44.86
C ASN A 445 -28.92 -25.60 -44.78
N THR A 446 -28.72 -24.42 -44.18
CA THR A 446 -27.62 -23.55 -44.57
C THR A 446 -26.91 -23.04 -43.32
N GLU A 447 -25.85 -22.25 -43.49
CA GLU A 447 -25.06 -21.78 -42.38
C GLU A 447 -25.10 -20.26 -42.33
N THR A 448 -25.22 -19.74 -41.12
CA THR A 448 -25.31 -18.30 -40.87
C THR A 448 -24.28 -17.89 -39.83
N PHE A 449 -23.63 -16.76 -40.07
CA PHE A 449 -22.62 -16.23 -39.17
C PHE A 449 -22.84 -14.74 -38.96
N ARG A 450 -22.18 -14.20 -37.94
CA ARG A 450 -22.28 -12.79 -37.60
C ARG A 450 -21.17 -12.47 -36.62
N PRO A 451 -20.76 -11.21 -36.53
CA PRO A 451 -19.65 -10.85 -35.64
C PRO A 451 -19.96 -11.22 -34.20
N GLY A 452 -18.99 -11.87 -33.55
CA GLY A 452 -19.15 -12.28 -32.16
C GLY A 452 -18.30 -11.45 -31.22
N GLY A 453 -17.21 -12.03 -30.73
CA GLY A 453 -16.26 -11.27 -29.94
C GLY A 453 -16.58 -11.22 -28.45
N GLY A 454 -16.12 -10.15 -27.82
CA GLY A 454 -16.29 -9.95 -26.39
C GLY A 454 -15.12 -10.39 -25.52
N ASN A 455 -14.78 -11.68 -25.56
CA ASN A 455 -13.74 -12.23 -24.71
C ASN A 455 -12.38 -11.65 -25.05
N MET A 456 -11.77 -10.91 -24.13
CA MET A 456 -10.49 -10.28 -24.44
C MET A 456 -9.44 -11.31 -24.81
N LYS A 457 -9.49 -12.49 -24.20
CA LYS A 457 -8.47 -13.49 -24.41
C LYS A 457 -8.39 -13.91 -25.86
N ASP A 458 -9.54 -14.05 -26.53
CA ASP A 458 -9.54 -14.42 -27.93
C ASP A 458 -8.80 -13.40 -28.78
N ASN A 459 -8.73 -12.15 -28.33
CA ASN A 459 -7.83 -11.20 -28.96
C ASN A 459 -6.39 -11.68 -28.85
N TRP A 460 -5.91 -11.82 -27.62
CA TRP A 460 -4.52 -12.20 -27.42
C TRP A 460 -4.25 -13.62 -27.87
N ARG A 461 -5.23 -14.51 -27.75
CA ARG A 461 -5.06 -15.86 -28.29
C ARG A 461 -4.80 -15.82 -29.78
N SER A 462 -5.22 -14.76 -30.46
CA SER A 462 -5.05 -14.64 -31.90
C SER A 462 -3.61 -14.39 -32.32
N GLU A 463 -2.71 -14.05 -31.39
CA GLU A 463 -1.31 -13.86 -31.73
C GLU A 463 -0.37 -14.74 -30.94
N LEU A 464 -0.76 -15.20 -29.75
CA LEU A 464 0.08 -16.08 -28.95
C LEU A 464 0.04 -17.51 -29.46
N TYR A 465 -0.79 -17.78 -30.47
CA TYR A 465 -0.99 -19.12 -30.98
C TYR A 465 0.28 -19.75 -31.52
N LYS A 466 1.34 -18.98 -31.70
CA LYS A 466 2.58 -19.48 -32.27
C LYS A 466 3.58 -19.98 -31.24
N TYR A 467 3.28 -19.85 -29.95
CA TYR A 467 4.28 -20.03 -28.91
C TYR A 467 3.87 -21.11 -27.93
N LYS A 468 4.83 -21.92 -27.50
CA LYS A 468 4.66 -22.79 -26.35
C LYS A 468 5.89 -22.65 -25.46
N VAL A 469 5.71 -22.87 -24.15
CA VAL A 469 6.80 -22.78 -23.19
C VAL A 469 7.06 -24.18 -22.63
N VAL A 470 8.33 -24.50 -22.44
CA VAL A 470 8.71 -25.79 -21.88
C VAL A 470 9.83 -25.60 -20.86
N LYS A 471 9.99 -26.60 -20.01
CA LYS A 471 11.04 -26.63 -19.00
C LYS A 471 12.10 -27.65 -19.38
N ILE A 472 13.32 -27.41 -18.94
CA ILE A 472 14.47 -28.20 -19.33
C ILE A 472 14.94 -29.00 -18.12
N GLU A 473 15.01 -30.32 -18.28
CA GLU A 473 15.45 -31.23 -17.22
C GLU A 473 16.75 -31.91 -17.67
N PRO A 474 17.90 -31.30 -17.37
CA PRO A 474 19.15 -31.67 -18.03
C PRO A 474 19.78 -32.97 -17.57
N LEU A 475 19.13 -33.72 -16.68
CA LEU A 475 19.70 -34.95 -16.17
C LEU A 475 19.13 -36.15 -16.91
N GLY A 476 20.00 -37.05 -17.37
CA GLY A 476 19.51 -38.24 -18.02
C GLY A 476 20.47 -39.38 -17.82
N VAL A 477 20.02 -40.57 -18.17
CA VAL A 477 20.79 -41.79 -17.96
C VAL A 477 20.62 -42.74 -19.12
N ALA A 478 21.59 -43.63 -19.28
CA ALA A 478 21.57 -44.63 -20.33
C ALA A 478 22.71 -45.62 -20.10
N PRO A 479 22.73 -46.73 -20.81
CA PRO A 479 23.88 -47.64 -20.73
C PRO A 479 25.05 -47.21 -21.61
N THR A 480 26.24 -47.68 -21.23
CA THR A 480 27.47 -47.45 -21.99
C THR A 480 28.43 -48.59 -21.71
N ARG A 481 29.51 -48.66 -22.48
CA ARG A 481 30.58 -49.61 -22.19
C ARG A 481 31.82 -48.90 -21.64
N CYS A 482 31.79 -48.65 -20.32
CA CYS A 482 33.01 -48.40 -19.54
C CYS A 482 32.78 -49.10 -18.22
N LYS A 483 33.79 -49.09 -17.37
CA LYS A 483 33.53 -49.24 -15.94
C LYS A 483 34.76 -48.80 -15.16
N LEU B 19 19.51 -26.93 -26.78
CA LEU B 19 18.89 -25.89 -27.59
C LEU B 19 18.90 -26.24 -29.07
N GLY B 20 19.86 -27.06 -29.50
CA GLY B 20 19.96 -27.33 -30.92
C GLY B 20 20.27 -28.77 -31.30
N ALA B 21 20.37 -29.65 -30.31
CA ALA B 21 20.67 -31.05 -30.57
C ALA B 21 19.49 -31.96 -30.29
N ALA B 22 18.34 -31.41 -29.93
CA ALA B 22 17.21 -32.22 -29.48
C ALA B 22 16.82 -33.26 -30.52
N GLY B 23 16.53 -32.82 -31.73
CA GLY B 23 16.10 -33.72 -32.76
C GLY B 23 17.19 -34.65 -33.24
N SER B 24 18.38 -34.51 -32.69
CA SER B 24 19.51 -35.33 -33.12
C SER B 24 19.50 -36.65 -32.38
N THR B 25 20.35 -37.56 -32.83
CA THR B 25 20.50 -38.84 -32.14
C THR B 25 21.31 -38.64 -30.86
N MET B 26 21.10 -39.55 -29.90
CA MET B 26 21.75 -39.43 -28.60
C MET B 26 23.26 -39.28 -28.73
N GLY B 27 23.89 -40.14 -29.55
CA GLY B 27 25.32 -40.02 -29.76
C GLY B 27 25.72 -38.66 -30.27
N ALA B 28 24.95 -38.12 -31.21
CA ALA B 28 25.22 -36.77 -31.69
C ALA B 28 25.01 -35.75 -30.60
N ALA B 29 23.86 -35.79 -29.93
CA ALA B 29 23.55 -34.79 -28.92
C ALA B 29 24.59 -34.74 -27.81
N SER B 30 25.18 -35.89 -27.49
CA SER B 30 26.17 -35.96 -26.41
C SER B 30 27.37 -35.05 -26.65
N MET B 31 27.71 -34.78 -27.91
CA MET B 31 28.89 -33.99 -28.19
C MET B 31 28.77 -32.58 -27.62
N THR B 32 27.56 -32.04 -27.53
CA THR B 32 27.35 -30.65 -27.13
C THR B 32 26.49 -30.63 -25.88
N LEU B 33 27.13 -30.55 -24.72
CA LEU B 33 26.40 -30.48 -23.47
C LEU B 33 26.67 -29.20 -22.68
N THR B 34 27.90 -28.69 -22.71
CA THR B 34 28.20 -27.41 -22.05
C THR B 34 27.28 -26.31 -22.54
N VAL B 35 26.73 -26.47 -23.75
CA VAL B 35 25.79 -25.50 -24.28
C VAL B 35 24.65 -25.27 -23.31
N GLN B 36 23.94 -26.35 -22.96
CA GLN B 36 22.91 -26.25 -21.93
C GLN B 36 23.50 -25.78 -20.61
N ALA B 37 24.68 -26.28 -20.25
CA ALA B 37 25.28 -25.93 -18.97
C ALA B 37 25.39 -24.43 -18.79
N ARG B 38 25.66 -23.71 -19.88
CA ARG B 38 25.79 -22.27 -19.78
C ARG B 38 24.45 -21.60 -19.54
N ASN B 39 23.39 -22.10 -20.17
CA ASN B 39 22.10 -21.43 -20.12
C ASN B 39 21.19 -21.95 -19.02
N LEU B 40 21.54 -23.07 -18.39
CA LEU B 40 20.72 -23.59 -17.30
C LEU B 40 20.51 -22.57 -16.20
N LEU B 41 21.44 -21.63 -16.05
CA LEU B 41 21.39 -20.64 -14.98
C LEU B 41 21.69 -19.27 -15.56
N SER B 42 21.31 -18.23 -14.81
CA SER B 42 21.56 -16.84 -15.19
C SER B 42 20.94 -16.52 -16.55
N LEU B 64 6.94 -0.59 -8.62
CA LEU B 64 7.71 -1.82 -8.83
C LEU B 64 7.13 -2.95 -7.99
N THR B 65 5.81 -3.05 -8.00
CA THR B 65 5.09 -4.03 -7.21
C THR B 65 4.44 -5.11 -8.05
N VAL B 66 4.49 -5.01 -9.38
CA VAL B 66 3.87 -5.99 -10.25
C VAL B 66 4.87 -7.08 -10.60
N TRP B 67 6.07 -6.69 -11.07
CA TRP B 67 7.10 -7.65 -11.44
C TRP B 67 8.14 -7.88 -10.35
N GLY B 68 8.23 -6.97 -9.37
CA GLY B 68 9.28 -7.09 -8.38
C GLY B 68 9.29 -8.43 -7.68
N ILE B 69 8.16 -8.83 -7.11
CA ILE B 69 8.06 -10.13 -6.48
C ILE B 69 8.30 -11.23 -7.51
N LYS B 70 7.86 -11.02 -8.75
CA LYS B 70 7.94 -12.05 -9.77
C LYS B 70 9.38 -12.36 -10.13
N GLN B 71 10.19 -11.32 -10.36
CA GLN B 71 11.60 -11.54 -10.69
C GLN B 71 12.29 -12.31 -9.58
N LEU B 72 12.04 -11.94 -8.33
CA LEU B 72 12.68 -12.64 -7.22
C LEU B 72 12.26 -14.10 -7.19
N GLN B 73 10.97 -14.37 -7.34
CA GLN B 73 10.51 -15.75 -7.37
C GLN B 73 11.24 -16.53 -8.45
N ALA B 74 11.33 -15.96 -9.65
CA ALA B 74 11.96 -16.67 -10.76
C ALA B 74 13.43 -16.95 -10.48
N ARG B 75 14.17 -15.92 -10.06
CA ARG B 75 15.59 -16.10 -9.82
C ARG B 75 15.85 -17.13 -8.73
N VAL B 76 15.09 -17.06 -7.64
CA VAL B 76 15.29 -18.01 -6.55
C VAL B 76 14.95 -19.42 -7.02
N LEU B 77 13.89 -19.56 -7.82
CA LEU B 77 13.55 -20.86 -8.38
C LEU B 77 14.69 -21.41 -9.21
N ALA B 78 15.29 -20.56 -10.04
CA ALA B 78 16.42 -21.00 -10.85
C ALA B 78 17.55 -21.51 -9.97
N VAL B 79 17.91 -20.73 -8.94
CA VAL B 79 18.95 -21.15 -8.02
C VAL B 79 18.59 -22.48 -7.40
N GLU B 80 17.33 -22.64 -6.99
CA GLU B 80 16.93 -23.86 -6.31
C GLU B 80 17.09 -25.07 -7.22
N ARG B 81 16.63 -24.97 -8.46
CA ARG B 81 16.73 -26.10 -9.37
C ARG B 81 18.19 -26.44 -9.65
N TYR B 82 19.00 -25.41 -9.92
CA TYR B 82 20.40 -25.67 -10.22
C TYR B 82 21.10 -26.33 -9.04
N LEU B 83 20.84 -25.84 -7.83
CA LEU B 83 21.47 -26.45 -6.67
C LEU B 83 20.94 -27.84 -6.39
N ARG B 84 19.68 -28.10 -6.69
CA ARG B 84 19.17 -29.46 -6.57
C ARG B 84 19.96 -30.41 -7.46
N ASP B 85 20.19 -30.00 -8.70
CA ASP B 85 20.98 -30.85 -9.59
C ASP B 85 22.40 -31.00 -9.07
N GLN B 86 23.00 -29.91 -8.60
CA GLN B 86 24.35 -29.99 -8.08
C GLN B 86 24.42 -30.94 -6.89
N GLN B 87 23.37 -30.95 -6.07
CA GLN B 87 23.34 -31.84 -4.91
C GLN B 87 23.17 -33.29 -5.34
N LEU B 88 22.34 -33.52 -6.37
CA LEU B 88 22.22 -34.88 -6.90
C LEU B 88 23.57 -35.38 -7.40
N LEU B 89 24.35 -34.49 -8.02
CA LEU B 89 25.72 -34.87 -8.34
C LEU B 89 26.52 -35.15 -7.08
N GLY B 90 26.59 -34.18 -6.17
CA GLY B 90 27.36 -34.34 -4.95
C GLY B 90 27.11 -35.66 -4.28
N ILE B 91 25.87 -36.13 -4.28
CA ILE B 91 25.62 -37.45 -3.72
C ILE B 91 26.04 -38.54 -4.70
N TRP B 92 25.87 -38.32 -6.00
CA TRP B 92 26.31 -39.29 -6.98
C TRP B 92 27.80 -39.23 -7.27
N GLY B 93 28.52 -38.33 -6.64
CA GLY B 93 29.84 -38.08 -7.15
C GLY B 93 29.72 -37.35 -8.47
N CYS B 94 30.75 -37.44 -9.29
CA CYS B 94 30.74 -36.84 -10.62
C CYS B 94 30.49 -35.33 -10.56
N SER B 95 30.98 -34.67 -9.51
CA SER B 95 30.61 -33.28 -9.27
C SER B 95 30.93 -32.37 -10.45
N GLY B 96 32.18 -32.38 -10.89
CA GLY B 96 32.63 -31.49 -11.94
C GLY B 96 32.77 -32.11 -13.30
N LYS B 97 32.05 -33.20 -13.59
CA LYS B 97 32.17 -33.88 -14.86
C LYS B 97 30.80 -34.01 -15.50
N LEU B 98 30.62 -33.39 -16.66
CA LEU B 98 29.36 -33.51 -17.39
C LEU B 98 29.13 -34.96 -17.83
N ILE B 99 30.19 -35.71 -18.01
CA ILE B 99 30.09 -37.15 -18.23
C ILE B 99 30.86 -37.84 -17.13
N CYS B 100 30.26 -38.87 -16.54
CA CYS B 100 30.97 -39.68 -15.58
C CYS B 100 30.43 -41.10 -15.67
N CYS B 101 31.34 -42.07 -15.63
CA CYS B 101 30.99 -43.47 -15.74
C CYS B 101 31.39 -44.17 -14.45
N THR B 102 30.51 -45.01 -13.93
CA THR B 102 30.68 -45.53 -12.59
C THR B 102 30.11 -46.94 -12.50
N ASN B 103 30.41 -47.61 -11.39
CA ASN B 103 30.04 -49.01 -11.19
C ASN B 103 28.59 -49.13 -10.76
N VAL B 104 27.70 -49.15 -11.75
CA VAL B 104 26.31 -49.53 -11.56
C VAL B 104 25.94 -50.40 -12.76
N PRO B 105 25.60 -51.67 -12.55
CA PRO B 105 25.17 -52.50 -13.68
C PRO B 105 23.78 -52.07 -14.15
N TRP B 106 23.54 -52.25 -15.45
CA TRP B 106 22.28 -51.84 -16.04
C TRP B 106 21.31 -53.00 -16.08
N ASN B 107 20.06 -52.69 -15.77
CA ASN B 107 19.02 -53.71 -15.85
C ASN B 107 18.48 -53.88 -17.25
N SER B 108 18.45 -55.13 -17.70
CA SER B 108 17.83 -55.50 -18.96
C SER B 108 16.31 -55.37 -18.92
N SER B 109 15.71 -55.38 -17.72
CA SER B 109 14.26 -55.24 -17.57
C SER B 109 13.79 -53.81 -17.79
N TRP B 110 14.63 -52.81 -17.53
CA TRP B 110 14.27 -51.44 -17.86
C TRP B 110 14.08 -51.28 -19.35
N SER B 111 14.95 -51.88 -20.15
CA SER B 111 14.82 -51.89 -21.59
C SER B 111 15.63 -53.04 -22.16
N ASN B 112 15.17 -53.55 -23.31
CA ASN B 112 15.83 -54.67 -23.97
C ASN B 112 16.62 -54.21 -25.19
N ARG B 113 16.62 -52.92 -25.47
CA ARG B 113 17.16 -52.43 -26.73
C ARG B 113 18.68 -52.51 -26.76
N ASN B 114 19.21 -52.61 -27.96
CA ASN B 114 20.64 -52.63 -28.18
C ASN B 114 21.22 -51.23 -28.03
N LEU B 115 22.47 -51.18 -27.55
CA LEU B 115 23.22 -49.93 -27.50
C LEU B 115 23.27 -49.27 -28.85
N SER B 116 23.57 -50.05 -29.89
CA SER B 116 23.57 -49.51 -31.25
C SER B 116 22.24 -48.87 -31.57
N GLU B 117 21.14 -49.57 -31.26
CA GLU B 117 19.81 -49.05 -31.56
C GLU B 117 19.51 -47.79 -30.74
N ILE B 118 20.01 -47.73 -29.51
CA ILE B 118 19.64 -46.63 -28.63
C ILE B 118 20.45 -45.38 -28.97
N TRP B 119 21.72 -45.56 -29.30
CA TRP B 119 22.60 -44.44 -29.63
C TRP B 119 22.57 -44.06 -31.10
N ASP B 120 21.96 -44.88 -31.96
CA ASP B 120 22.07 -44.64 -33.39
C ASP B 120 20.98 -43.72 -33.91
N ASN B 121 19.72 -44.05 -33.64
CA ASN B 121 18.61 -43.37 -34.29
C ASN B 121 17.50 -43.05 -33.30
N MET B 122 17.83 -42.43 -32.18
CA MET B 122 16.81 -42.02 -31.22
C MET B 122 17.16 -40.69 -30.61
N THR B 123 16.14 -39.91 -30.29
CA THR B 123 16.33 -38.66 -29.58
C THR B 123 16.15 -38.86 -28.08
N TRP B 124 16.88 -38.08 -27.31
CA TRP B 124 16.78 -38.15 -25.85
C TRP B 124 15.34 -37.94 -25.39
N LEU B 125 14.55 -37.18 -26.15
CA LEU B 125 13.14 -37.03 -25.83
C LEU B 125 12.45 -38.38 -25.70
N GLN B 126 12.64 -39.25 -26.69
CA GLN B 126 12.00 -40.56 -26.65
C GLN B 126 12.59 -41.43 -25.57
N TRP B 127 13.91 -41.41 -25.42
CA TRP B 127 14.59 -42.20 -24.40
C TRP B 127 14.05 -41.90 -23.02
N ASP B 128 13.96 -40.61 -22.68
CA ASP B 128 13.42 -40.19 -21.39
C ASP B 128 12.02 -40.75 -21.19
N LYS B 129 11.20 -40.73 -22.24
CA LYS B 129 9.85 -41.24 -22.13
C LYS B 129 9.85 -42.71 -21.71
N GLU B 130 10.73 -43.51 -22.33
CA GLU B 130 10.77 -44.93 -21.98
C GLU B 130 11.31 -45.15 -20.57
N ILE B 131 12.29 -44.35 -20.16
CA ILE B 131 12.96 -44.66 -18.90
C ILE B 131 12.26 -44.05 -17.69
N SER B 132 11.35 -43.10 -17.92
CA SER B 132 10.69 -42.35 -16.86
C SER B 132 10.27 -43.21 -15.67
N ASN B 133 9.77 -44.42 -15.92
CA ASN B 133 9.23 -45.22 -14.83
C ASN B 133 10.32 -45.72 -13.89
N TYR B 134 11.41 -46.22 -14.44
CA TYR B 134 12.52 -46.69 -13.62
C TYR B 134 13.49 -45.60 -13.22
N THR B 135 13.28 -44.36 -13.70
CA THR B 135 14.18 -43.27 -13.34
C THR B 135 14.36 -43.14 -11.83
N GLN B 136 13.27 -43.19 -11.06
CA GLN B 136 13.39 -43.00 -9.62
C GLN B 136 14.18 -44.11 -8.96
N ILE B 137 13.92 -45.36 -9.36
CA ILE B 137 14.67 -46.48 -8.80
C ILE B 137 16.14 -46.34 -9.17
N ILE B 138 16.42 -45.96 -10.40
CA ILE B 138 17.80 -45.76 -10.81
C ILE B 138 18.47 -44.72 -9.94
N TYR B 139 17.75 -43.62 -9.67
CA TYR B 139 18.32 -42.57 -8.82
C TYR B 139 18.60 -43.09 -7.42
N GLY B 140 17.68 -43.87 -6.87
CA GLY B 140 17.86 -44.40 -5.54
C GLY B 140 19.06 -45.31 -5.46
N LEU B 141 19.20 -46.20 -6.43
CA LEU B 141 20.36 -47.10 -6.42
C LEU B 141 21.65 -46.32 -6.58
N LEU B 142 21.70 -45.46 -7.60
CA LEU B 142 22.91 -44.69 -7.87
C LEU B 142 23.30 -43.78 -6.72
N GLU B 143 22.36 -43.40 -5.86
CA GLU B 143 22.69 -42.38 -4.89
C GLU B 143 23.53 -42.92 -3.75
N GLU B 144 23.29 -44.15 -3.31
CA GLU B 144 24.02 -44.68 -2.18
C GLU B 144 24.86 -45.90 -2.54
N SER B 145 24.24 -46.92 -3.14
CA SER B 145 24.94 -48.15 -3.45
C SER B 145 26.21 -47.88 -4.24
N GLN B 146 26.19 -46.89 -5.11
CA GLN B 146 27.39 -46.56 -5.87
C GLN B 146 28.37 -45.73 -5.04
N ASN B 147 27.95 -44.54 -4.63
CA ASN B 147 28.89 -43.56 -4.10
C ASN B 147 29.14 -43.70 -2.61
N GLN B 148 28.14 -44.08 -1.83
CA GLN B 148 28.32 -44.16 -0.39
C GLN B 148 29.06 -45.42 0.02
N GLN B 149 28.72 -46.56 -0.59
CA GLN B 149 29.57 -47.74 -0.45
C GLN B 149 31.00 -47.41 -0.85
N GLU B 150 31.17 -46.64 -1.94
CA GLU B 150 32.50 -46.21 -2.33
C GLU B 150 33.20 -45.46 -1.21
N LYS B 151 32.53 -44.45 -0.65
CA LYS B 151 33.15 -43.66 0.41
C LYS B 151 33.55 -44.53 1.60
N ASN B 152 32.63 -45.38 2.05
CA ASN B 152 32.91 -46.23 3.20
C ASN B 152 34.09 -47.14 2.94
N GLU B 153 34.02 -47.91 1.85
CA GLU B 153 35.09 -48.86 1.55
C GLU B 153 36.40 -48.14 1.26
N GLN B 154 36.33 -46.91 0.74
CA GLN B 154 37.54 -46.18 0.42
C GLN B 154 38.25 -45.71 1.68
N ASP B 155 37.51 -45.14 2.63
CA ASP B 155 38.16 -44.78 3.88
C ASP B 155 38.62 -46.02 4.63
N LEU B 156 37.89 -47.13 4.50
CA LEU B 156 38.35 -48.38 5.08
C LEU B 156 39.69 -48.81 4.50
N LEU B 157 39.87 -48.63 3.19
CA LEU B 157 41.15 -48.99 2.58
C LEU B 157 42.29 -48.21 3.20
N ALA B 158 42.12 -46.90 3.37
CA ALA B 158 43.11 -46.08 4.03
C ALA B 158 43.08 -46.25 5.54
N LEU B 159 42.13 -47.01 6.07
CA LEU B 159 41.98 -47.13 7.51
C LEU B 159 43.06 -48.05 8.09
N ASP B 160 43.36 -47.84 9.36
CA ASP B 160 44.32 -48.67 10.08
C ASP B 160 43.59 -49.82 10.78
N GLU C 26 49.26 -45.18 17.07
CA GLU C 26 49.51 -44.00 17.90
C GLU C 26 49.40 -42.73 17.07
N ASN C 27 48.78 -42.85 15.90
CA ASN C 27 48.60 -41.73 14.99
C ASN C 27 47.14 -41.31 15.04
N LEU C 28 46.91 -40.03 15.32
CA LEU C 28 45.57 -39.47 15.42
C LEU C 28 45.56 -38.18 14.63
N TRP C 29 44.93 -38.21 13.47
CA TRP C 29 44.87 -37.07 12.57
C TRP C 29 43.46 -36.48 12.56
N VAL C 30 43.39 -35.21 12.17
CA VAL C 30 42.11 -34.52 12.09
C VAL C 30 41.27 -35.11 10.97
N THR C 31 39.96 -35.21 11.19
CA THR C 31 39.02 -35.47 10.13
C THR C 31 37.77 -34.61 10.34
N VAL C 32 37.12 -34.33 9.21
CA VAL C 32 35.92 -33.51 9.16
C VAL C 32 34.79 -34.36 8.58
N TYR C 33 33.59 -34.17 9.10
CA TYR C 33 32.40 -34.80 8.56
C TYR C 33 31.35 -33.74 8.26
N TYR C 34 30.61 -33.97 7.19
CA TYR C 34 29.54 -33.10 6.74
C TYR C 34 28.27 -33.92 6.69
N GLY C 35 27.20 -33.40 7.27
CA GLY C 35 25.96 -34.13 7.41
C GLY C 35 25.73 -34.68 8.79
N VAL C 36 26.46 -34.21 9.79
CA VAL C 36 26.34 -34.77 11.14
C VAL C 36 24.95 -34.46 11.69
N PRO C 37 24.30 -35.41 12.33
CA PRO C 37 23.01 -35.13 12.96
C PRO C 37 23.20 -34.37 14.26
N VAL C 38 23.41 -33.07 14.15
CA VAL C 38 23.64 -32.21 15.31
C VAL C 38 22.84 -30.92 15.14
N TRP C 39 22.29 -30.43 16.24
CA TRP C 39 21.42 -29.26 16.21
C TRP C 39 21.65 -28.39 17.44
N LYS C 40 21.11 -27.17 17.37
CA LYS C 40 21.12 -26.23 18.48
C LYS C 40 19.80 -25.47 18.54
N GLU C 41 19.45 -25.04 19.75
CA GLU C 41 18.31 -24.15 19.91
C GLU C 41 18.61 -22.82 19.25
N ALA C 42 17.60 -22.27 18.57
CA ALA C 42 17.82 -21.05 17.80
C ALA C 42 16.49 -20.39 17.51
N LYS C 43 16.55 -19.07 17.33
CA LYS C 43 15.38 -18.28 16.98
C LYS C 43 15.29 -18.16 15.47
N THR C 44 14.08 -18.30 14.93
CA THR C 44 13.90 -18.25 13.49
C THR C 44 12.44 -17.95 13.18
N THR C 45 12.09 -18.06 11.90
CA THR C 45 10.74 -17.81 11.42
C THR C 45 10.13 -19.11 10.92
N LEU C 46 8.91 -19.39 11.37
CA LEU C 46 8.14 -20.55 10.95
C LEU C 46 7.13 -20.11 9.90
N PHE C 47 6.62 -21.08 9.14
CA PHE C 47 5.75 -20.76 8.01
C PHE C 47 4.44 -21.53 8.08
N CYS C 48 3.38 -20.86 7.67
CA CYS C 48 2.05 -21.46 7.71
C CYS C 48 1.88 -22.49 6.61
N ALA C 49 1.00 -23.45 6.88
CA ALA C 49 0.60 -24.49 5.94
C ALA C 49 -0.87 -24.83 6.21
N SER C 50 -1.58 -25.18 5.15
CA SER C 50 -3.03 -25.18 5.21
C SER C 50 -3.59 -26.53 4.78
N ASP C 51 -4.91 -26.64 4.84
CA ASP C 51 -5.61 -27.84 4.41
C ASP C 51 -5.93 -27.74 2.92
N ALA C 52 -6.31 -28.88 2.34
CA ALA C 52 -6.49 -28.97 0.89
C ALA C 52 -7.63 -28.08 0.40
N LYS C 53 -8.72 -27.99 1.16
CA LYS C 53 -9.89 -27.24 0.73
C LYS C 53 -9.59 -25.75 0.80
N ALA C 54 -9.90 -25.02 -0.27
CA ALA C 54 -9.60 -23.60 -0.34
C ALA C 54 -10.78 -22.76 0.14
N TYR C 55 -10.48 -21.52 0.52
CA TYR C 55 -11.53 -20.58 0.92
C TYR C 55 -12.42 -20.24 -0.27
N GLU C 56 -11.82 -20.03 -1.44
CA GLU C 56 -12.54 -19.85 -2.69
C GLU C 56 -13.42 -18.60 -2.68
N LYS C 57 -12.98 -17.55 -1.97
CA LYS C 57 -13.68 -16.28 -1.96
C LYS C 57 -12.84 -15.12 -2.47
N LYS C 58 -11.61 -15.38 -2.92
CA LYS C 58 -10.72 -14.36 -3.50
C LYS C 58 -10.51 -13.17 -2.58
N VAL C 59 -10.43 -13.44 -1.28
CA VAL C 59 -10.18 -12.43 -0.27
C VAL C 59 -8.69 -12.40 0.03
N HIS C 60 -8.16 -11.20 0.25
CA HIS C 60 -6.72 -11.05 0.48
C HIS C 60 -6.27 -11.73 1.77
N ASN C 61 -7.08 -11.71 2.82
CA ASN C 61 -6.56 -12.01 4.15
C ASN C 61 -6.79 -13.48 4.56
N VAL C 62 -7.60 -14.21 3.80
CA VAL C 62 -7.80 -15.65 4.04
C VAL C 62 -7.41 -16.46 2.82
N TRP C 63 -7.98 -16.14 1.67
CA TRP C 63 -7.69 -16.91 0.45
C TRP C 63 -6.24 -16.69 0.01
N ALA C 64 -5.84 -15.44 -0.16
CA ALA C 64 -4.47 -15.10 -0.52
C ALA C 64 -3.51 -15.22 0.65
N THR C 65 -3.99 -15.67 1.81
CA THR C 65 -3.16 -15.86 2.98
C THR C 65 -3.16 -17.28 3.51
N HIS C 66 -4.24 -18.03 3.29
CA HIS C 66 -4.31 -19.42 3.74
C HIS C 66 -4.62 -20.37 2.59
N ALA C 67 -5.52 -19.97 1.70
CA ALA C 67 -5.93 -20.84 0.61
C ALA C 67 -4.91 -20.89 -0.53
N CYS C 68 -3.94 -19.98 -0.54
CA CYS C 68 -2.87 -20.01 -1.54
C CYS C 68 -1.57 -20.55 -0.97
N VAL C 69 -1.62 -21.10 0.25
CA VAL C 69 -0.45 -21.65 0.92
C VAL C 69 -0.37 -23.14 0.59
N PRO C 70 0.81 -23.69 0.35
CA PRO C 70 0.93 -25.13 0.07
C PRO C 70 0.18 -25.97 1.11
N THR C 71 -0.54 -26.96 0.62
CA THR C 71 -1.54 -27.66 1.41
C THR C 71 -1.13 -29.09 1.71
N ASP C 72 -1.81 -29.67 2.70
CA ASP C 72 -1.64 -31.05 3.12
C ASP C 72 -0.17 -31.47 3.27
N PRO C 73 0.55 -30.90 4.23
CA PRO C 73 1.86 -31.45 4.57
C PRO C 73 1.69 -32.78 5.30
N ASN C 74 2.56 -33.74 4.96
CA ASN C 74 2.44 -35.08 5.51
C ASN C 74 3.30 -35.20 6.75
N PRO C 75 2.71 -35.36 7.93
CA PRO C 75 3.52 -35.48 9.17
C PRO C 75 4.07 -36.90 9.34
N GLN C 76 4.98 -37.27 8.46
CA GLN C 76 5.66 -38.56 8.54
C GLN C 76 6.69 -38.46 9.67
N GLU C 77 6.17 -38.48 10.90
CA GLU C 77 7.02 -38.29 12.07
C GLU C 77 8.06 -39.39 12.17
N MET C 78 9.22 -39.05 12.67
CA MET C 78 10.27 -40.02 12.93
C MET C 78 10.57 -40.03 14.42
N VAL C 79 10.49 -41.20 15.04
CA VAL C 79 10.79 -41.35 16.46
C VAL C 79 12.29 -41.54 16.61
N LEU C 80 12.84 -41.09 17.73
CA LEU C 80 14.28 -41.10 17.93
C LEU C 80 14.68 -41.95 19.13
N LYS C 81 15.54 -42.93 18.87
CA LYS C 81 16.00 -43.84 19.92
C LYS C 81 17.13 -43.19 20.72
N ASN C 82 17.02 -43.28 22.06
CA ASN C 82 18.07 -42.87 23.00
C ASN C 82 18.31 -41.37 23.02
N VAL C 83 17.29 -40.59 22.76
CA VAL C 83 17.42 -39.14 22.64
C VAL C 83 16.74 -38.49 23.83
N THR C 84 17.38 -37.45 24.36
CA THR C 84 16.79 -36.64 25.42
C THR C 84 16.88 -35.18 25.04
N GLU C 85 15.81 -34.43 25.32
CA GLU C 85 15.79 -33.02 25.02
C GLU C 85 14.90 -32.30 26.02
N ASN C 86 15.29 -31.07 26.36
CA ASN C 86 14.54 -30.24 27.28
C ASN C 86 13.54 -29.40 26.50
N PHE C 87 12.34 -29.25 27.05
CA PHE C 87 11.28 -28.47 26.42
C PHE C 87 10.73 -27.48 27.44
N ASN C 88 10.85 -26.19 27.13
CA ASN C 88 10.30 -25.12 27.94
C ASN C 88 9.10 -24.55 27.22
N MET C 89 7.90 -24.86 27.72
CA MET C 89 6.70 -24.30 27.13
C MET C 89 6.43 -22.89 27.59
N TRP C 90 6.94 -22.50 28.76
CA TRP C 90 6.73 -21.15 29.25
C TRP C 90 7.58 -20.16 28.49
N LYS C 91 8.79 -20.56 28.11
CA LYS C 91 9.66 -19.73 27.29
C LYS C 91 9.96 -20.46 26.00
N ASN C 92 9.38 -19.98 24.91
CA ASN C 92 9.68 -20.48 23.58
C ASN C 92 9.56 -19.32 22.61
N ASP C 93 9.81 -19.61 21.34
CA ASP C 93 10.03 -18.55 20.37
C ASP C 93 8.94 -18.48 19.30
N MET C 94 7.93 -19.35 19.36
CA MET C 94 6.97 -19.43 18.28
C MET C 94 5.59 -18.89 18.64
N VAL C 95 5.19 -18.97 19.91
CA VAL C 95 3.90 -18.43 20.33
C VAL C 95 3.77 -16.98 19.89
N ASP C 96 4.86 -16.22 20.00
CA ASP C 96 4.83 -14.83 19.58
C ASP C 96 4.43 -14.74 18.13
N GLN C 97 5.03 -15.57 17.27
CA GLN C 97 4.66 -15.55 15.87
C GLN C 97 3.17 -15.83 15.68
N MET C 98 2.59 -16.65 16.54
CA MET C 98 1.19 -17.01 16.35
C MET C 98 0.29 -15.82 16.69
N HIS C 99 0.55 -15.20 17.84
CA HIS C 99 -0.02 -13.89 18.17
C HIS C 99 0.14 -12.93 17.00
N GLU C 100 1.33 -12.96 16.40
CA GLU C 100 1.70 -12.04 15.33
C GLU C 100 0.79 -12.24 14.12
N ASP C 101 0.60 -13.50 13.73
CA ASP C 101 -0.21 -13.83 12.56
C ASP C 101 -1.67 -13.47 12.79
N VAL C 102 -2.20 -13.80 13.96
CA VAL C 102 -3.60 -13.47 14.21
C VAL C 102 -3.81 -11.97 14.10
N ILE C 103 -2.91 -11.18 14.68
CA ILE C 103 -3.05 -9.74 14.59
C ILE C 103 -3.01 -9.29 13.13
N SER C 104 -2.05 -9.82 12.38
CA SER C 104 -1.92 -9.42 10.97
C SER C 104 -3.19 -9.73 10.20
N LEU C 105 -3.74 -10.94 10.38
CA LEU C 105 -4.95 -11.31 9.67
C LEU C 105 -6.10 -10.39 10.03
N TRP C 106 -6.31 -10.16 11.33
CA TRP C 106 -7.47 -9.36 11.72
C TRP C 106 -7.33 -7.92 11.25
N ASP C 107 -6.10 -7.43 11.14
CA ASP C 107 -5.92 -6.11 10.56
C ASP C 107 -6.28 -6.13 9.07
N GLN C 108 -5.73 -7.10 8.34
CA GLN C 108 -5.96 -7.15 6.90
C GLN C 108 -7.44 -7.34 6.57
N SER C 109 -8.17 -8.01 7.47
CA SER C 109 -9.57 -8.31 7.21
C SER C 109 -10.39 -7.07 6.93
N LEU C 110 -10.15 -5.98 7.66
CA LEU C 110 -10.95 -4.78 7.52
C LEU C 110 -10.38 -3.79 6.53
N LYS C 111 -9.27 -4.11 5.86
CA LYS C 111 -8.69 -3.16 4.92
C LYS C 111 -9.68 -2.69 3.85
N PRO C 112 -10.47 -3.54 3.18
CA PRO C 112 -11.23 -3.08 2.02
C PRO C 112 -12.69 -2.69 2.29
N CYS C 113 -13.22 -2.90 3.49
CA CYS C 113 -14.65 -2.70 3.70
C CYS C 113 -14.91 -1.42 4.49
N VAL C 114 -16.19 -1.02 4.50
CA VAL C 114 -16.56 0.38 4.67
C VAL C 114 -16.33 0.86 6.10
N LYS C 115 -15.94 2.12 6.22
CA LYS C 115 -15.86 2.82 7.50
C LYS C 115 -17.19 3.46 7.84
N LEU C 116 -17.49 3.54 9.12
CA LEU C 116 -18.77 4.04 9.60
C LEU C 116 -18.69 5.49 10.08
N THR C 117 -17.64 6.21 9.69
CA THR C 117 -17.46 7.59 10.14
C THR C 117 -18.70 8.46 9.94
N PRO C 118 -19.36 8.46 8.79
CA PRO C 118 -20.57 9.30 8.64
C PRO C 118 -21.67 8.94 9.61
N LEU C 119 -21.55 7.82 10.32
CA LEU C 119 -22.63 7.35 11.19
C LEU C 119 -22.56 7.88 12.61
N CYS C 120 -21.39 8.06 13.21
CA CYS C 120 -21.40 8.40 14.63
C CYS C 120 -21.91 9.84 14.70
N VAL C 121 -23.21 9.94 14.84
CA VAL C 121 -23.85 11.23 14.90
C VAL C 121 -24.78 11.22 16.11
N THR C 122 -25.33 12.39 16.43
CA THR C 122 -26.33 12.49 17.47
C THR C 122 -27.43 11.48 17.22
N LEU C 123 -27.68 10.64 18.22
CA LEU C 123 -28.71 9.62 18.12
C LEU C 123 -29.90 9.98 18.98
N ASN C 124 -31.09 9.98 18.37
CA ASN C 124 -32.34 10.15 19.08
C ASN C 124 -33.01 8.79 19.12
N CYS C 125 -33.02 8.19 20.30
CA CYS C 125 -33.52 6.83 20.45
C CYS C 125 -34.39 6.73 21.70
N THR C 126 -35.67 6.46 21.50
CA THR C 126 -36.56 6.09 22.59
C THR C 126 -36.44 4.59 22.82
N ASN C 127 -37.04 4.13 23.91
CA ASN C 127 -37.03 2.72 24.23
C ASN C 127 -38.42 2.14 24.05
N ALA C 128 -38.56 1.26 23.05
CA ALA C 128 -39.77 0.50 22.79
C ALA C 128 -39.33 -0.85 22.28
N THR C 129 -40.27 -1.62 21.75
CA THR C 129 -39.91 -2.87 21.09
C THR C 129 -41.12 -3.38 20.31
N ALA C 130 -41.07 -4.66 19.96
CA ALA C 130 -42.15 -5.44 19.38
C ALA C 130 -43.24 -5.65 20.43
N SER C 131 -44.18 -6.55 20.12
CA SER C 131 -45.57 -6.47 20.55
C SER C 131 -45.75 -5.73 21.87
N ASN C 132 -44.95 -6.06 22.89
CA ASN C 132 -45.04 -5.37 24.18
C ASN C 132 -43.63 -4.95 24.63
N SER C 133 -43.43 -3.63 24.75
CA SER C 133 -42.16 -2.92 24.87
C SER C 133 -41.08 -3.54 25.76
N SER C 134 -41.45 -4.07 26.92
CA SER C 134 -40.60 -4.18 28.12
C SER C 134 -39.14 -4.44 27.76
N ILE C 135 -38.81 -5.48 26.98
CA ILE C 135 -37.42 -5.73 26.62
C ILE C 135 -37.01 -4.81 25.49
N ILE C 136 -35.85 -4.16 25.61
CA ILE C 136 -35.37 -3.39 24.46
C ILE C 136 -33.97 -3.87 24.05
N GLU C 137 -32.94 -3.74 24.90
CA GLU C 137 -32.95 -3.08 26.20
C GLU C 137 -32.58 -1.60 26.02
N GLY C 138 -32.04 -1.28 24.85
CA GLY C 138 -31.91 0.10 24.40
C GLY C 138 -32.16 0.26 22.92
N MET C 139 -32.35 -0.87 22.25
CA MET C 139 -32.35 -0.99 20.79
C MET C 139 -33.32 -0.10 20.02
N LYS C 140 -34.62 -0.19 20.30
CA LYS C 140 -35.64 0.10 19.31
C LYS C 140 -35.60 1.56 18.83
N ASN C 141 -35.77 1.72 17.51
CA ASN C 141 -36.03 3.00 16.85
C ASN C 141 -35.07 4.09 17.33
N CYS C 142 -33.79 3.75 17.26
CA CYS C 142 -32.72 4.73 17.37
C CYS C 142 -32.63 5.46 16.04
N SER C 143 -33.00 6.73 16.04
CA SER C 143 -33.10 7.52 14.82
C SER C 143 -31.85 8.35 14.60
N PHE C 144 -31.62 8.70 13.34
CA PHE C 144 -30.43 9.45 12.96
C PHE C 144 -30.61 10.03 11.57
N ASN C 145 -29.90 11.12 11.33
CA ASN C 145 -29.86 11.78 10.04
C ASN C 145 -28.72 11.20 9.22
N ILE C 146 -29.00 10.83 7.97
CA ILE C 146 -27.96 10.34 7.07
C ILE C 146 -28.12 11.03 5.73
N THR C 147 -27.02 11.58 5.22
CA THR C 147 -27.03 12.26 3.93
C THR C 147 -26.55 11.29 2.86
N THR C 148 -27.45 10.94 1.94
CA THR C 148 -27.22 9.89 0.94
C THR C 148 -28.25 10.03 -0.18
N GLU C 149 -27.84 9.92 -1.44
CA GLU C 149 -26.45 9.68 -1.83
C GLU C 149 -25.95 10.83 -2.66
N LEU C 150 -26.81 11.83 -2.79
CA LEU C 150 -26.50 13.05 -3.52
C LEU C 150 -25.90 14.11 -2.62
N ARG C 151 -25.59 13.74 -1.37
CA ARG C 151 -24.91 14.60 -0.41
C ARG C 151 -25.68 15.91 -0.16
N ASP C 152 -26.92 15.96 -0.63
CA ASP C 152 -27.78 17.09 -0.30
C ASP C 152 -29.10 16.61 0.29
N LYS C 153 -29.61 15.47 -0.18
CA LYS C 153 -30.88 14.95 0.30
C LYS C 153 -30.62 14.02 1.48
N ARG C 154 -30.55 14.62 2.67
CA ARG C 154 -30.42 13.80 3.86
C ARG C 154 -31.80 13.34 4.34
N GLU C 155 -31.83 12.14 4.90
CA GLU C 155 -33.08 11.51 5.33
C GLU C 155 -32.96 11.08 6.77
N LYS C 156 -34.13 10.98 7.40
CA LYS C 156 -34.25 10.46 8.76
C LYS C 156 -34.48 8.96 8.71
N LYS C 157 -33.56 8.20 9.29
CA LYS C 157 -33.68 6.75 9.36
C LYS C 157 -33.65 6.31 10.80
N ASN C 158 -33.98 5.05 11.03
CA ASN C 158 -33.88 4.49 12.38
C ASN C 158 -33.50 3.03 12.29
N ALA C 159 -32.92 2.55 13.39
CA ALA C 159 -32.48 1.17 13.49
C ALA C 159 -32.27 0.85 14.96
N LEU C 160 -32.00 -0.43 15.23
CA LEU C 160 -31.90 -0.91 16.59
C LEU C 160 -30.44 -1.29 16.87
N PHE C 161 -29.94 -0.90 18.03
CA PHE C 161 -28.61 -1.28 18.48
C PHE C 161 -28.71 -1.83 19.88
N TYR C 162 -28.07 -2.97 20.12
CA TYR C 162 -28.09 -3.55 21.47
C TYR C 162 -27.57 -2.54 22.49
N LYS C 163 -28.36 -2.37 23.56
CA LYS C 163 -28.18 -1.27 24.50
C LYS C 163 -26.73 -1.10 24.93
N LEU C 164 -26.04 -2.20 25.20
CA LEU C 164 -24.70 -2.11 25.73
C LEU C 164 -23.74 -1.46 24.76
N ASP C 165 -24.15 -1.26 23.50
CA ASP C 165 -23.34 -0.57 22.50
C ASP C 165 -23.63 0.91 22.44
N ILE C 166 -24.59 1.42 23.20
CA ILE C 166 -25.01 2.81 23.12
C ILE C 166 -24.61 3.49 24.41
N VAL C 167 -24.17 4.74 24.32
CA VAL C 167 -23.89 5.54 25.51
C VAL C 167 -24.81 6.74 25.50
N GLN C 168 -25.09 7.25 26.70
CA GLN C 168 -25.83 8.49 26.80
C GLN C 168 -24.92 9.67 26.49
N LEU C 169 -25.40 10.56 25.64
CA LEU C 169 -24.62 11.74 25.26
C LEU C 169 -24.40 12.65 26.46
N ASP C 170 -23.30 13.40 26.40
CA ASP C 170 -22.85 14.24 27.51
C ASP C 170 -23.74 15.48 27.59
N GLY C 171 -25.03 15.26 27.87
CA GLY C 171 -25.99 16.34 27.83
C GLY C 171 -27.38 15.83 28.10
N ASN C 172 -28.35 16.15 27.24
CA ASN C 172 -29.70 15.65 27.49
C ASN C 172 -29.88 14.18 27.25
N SER C 173 -30.58 13.57 28.20
CA SER C 173 -30.78 12.14 28.24
C SER C 173 -31.47 11.59 27.01
N SER C 174 -32.19 12.42 26.25
CA SER C 174 -32.79 11.94 25.00
C SER C 174 -31.77 11.71 23.89
N GLN C 175 -30.58 12.29 24.03
CA GLN C 175 -29.52 12.19 23.04
C GLN C 175 -28.60 11.05 23.43
N TYR C 176 -28.16 10.31 22.43
CA TYR C 176 -27.27 9.18 22.65
C TYR C 176 -26.19 9.19 21.58
N ARG C 177 -25.13 8.44 21.86
CA ARG C 177 -23.96 8.39 21.00
C ARG C 177 -23.51 6.95 20.88
N LEU C 178 -22.85 6.66 19.77
CA LEU C 178 -22.14 5.39 19.66
C LEU C 178 -21.10 5.32 20.77
N ILE C 179 -20.78 4.10 21.18
CA ILE C 179 -19.98 3.89 22.38
C ILE C 179 -18.57 4.46 22.21
N ASN C 180 -18.00 4.36 21.02
CA ASN C 180 -16.58 4.59 20.82
C ASN C 180 -16.22 5.77 19.93
N CYS C 181 -17.15 6.67 19.59
CA CYS C 181 -16.82 7.38 18.37
C CYS C 181 -16.03 8.66 18.57
N ASN C 182 -15.96 9.22 19.78
CA ASN C 182 -15.07 10.36 20.02
C ASN C 182 -13.62 9.92 20.10
N THR C 183 -13.37 8.63 20.10
CA THR C 183 -12.07 8.11 20.50
C THR C 183 -11.39 7.31 19.44
N SER C 184 -12.13 6.64 18.56
CA SER C 184 -11.51 5.70 17.65
C SER C 184 -12.36 5.58 16.39
N VAL C 185 -11.77 4.97 15.39
CA VAL C 185 -12.44 4.72 14.13
C VAL C 185 -13.12 3.35 14.19
N ILE C 186 -14.36 3.31 13.71
CA ILE C 186 -15.20 2.12 13.76
C ILE C 186 -15.44 1.66 12.34
N THR C 187 -15.23 0.37 12.09
CA THR C 187 -15.36 -0.21 10.75
C THR C 187 -16.33 -1.38 10.76
N GLN C 188 -17.09 -1.51 9.66
CA GLN C 188 -17.98 -2.64 9.47
C GLN C 188 -17.22 -3.81 8.86
N ALA C 189 -17.62 -5.01 9.26
CA ALA C 189 -16.96 -6.23 8.83
C ALA C 189 -17.64 -6.70 7.55
N CYS C 190 -16.85 -7.20 6.61
CA CYS C 190 -17.42 -7.40 5.29
C CYS C 190 -17.84 -8.86 5.12
N PRO C 191 -18.96 -9.12 4.43
CA PRO C 191 -19.57 -10.45 4.48
C PRO C 191 -18.66 -11.57 4.01
N LYS C 192 -17.87 -11.32 2.97
CA LYS C 192 -16.93 -12.33 2.50
C LYS C 192 -15.79 -12.56 3.49
N VAL C 193 -15.57 -11.64 4.43
CA VAL C 193 -14.42 -11.70 5.32
C VAL C 193 -14.79 -12.26 6.69
N SER C 194 -16.03 -12.71 6.87
CA SER C 194 -16.41 -13.38 8.11
C SER C 194 -15.46 -14.55 8.37
N PHE C 195 -14.70 -14.46 9.44
CA PHE C 195 -13.57 -15.37 9.67
C PHE C 195 -13.99 -16.42 10.69
N ASP C 196 -13.97 -17.65 10.26
CA ASP C 196 -14.16 -18.81 11.10
C ASP C 196 -12.85 -19.56 11.23
N PRO C 197 -12.68 -20.36 12.28
CA PRO C 197 -11.38 -21.00 12.51
C PRO C 197 -10.96 -21.90 11.37
N ILE C 198 -9.72 -21.74 10.94
CA ILE C 198 -9.10 -22.57 9.92
C ILE C 198 -7.84 -23.19 10.54
N PRO C 199 -7.73 -24.51 10.59
CA PRO C 199 -6.56 -25.12 11.22
C PRO C 199 -5.28 -24.76 10.48
N ILE C 200 -4.32 -24.20 11.21
CA ILE C 200 -3.06 -23.75 10.64
C ILE C 200 -1.97 -24.69 11.13
N HIS C 201 -1.28 -25.30 10.18
CA HIS C 201 -0.09 -26.10 10.44
C HIS C 201 1.13 -25.21 10.28
N TYR C 202 2.24 -25.64 10.84
CA TYR C 202 3.47 -24.86 10.73
C TYR C 202 4.62 -25.74 10.29
N CYS C 203 5.50 -25.16 9.48
CA CYS C 203 6.63 -25.84 8.88
C CYS C 203 7.88 -24.99 9.08
N ALA C 204 9.00 -25.66 9.21
CA ALA C 204 10.26 -24.96 9.37
C ALA C 204 10.97 -24.83 8.03
N PRO C 205 11.74 -23.78 7.82
CA PRO C 205 12.60 -23.71 6.64
C PRO C 205 13.72 -24.73 6.73
N ALA C 206 14.41 -24.89 5.60
CA ALA C 206 15.55 -25.81 5.54
C ALA C 206 16.58 -25.46 6.60
N GLY C 207 17.34 -26.46 7.03
CA GLY C 207 18.28 -26.28 8.11
C GLY C 207 17.65 -26.26 9.49
N TYR C 208 16.34 -26.24 9.56
CA TYR C 208 15.60 -26.19 10.81
C TYR C 208 14.70 -27.42 10.92
N ALA C 209 14.44 -27.82 12.17
CA ALA C 209 13.64 -28.99 12.43
C ALA C 209 12.75 -28.76 13.64
N ILE C 210 11.59 -29.40 13.63
CA ILE C 210 10.60 -29.29 14.70
C ILE C 210 10.56 -30.60 15.46
N LEU C 211 10.80 -30.52 16.76
CA LEU C 211 10.86 -31.68 17.63
C LEU C 211 9.70 -31.66 18.60
N LYS C 212 9.11 -32.84 18.80
CA LYS C 212 8.04 -33.05 19.76
C LYS C 212 8.57 -33.95 20.87
N CYS C 213 8.56 -33.43 22.10
CA CYS C 213 8.42 -34.32 23.24
C CYS C 213 7.09 -35.05 23.09
N ASN C 214 7.11 -36.36 23.27
CA ASN C 214 5.94 -37.14 22.95
C ASN C 214 5.45 -37.87 24.19
N ASN C 215 5.40 -37.16 25.30
CA ASN C 215 5.08 -37.70 26.60
C ASN C 215 3.58 -37.62 26.85
N LYS C 216 3.06 -38.55 27.63
CA LYS C 216 1.66 -38.51 28.02
C LYS C 216 1.45 -37.86 29.38
N THR C 217 2.53 -37.52 30.09
CA THR C 217 2.44 -36.81 31.36
C THR C 217 3.38 -35.61 31.42
N PHE C 218 3.79 -35.09 30.28
CA PHE C 218 4.63 -33.91 30.25
C PHE C 218 3.93 -32.72 30.88
N THR C 219 4.63 -32.02 31.77
CA THR C 219 4.05 -30.88 32.46
C THR C 219 4.50 -29.56 31.85
N GLY C 220 5.39 -29.59 30.87
CA GLY C 220 5.85 -28.38 30.22
C GLY C 220 7.26 -27.95 30.55
N THR C 221 8.02 -28.78 31.25
CA THR C 221 9.39 -28.42 31.61
C THR C 221 10.21 -29.68 31.82
N GLY C 222 11.52 -29.51 31.89
CA GLY C 222 12.42 -30.58 32.18
C GLY C 222 12.75 -31.42 30.96
N PRO C 223 13.54 -32.46 31.16
CA PRO C 223 13.91 -33.33 30.03
C PRO C 223 12.79 -34.28 29.67
N CYS C 224 12.82 -34.72 28.42
CA CYS C 224 11.82 -35.63 27.91
C CYS C 224 12.51 -36.80 27.22
N ASN C 225 12.30 -37.99 27.77
CA ASN C 225 12.95 -39.20 27.27
C ASN C 225 12.27 -39.74 26.03
N ASN C 226 11.47 -38.92 25.36
CA ASN C 226 10.61 -39.35 24.28
C ASN C 226 10.54 -38.23 23.24
N VAL C 227 11.40 -38.30 22.22
CA VAL C 227 11.48 -37.24 21.22
C VAL C 227 11.27 -37.82 19.83
N SER C 228 10.50 -37.09 19.03
CA SER C 228 10.40 -37.36 17.60
C SER C 228 10.50 -36.05 16.85
N THR C 229 10.61 -36.14 15.54
CA THR C 229 10.72 -34.99 14.68
C THR C 229 9.67 -35.04 13.59
N VAL C 230 9.24 -33.86 13.16
CA VAL C 230 8.28 -33.74 12.08
C VAL C 230 8.71 -32.62 11.15
N GLN C 231 8.32 -32.77 9.89
CA GLN C 231 8.36 -31.67 8.94
C GLN C 231 7.18 -30.73 9.10
N CYS C 232 6.15 -31.11 9.84
CA CYS C 232 4.97 -30.27 9.93
C CYS C 232 4.22 -30.56 11.22
N THR C 233 3.64 -29.51 11.79
CA THR C 233 2.79 -29.60 12.96
C THR C 233 1.33 -29.77 12.53
N HIS C 234 0.52 -30.30 13.43
CA HIS C 234 -0.89 -30.41 13.10
C HIS C 234 -1.53 -29.02 13.10
N GLY C 235 -2.74 -28.95 12.56
CA GLY C 235 -3.47 -27.69 12.52
C GLY C 235 -3.85 -27.26 13.92
N ILE C 236 -3.72 -25.97 14.18
CA ILE C 236 -4.15 -25.37 15.44
C ILE C 236 -5.07 -24.20 15.12
N LYS C 237 -6.23 -24.17 15.75
CA LYS C 237 -7.10 -23.16 15.17
C LYS C 237 -6.96 -21.84 15.92
N PRO C 238 -7.01 -20.72 15.19
CA PRO C 238 -6.89 -19.40 15.81
C PRO C 238 -8.16 -19.01 16.55
N VAL C 239 -8.42 -19.69 17.65
CA VAL C 239 -9.61 -19.46 18.45
C VAL C 239 -9.28 -18.45 19.53
N VAL C 240 -10.08 -17.38 19.60
CA VAL C 240 -9.90 -16.33 20.59
C VAL C 240 -10.81 -16.62 21.76
N SER C 241 -10.25 -16.61 22.97
CA SER C 241 -11.03 -17.07 24.11
C SER C 241 -10.73 -16.22 25.33
N THR C 242 -11.67 -16.28 26.26
CA THR C 242 -11.71 -15.52 27.50
C THR C 242 -11.13 -16.26 28.69
N GLN C 243 -11.73 -17.39 29.08
CA GLN C 243 -11.32 -18.15 30.26
C GLN C 243 -11.25 -19.63 29.91
N LEU C 244 -12.33 -20.14 29.34
CA LEU C 244 -12.42 -21.55 29.03
C LEU C 244 -11.68 -21.86 27.74
N LEU C 245 -11.24 -23.10 27.60
CA LEU C 245 -10.60 -23.56 26.37
C LEU C 245 -11.54 -24.50 25.64
N LEU C 246 -11.80 -24.18 24.38
CA LEU C 246 -12.83 -24.85 23.60
C LEU C 246 -12.30 -25.21 22.22
N ASN C 247 -12.94 -26.20 21.60
CA ASN C 247 -12.53 -26.74 20.30
C ASN C 247 -11.10 -27.30 20.34
N GLY C 248 -10.56 -27.54 21.52
CA GLY C 248 -9.16 -27.89 21.67
C GLY C 248 -8.94 -29.38 21.73
N SER C 249 -7.66 -29.75 21.76
CA SER C 249 -7.30 -31.16 21.86
C SER C 249 -7.41 -31.64 23.29
N LEU C 250 -7.62 -32.95 23.45
CA LEU C 250 -7.80 -33.54 24.75
C LEU C 250 -6.50 -34.17 25.25
N ALA C 251 -6.32 -34.12 26.56
CA ALA C 251 -5.17 -34.79 27.17
C ALA C 251 -5.32 -36.30 27.02
N GLU C 252 -4.19 -36.98 26.84
CA GLU C 252 -4.21 -38.41 26.56
C GLU C 252 -4.53 -39.24 27.79
N GLY C 253 -3.99 -38.87 28.95
CA GLY C 253 -4.19 -39.66 30.14
C GLY C 253 -5.16 -39.05 31.13
N GLU C 254 -4.64 -38.48 32.21
CA GLU C 254 -5.43 -37.78 33.20
C GLU C 254 -5.38 -36.28 32.93
N ILE C 255 -6.19 -35.53 33.67
CA ILE C 255 -6.13 -34.08 33.56
C ILE C 255 -4.78 -33.60 34.05
N ILE C 256 -4.22 -32.62 33.35
CA ILE C 256 -2.86 -32.15 33.59
C ILE C 256 -2.90 -30.67 33.90
N ILE C 257 -2.15 -30.27 34.91
CA ILE C 257 -2.12 -28.90 35.39
C ILE C 257 -0.74 -28.33 35.15
N ARG C 258 -0.66 -27.22 34.43
CA ARG C 258 0.61 -26.63 34.06
C ARG C 258 0.69 -25.19 34.55
N SER C 259 1.77 -24.86 35.25
CA SER C 259 1.99 -23.52 35.76
C SER C 259 3.48 -23.22 35.73
N GLU C 260 3.80 -21.95 35.46
CA GLU C 260 5.20 -21.55 35.46
C GLU C 260 5.78 -21.59 36.86
N ASN C 261 5.01 -21.13 37.85
CA ASN C 261 5.41 -21.22 39.24
C ASN C 261 4.15 -21.32 40.07
N ILE C 262 3.87 -22.52 40.58
CA ILE C 262 2.64 -22.75 41.31
C ILE C 262 2.59 -21.89 42.58
N THR C 263 3.72 -21.70 43.23
CA THR C 263 3.76 -20.92 44.46
C THR C 263 3.72 -19.42 44.20
N ASN C 264 3.98 -18.97 42.98
CA ASN C 264 3.85 -17.57 42.63
C ASN C 264 2.36 -17.28 42.41
N ASN C 265 1.87 -16.20 42.99
CA ASN C 265 0.45 -15.88 42.94
C ASN C 265 0.09 -15.11 41.66
N VAL C 266 1.07 -14.64 40.90
CA VAL C 266 0.74 -13.87 39.70
C VAL C 266 0.71 -14.74 38.45
N LYS C 267 1.14 -16.00 38.53
CA LYS C 267 1.27 -16.85 37.37
C LYS C 267 -0.05 -17.55 37.09
N THR C 268 -0.49 -17.50 35.84
CA THR C 268 -1.73 -18.15 35.44
C THR C 268 -1.58 -19.66 35.45
N ILE C 269 -2.61 -20.35 35.94
CA ILE C 269 -2.63 -21.80 35.96
C ILE C 269 -3.43 -22.32 34.78
N ILE C 270 -2.95 -23.39 34.16
CA ILE C 270 -3.57 -23.96 32.97
C ILE C 270 -4.08 -25.35 33.33
N VAL C 271 -5.36 -25.61 33.03
CA VAL C 271 -6.00 -26.89 33.27
C VAL C 271 -6.29 -27.51 31.92
N HIS C 272 -5.69 -28.66 31.65
CA HIS C 272 -5.91 -29.39 30.40
C HIS C 272 -6.65 -30.68 30.75
N LEU C 273 -7.93 -30.73 30.36
CA LEU C 273 -8.76 -31.89 30.65
C LEU C 273 -8.40 -33.05 29.74
N ASN C 274 -8.78 -34.25 30.16
CA ASN C 274 -8.64 -35.44 29.33
C ASN C 274 -9.97 -35.89 28.74
N GLU C 275 -11.07 -35.25 29.12
CA GLU C 275 -12.37 -35.56 28.56
C GLU C 275 -13.10 -34.27 28.27
N SER C 276 -13.60 -34.14 27.05
CA SER C 276 -14.32 -32.95 26.64
C SER C 276 -15.67 -32.89 27.34
N VAL C 277 -16.26 -31.70 27.36
CA VAL C 277 -17.59 -31.50 27.93
C VAL C 277 -18.42 -30.70 26.94
N LYS C 278 -19.53 -31.26 26.50
CA LYS C 278 -20.38 -30.57 25.54
C LYS C 278 -21.10 -29.40 26.20
N ILE C 279 -21.03 -28.23 25.56
CA ILE C 279 -21.78 -27.05 25.98
C ILE C 279 -22.65 -26.60 24.81
N GLU C 280 -23.89 -26.22 25.11
CA GLU C 280 -24.82 -25.84 24.06
C GLU C 280 -25.31 -24.42 24.32
N CYS C 281 -25.00 -23.50 23.41
CA CYS C 281 -25.45 -22.12 23.53
C CYS C 281 -26.41 -21.79 22.41
N THR C 282 -27.36 -20.90 22.71
CA THR C 282 -28.33 -20.49 21.71
C THR C 282 -28.77 -19.06 21.98
N ARG C 283 -29.00 -18.36 20.87
CA ARG C 283 -29.77 -17.12 20.86
C ARG C 283 -31.09 -17.50 20.22
N PRO C 284 -32.17 -17.59 21.01
CA PRO C 284 -33.40 -18.23 20.51
C PRO C 284 -34.33 -17.30 19.76
N ASN C 285 -34.18 -15.99 19.88
CA ASN C 285 -35.03 -15.11 19.10
C ASN C 285 -34.41 -14.87 17.73
N ASN C 286 -35.19 -14.25 16.85
CA ASN C 286 -34.70 -13.81 15.55
C ASN C 286 -34.68 -12.29 15.50
N LYS C 287 -34.04 -11.79 14.44
CA LYS C 287 -34.02 -10.38 14.13
C LYS C 287 -34.04 -10.23 12.62
N THR C 288 -34.82 -9.28 12.12
CA THR C 288 -34.84 -9.01 10.69
C THR C 288 -33.72 -8.05 10.32
N ARG C 289 -32.84 -8.48 9.44
CA ARG C 289 -31.73 -7.65 8.99
C ARG C 289 -32.24 -6.55 8.07
N THR C 290 -31.76 -5.34 8.29
CA THR C 290 -32.08 -4.21 7.45
C THR C 290 -30.80 -3.50 7.04
N SER C 291 -30.89 -2.66 6.02
CA SER C 291 -29.72 -2.00 5.46
C SER C 291 -30.07 -0.55 5.14
N ILE C 292 -29.17 0.35 5.48
CA ILE C 292 -29.30 1.76 5.14
C ILE C 292 -28.12 2.15 4.26
N ARG C 293 -28.41 2.63 3.07
CA ARG C 293 -27.38 3.01 2.13
C ARG C 293 -26.52 4.14 2.69
N ILE C 294 -25.25 4.16 2.28
CA ILE C 294 -24.32 5.21 2.64
C ILE C 294 -23.79 5.93 1.42
N GLY C 295 -23.49 5.19 0.35
CA GLY C 295 -23.00 5.77 -0.87
C GLY C 295 -22.85 4.75 -1.98
N PRO C 296 -21.91 4.97 -2.88
CA PRO C 296 -21.66 4.07 -4.02
C PRO C 296 -20.91 2.80 -3.63
N GLY C 297 -21.67 1.82 -3.17
CA GLY C 297 -21.10 0.56 -2.71
C GLY C 297 -20.98 0.41 -1.22
N GLN C 298 -21.66 1.25 -0.45
CA GLN C 298 -21.57 1.25 1.00
C GLN C 298 -22.97 1.16 1.59
N TRP C 299 -23.18 0.26 2.54
CA TRP C 299 -24.42 0.23 3.28
C TRP C 299 -24.14 -0.25 4.70
N PHE C 300 -24.79 0.38 5.66
CA PHE C 300 -24.69 -0.02 7.04
C PHE C 300 -25.80 -1.01 7.34
N TYR C 301 -25.43 -2.14 7.94
CA TYR C 301 -26.36 -3.21 8.25
C TYR C 301 -26.79 -3.08 9.70
N ALA C 302 -28.06 -3.32 9.97
CA ALA C 302 -28.58 -3.12 11.31
C ALA C 302 -29.76 -4.04 11.55
N THR C 303 -30.27 -3.97 12.77
CA THR C 303 -31.42 -4.76 13.16
C THR C 303 -32.71 -4.02 12.82
N GLY C 304 -33.60 -4.72 12.14
CA GLY C 304 -34.93 -4.22 11.83
C GLY C 304 -35.95 -4.70 12.85
N GLN C 305 -37.06 -5.21 12.34
CA GLN C 305 -38.05 -5.81 13.22
C GLN C 305 -37.45 -7.01 13.95
N VAL C 306 -37.84 -7.18 15.21
CA VAL C 306 -37.45 -8.34 16.00
C VAL C 306 -38.63 -9.30 16.07
N ILE C 307 -38.37 -10.58 15.84
CA ILE C 307 -39.40 -11.60 15.77
C ILE C 307 -38.99 -12.80 16.60
N GLY C 308 -39.96 -13.38 17.31
CA GLY C 308 -41.22 -12.73 17.58
C GLY C 308 -41.45 -12.67 19.08
N ASP C 309 -40.93 -13.69 19.76
CA ASP C 309 -40.99 -13.78 21.21
C ASP C 309 -39.63 -13.48 21.81
N ILE C 310 -39.61 -13.10 23.07
CA ILE C 310 -38.40 -12.61 23.72
C ILE C 310 -37.89 -13.62 24.72
N ARG C 311 -36.69 -14.13 24.47
CA ARG C 311 -35.97 -14.98 25.40
C ARG C 311 -34.51 -14.55 25.39
N GLU C 312 -33.89 -14.55 26.57
CA GLU C 312 -32.47 -14.23 26.65
C GLU C 312 -31.64 -15.40 26.18
N ALA C 313 -30.56 -15.09 25.48
CA ALA C 313 -29.66 -16.14 25.02
C ALA C 313 -29.06 -16.87 26.22
N TYR C 314 -28.86 -18.17 26.06
CA TYR C 314 -28.44 -18.97 27.19
C TYR C 314 -27.56 -20.11 26.74
N CYS C 315 -27.00 -20.81 27.73
CA CYS C 315 -26.14 -21.95 27.50
C CYS C 315 -26.46 -23.04 28.52
N ASN C 316 -26.32 -24.29 28.10
CA ASN C 316 -26.70 -25.46 28.87
C ASN C 316 -25.51 -26.40 28.99
N ILE C 317 -25.41 -27.03 30.16
CA ILE C 317 -24.26 -27.84 30.58
C ILE C 317 -24.77 -29.04 31.34
N ASN C 318 -24.07 -30.17 31.22
CA ASN C 318 -24.37 -31.36 32.03
C ASN C 318 -23.81 -31.18 33.44
N GLU C 319 -24.70 -31.20 34.44
CA GLU C 319 -24.26 -30.98 35.82
C GLU C 319 -23.22 -32.03 36.23
N SER C 320 -23.55 -33.30 36.07
CA SER C 320 -22.71 -34.36 36.60
C SER C 320 -21.32 -34.34 35.97
N LYS C 321 -21.24 -34.08 34.67
CA LYS C 321 -19.93 -34.05 34.04
C LYS C 321 -19.10 -32.89 34.54
N TRP C 322 -19.67 -31.68 34.49
CA TRP C 322 -19.08 -30.54 35.19
C TRP C 322 -18.56 -30.95 36.56
N ASN C 323 -19.32 -31.75 37.27
CA ASN C 323 -19.14 -31.98 38.68
C ASN C 323 -17.95 -32.89 38.94
N GLU C 324 -18.06 -34.11 38.44
CA GLU C 324 -16.93 -35.03 38.49
C GLU C 324 -15.69 -34.37 37.93
N THR C 325 -15.86 -33.60 36.84
CA THR C 325 -14.73 -32.91 36.23
C THR C 325 -14.02 -32.05 37.25
N LEU C 326 -14.72 -31.06 37.79
CA LEU C 326 -14.08 -30.13 38.72
C LEU C 326 -13.58 -30.85 39.96
N GLN C 327 -14.23 -31.95 40.35
CA GLN C 327 -13.72 -32.72 41.48
C GLN C 327 -12.34 -33.27 41.18
N ARG C 328 -12.18 -33.90 40.02
CA ARG C 328 -10.86 -34.38 39.62
C ARG C 328 -9.89 -33.22 39.49
N VAL C 329 -10.37 -32.09 39.00
CA VAL C 329 -9.53 -30.90 38.91
C VAL C 329 -8.97 -30.53 40.27
N SER C 330 -9.83 -30.53 41.28
CA SER C 330 -9.38 -30.21 42.64
C SER C 330 -8.41 -31.24 43.17
N LYS C 331 -8.71 -32.52 42.94
CA LYS C 331 -7.86 -33.59 43.43
C LYS C 331 -6.46 -33.49 42.82
N LYS C 332 -6.37 -33.09 41.56
CA LYS C 332 -5.07 -32.88 40.94
C LYS C 332 -4.45 -31.57 41.38
N LEU C 333 -5.28 -30.56 41.62
CA LEU C 333 -4.77 -29.24 41.97
C LEU C 333 -4.08 -29.27 43.32
N LYS C 334 -4.65 -30.00 44.27
CA LYS C 334 -4.09 -30.03 45.62
C LYS C 334 -2.69 -30.64 45.66
N GLU C 335 -2.24 -31.27 44.58
CA GLU C 335 -0.85 -31.70 44.51
C GLU C 335 0.09 -30.51 44.56
N TYR C 336 -0.18 -29.50 43.73
CA TYR C 336 0.71 -28.34 43.68
C TYR C 336 0.65 -27.49 44.93
N PHE C 337 -0.45 -27.58 45.69
CA PHE C 337 -0.54 -27.00 47.02
C PHE C 337 -0.81 -28.14 47.99
N PRO C 338 0.20 -28.93 48.30
CA PRO C 338 0.00 -30.21 49.00
C PRO C 338 -0.40 -30.03 50.45
N HIS C 339 -1.62 -29.52 50.65
CA HIS C 339 -2.06 -29.13 51.98
C HIS C 339 -3.55 -28.86 51.97
N LYS C 340 -3.95 -28.00 52.91
CA LYS C 340 -5.30 -27.58 53.29
C LYS C 340 -6.15 -27.23 52.07
N ASN C 341 -7.45 -27.15 52.29
CA ASN C 341 -8.57 -27.38 51.36
C ASN C 341 -8.57 -26.34 50.23
N ILE C 342 -9.54 -26.45 49.32
CA ILE C 342 -9.54 -25.69 48.08
C ILE C 342 -10.88 -25.01 47.90
N THR C 343 -10.89 -23.78 47.38
CA THR C 343 -12.14 -23.07 47.15
C THR C 343 -12.11 -22.32 45.82
N PHE C 344 -13.21 -22.43 45.07
CA PHE C 344 -13.40 -21.69 43.83
C PHE C 344 -14.33 -20.51 44.08
N GLN C 345 -14.11 -19.44 43.35
CA GLN C 345 -14.97 -18.28 43.43
C GLN C 345 -15.30 -17.81 42.04
N PRO C 346 -16.39 -17.08 41.87
CA PRO C 346 -16.68 -16.47 40.57
C PRO C 346 -15.63 -15.42 40.25
N SER C 347 -15.82 -14.78 39.09
CA SER C 347 -14.94 -13.69 38.71
C SER C 347 -15.08 -12.53 39.70
N SER C 348 -14.04 -11.68 39.73
CA SER C 348 -13.96 -10.65 40.75
C SER C 348 -14.36 -9.27 40.26
N GLY C 349 -13.92 -8.85 39.08
CA GLY C 349 -14.23 -7.52 38.61
C GLY C 349 -13.22 -7.06 37.57
N GLY C 350 -13.51 -5.91 36.99
CA GLY C 350 -12.83 -5.41 35.83
C GLY C 350 -13.76 -5.35 34.64
N ASP C 351 -13.17 -5.37 33.45
CA ASP C 351 -14.03 -5.40 32.29
C ASP C 351 -14.56 -6.82 32.10
N LEU C 352 -15.84 -6.90 31.72
CA LEU C 352 -16.49 -8.20 31.60
C LEU C 352 -15.67 -9.14 30.72
N GLU C 353 -14.90 -8.57 29.77
CA GLU C 353 -13.91 -9.36 29.05
C GLU C 353 -13.15 -10.31 29.96
N ILE C 354 -12.61 -9.82 31.07
CA ILE C 354 -11.85 -10.71 31.94
C ILE C 354 -12.75 -11.43 32.94
N THR C 355 -14.06 -11.18 32.91
CA THR C 355 -14.93 -11.76 33.92
C THR C 355 -15.94 -12.75 33.37
N THR C 356 -16.26 -12.71 32.08
CA THR C 356 -17.29 -13.56 31.52
C THR C 356 -16.70 -14.49 30.47
N HIS C 357 -17.57 -15.36 29.96
CA HIS C 357 -17.22 -16.23 28.86
C HIS C 357 -17.63 -15.57 27.55
N SER C 358 -16.65 -15.08 26.80
CA SER C 358 -16.86 -14.48 25.50
C SER C 358 -16.64 -15.50 24.40
N PHE C 359 -17.43 -15.40 23.33
CA PHE C 359 -17.20 -16.18 22.13
C PHE C 359 -17.95 -15.56 20.97
N ASN C 360 -17.92 -16.24 19.84
CA ASN C 360 -18.40 -15.67 18.58
C ASN C 360 -19.14 -16.71 17.74
N CYS C 361 -19.93 -17.57 18.40
CA CYS C 361 -20.75 -18.51 17.66
C CYS C 361 -21.67 -17.76 16.71
N GLY C 362 -21.81 -18.26 15.49
CA GLY C 362 -22.69 -17.67 14.52
C GLY C 362 -22.29 -16.29 14.04
N GLY C 363 -21.07 -15.84 14.34
CA GLY C 363 -20.61 -14.54 13.92
C GLY C 363 -21.02 -13.40 14.82
N GLU C 364 -21.98 -13.61 15.70
CA GLU C 364 -22.34 -12.63 16.71
C GLU C 364 -21.59 -12.95 18.00
N PHE C 365 -21.36 -11.93 18.80
CA PHE C 365 -20.45 -12.04 19.94
C PHE C 365 -21.23 -12.13 21.24
N PHE C 366 -20.84 -13.08 22.08
CA PHE C 366 -21.58 -13.50 23.26
C PHE C 366 -20.71 -13.38 24.50
N TYR C 367 -21.34 -13.02 25.62
CA TYR C 367 -20.70 -12.85 26.92
C TYR C 367 -21.63 -13.48 27.95
N CYS C 368 -21.21 -14.62 28.50
CA CYS C 368 -22.01 -15.36 29.46
C CYS C 368 -21.48 -15.17 30.87
N ASN C 369 -22.38 -14.82 31.78
CA ASN C 369 -22.07 -14.70 33.20
C ASN C 369 -21.87 -16.10 33.77
N THR C 370 -20.63 -16.47 34.03
CA THR C 370 -20.29 -17.83 34.44
C THR C 370 -20.19 -17.99 35.94
N SER C 371 -20.64 -16.99 36.69
CA SER C 371 -20.42 -16.99 38.14
C SER C 371 -21.00 -18.24 38.79
N SER C 372 -22.13 -18.73 38.30
CA SER C 372 -22.77 -19.88 38.91
C SER C 372 -21.94 -21.15 38.77
N LEU C 373 -20.90 -21.13 37.94
CA LEU C 373 -20.15 -22.34 37.63
C LEU C 373 -19.03 -22.64 38.60
N PHE C 374 -18.56 -21.65 39.36
CA PHE C 374 -17.40 -21.87 40.22
C PHE C 374 -17.73 -21.50 41.65
N ASN C 375 -18.86 -22.02 42.13
CA ASN C 375 -19.40 -21.73 43.46
C ASN C 375 -19.36 -22.97 44.34
N ARG C 376 -18.27 -23.72 44.26
CA ARG C 376 -18.15 -25.00 44.95
C ARG C 376 -16.95 -25.00 45.89
N THR C 377 -16.91 -25.99 46.77
CA THR C 377 -15.78 -26.25 47.65
C THR C 377 -15.49 -27.74 47.70
N TYR C 378 -14.32 -28.09 48.22
CA TYR C 378 -13.90 -29.48 48.33
C TYR C 378 -13.17 -29.70 49.64
N MET C 379 -13.56 -30.75 50.35
CA MET C 379 -13.07 -31.07 51.68
C MET C 379 -12.17 -32.29 51.63
N ALA C 380 -11.79 -32.79 52.80
CA ALA C 380 -10.94 -33.97 52.92
C ALA C 380 -11.70 -35.11 53.58
N ASN C 381 -12.18 -36.05 52.76
CA ASN C 381 -12.65 -37.35 53.21
C ASN C 381 -13.99 -37.29 53.93
N SER C 382 -14.54 -36.09 54.07
CA SER C 382 -15.72 -35.83 54.92
C SER C 382 -16.87 -36.72 54.45
N THR C 383 -17.41 -36.53 53.24
CA THR C 383 -18.54 -37.32 52.78
C THR C 383 -18.57 -37.37 51.25
N ASP C 384 -18.92 -38.55 50.73
CA ASP C 384 -18.89 -38.77 49.29
C ASP C 384 -20.18 -39.43 48.81
N MET C 385 -21.33 -38.88 49.21
CA MET C 385 -22.60 -39.44 48.77
C MET C 385 -22.70 -39.43 47.26
N ALA C 386 -22.65 -40.62 46.66
CA ALA C 386 -22.68 -40.76 45.21
C ALA C 386 -23.81 -41.65 44.73
N ASN C 387 -24.73 -42.04 45.62
CA ASN C 387 -25.91 -42.80 45.18
C ASN C 387 -26.81 -41.94 44.31
N SER C 388 -26.61 -40.61 44.35
CA SER C 388 -27.49 -39.70 43.64
C SER C 388 -27.46 -39.94 42.13
N THR C 389 -26.27 -39.99 41.52
CA THR C 389 -26.17 -40.20 40.08
C THR C 389 -27.00 -39.13 39.38
N GLU C 390 -26.48 -37.91 39.37
CA GLU C 390 -27.16 -36.69 39.85
C GLU C 390 -28.68 -36.84 39.68
N THR C 391 -29.22 -36.85 38.46
CA THR C 391 -30.61 -37.22 38.26
C THR C 391 -30.91 -37.43 36.78
N ASN C 392 -31.14 -38.69 36.38
CA ASN C 392 -31.82 -39.08 35.15
C ASN C 392 -31.60 -38.12 33.99
N SER C 393 -30.36 -37.66 33.80
CA SER C 393 -29.99 -36.69 32.76
C SER C 393 -31.06 -35.60 32.60
N THR C 394 -31.41 -34.97 33.73
CA THR C 394 -32.42 -33.91 33.70
C THR C 394 -32.00 -32.66 34.44
N ARG C 395 -30.82 -32.63 35.06
CA ARG C 395 -30.32 -31.41 35.69
C ARG C 395 -29.32 -30.71 34.79
N THR C 396 -29.85 -30.04 33.78
CA THR C 396 -29.04 -29.17 32.93
C THR C 396 -28.77 -27.85 33.66
N ILE C 397 -27.51 -27.50 33.79
CA ILE C 397 -27.14 -26.20 34.33
C ILE C 397 -27.28 -25.16 33.24
N THR C 398 -28.01 -24.09 33.54
CA THR C 398 -28.33 -23.05 32.57
C THR C 398 -27.69 -21.74 32.98
N ILE C 399 -27.15 -21.03 32.00
CA ILE C 399 -26.49 -19.75 32.25
C ILE C 399 -26.97 -18.73 31.25
N HIS C 400 -27.17 -17.51 31.71
CA HIS C 400 -27.65 -16.40 30.90
C HIS C 400 -26.49 -15.73 30.21
N CYS C 401 -26.74 -15.18 29.03
CA CYS C 401 -25.70 -14.47 28.30
C CYS C 401 -26.29 -13.22 27.67
N ARG C 402 -25.42 -12.23 27.45
CA ARG C 402 -25.73 -11.07 26.64
C ARG C 402 -24.86 -11.11 25.39
N ILE C 403 -25.15 -10.23 24.43
CA ILE C 403 -24.45 -10.22 23.16
C ILE C 403 -24.14 -8.78 22.79
N LYS C 404 -23.25 -8.62 21.82
CA LYS C 404 -22.88 -7.27 21.41
C LYS C 404 -22.46 -7.23 19.95
N GLN C 405 -22.19 -6.01 19.49
CA GLN C 405 -21.87 -5.73 18.09
C GLN C 405 -20.53 -5.04 17.88
N ILE C 406 -20.23 -3.97 18.60
CA ILE C 406 -18.99 -3.22 18.40
C ILE C 406 -17.90 -3.85 19.25
N ILE C 407 -16.80 -4.22 18.60
CA ILE C 407 -15.78 -5.05 19.20
C ILE C 407 -14.44 -4.35 19.13
N ASN C 408 -13.89 -4.00 20.29
CA ASN C 408 -12.48 -3.59 20.39
C ASN C 408 -11.69 -4.85 20.65
N MET C 409 -11.35 -5.57 19.58
CA MET C 409 -10.71 -6.86 19.72
C MET C 409 -9.44 -6.75 20.58
N TRP C 410 -9.16 -7.83 21.30
CA TRP C 410 -7.92 -7.91 22.07
C TRP C 410 -6.69 -7.59 21.23
N GLN C 411 -6.78 -7.77 19.92
CA GLN C 411 -5.61 -7.61 19.06
C GLN C 411 -5.08 -6.18 19.09
N GLU C 412 -5.95 -5.20 19.32
CA GLU C 412 -5.52 -3.82 19.10
C GLU C 412 -6.40 -2.88 19.92
N VAL C 413 -5.92 -1.64 20.06
CA VAL C 413 -6.71 -0.53 20.56
C VAL C 413 -6.71 0.57 19.51
N GLY C 414 -7.79 1.35 19.49
CA GLY C 414 -7.93 2.46 18.55
C GLY C 414 -8.68 2.16 17.28
N ARG C 415 -8.96 0.89 16.99
CA ARG C 415 -9.65 0.49 15.77
C ARG C 415 -10.73 -0.51 16.14
N ALA C 416 -11.98 -0.05 16.22
CA ALA C 416 -13.06 -0.93 16.63
C ALA C 416 -13.72 -1.57 15.41
N MET C 417 -14.09 -2.83 15.56
CA MET C 417 -14.81 -3.55 14.52
C MET C 417 -16.29 -3.50 14.84
N TYR C 418 -17.10 -3.13 13.87
CA TYR C 418 -18.53 -3.32 14.03
C TYR C 418 -18.93 -4.64 13.40
N ALA C 419 -20.03 -5.20 13.90
CA ALA C 419 -20.48 -6.47 13.41
C ALA C 419 -21.93 -6.34 12.98
N PRO C 420 -22.26 -6.83 11.78
CA PRO C 420 -23.64 -6.76 11.32
C PRO C 420 -24.46 -7.84 11.99
N PRO C 421 -25.74 -7.58 12.23
CA PRO C 421 -26.59 -8.60 12.83
C PRO C 421 -26.85 -9.75 11.87
N ILE C 422 -27.09 -10.92 12.44
CA ILE C 422 -27.41 -12.12 11.68
C ILE C 422 -28.90 -12.36 11.79
N ALA C 423 -29.58 -12.42 10.65
CA ALA C 423 -31.01 -12.68 10.65
C ALA C 423 -31.31 -14.07 11.17
N GLY C 424 -32.54 -14.27 11.63
CA GLY C 424 -32.91 -15.54 12.20
C GLY C 424 -32.32 -15.70 13.60
N ASN C 425 -32.31 -16.94 14.07
CA ASN C 425 -31.78 -17.31 15.38
C ASN C 425 -30.41 -17.95 15.25
N ILE C 426 -29.84 -18.36 16.39
CA ILE C 426 -28.49 -18.90 16.42
C ILE C 426 -28.45 -20.11 17.33
N THR C 427 -27.89 -21.21 16.83
CA THR C 427 -27.46 -22.32 17.67
C THR C 427 -25.95 -22.45 17.57
N CYS C 428 -25.33 -22.96 18.63
CA CYS C 428 -23.90 -23.23 18.61
C CYS C 428 -23.62 -24.31 19.63
N ILE C 429 -22.82 -25.30 19.25
CA ILE C 429 -22.47 -26.42 20.11
C ILE C 429 -20.96 -26.52 20.13
N SER C 430 -20.39 -26.73 21.31
CA SER C 430 -18.93 -26.74 21.39
C SER C 430 -18.46 -27.76 22.42
N ASN C 431 -17.20 -28.18 22.25
CA ASN C 431 -16.49 -29.00 23.21
C ASN C 431 -15.73 -28.10 24.17
N ILE C 432 -15.72 -28.47 25.43
CA ILE C 432 -14.94 -27.78 26.44
C ILE C 432 -13.75 -28.66 26.80
N THR C 433 -12.56 -28.06 26.79
CA THR C 433 -11.32 -28.81 26.86
C THR C 433 -10.37 -28.36 27.96
N GLY C 434 -10.45 -27.11 28.41
CA GLY C 434 -9.49 -26.66 29.40
C GLY C 434 -9.94 -25.37 30.05
N LEU C 435 -9.18 -24.97 31.06
CA LEU C 435 -9.50 -23.84 31.92
C LEU C 435 -8.26 -23.00 32.15
N LEU C 436 -8.47 -21.70 32.31
CA LEU C 436 -7.40 -20.76 32.62
C LEU C 436 -7.72 -20.09 33.94
N LEU C 437 -7.06 -20.52 35.02
CA LEU C 437 -7.36 -20.09 36.37
C LEU C 437 -6.30 -19.14 36.88
N THR C 438 -6.68 -18.34 37.87
CA THR C 438 -5.77 -17.57 38.70
C THR C 438 -6.10 -17.85 40.16
N ARG C 439 -5.23 -17.40 41.06
CA ARG C 439 -5.26 -17.80 42.46
C ARG C 439 -5.27 -16.57 43.36
N ASP C 440 -5.31 -16.84 44.66
CA ASP C 440 -5.27 -15.79 45.67
C ASP C 440 -4.81 -16.41 46.99
N GLY C 441 -3.85 -15.76 47.64
CA GLY C 441 -3.33 -16.21 48.91
C GLY C 441 -4.03 -15.48 50.05
N GLY C 442 -3.71 -15.86 51.29
CA GLY C 442 -4.46 -15.18 52.32
C GLY C 442 -5.41 -16.01 53.17
N LYS C 443 -6.66 -16.05 52.73
CA LYS C 443 -7.87 -15.90 53.54
C LYS C 443 -7.81 -16.43 54.96
N ASN C 444 -7.73 -17.75 55.21
CA ASN C 444 -7.55 -18.23 56.57
C ASN C 444 -6.33 -19.14 56.69
N ASN C 445 -6.34 -20.29 56.02
CA ASN C 445 -5.18 -21.17 55.93
C ASN C 445 -5.15 -21.87 54.58
N THR C 446 -5.85 -21.34 53.59
CA THR C 446 -6.42 -22.17 52.53
C THR C 446 -6.12 -21.54 51.18
N GLU C 447 -6.53 -22.18 50.08
CA GLU C 447 -6.24 -21.70 48.75
C GLU C 447 -7.54 -21.42 48.01
N THR C 448 -7.54 -20.31 47.28
CA THR C 448 -8.69 -19.85 46.53
C THR C 448 -8.31 -19.58 45.09
N PHE C 449 -9.16 -19.98 44.16
CA PHE C 449 -8.94 -19.79 42.73
C PHE C 449 -10.19 -19.29 42.07
N ARG C 450 -10.03 -18.79 40.85
CA ARG C 450 -11.14 -18.26 40.08
C ARG C 450 -10.68 -18.09 38.64
N PRO C 451 -11.60 -18.08 37.68
CA PRO C 451 -11.18 -17.99 36.27
C PRO C 451 -10.39 -16.72 36.02
N GLY C 452 -9.26 -16.87 35.32
CA GLY C 452 -8.41 -15.75 35.00
C GLY C 452 -8.47 -15.38 33.52
N GLY C 453 -7.43 -15.73 32.77
CA GLY C 453 -7.46 -15.56 31.33
C GLY C 453 -7.01 -14.18 30.85
N GLY C 454 -7.54 -13.78 29.69
CA GLY C 454 -7.19 -12.53 29.07
C GLY C 454 -6.09 -12.62 28.02
N ASN C 455 -4.88 -13.03 28.42
CA ASN C 455 -3.73 -13.05 27.52
C ASN C 455 -3.94 -14.06 26.39
N MET C 456 -4.02 -13.57 25.15
CA MET C 456 -4.27 -14.48 24.04
C MET C 456 -3.21 -15.56 23.94
N LYS C 457 -1.96 -15.21 24.27
CA LYS C 457 -0.86 -16.14 24.12
C LYS C 457 -1.07 -17.40 24.93
N ASP C 458 -1.56 -17.26 26.15
CA ASP C 458 -1.81 -18.42 26.99
C ASP C 458 -2.79 -19.38 26.35
N ASN C 459 -3.67 -18.88 25.48
CA ASN C 459 -4.45 -19.78 24.63
C ASN C 459 -3.53 -20.62 23.75
N TRP C 460 -2.76 -19.96 22.89
CA TRP C 460 -1.92 -20.68 21.95
C TRP C 460 -0.79 -21.42 22.67
N ARG C 461 -0.28 -20.86 23.77
CA ARG C 461 0.70 -21.58 24.56
C ARG C 461 0.17 -22.93 25.04
N SER C 462 -1.15 -23.05 25.15
CA SER C 462 -1.79 -24.27 25.62
C SER C 462 -1.70 -25.42 24.63
N GLU C 463 -1.34 -25.17 23.37
CA GLU C 463 -1.19 -26.23 22.40
C GLU C 463 0.19 -26.31 21.77
N LEU C 464 0.93 -25.21 21.73
CA LEU C 464 2.27 -25.20 21.17
C LEU C 464 3.29 -25.79 22.14
N TYR C 465 2.84 -26.13 23.35
CA TYR C 465 3.74 -26.62 24.40
C TYR C 465 4.46 -27.90 24.02
N LYS C 466 4.06 -28.55 22.94
CA LYS C 466 4.66 -29.81 22.54
C LYS C 466 5.82 -29.66 21.58
N TYR C 467 6.13 -28.45 21.13
CA TYR C 467 7.03 -28.24 19.99
C TYR C 467 8.22 -27.38 20.38
N LYS C 468 9.39 -27.73 19.86
CA LYS C 468 10.55 -26.86 19.88
C LYS C 468 11.18 -26.87 18.50
N VAL C 469 11.83 -25.76 18.13
CA VAL C 469 12.49 -25.63 16.84
C VAL C 469 13.99 -25.55 17.07
N VAL C 470 14.76 -26.20 16.20
CA VAL C 470 16.21 -26.18 16.29
C VAL C 470 16.80 -26.00 14.90
N LYS C 471 18.06 -25.57 14.87
CA LYS C 471 18.82 -25.40 13.64
C LYS C 471 19.88 -26.48 13.55
N ILE C 472 20.23 -26.83 12.32
CA ILE C 472 21.14 -27.94 12.04
C ILE C 472 22.46 -27.37 11.53
N GLU C 473 23.55 -27.75 12.20
CA GLU C 473 24.90 -27.30 11.82
C GLU C 473 25.70 -28.53 11.40
N PRO C 474 25.67 -28.88 10.13
CA PRO C 474 26.12 -30.21 9.68
C PRO C 474 27.63 -30.41 9.66
N LEU C 475 28.43 -29.43 10.09
CA LEU C 475 29.87 -29.55 10.03
C LEU C 475 30.42 -29.97 11.39
N GLY C 476 31.28 -30.98 11.39
CA GLY C 476 31.88 -31.38 12.64
C GLY C 476 33.25 -31.97 12.40
N VAL C 477 34.00 -32.15 13.49
CA VAL C 477 35.37 -32.62 13.40
C VAL C 477 35.66 -33.58 14.54
N ALA C 478 36.68 -34.41 14.33
CA ALA C 478 37.11 -35.38 15.33
C ALA C 478 38.41 -36.01 14.86
N PRO C 479 39.10 -36.75 15.72
CA PRO C 479 40.27 -37.50 15.28
C PRO C 479 39.93 -38.84 14.61
N THR C 480 40.86 -39.31 13.79
CA THR C 480 40.75 -40.61 13.12
C THR C 480 42.15 -41.13 12.85
N ARG C 481 42.24 -42.40 12.43
CA ARG C 481 43.52 -42.94 11.99
C ARG C 481 43.53 -43.13 10.47
N CYS C 482 43.82 -42.03 9.74
CA CYS C 482 44.32 -42.12 8.37
C CYS C 482 45.37 -41.03 8.27
N LYS C 483 46.01 -40.95 7.12
CA LYS C 483 46.64 -39.70 6.72
C LYS C 483 46.97 -39.74 5.25
N LEU D 19 18.80 -36.90 11.15
CA LEU D 19 17.39 -37.04 11.47
C LEU D 19 17.09 -38.26 12.31
N GLY D 20 17.93 -39.29 12.22
CA GLY D 20 17.62 -40.51 12.92
C GLY D 20 18.80 -41.21 13.59
N ALA D 21 19.99 -40.62 13.49
CA ALA D 21 21.18 -41.21 14.07
C ALA D 21 21.70 -40.43 15.26
N ALA D 22 20.99 -39.37 15.68
CA ALA D 22 21.52 -38.47 16.70
C ALA D 22 21.86 -39.20 17.98
N GLY D 23 20.90 -39.93 18.53
CA GLY D 23 21.12 -40.62 19.78
C GLY D 23 22.08 -41.79 19.66
N SER D 24 22.56 -42.04 18.45
CA SER D 24 23.45 -43.17 18.22
C SER D 24 24.88 -42.76 18.54
N THR D 25 25.75 -43.77 18.58
CA THR D 25 27.17 -43.50 18.76
C THR D 25 27.78 -42.94 17.48
N MET D 26 28.87 -42.19 17.64
CA MET D 26 29.49 -41.53 16.50
C MET D 26 29.81 -42.51 15.38
N GLY D 27 30.42 -43.66 15.71
CA GLY D 27 30.70 -44.64 14.70
C GLY D 27 29.46 -45.10 13.97
N ALA D 28 28.36 -45.30 14.71
CA ALA D 28 27.11 -45.64 14.07
C ALA D 28 26.60 -44.50 13.20
N ALA D 29 26.53 -43.29 13.77
CA ALA D 29 25.97 -42.15 13.04
C ALA D 29 26.72 -41.90 11.74
N SER D 30 28.02 -42.16 11.71
CA SER D 30 28.83 -41.90 10.53
C SER D 30 28.34 -42.67 9.31
N MET D 31 27.72 -43.83 9.50
CA MET D 31 27.30 -44.64 8.37
C MET D 31 26.28 -43.91 7.50
N THR D 32 25.47 -43.03 8.09
CA THR D 32 24.38 -42.39 7.37
C THR D 32 24.58 -40.88 7.42
N LEU D 33 25.18 -40.34 6.37
CA LEU D 33 25.39 -38.90 6.29
C LEU D 33 24.70 -38.25 5.10
N THR D 34 24.64 -38.92 3.95
CA THR D 34 23.91 -38.40 2.81
C THR D 34 22.47 -38.08 3.17
N VAL D 35 21.95 -38.72 4.20
CA VAL D 35 20.59 -38.45 4.66
C VAL D 35 20.43 -36.96 4.94
N GLN D 36 21.26 -36.43 5.84
CA GLN D 36 21.25 -34.99 6.07
C GLN D 36 21.57 -34.22 4.79
N ALA D 37 22.54 -34.71 4.01
CA ALA D 37 22.95 -34.00 2.81
C ALA D 37 21.76 -33.71 1.90
N ARG D 38 20.80 -34.62 1.85
CA ARG D 38 19.63 -34.41 1.00
C ARG D 38 18.73 -33.31 1.54
N ASN D 39 18.56 -33.27 2.86
CA ASN D 39 17.59 -32.37 3.46
C ASN D 39 18.20 -31.03 3.88
N LEU D 40 19.52 -30.90 3.88
CA LEU D 40 20.13 -29.64 4.25
C LEU D 40 19.64 -28.49 3.38
N LEU D 41 19.19 -28.78 2.17
CA LEU D 41 18.76 -27.76 1.23
C LEU D 41 17.45 -28.19 0.59
N SER D 42 16.74 -27.22 0.01
CA SER D 42 15.47 -27.47 -0.67
C SER D 42 14.44 -28.12 0.25
N LEU D 64 -0.53 -11.18 -0.95
CA LEU D 64 0.68 -11.99 -0.80
C LEU D 64 1.81 -11.15 -0.21
N THR D 65 1.46 -10.39 0.82
CA THR D 65 2.38 -9.47 1.47
C THR D 65 2.77 -9.92 2.87
N VAL D 66 2.16 -10.98 3.39
CA VAL D 66 2.45 -11.46 4.73
C VAL D 66 3.57 -12.50 4.70
N TRP D 67 3.43 -13.50 3.84
CA TRP D 67 4.44 -14.55 3.73
C TRP D 67 5.40 -14.35 2.57
N GLY D 68 5.05 -13.49 1.60
CA GLY D 68 5.89 -13.35 0.42
C GLY D 68 7.32 -13.01 0.76
N ILE D 69 7.53 -11.94 1.53
CA ILE D 69 8.86 -11.57 1.96
C ILE D 69 9.48 -12.69 2.80
N LYS D 70 8.64 -13.38 3.58
CA LYS D 70 9.15 -14.38 4.50
C LYS D 70 9.74 -15.57 3.76
N GLN D 71 9.02 -16.08 2.76
CA GLN D 71 9.52 -17.20 1.98
C GLN D 71 10.85 -16.86 1.33
N LEU D 72 10.96 -15.66 0.76
CA LEU D 72 12.20 -15.26 0.13
C LEU D 72 13.34 -15.22 1.14
N GLN D 73 13.10 -14.59 2.29
CA GLN D 73 14.12 -14.56 3.32
C GLN D 73 14.60 -15.97 3.68
N ALA D 74 13.65 -16.88 3.88
CA ALA D 74 14.01 -18.24 4.28
C ALA D 74 14.83 -18.92 3.20
N ARG D 75 14.36 -18.88 1.96
CA ARG D 75 15.07 -19.57 0.87
C ARG D 75 16.47 -19.01 0.69
N VAL D 76 16.61 -17.68 0.72
CA VAL D 76 17.92 -17.08 0.54
C VAL D 76 18.84 -17.45 1.70
N LEU D 77 18.29 -17.48 2.93
CA LEU D 77 19.08 -17.91 4.08
C LEU D 77 19.58 -19.33 3.89
N ALA D 78 18.71 -20.22 3.41
CA ALA D 78 19.12 -21.60 3.16
C ALA D 78 20.28 -21.63 2.17
N VAL D 79 20.13 -20.94 1.06
CA VAL D 79 21.21 -20.88 0.06
C VAL D 79 22.49 -20.36 0.70
N GLU D 80 22.37 -19.32 1.51
CA GLU D 80 23.57 -18.73 2.12
C GLU D 80 24.28 -19.71 3.00
N ARG D 81 23.54 -20.41 3.86
CA ARG D 81 24.19 -21.36 4.76
C ARG D 81 24.84 -22.50 3.98
N TYR D 82 24.11 -23.05 3.01
CA TYR D 82 24.66 -24.15 2.24
C TYR D 82 25.93 -23.73 1.52
N LEU D 83 25.91 -22.54 0.91
CA LEU D 83 27.10 -22.09 0.20
C LEU D 83 28.24 -21.76 1.15
N ARG D 84 27.93 -21.29 2.35
CA ARG D 84 28.98 -21.08 3.34
C ARG D 84 29.69 -22.40 3.63
N ASP D 85 28.92 -23.47 3.84
CA ASP D 85 29.54 -24.76 4.08
C ASP D 85 30.34 -25.22 2.87
N GLN D 86 29.78 -25.04 1.67
CA GLN D 86 30.50 -25.44 0.47
C GLN D 86 31.81 -24.68 0.34
N GLN D 87 31.82 -23.41 0.74
CA GLN D 87 33.03 -22.61 0.67
C GLN D 87 34.05 -23.06 1.71
N LEU D 88 33.56 -23.41 2.91
CA LEU D 88 34.47 -23.96 3.91
C LEU D 88 35.13 -25.23 3.40
N LEU D 89 34.38 -26.05 2.67
CA LEU D 89 35.02 -27.18 1.99
C LEU D 89 36.02 -26.71 0.96
N GLY D 90 35.57 -25.88 0.01
CA GLY D 90 36.45 -25.40 -1.04
C GLY D 90 37.79 -24.90 -0.52
N ILE D 91 37.77 -24.24 0.64
CA ILE D 91 39.05 -23.85 1.20
C ILE D 91 39.73 -25.04 1.88
N TRP D 92 38.96 -25.92 2.50
CA TRP D 92 39.54 -27.11 3.12
C TRP D 92 39.86 -28.21 2.12
N GLY D 93 39.56 -28.01 0.85
CA GLY D 93 39.57 -29.16 -0.02
C GLY D 93 38.37 -30.02 0.33
N CYS D 94 38.46 -31.30 -0.01
CA CYS D 94 37.41 -32.25 0.30
C CYS D 94 36.06 -31.83 -0.28
N SER D 95 36.07 -31.21 -1.45
CA SER D 95 34.85 -30.58 -1.98
C SER D 95 33.71 -31.57 -2.13
N GLY D 96 33.94 -32.66 -2.83
CA GLY D 96 32.90 -33.62 -3.12
C GLY D 96 32.93 -34.88 -2.28
N LYS D 97 33.51 -34.84 -1.10
CA LYS D 97 33.64 -36.02 -0.25
C LYS D 97 33.04 -35.73 1.12
N LEU D 98 31.99 -36.45 1.48
CA LEU D 98 31.39 -36.30 2.80
C LEU D 98 32.37 -36.72 3.89
N ILE D 99 33.29 -37.61 3.57
CA ILE D 99 34.41 -37.93 4.45
C ILE D 99 35.70 -37.62 3.71
N CYS D 100 36.61 -36.95 4.39
CA CYS D 100 37.93 -36.73 3.82
C CYS D 100 38.93 -36.70 4.97
N CYS D 101 40.07 -37.35 4.75
CA CYS D 101 41.11 -37.43 5.76
C CYS D 101 42.36 -36.75 5.22
N THR D 102 43.01 -35.94 6.03
CA THR D 102 44.05 -35.05 5.55
C THR D 102 45.10 -34.86 6.62
N ASN D 103 46.23 -34.26 6.22
CA ASN D 103 47.38 -34.09 7.09
C ASN D 103 47.18 -32.90 8.02
N VAL D 104 46.53 -33.17 9.15
CA VAL D 104 46.47 -32.24 10.27
C VAL D 104 46.63 -33.09 11.53
N PRO D 105 47.68 -32.92 12.31
CA PRO D 105 47.81 -33.68 13.56
C PRO D 105 46.80 -33.18 14.59
N TRP D 106 46.36 -34.09 15.45
CA TRP D 106 45.36 -33.74 16.44
C TRP D 106 46.02 -33.36 17.75
N ASN D 107 45.48 -32.33 18.39
CA ASN D 107 45.99 -31.93 19.69
C ASN D 107 45.40 -32.76 20.82
N SER D 108 46.28 -33.27 21.66
CA SER D 108 45.89 -33.94 22.89
C SER D 108 45.30 -33.00 23.93
N SER D 109 45.60 -31.70 23.82
CA SER D 109 45.07 -30.70 24.74
C SER D 109 43.60 -30.38 24.50
N TRP D 110 43.14 -30.52 23.26
CA TRP D 110 41.71 -30.37 23.00
C TRP D 110 40.90 -31.40 23.75
N SER D 111 41.38 -32.65 23.77
CA SER D 111 40.76 -33.71 24.54
C SER D 111 41.79 -34.80 24.77
N ASN D 112 41.62 -35.52 25.88
CA ASN D 112 42.51 -36.60 26.26
C ASN D 112 41.90 -37.97 26.01
N ARG D 113 40.68 -38.01 25.50
CA ARG D 113 39.93 -39.25 25.45
C ARG D 113 40.47 -40.18 24.38
N ASN D 114 40.24 -41.47 24.58
CA ASN D 114 40.63 -42.49 23.63
C ASN D 114 39.67 -42.51 22.46
N LEU D 115 40.23 -42.86 21.30
CA LEU D 115 39.43 -43.08 20.10
C LEU D 115 38.33 -44.08 20.35
N SER D 116 38.68 -45.20 21.00
CA SER D 116 37.68 -46.19 21.35
C SER D 116 36.56 -45.56 22.18
N GLU D 117 36.93 -44.78 23.18
CA GLU D 117 35.93 -44.15 24.04
C GLU D 117 35.10 -43.13 23.27
N ILE D 118 35.70 -42.44 22.30
CA ILE D 118 34.99 -41.36 21.63
C ILE D 118 34.04 -41.92 20.57
N TRP D 119 34.46 -42.98 19.88
CA TRP D 119 33.66 -43.58 18.83
C TRP D 119 32.74 -44.68 19.34
N ASP D 120 32.89 -45.11 20.59
CA ASP D 120 32.16 -46.28 21.05
C ASP D 120 30.80 -45.91 21.64
N ASN D 121 30.78 -44.99 22.60
CA ASN D 121 29.58 -44.75 23.39
C ASN D 121 29.35 -43.26 23.60
N MET D 122 29.38 -42.48 22.52
CA MET D 122 29.08 -41.06 22.65
C MET D 122 28.29 -40.58 21.44
N THR D 123 27.43 -39.61 21.65
CA THR D 123 26.71 -38.97 20.57
C THR D 123 27.42 -37.71 20.13
N TRP D 124 27.30 -37.41 18.83
CA TRP D 124 27.91 -36.21 18.27
C TRP D 124 27.46 -34.96 19.02
N LEU D 125 26.25 -34.99 19.57
CA LEU D 125 25.79 -33.87 20.40
C LEU D 125 26.77 -33.56 21.51
N GLN D 126 27.19 -34.58 22.26
CA GLN D 126 28.11 -34.37 23.36
C GLN D 126 29.48 -33.98 22.85
N TRP D 127 29.95 -34.66 21.80
CA TRP D 127 31.26 -34.37 21.23
C TRP D 127 31.38 -32.91 20.83
N ASP D 128 30.39 -32.40 20.11
CA ASP D 128 30.37 -31.00 19.71
C ASP D 128 30.48 -30.09 20.91
N LYS D 129 29.77 -30.44 21.99
CA LYS D 129 29.83 -29.62 23.20
C LYS D 129 31.25 -29.51 23.72
N GLU D 130 31.98 -30.62 23.76
CA GLU D 130 33.34 -30.59 24.27
C GLU D 130 34.27 -29.83 23.33
N ILE D 131 34.06 -29.96 22.02
CA ILE D 131 35.07 -29.41 21.10
C ILE D 131 34.80 -27.95 20.75
N SER D 132 33.59 -27.45 21.07
CA SER D 132 33.17 -26.11 20.69
C SER D 132 34.24 -25.04 20.88
N ASN D 133 35.02 -25.13 21.96
CA ASN D 133 35.97 -24.05 22.25
C ASN D 133 37.12 -24.04 21.25
N TYR D 134 37.68 -25.20 20.94
CA TYR D 134 38.77 -25.27 20.00
C TYR D 134 38.32 -25.37 18.55
N THR D 135 37.00 -25.44 18.32
CA THR D 135 36.49 -25.53 16.95
C THR D 135 37.04 -24.42 16.05
N GLN D 136 37.05 -23.18 16.53
CA GLN D 136 37.49 -22.08 15.68
C GLN D 136 38.97 -22.20 15.34
N ILE D 137 39.80 -22.53 16.33
CA ILE D 137 41.23 -22.71 16.08
C ILE D 137 41.44 -23.85 15.10
N ILE D 138 40.69 -24.93 15.27
CA ILE D 138 40.81 -26.05 14.34
C ILE D 138 40.47 -25.60 12.93
N TYR D 139 39.41 -24.80 12.79
CA TYR D 139 39.04 -24.31 11.47
C TYR D 139 40.13 -23.45 10.87
N GLY D 140 40.73 -22.58 11.69
CA GLY D 140 41.78 -21.70 11.20
C GLY D 140 42.97 -22.49 10.72
N LEU D 141 43.40 -23.47 11.51
CA LEU D 141 44.54 -24.28 11.10
C LEU D 141 44.23 -25.07 9.83
N LEU D 142 43.10 -25.78 9.83
CA LEU D 142 42.72 -26.60 8.69
C LEU D 142 42.53 -25.78 7.43
N GLU D 143 42.24 -24.49 7.54
CA GLU D 143 41.87 -23.76 6.34
C GLU D 143 43.06 -23.44 5.46
N GLU D 144 44.21 -23.14 6.04
CA GLU D 144 45.36 -22.75 5.24
C GLU D 144 46.53 -23.70 5.39
N SER D 145 46.95 -23.97 6.63
CA SER D 145 48.12 -24.81 6.86
C SER D 145 47.98 -26.15 6.16
N GLN D 146 46.77 -26.68 6.08
CA GLN D 146 46.56 -27.95 5.39
C GLN D 146 46.51 -27.74 3.88
N ASN D 147 45.52 -27.00 3.40
CA ASN D 147 45.19 -26.99 1.99
C ASN D 147 45.99 -25.99 1.18
N GLN D 148 46.31 -24.82 1.74
CA GLN D 148 47.01 -23.81 0.99
C GLN D 148 48.51 -24.10 0.88
N GLN D 149 49.12 -24.56 1.96
CA GLN D 149 50.46 -25.13 1.85
C GLN D 149 50.48 -26.24 0.82
N GLU D 150 49.44 -27.09 0.82
CA GLU D 150 49.33 -28.13 -0.19
C GLU D 150 49.36 -27.54 -1.59
N LYS D 151 48.52 -26.56 -1.86
CA LYS D 151 48.46 -25.97 -3.20
C LYS D 151 49.81 -25.39 -3.60
N ASN D 152 50.42 -24.61 -2.71
CA ASN D 152 51.71 -23.99 -3.03
C ASN D 152 52.76 -25.04 -3.33
N GLU D 153 52.97 -25.98 -2.41
CA GLU D 153 54.00 -26.98 -2.59
C GLU D 153 53.69 -27.87 -3.78
N GLN D 154 52.41 -28.08 -4.09
CA GLN D 154 52.03 -28.93 -5.20
C GLN D 154 52.38 -28.29 -6.52
N ASP D 155 52.03 -27.02 -6.70
CA ASP D 155 52.43 -26.35 -7.93
C ASP D 155 53.94 -26.22 -8.01
N LEU D 156 54.61 -26.05 -6.87
CA LEU D 156 56.06 -26.05 -6.85
C LEU D 156 56.63 -27.37 -7.36
N LEU D 157 56.01 -28.49 -6.97
CA LEU D 157 56.47 -29.79 -7.45
C LEU D 157 56.42 -29.86 -8.97
N ALA D 158 55.32 -29.42 -9.56
CA ALA D 158 55.19 -29.36 -11.01
C ALA D 158 55.93 -28.18 -11.61
N LEU D 159 56.50 -27.31 -10.77
CA LEU D 159 57.14 -26.10 -11.26
C LEU D 159 58.50 -26.42 -11.87
N ASP D 160 58.93 -25.56 -12.78
CA ASP D 160 60.24 -25.69 -13.41
C ASP D 160 61.27 -24.87 -12.64
N GLU E 26 61.51 -22.46 -22.20
CA GLU E 26 60.89 -21.79 -23.33
C GLU E 26 59.44 -22.19 -23.49
N ASN E 27 58.88 -22.75 -22.43
CA ASN E 27 57.49 -23.20 -22.41
C ASN E 27 56.69 -22.23 -21.56
N LEU E 28 55.63 -21.69 -22.15
CA LEU E 28 54.77 -20.72 -21.48
C LEU E 28 53.33 -21.16 -21.73
N TRP E 29 52.70 -21.71 -20.71
CA TRP E 29 51.34 -22.20 -20.79
C TRP E 29 50.39 -21.28 -20.05
N VAL E 30 49.11 -21.36 -20.42
CA VAL E 30 48.08 -20.57 -19.78
C VAL E 30 47.88 -21.04 -18.35
N THR E 31 47.64 -20.10 -17.44
CA THR E 31 47.13 -20.40 -16.13
C THR E 31 46.09 -19.38 -15.72
N VAL E 32 45.19 -19.83 -14.85
CA VAL E 32 44.08 -19.04 -14.33
C VAL E 32 44.23 -18.95 -12.82
N TYR E 33 43.90 -17.79 -12.27
CA TYR E 33 43.85 -17.60 -10.84
C TYR E 33 42.48 -17.05 -10.43
N TYR E 34 42.02 -17.49 -9.27
CA TYR E 34 40.76 -17.08 -8.70
C TYR E 34 41.04 -16.49 -7.33
N GLY E 35 40.48 -15.32 -7.07
CA GLY E 35 40.77 -14.57 -5.87
C GLY E 35 41.73 -13.42 -6.07
N VAL E 36 41.95 -13.00 -7.30
CA VAL E 36 42.93 -11.95 -7.59
C VAL E 36 42.45 -10.64 -6.97
N PRO E 37 43.31 -9.88 -6.32
CA PRO E 37 42.91 -8.57 -5.80
C PRO E 37 42.84 -7.54 -6.92
N VAL E 38 41.73 -7.57 -7.67
CA VAL E 38 41.53 -6.67 -8.78
C VAL E 38 40.11 -6.15 -8.75
N TRP E 39 39.95 -4.86 -9.09
CA TRP E 39 38.65 -4.21 -9.00
C TRP E 39 38.46 -3.26 -10.17
N LYS E 40 37.22 -2.80 -10.33
CA LYS E 40 36.85 -1.80 -11.32
C LYS E 40 35.81 -0.85 -10.75
N GLU E 41 35.81 0.38 -11.27
CA GLU E 41 34.75 1.32 -10.93
C GLU E 41 33.42 0.81 -11.49
N ALA E 42 32.36 0.96 -10.70
CA ALA E 42 31.08 0.39 -11.09
C ALA E 42 29.97 1.05 -10.30
N LYS E 43 28.79 1.08 -10.90
CA LYS E 43 27.59 1.61 -10.25
C LYS E 43 26.87 0.49 -9.54
N THR E 44 26.39 0.76 -8.34
CA THR E 44 25.71 -0.26 -7.54
C THR E 44 24.87 0.41 -6.47
N THR E 45 24.34 -0.41 -5.57
CA THR E 45 23.50 0.05 -4.46
C THR E 45 24.24 -0.16 -3.15
N LEU E 46 24.27 0.88 -2.33
CA LEU E 46 24.86 0.83 -1.00
C LEU E 46 23.75 0.67 0.03
N PHE E 47 24.11 0.23 1.23
CA PHE E 47 23.11 -0.09 2.25
C PHE E 47 23.40 0.64 3.55
N CYS E 48 22.32 1.05 4.22
CA CYS E 48 22.42 1.79 5.45
C CYS E 48 22.83 0.87 6.60
N ALA E 49 23.49 1.47 7.59
CA ALA E 49 23.88 0.81 8.83
C ALA E 49 23.81 1.85 9.95
N SER E 50 23.47 1.38 11.14
CA SER E 50 23.03 2.30 12.19
C SER E 50 23.84 2.09 13.45
N ASP E 51 23.55 2.91 14.46
CA ASP E 51 24.18 2.82 15.76
C ASP E 51 23.41 1.85 16.65
N ALA E 52 24.04 1.45 17.75
CA ALA E 52 23.48 0.41 18.60
C ALA E 52 22.16 0.83 19.24
N LYS E 53 22.03 2.09 19.65
CA LYS E 53 20.84 2.55 20.34
C LYS E 53 19.69 2.65 19.36
N ALA E 54 18.54 2.09 19.74
CA ALA E 54 17.38 2.06 18.86
C ALA E 54 16.48 3.27 19.10
N TYR E 55 15.66 3.58 18.09
CA TYR E 55 14.68 4.66 18.22
C TYR E 55 13.63 4.31 19.27
N GLU E 56 13.18 3.05 19.27
CA GLU E 56 12.28 2.51 20.30
C GLU E 56 10.94 3.23 20.33
N LYS E 57 10.46 3.68 19.17
CA LYS E 57 9.15 4.29 19.06
C LYS E 57 8.21 3.55 18.11
N LYS E 58 8.64 2.43 17.53
CA LYS E 58 7.82 1.59 16.67
C LYS E 58 7.23 2.37 15.49
N VAL E 59 8.00 3.31 14.97
CA VAL E 59 7.60 4.11 13.81
C VAL E 59 8.17 3.46 12.56
N HIS E 60 7.39 3.48 11.47
CA HIS E 60 7.82 2.83 10.24
C HIS E 60 9.06 3.47 9.63
N ASN E 61 9.20 4.80 9.73
CA ASN E 61 10.15 5.49 8.88
C ASN E 61 11.50 5.74 9.57
N VAL E 62 11.59 5.52 10.87
CA VAL E 62 12.84 5.61 11.61
C VAL E 62 13.20 4.30 12.29
N TRP E 63 12.27 3.77 13.10
CA TRP E 63 12.54 2.53 13.81
C TRP E 63 12.64 1.35 12.85
N ALA E 64 11.62 1.16 12.03
CA ALA E 64 11.61 0.11 11.03
C ALA E 64 12.48 0.44 9.82
N THR E 65 13.18 1.57 9.86
CA THR E 65 14.08 1.98 8.78
C THR E 65 15.51 2.18 9.23
N HIS E 66 15.73 2.55 10.50
CA HIS E 66 17.08 2.74 11.00
C HIS E 66 17.34 1.88 12.23
N ALA E 67 16.36 1.77 13.13
CA ALA E 67 16.55 1.03 14.35
C ALA E 67 16.46 -0.48 14.16
N CYS E 68 15.97 -0.94 13.02
CA CYS E 68 15.93 -2.36 12.70
C CYS E 68 17.05 -2.77 11.75
N VAL E 69 17.98 -1.87 11.48
CA VAL E 69 19.10 -2.12 10.57
C VAL E 69 20.27 -2.62 11.39
N PRO E 70 21.03 -3.61 10.91
CA PRO E 70 22.19 -4.10 11.64
C PRO E 70 23.10 -2.98 12.12
N THR E 71 23.53 -3.07 13.37
CA THR E 71 24.12 -1.95 14.08
C THR E 71 25.61 -2.17 14.32
N ASP E 72 26.28 -1.06 14.64
CA ASP E 72 27.69 -1.04 15.00
C ASP E 72 28.58 -1.86 14.05
N PRO E 73 28.70 -1.45 12.80
CA PRO E 73 29.73 -2.04 11.93
C PRO E 73 31.11 -1.56 12.37
N ASN E 74 32.07 -2.47 12.35
CA ASN E 74 33.41 -2.17 12.84
C ASN E 74 34.27 -1.72 11.68
N PRO E 75 34.70 -0.46 11.63
CA PRO E 75 35.55 0.01 10.53
C PRO E 75 37.01 -0.39 10.72
N GLN E 76 37.26 -1.68 10.65
CA GLN E 76 38.63 -2.21 10.73
C GLN E 76 39.32 -1.91 9.41
N GLU E 77 39.65 -0.64 9.21
CA GLU E 77 40.22 -0.20 7.95
C GLU E 77 41.55 -0.90 7.68
N MET E 78 41.82 -1.15 6.41
CA MET E 78 43.10 -1.71 5.99
C MET E 78 43.79 -0.72 5.07
N VAL E 79 45.01 -0.36 5.42
CA VAL E 79 45.80 0.57 4.60
C VAL E 79 46.50 -0.24 3.52
N LEU E 80 46.73 0.38 2.37
CA LEU E 80 47.27 -0.31 1.22
C LEU E 80 48.61 0.26 0.79
N LYS E 81 49.63 -0.58 0.74
CA LYS E 81 50.97 -0.18 0.35
C LYS E 81 51.08 -0.11 -1.17
N ASN E 82 51.66 0.99 -1.67
CA ASN E 82 52.02 1.16 -3.09
C ASN E 82 50.80 1.25 -4.00
N VAL E 83 49.71 1.78 -3.51
CA VAL E 83 48.46 1.82 -4.25
C VAL E 83 48.15 3.25 -4.63
N THR E 84 47.67 3.44 -5.85
CA THR E 84 47.22 4.75 -6.32
C THR E 84 45.82 4.61 -6.90
N GLU E 85 44.97 5.57 -6.61
CA GLU E 85 43.62 5.55 -7.15
C GLU E 85 43.11 6.98 -7.30
N ASN E 86 42.32 7.19 -8.35
CA ASN E 86 41.73 8.49 -8.64
C ASN E 86 40.38 8.59 -7.93
N PHE E 87 40.09 9.77 -7.39
CA PHE E 87 38.84 10.02 -6.69
C PHE E 87 38.21 11.29 -7.24
N ASN E 88 37.02 11.16 -7.80
CA ASN E 88 36.25 12.29 -8.31
C ASN E 88 35.08 12.52 -7.37
N MET E 89 35.18 13.58 -6.56
CA MET E 89 34.08 13.91 -5.68
C MET E 89 32.96 14.66 -6.38
N TRP E 90 33.26 15.33 -7.49
CA TRP E 90 32.22 16.03 -8.22
C TRP E 90 31.33 15.07 -8.98
N LYS E 91 31.90 13.99 -9.50
CA LYS E 91 31.14 12.95 -10.16
C LYS E 91 31.35 11.65 -9.41
N ASN E 92 30.32 11.20 -8.72
CA ASN E 92 30.31 9.89 -8.07
C ASN E 92 28.90 9.37 -8.09
N ASP E 93 28.71 8.18 -7.54
CA ASP E 93 27.49 7.44 -7.76
C ASP E 93 26.66 7.25 -6.50
N MET E 94 27.11 7.76 -5.36
CA MET E 94 26.45 7.49 -4.10
C MET E 94 25.70 8.67 -3.52
N VAL E 95 26.14 9.89 -3.78
CA VAL E 95 25.43 11.07 -3.28
C VAL E 95 23.96 11.02 -3.69
N ASP E 96 23.69 10.58 -4.92
CA ASP E 96 22.33 10.47 -5.36
C ASP E 96 21.54 9.56 -4.45
N GLN E 97 22.10 8.41 -4.08
CA GLN E 97 21.41 7.52 -3.16
C GLN E 97 21.10 8.23 -1.85
N MET E 98 21.97 9.13 -1.42
CA MET E 98 21.76 9.77 -0.12
C MET E 98 20.59 10.74 -0.19
N HIS E 99 20.60 11.60 -1.22
CA HIS E 99 19.43 12.38 -1.60
C HIS E 99 18.18 11.50 -1.63
N GLU E 100 18.33 10.31 -2.21
CA GLU E 100 17.24 9.38 -2.44
C GLU E 100 16.64 8.94 -1.10
N ASP E 101 17.51 8.56 -0.17
CA ASP E 101 17.07 8.08 1.14
C ASP E 101 16.40 9.18 1.93
N VAL E 102 16.98 10.37 1.94
CA VAL E 102 16.35 11.45 2.69
C VAL E 102 14.95 11.70 2.17
N ILE E 103 14.79 11.75 0.85
CA ILE E 103 13.46 11.97 0.29
C ILE E 103 12.51 10.86 0.72
N SER E 104 12.97 9.61 0.63
CA SER E 104 12.11 8.49 1.00
C SER E 104 11.66 8.60 2.44
N LEU E 105 12.60 8.88 3.35
CA LEU E 105 12.26 8.98 4.76
C LEU E 105 11.24 10.09 5.00
N TRP E 106 11.50 11.27 4.43
CA TRP E 106 10.60 12.39 4.70
C TRP E 106 9.22 12.14 4.13
N ASP E 107 9.13 11.40 3.03
CA ASP E 107 7.83 11.02 2.53
C ASP E 107 7.14 10.07 3.49
N GLN E 108 7.85 9.01 3.91
CA GLN E 108 7.25 8.02 4.78
C GLN E 108 6.82 8.60 6.11
N SER E 109 7.52 9.66 6.56
CA SER E 109 7.24 10.25 7.86
C SER E 109 5.79 10.69 8.00
N LEU E 110 5.23 11.27 6.94
CA LEU E 110 3.88 11.83 7.01
C LEU E 110 2.81 10.85 6.58
N LYS E 111 3.17 9.61 6.22
CA LYS E 111 2.16 8.66 5.78
C LYS E 111 1.01 8.47 6.78
N PRO E 112 1.24 8.29 8.08
CA PRO E 112 0.13 7.90 8.97
C PRO E 112 -0.55 9.04 9.72
N CYS E 113 -0.05 10.28 9.65
CA CYS E 113 -0.61 11.31 10.51
C CYS E 113 -1.47 12.29 9.72
N VAL E 114 -2.21 13.12 10.46
CA VAL E 114 -3.47 13.68 9.97
C VAL E 114 -3.23 14.73 8.90
N LYS E 115 -4.15 14.79 7.94
CA LYS E 115 -4.22 15.85 6.94
C LYS E 115 -5.07 16.99 7.45
N LEU E 116 -4.71 18.21 7.03
CA LEU E 116 -5.37 19.42 7.51
C LEU E 116 -6.39 19.96 6.52
N THR E 117 -6.83 19.14 5.58
CA THR E 117 -7.79 19.58 4.57
C THR E 117 -9.00 20.29 5.15
N PRO E 118 -9.68 19.77 6.18
CA PRO E 118 -10.83 20.50 6.73
C PRO E 118 -10.49 21.87 7.26
N LEU E 119 -9.20 22.20 7.38
CA LEU E 119 -8.80 23.46 8.00
C LEU E 119 -8.66 24.62 7.03
N CYS E 120 -8.21 24.41 5.79
CA CYS E 120 -7.94 25.60 4.97
C CYS E 120 -9.31 26.16 4.62
N VAL E 121 -9.75 27.07 5.46
CA VAL E 121 -11.04 27.69 5.28
C VAL E 121 -10.83 29.19 5.40
N THR E 122 -11.90 29.93 5.09
CA THR E 122 -11.89 31.37 5.28
C THR E 122 -11.47 31.69 6.70
N LEU E 123 -10.43 32.51 6.84
CA LEU E 123 -9.91 32.88 8.14
C LEU E 123 -10.25 34.33 8.44
N ASN E 124 -10.87 34.55 9.61
CA ASN E 124 -11.14 35.89 10.11
C ASN E 124 -10.16 36.13 11.25
N CYS E 125 -9.17 36.98 11.01
CA CYS E 125 -8.10 37.18 11.96
C CYS E 125 -7.80 38.67 12.07
N THR E 126 -8.05 39.24 13.24
CA THR E 126 -7.57 40.58 13.56
C THR E 126 -6.16 40.48 14.10
N ASN E 127 -5.51 41.62 14.26
CA ASN E 127 -4.16 41.67 14.78
C ASN E 127 -4.17 42.27 16.18
N ALA E 128 -3.86 41.44 17.16
CA ALA E 128 -3.70 41.84 18.56
C ALA E 128 -2.59 40.98 19.13
N THR E 129 -2.44 41.01 20.45
CA THR E 129 -1.51 40.09 21.10
C THR E 129 -1.77 40.12 22.60
N ALA E 130 -0.79 39.63 23.35
CA ALA E 130 -0.69 39.70 24.79
C ALA E 130 -0.43 41.15 25.22
N SER E 131 -0.08 41.33 26.50
CA SER E 131 -0.42 42.52 27.28
C SER E 131 -0.58 43.78 26.43
N ASN E 132 0.35 44.06 25.53
CA ASN E 132 0.25 45.22 24.64
C ASN E 132 0.52 44.80 23.19
N SER E 133 -0.51 44.96 22.36
CA SER E 133 -0.67 44.41 21.02
C SER E 133 0.55 44.37 20.10
N SER E 134 1.37 45.43 20.09
CA SER E 134 2.19 45.85 18.95
C SER E 134 2.74 44.67 18.17
N ILE E 135 3.42 43.70 18.80
CA ILE E 135 3.94 42.55 18.07
C ILE E 135 2.82 41.54 17.85
N ILE E 136 2.68 41.04 16.62
CA ILE E 136 1.72 39.97 16.44
C ILE E 136 2.40 38.74 15.82
N GLU E 137 2.96 38.81 14.60
CA GLU E 137 2.91 39.93 13.66
C GLU E 137 1.67 39.79 12.77
N GLY E 138 1.10 38.59 12.76
CA GLY E 138 -0.22 38.37 12.20
C GLY E 138 -1.03 37.37 13.00
N MET E 139 -0.39 36.79 14.01
CA MET E 139 -0.86 35.62 14.74
C MET E 139 -2.24 35.71 15.39
N LYS E 140 -2.46 36.70 16.25
CA LYS E 140 -3.44 36.57 17.34
C LYS E 140 -4.86 36.38 16.83
N ASN E 141 -5.58 35.46 17.48
CA ASN E 141 -7.03 35.28 17.36
C ASN E 141 -7.47 35.24 15.89
N CYS E 142 -6.81 34.38 15.15
CA CYS E 142 -7.27 33.97 13.82
C CYS E 142 -8.40 32.98 14.03
N SER E 143 -9.61 33.38 13.68
CA SER E 143 -10.81 32.60 13.95
C SER E 143 -11.21 31.80 12.72
N PHE E 144 -11.95 30.71 12.97
CA PHE E 144 -12.36 29.82 11.90
C PHE E 144 -13.47 28.91 12.41
N ASN E 145 -14.28 28.45 11.46
CA ASN E 145 -15.36 27.51 11.72
C ASN E 145 -14.83 26.10 11.53
N ILE E 146 -15.08 25.22 12.51
CA ILE E 146 -14.69 23.83 12.41
C ILE E 146 -15.87 22.96 12.81
N THR E 147 -16.20 21.99 11.98
CA THR E 147 -17.30 21.08 12.26
C THR E 147 -16.74 19.81 12.88
N THR E 148 -17.10 19.56 14.14
CA THR E 148 -16.52 18.49 14.94
C THR E 148 -17.40 18.23 16.16
N GLU E 149 -17.68 16.98 16.50
CA GLU E 149 -17.19 15.80 15.78
C GLU E 149 -18.36 15.02 15.24
N LEU E 150 -19.55 15.57 15.44
CA LEU E 150 -20.79 14.99 14.97
C LEU E 150 -21.15 15.51 13.58
N ARG E 151 -20.24 16.24 12.95
CA ARG E 151 -20.37 16.72 11.58
C ARG E 151 -21.64 17.57 11.39
N ASP E 152 -22.27 17.94 12.50
CA ASP E 152 -23.38 18.88 12.43
C ASP E 152 -23.16 20.07 13.36
N LYS E 153 -22.53 19.84 14.51
CA LYS E 153 -22.29 20.90 15.48
C LYS E 153 -20.94 21.54 15.19
N ARG E 154 -20.95 22.52 14.29
CA ARG E 154 -19.73 23.27 14.04
C ARG E 154 -19.59 24.40 15.05
N GLU E 155 -18.34 24.69 15.41
CA GLU E 155 -18.02 25.67 16.43
C GLU E 155 -17.03 26.69 15.88
N LYS E 156 -17.05 27.85 16.49
CA LYS E 156 -16.12 28.93 16.20
C LYS E 156 -14.91 28.81 17.12
N LYS E 157 -13.74 28.60 16.54
CA LYS E 157 -12.51 28.51 17.31
C LYS E 157 -11.53 29.57 16.82
N ASN E 158 -10.45 29.76 17.56
CA ASN E 158 -9.42 30.69 17.14
C ASN E 158 -8.07 30.18 17.61
N ALA E 159 -7.04 30.63 16.91
CA ALA E 159 -5.67 30.24 17.21
C ALA E 159 -4.74 31.23 16.52
N LEU E 160 -3.45 31.11 16.82
CA LEU E 160 -2.45 32.04 16.33
C LEU E 160 -1.57 31.34 15.32
N PHE E 161 -1.28 32.01 14.21
CA PHE E 161 -0.35 31.51 13.21
C PHE E 161 0.65 32.61 12.89
N TYR E 162 1.94 32.25 12.86
CA TYR E 162 2.95 33.23 12.52
C TYR E 162 2.65 33.89 11.18
N LYS E 163 2.70 35.21 11.18
CA LYS E 163 2.17 36.01 10.07
C LYS E 163 2.66 35.52 8.72
N LEU E 164 3.93 35.16 8.62
CA LEU E 164 4.49 34.79 7.34
C LEU E 164 3.84 33.54 6.76
N ASP E 165 3.05 32.82 7.57
CA ASP E 165 2.31 31.65 7.10
C ASP E 165 0.92 31.98 6.61
N ILE E 166 0.48 33.23 6.72
CA ILE E 166 -0.88 33.64 6.39
C ILE E 166 -0.83 34.52 5.16
N VAL E 167 -1.81 34.35 4.27
CA VAL E 167 -1.93 35.24 3.12
C VAL E 167 -3.26 35.97 3.22
N GLN E 168 -3.31 37.14 2.61
CA GLN E 168 -4.57 37.85 2.51
C GLN E 168 -5.43 37.24 1.41
N LEU E 169 -6.69 36.98 1.72
CA LEU E 169 -7.60 36.40 0.75
C LEU E 169 -7.84 37.34 -0.42
N ASP E 170 -8.16 36.75 -1.56
CA ASP E 170 -8.30 37.48 -2.82
C ASP E 170 -9.62 38.25 -2.80
N GLY E 171 -9.72 39.20 -1.88
CA GLY E 171 -10.97 39.91 -1.68
C GLY E 171 -10.87 40.87 -0.53
N ASN E 172 -11.78 40.82 0.42
CA ASN E 172 -11.69 41.75 1.56
C ASN E 172 -10.57 41.44 2.52
N SER E 173 -9.89 42.53 2.89
CA SER E 173 -8.71 42.47 3.70
C SER E 173 -8.94 41.84 5.07
N SER E 174 -10.18 41.79 5.55
CA SER E 174 -10.46 41.09 6.81
C SER E 174 -10.39 39.57 6.67
N GLN E 175 -10.46 39.06 5.45
CA GLN E 175 -10.43 37.63 5.19
C GLN E 175 -8.99 37.22 4.88
N TYR E 176 -8.60 36.06 5.39
CA TYR E 176 -7.28 35.53 5.18
C TYR E 176 -7.37 34.05 4.87
N ARG E 177 -6.28 33.53 4.33
CA ARG E 177 -6.21 32.15 3.90
C ARG E 177 -4.88 31.58 4.31
N LEU E 178 -4.85 30.26 4.49
CA LEU E 178 -3.59 29.57 4.63
C LEU E 178 -2.75 29.80 3.38
N ILE E 179 -1.42 29.76 3.56
CA ILE E 179 -0.53 30.20 2.50
C ILE E 179 -0.63 29.31 1.26
N ASN E 180 -0.83 28.02 1.45
CA ASN E 180 -0.67 27.05 0.38
C ASN E 180 -1.93 26.30 -0.04
N CYS E 181 -3.13 26.72 0.36
CA CYS E 181 -4.12 25.66 0.35
C CYS E 181 -4.90 25.54 -0.95
N ASN E 182 -4.87 26.52 -1.84
CA ASN E 182 -5.48 26.35 -3.17
C ASN E 182 -4.61 25.48 -4.06
N THR E 183 -3.42 25.14 -3.62
CA THR E 183 -2.40 24.62 -4.51
C THR E 183 -1.92 23.25 -4.12
N SER E 184 -1.93 22.90 -2.84
CA SER E 184 -1.29 21.68 -2.42
C SER E 184 -1.95 21.19 -1.15
N VAL E 185 -1.64 19.96 -0.81
CA VAL E 185 -2.14 19.31 0.40
C VAL E 185 -1.16 19.57 1.54
N ILE E 186 -1.70 19.93 2.70
CA ILE E 186 -0.92 20.29 3.86
C ILE E 186 -1.16 19.25 4.94
N THR E 187 -0.08 18.74 5.52
CA THR E 187 -0.16 17.68 6.52
C THR E 187 0.55 18.08 7.81
N GLN E 188 -0.02 17.66 8.94
CA GLN E 188 0.59 17.87 10.24
C GLN E 188 1.59 16.77 10.53
N ALA E 189 2.66 17.14 11.22
CA ALA E 189 3.74 16.23 11.54
C ALA E 189 3.43 15.56 12.86
N CYS E 190 3.74 14.28 12.97
CA CYS E 190 3.21 13.54 14.10
C CYS E 190 4.26 13.44 15.20
N PRO E 191 3.85 13.53 16.47
CA PRO E 191 4.83 13.74 17.56
C PRO E 191 5.88 12.66 17.65
N LYS E 192 5.51 11.40 17.44
CA LYS E 192 6.49 10.34 17.45
C LYS E 192 7.44 10.40 16.25
N VAL E 193 7.09 11.14 15.20
CA VAL E 193 7.87 11.15 13.97
C VAL E 193 8.79 12.36 13.87
N SER E 194 8.85 13.19 14.93
CA SER E 194 9.80 14.29 14.95
C SER E 194 11.20 13.76 14.71
N PHE E 195 11.80 14.16 13.58
CA PHE E 195 13.03 13.55 13.09
C PHE E 195 14.20 14.44 13.44
N ASP E 196 15.10 13.91 14.23
CA ASP E 196 16.37 14.51 14.53
C ASP E 196 17.49 13.73 13.87
N PRO E 197 18.65 14.34 13.65
CA PRO E 197 19.70 13.65 12.89
C PRO E 197 20.15 12.36 13.57
N ILE E 198 20.24 11.31 12.77
CA ILE E 198 20.74 10.01 13.18
C ILE E 198 21.91 9.65 12.28
N PRO E 199 23.11 9.44 12.81
CA PRO E 199 24.26 9.16 11.95
C PRO E 199 24.06 7.86 11.18
N ILE E 200 24.17 7.95 9.85
CA ILE E 200 23.95 6.82 8.97
C ILE E 200 25.31 6.40 8.40
N HIS E 201 25.67 5.16 8.63
CA HIS E 201 26.83 4.53 8.02
C HIS E 201 26.39 3.81 6.76
N TYR E 202 27.34 3.53 5.88
CA TYR E 202 27.01 2.82 4.66
C TYR E 202 27.96 1.66 4.43
N CYS E 203 27.41 0.59 3.89
CA CYS E 203 28.11 -0.66 3.67
C CYS E 203 27.86 -1.13 2.25
N ALA E 204 28.83 -1.79 1.68
CA ALA E 204 28.70 -2.31 0.33
C ALA E 204 28.28 -3.78 0.37
N PRO E 205 27.54 -4.25 -0.62
CA PRO E 205 27.27 -5.68 -0.73
C PRO E 205 28.55 -6.43 -1.11
N ALA E 206 28.46 -7.76 -1.01
CA ALA E 206 29.57 -8.62 -1.36
C ALA E 206 30.02 -8.35 -2.80
N GLY E 207 31.29 -8.60 -3.07
CA GLY E 207 31.88 -8.28 -4.35
C GLY E 207 32.20 -6.82 -4.54
N TYR E 208 31.79 -5.98 -3.61
CA TYR E 208 32.03 -4.55 -3.69
C TYR E 208 32.83 -4.10 -2.47
N ALA E 209 33.60 -3.02 -2.67
CA ALA E 209 34.47 -2.50 -1.62
C ALA E 209 34.45 -0.98 -1.66
N ILE E 210 34.64 -0.40 -0.48
CA ILE E 210 34.65 1.05 -0.30
C ILE E 210 36.08 1.49 0.01
N LEU E 211 36.60 2.38 -0.81
CA LEU E 211 37.96 2.86 -0.71
C LEU E 211 37.97 4.33 -0.32
N LYS E 212 38.87 4.66 0.60
CA LYS E 212 39.10 6.03 1.05
C LYS E 212 40.48 6.45 0.58
N CYS E 213 40.54 7.50 -0.24
CA CYS E 213 41.70 8.36 -0.24
C CYS E 213 41.85 8.93 1.15
N ASN E 214 43.05 8.86 1.70
CA ASN E 214 43.24 9.20 3.10
C ASN E 214 44.20 10.36 3.23
N ASN E 215 44.01 11.37 2.40
CA ASN E 215 44.90 12.51 2.30
C ASN E 215 44.45 13.62 3.24
N LYS E 216 45.40 14.40 3.72
CA LYS E 216 45.08 15.55 4.54
C LYS E 216 44.99 16.84 3.75
N THR E 217 45.32 16.81 2.46
CA THR E 217 45.19 17.98 1.59
C THR E 217 44.48 17.64 0.28
N PHE E 218 43.70 16.57 0.26
CA PHE E 218 42.95 16.21 -0.93
C PHE E 218 41.95 17.31 -1.28
N THR E 219 41.93 17.70 -2.55
CA THR E 219 41.03 18.74 -3.01
C THR E 219 39.79 18.19 -3.69
N GLY E 220 39.71 16.88 -3.87
CA GLY E 220 38.56 16.27 -4.49
C GLY E 220 38.76 15.76 -5.90
N THR E 221 40.00 15.73 -6.40
CA THR E 221 40.25 15.25 -7.74
C THR E 221 41.68 14.74 -7.83
N GLY E 222 41.97 14.04 -8.92
CA GLY E 222 43.31 13.57 -9.19
C GLY E 222 43.64 12.29 -8.46
N PRO E 223 44.87 11.82 -8.62
CA PRO E 223 45.28 10.59 -7.95
C PRO E 223 45.60 10.83 -6.49
N CYS E 224 45.50 9.76 -5.72
CA CYS E 224 45.75 9.82 -4.29
C CYS E 224 46.72 8.70 -3.92
N ASN E 225 47.89 9.08 -3.43
CA ASN E 225 48.94 8.13 -3.09
C ASN E 225 48.70 7.47 -1.75
N ASN E 226 47.47 7.55 -1.24
CA ASN E 226 47.13 7.14 0.11
C ASN E 226 45.73 6.52 0.10
N VAL E 227 45.66 5.20 -0.02
CA VAL E 227 44.39 4.51 -0.14
C VAL E 227 44.26 3.46 0.95
N SER E 228 43.07 3.39 1.54
CA SER E 228 42.71 2.29 2.41
C SER E 228 41.30 1.83 2.05
N THR E 229 40.91 0.71 2.64
CA THR E 229 39.59 0.14 2.39
C THR E 229 38.88 -0.11 3.70
N VAL E 230 37.55 -0.01 3.64
CA VAL E 230 36.71 -0.28 4.80
C VAL E 230 35.51 -1.10 4.38
N GLN E 231 35.02 -1.89 5.32
CA GLN E 231 33.71 -2.50 5.21
C GLN E 231 32.57 -1.54 5.53
N CYS E 232 32.88 -0.39 6.14
CA CYS E 232 31.82 0.51 6.56
C CYS E 232 32.35 1.93 6.65
N THR E 233 31.49 2.88 6.30
CA THR E 233 31.77 4.29 6.42
C THR E 233 31.28 4.80 7.77
N HIS E 234 31.83 5.93 8.21
CA HIS E 234 31.34 6.49 9.46
C HIS E 234 29.95 7.07 9.26
N GLY E 235 29.30 7.37 10.38
CA GLY E 235 27.97 7.96 10.31
C GLY E 235 28.03 9.36 9.73
N ILE E 236 27.06 9.68 8.88
CA ILE E 236 26.91 11.02 8.32
C ILE E 236 25.49 11.47 8.58
N LYS E 237 25.34 12.67 9.12
CA LYS E 237 23.97 12.88 9.54
C LYS E 237 23.18 13.58 8.45
N PRO E 238 21.91 13.20 8.29
CA PRO E 238 21.06 13.82 7.25
C PRO E 238 20.61 15.21 7.66
N VAL E 239 21.56 16.12 7.67
CA VAL E 239 21.30 17.51 8.07
C VAL E 239 20.96 18.32 6.82
N VAL E 240 19.82 19.00 6.86
CA VAL E 240 19.36 19.83 5.75
C VAL E 240 19.79 21.26 6.01
N SER E 241 20.44 21.88 5.02
CA SER E 241 21.05 23.16 5.29
C SER E 241 20.90 24.07 4.09
N THR E 242 21.02 25.37 4.38
CA THR E 242 20.85 26.47 3.45
C THR E 242 22.15 26.96 2.83
N GLN E 243 23.08 27.46 3.65
CA GLN E 243 24.33 28.04 3.17
C GLN E 243 25.49 27.50 3.99
N LEU E 244 25.36 27.62 5.31
CA LEU E 244 26.43 27.23 6.21
C LEU E 244 26.41 25.72 6.41
N LEU E 245 27.56 25.17 6.75
CA LEU E 245 27.68 23.75 7.08
C LEU E 245 27.88 23.59 8.58
N LEU E 246 27.02 22.80 9.21
CA LEU E 246 26.98 22.70 10.66
C LEU E 246 26.91 21.25 11.08
N ASN E 247 27.31 21.00 12.33
CA ASN E 247 27.39 19.64 12.90
C ASN E 247 28.32 18.74 12.10
N GLY E 248 29.18 19.31 11.26
CA GLY E 248 29.98 18.56 10.33
C GLY E 248 31.37 18.25 10.86
N SER E 249 32.10 17.46 10.08
CA SER E 249 33.46 17.11 10.47
C SER E 249 34.42 18.24 10.11
N LEU E 250 35.53 18.29 10.82
CA LEU E 250 36.51 19.34 10.63
C LEU E 250 37.65 18.87 9.75
N ALA E 251 38.20 19.80 8.98
CA ALA E 251 39.37 19.50 8.18
C ALA E 251 40.57 19.25 9.09
N GLU E 252 41.43 18.34 8.67
CA GLU E 252 42.55 17.92 9.51
C GLU E 252 43.65 18.96 9.59
N GLY E 253 43.97 19.61 8.46
CA GLY E 253 45.07 20.55 8.43
C GLY E 253 44.63 22.00 8.39
N GLU E 254 44.73 22.63 7.22
CA GLU E 254 44.27 23.99 7.00
C GLU E 254 42.89 23.95 6.36
N ILE E 255 42.27 25.13 6.25
CA ILE E 255 41.00 25.22 5.55
C ILE E 255 41.22 24.87 4.09
N ILE E 256 40.27 24.12 3.52
CA ILE E 256 40.40 23.57 2.18
C ILE E 256 39.23 24.05 1.34
N ILE E 257 39.53 24.47 0.12
CA ILE E 257 38.54 25.03 -0.78
C ILE E 257 38.40 24.10 -1.98
N ARG E 258 37.17 23.65 -2.23
CA ARG E 258 36.92 22.67 -3.29
C ARG E 258 35.90 23.23 -4.27
N SER E 259 36.24 23.18 -5.56
CA SER E 259 35.36 23.66 -6.62
C SER E 259 35.55 22.79 -7.84
N GLU E 260 34.45 22.56 -8.58
CA GLU E 260 34.55 21.78 -9.80
C GLU E 260 35.34 22.55 -10.86
N ASN E 261 35.08 23.84 -10.98
CA ASN E 261 35.84 24.69 -11.89
C ASN E 261 35.86 26.09 -11.29
N ILE E 262 37.00 26.47 -10.74
CA ILE E 262 37.10 27.76 -10.06
C ILE E 262 36.85 28.91 -11.03
N THR E 263 37.32 28.78 -12.27
CA THR E 263 37.13 29.84 -13.26
C THR E 263 35.73 29.88 -13.83
N ASN E 264 34.94 28.82 -13.68
CA ASN E 264 33.54 28.84 -14.09
C ASN E 264 32.74 29.58 -13.03
N ASN E 265 31.90 30.50 -13.47
CA ASN E 265 31.15 31.35 -12.55
C ASN E 265 29.87 30.67 -12.07
N VAL E 266 29.46 29.55 -12.67
CA VAL E 266 28.22 28.92 -12.23
C VAL E 266 28.47 27.83 -11.19
N LYS E 267 29.71 27.45 -10.95
CA LYS E 267 30.03 26.33 -10.09
C LYS E 267 30.10 26.79 -8.64
N THR E 268 29.42 26.07 -7.75
CA THR E 268 29.43 26.41 -6.34
C THR E 268 30.79 26.10 -5.71
N ILE E 269 31.24 26.99 -4.85
CA ILE E 269 32.50 26.82 -4.14
C ILE E 269 32.22 26.30 -2.74
N ILE E 270 33.04 25.36 -2.28
CA ILE E 270 32.86 24.71 -0.98
C ILE E 270 34.05 25.09 -0.10
N VAL E 271 33.74 25.58 1.09
CA VAL E 271 34.74 25.96 2.08
C VAL E 271 34.64 24.98 3.24
N HIS E 272 35.72 24.23 3.49
CA HIS E 272 35.78 23.28 4.58
C HIS E 272 36.79 23.80 5.59
N LEU E 273 36.28 24.26 6.74
CA LEU E 273 37.13 24.80 7.78
C LEU E 273 37.88 23.71 8.51
N ASN E 274 38.96 24.09 9.17
CA ASN E 274 39.70 23.19 10.04
C ASN E 274 39.43 23.45 11.51
N GLU E 275 38.68 24.50 11.83
CA GLU E 275 38.31 24.79 13.21
C GLU E 275 36.85 25.19 13.26
N SER E 276 36.10 24.53 14.13
CA SER E 276 34.69 24.81 14.28
C SER E 276 34.49 26.18 14.91
N VAL E 277 33.28 26.72 14.76
CA VAL E 277 32.92 27.99 15.39
C VAL E 277 31.57 27.83 16.06
N LYS E 278 31.52 28.06 17.36
CA LYS E 278 30.28 27.91 18.10
C LYS E 278 29.31 29.02 17.75
N ILE E 279 28.07 28.65 17.43
CA ILE E 279 26.99 29.60 17.22
C ILE E 279 25.86 29.26 18.18
N GLU E 280 25.25 30.29 18.77
CA GLU E 280 24.22 30.08 19.77
C GLU E 280 22.95 30.78 19.32
N CYS E 281 21.89 30.01 19.06
CA CYS E 281 20.61 30.58 18.67
C CYS E 281 19.57 30.31 19.74
N THR E 282 18.63 31.25 19.87
CA THR E 282 17.57 31.09 20.84
C THR E 282 16.30 31.78 20.36
N ARG E 283 15.18 31.14 20.69
CA ARG E 283 13.87 31.78 20.66
C ARG E 283 13.52 32.01 22.12
N PRO E 284 13.58 33.26 22.60
CA PRO E 284 13.54 33.51 24.04
C PRO E 284 12.15 33.60 24.62
N ASN E 285 11.11 33.80 23.82
CA ASN E 285 9.78 33.83 24.38
C ASN E 285 9.22 32.40 24.45
N ASN E 286 8.09 32.28 25.14
CA ASN E 286 7.35 31.02 25.17
C ASN E 286 6.03 31.18 24.44
N LYS E 287 5.38 30.04 24.22
CA LYS E 287 4.04 29.99 23.66
C LYS E 287 3.31 28.83 24.30
N THR E 288 2.05 29.04 24.66
CA THR E 288 1.24 27.97 25.21
C THR E 288 0.61 27.16 24.09
N ARG E 289 0.92 25.86 24.06
CA ARG E 289 0.38 24.97 23.06
C ARG E 289 -1.10 24.70 23.33
N THR E 290 -1.91 24.78 22.27
CA THR E 290 -3.32 24.46 22.35
C THR E 290 -3.68 23.47 21.25
N SER E 291 -4.84 22.85 21.39
CA SER E 291 -5.27 21.81 20.47
C SER E 291 -6.75 21.98 20.17
N ILE E 292 -7.11 21.83 18.90
CA ILE E 292 -8.50 21.85 18.47
C ILE E 292 -8.81 20.51 17.83
N ARG E 293 -9.80 19.82 18.37
CA ARG E 293 -10.16 18.50 17.86
C ARG E 293 -10.64 18.60 16.41
N ILE E 294 -10.42 17.52 15.66
CA ILE E 294 -10.88 17.41 14.29
C ILE E 294 -11.84 16.23 14.13
N GLY E 295 -11.53 15.11 14.77
CA GLY E 295 -12.35 13.93 14.68
C GLY E 295 -11.86 12.82 15.60
N PRO E 296 -12.13 11.59 15.21
CA PRO E 296 -11.72 10.40 16.00
C PRO E 296 -10.24 10.07 15.89
N GLY E 297 -9.44 10.75 16.70
CA GLY E 297 -8.01 10.58 16.68
C GLY E 297 -7.24 11.67 15.96
N GLN E 298 -7.87 12.81 15.70
CA GLN E 298 -7.26 13.90 14.96
C GLN E 298 -7.40 15.18 15.77
N TRP E 299 -6.31 15.92 15.91
CA TRP E 299 -6.38 17.25 16.49
C TRP E 299 -5.31 18.12 15.86
N PHE E 300 -5.68 19.37 15.58
CA PHE E 300 -4.76 20.35 15.05
C PHE E 300 -4.13 21.09 16.21
N TYR E 301 -2.81 21.18 16.21
CA TYR E 301 -2.05 21.83 17.27
C TYR E 301 -1.71 23.24 16.85
N ALA E 302 -1.82 24.18 17.77
CA ALA E 302 -1.61 25.57 17.43
C ALA E 302 -1.10 26.33 18.64
N THR E 303 -0.83 27.61 18.41
CA THR E 303 -0.36 28.49 19.46
C THR E 303 -1.54 29.09 20.22
N GLY E 304 -1.49 29.00 21.53
CA GLY E 304 -2.46 29.62 22.42
C GLY E 304 -1.97 30.95 22.93
N GLN E 305 -2.09 31.15 24.23
CA GLN E 305 -1.53 32.34 24.84
C GLN E 305 -0.02 32.39 24.64
N VAL E 306 0.51 33.59 24.43
CA VAL E 306 1.94 33.81 24.33
C VAL E 306 2.43 34.43 25.63
N ILE E 307 3.52 33.90 26.17
CA ILE E 307 4.05 34.32 27.46
C ILE E 307 5.54 34.55 27.35
N GLY E 308 6.03 35.60 28.02
CA GLY E 308 5.17 36.66 28.51
C GLY E 308 5.63 37.99 27.95
N ASP E 309 6.95 38.07 27.73
CA ASP E 309 7.58 39.24 27.15
C ASP E 309 8.00 38.93 25.72
N ILE E 310 8.18 39.98 24.92
CA ILE E 310 8.39 39.84 23.50
C ILE E 310 9.83 40.18 23.15
N ARG E 311 10.55 39.20 22.62
CA ARG E 311 11.88 39.37 22.07
C ARG E 311 11.96 38.57 20.78
N GLU E 312 12.64 39.12 19.78
CA GLU E 312 12.83 38.39 18.55
C GLU E 312 13.93 37.35 18.71
N ALA E 313 13.72 36.19 18.10
CA ALA E 313 14.72 35.14 18.15
C ALA E 313 16.01 35.62 17.51
N TYR E 314 17.14 35.18 18.07
CA TYR E 314 18.41 35.71 17.62
C TYR E 314 19.49 34.66 17.74
N CYS E 315 20.66 35.01 17.21
CA CYS E 315 21.82 34.14 17.24
C CYS E 315 23.06 34.99 17.52
N ASN E 316 24.01 34.38 18.22
CA ASN E 316 25.21 35.04 18.71
C ASN E 316 26.45 34.30 18.24
N ILE E 317 27.49 35.08 17.92
CA ILE E 317 28.71 34.60 17.27
C ILE E 317 29.90 35.33 17.88
N ASN E 318 31.05 34.65 17.97
CA ASN E 318 32.29 35.29 18.38
C ASN E 318 32.86 36.10 17.23
N GLU E 319 33.01 37.41 17.43
CA GLU E 319 33.51 38.27 16.35
C GLU E 319 34.89 37.83 15.90
N SER E 320 35.82 37.71 16.84
CA SER E 320 37.21 37.47 16.50
C SER E 320 37.39 36.15 15.75
N LYS E 321 36.67 35.12 16.17
CA LYS E 321 36.80 33.83 15.49
C LYS E 321 36.27 33.91 14.08
N TRP E 322 35.04 34.39 13.92
CA TRP E 322 34.51 34.75 12.62
C TRP E 322 35.57 35.45 11.78
N ASN E 323 36.31 36.36 12.42
CA ASN E 323 37.12 37.33 11.72
C ASN E 323 38.38 36.69 11.17
N GLU E 324 39.20 36.18 12.08
CA GLU E 324 40.37 35.42 11.68
C GLU E 324 39.97 34.33 10.70
N THR E 325 38.82 33.68 10.96
CA THR E 325 38.34 32.63 10.07
C THR E 325 38.24 33.13 8.65
N LEU E 326 37.38 34.12 8.43
CA LEU E 326 37.15 34.62 7.08
C LEU E 326 38.41 35.19 6.48
N GLN E 327 39.32 35.73 7.31
CA GLN E 327 40.59 36.19 6.78
C GLN E 327 41.38 35.05 6.17
N ARG E 328 41.50 33.95 6.91
CA ARG E 328 42.18 32.79 6.35
C ARG E 328 41.44 32.27 5.13
N VAL E 329 40.11 32.34 5.16
CA VAL E 329 39.31 31.93 4.00
C VAL E 329 39.72 32.73 2.78
N SER E 330 39.87 34.04 2.93
CA SER E 330 40.26 34.89 1.82
C SER E 330 41.67 34.58 1.35
N LYS E 331 42.58 34.39 2.31
CA LYS E 331 43.97 34.11 1.96
C LYS E 331 44.08 32.81 1.17
N LYS E 332 43.26 31.83 1.50
CA LYS E 332 43.24 30.58 0.73
C LYS E 332 42.49 30.75 -0.57
N LEU E 333 41.45 31.58 -0.57
CA LEU E 333 40.62 31.75 -1.75
C LEU E 333 41.39 32.40 -2.88
N LYS E 334 42.23 33.38 -2.54
CA LYS E 334 42.97 34.11 -3.57
C LYS E 334 43.95 33.22 -4.32
N GLU E 335 44.21 32.00 -3.84
CA GLU E 335 44.99 31.06 -4.62
C GLU E 335 44.27 30.71 -5.93
N TYR E 336 42.99 30.36 -5.84
CA TYR E 336 42.25 29.96 -7.02
C TYR E 336 42.00 31.12 -7.98
N PHE E 337 42.04 32.35 -7.48
CA PHE E 337 42.03 33.55 -8.32
C PHE E 337 43.32 34.30 -8.02
N PRO E 338 44.44 33.83 -8.53
CA PRO E 338 45.76 34.31 -8.08
C PRO E 338 46.06 35.73 -8.55
N HIS E 339 45.32 36.68 -8.00
CA HIS E 339 45.36 38.05 -8.48
C HIS E 339 44.65 38.97 -7.51
N LYS E 340 44.16 40.08 -8.07
CA LYS E 340 43.53 41.24 -7.46
C LYS E 340 42.46 40.83 -6.43
N ASN E 341 42.08 41.80 -5.60
CA ASN E 341 41.55 41.71 -4.24
C ASN E 341 40.21 40.96 -4.22
N ILE E 342 39.64 40.82 -3.03
CA ILE E 342 38.48 39.93 -2.82
C ILE E 342 37.40 40.70 -2.07
N THR E 343 36.14 40.47 -2.42
CA THR E 343 35.03 41.14 -1.74
C THR E 343 33.87 40.18 -1.50
N PHE E 344 33.32 40.22 -0.28
CA PHE E 344 32.13 39.47 0.08
C PHE E 344 30.93 40.40 0.07
N GLN E 345 29.78 39.84 -0.27
CA GLN E 345 28.54 40.60 -0.25
C GLN E 345 27.47 39.76 0.43
N PRO E 346 26.43 40.39 0.95
CA PRO E 346 25.30 39.62 1.47
C PRO E 346 24.59 38.90 0.34
N SER E 347 23.52 38.19 0.71
CA SER E 347 22.71 37.52 -0.30
C SER E 347 22.07 38.54 -1.22
N SER E 348 21.67 38.08 -2.41
CA SER E 348 21.21 38.98 -3.45
C SER E 348 19.70 39.03 -3.59
N GLY E 349 19.02 37.91 -3.57
CA GLY E 349 17.58 37.91 -3.78
C GLY E 349 17.10 36.56 -4.26
N GLY E 350 15.78 36.45 -4.34
CA GLY E 350 15.10 35.19 -4.54
C GLY E 350 14.28 34.81 -3.32
N ASP E 351 14.01 33.52 -3.19
CA ASP E 351 13.30 33.12 -1.99
C ASP E 351 14.28 33.07 -0.83
N LEU E 352 13.80 33.53 0.34
CA LEU E 352 14.67 33.63 1.50
C LEU E 352 15.37 32.31 1.76
N GLU E 353 14.76 31.19 1.37
CA GLU E 353 15.46 29.91 1.35
C GLU E 353 16.88 30.03 0.83
N ILE E 354 17.07 30.66 -0.32
CA ILE E 354 18.42 30.77 -0.85
C ILE E 354 19.16 31.98 -0.30
N THR E 355 18.53 32.78 0.55
CA THR E 355 19.14 34.01 1.00
C THR E 355 19.46 34.04 2.49
N THR E 356 18.81 33.22 3.31
CA THR E 356 18.99 33.26 4.74
C THR E 356 19.56 31.95 5.25
N HIS E 357 19.84 31.94 6.55
CA HIS E 357 20.26 30.73 7.24
C HIS E 357 19.04 30.04 7.83
N SER E 358 18.63 28.93 7.21
CA SER E 358 17.52 28.12 7.69
C SER E 358 18.04 26.98 8.53
N PHE E 359 17.27 26.62 9.56
CA PHE E 359 17.55 25.42 10.33
C PHE E 359 16.31 25.04 11.13
N ASN E 360 16.45 24.03 11.98
CA ASN E 360 15.31 23.40 12.64
C ASN E 360 15.64 23.04 14.09
N CYS E 361 16.39 23.89 14.77
CA CYS E 361 16.64 23.67 16.18
C CYS E 361 15.33 23.58 16.95
N GLY E 362 15.24 22.62 17.86
CA GLY E 362 14.05 22.47 18.67
C GLY E 362 12.80 22.06 17.92
N GLY E 363 12.92 21.63 16.67
CA GLY E 363 11.78 21.21 15.90
C GLY E 363 11.02 22.33 15.23
N GLU E 364 11.26 23.57 15.63
CA GLU E 364 10.70 24.73 14.94
C GLU E 364 11.72 25.24 13.94
N PHE E 365 11.24 25.89 12.89
CA PHE E 365 12.08 26.23 11.75
C PHE E 365 12.42 27.71 11.76
N PHE E 366 13.70 28.00 11.55
CA PHE E 366 14.30 29.32 11.74
C PHE E 366 14.96 29.79 10.45
N TYR E 367 14.91 31.11 10.23
CA TYR E 367 15.47 31.78 9.06
C TYR E 367 16.13 33.05 9.58
N CYS E 368 17.46 33.07 9.56
CA CYS E 368 18.23 34.19 10.06
C CYS E 368 18.80 35.02 8.91
N ASN E 369 18.57 36.32 8.98
CA ASN E 369 19.14 37.28 8.04
C ASN E 369 20.63 37.41 8.30
N THR E 370 21.45 36.81 7.44
CA THR E 370 22.88 36.73 7.67
C THR E 370 23.65 37.84 6.96
N SER E 371 22.95 38.85 6.46
CA SER E 371 23.60 39.86 5.62
C SER E 371 24.75 40.53 6.35
N SER E 372 24.61 40.74 7.66
CA SER E 372 25.64 41.44 8.41
C SER E 372 26.95 40.65 8.47
N LEU E 373 26.93 39.38 8.08
CA LEU E 373 28.08 38.51 8.27
C LEU E 373 29.08 38.57 7.13
N PHE E 374 28.69 39.04 5.96
CA PHE E 374 29.58 38.98 4.80
C PHE E 374 29.73 40.36 4.19
N ASN E 375 30.01 41.34 5.05
CA ASN E 375 30.11 42.75 4.69
C ASN E 375 31.55 43.24 4.87
N ARG E 376 32.52 42.42 4.46
CA ARG E 376 33.93 42.70 4.67
C ARG E 376 34.68 42.71 3.35
N THR E 377 35.89 43.26 3.38
CA THR E 377 36.82 43.24 2.26
C THR E 377 38.21 42.88 2.76
N TYR E 378 39.09 42.56 1.81
CA TYR E 378 40.47 42.18 2.13
C TYR E 378 41.41 42.76 1.09
N MET E 379 42.48 43.38 1.55
CA MET E 379 43.44 44.10 0.73
C MET E 379 44.75 43.34 0.67
N ALA E 380 45.77 43.98 0.10
CA ALA E 380 47.10 43.38 -0.02
C ALA E 380 48.11 44.19 0.79
N ASN E 381 48.43 43.69 1.99
CA ASN E 381 49.60 44.13 2.76
C ASN E 381 49.40 45.51 3.39
N SER E 382 48.24 46.13 3.14
CA SER E 382 47.99 47.53 3.49
C SER E 382 48.20 47.73 4.99
N THR E 383 47.40 47.12 5.85
CA THR E 383 47.53 47.32 7.29
C THR E 383 46.95 46.13 8.05
N ASP E 384 47.65 45.74 9.12
CA ASP E 384 47.27 44.56 9.89
C ASP E 384 47.24 44.86 11.38
N MET E 385 46.57 45.93 11.78
CA MET E 385 46.48 46.27 13.20
C MET E 385 45.83 45.13 13.97
N ALA E 386 46.63 44.46 14.79
CA ALA E 386 46.16 43.32 15.55
C ALA E 386 46.37 43.48 17.05
N ASN E 387 46.79 44.67 17.51
CA ASN E 387 46.89 44.91 18.94
C ASN E 387 45.52 44.89 19.60
N SER E 388 44.46 45.00 18.79
CA SER E 388 43.11 45.10 19.32
C SER E 388 42.73 43.86 20.13
N THR E 389 42.90 42.66 19.56
CA THR E 389 42.54 41.43 20.27
C THR E 389 41.09 41.53 20.68
N GLU E 390 40.18 41.39 19.70
CA GLU E 390 39.12 42.35 19.39
C GLU E 390 38.69 43.10 20.66
N THR E 391 38.04 42.47 21.63
CA THR E 391 37.85 43.07 22.93
C THR E 391 37.35 42.06 23.95
N ASN E 392 38.20 41.69 24.91
CA ASN E 392 37.82 41.07 26.18
C ASN E 392 36.60 40.17 26.10
N SER E 393 36.53 39.35 25.05
CA SER E 393 35.40 38.45 24.79
C SER E 393 34.05 39.11 25.12
N THR E 394 33.85 40.30 24.55
CA THR E 394 32.61 41.04 24.79
C THR E 394 31.95 41.55 23.52
N ARG E 395 32.55 41.34 22.35
CA ARG E 395 31.91 41.73 21.09
C ARG E 395 31.27 40.51 20.44
N THR E 396 30.11 40.14 20.97
CA THR E 396 29.29 39.12 20.35
C THR E 396 28.53 39.72 19.18
N ILE E 397 28.67 39.11 18.01
CA ILE E 397 27.89 39.51 16.84
C ILE E 397 26.51 38.89 16.96
N THR E 398 25.48 39.71 16.83
CA THR E 398 24.09 39.30 17.01
C THR E 398 23.34 39.43 15.71
N ILE E 399 22.49 38.44 15.42
CA ILE E 399 21.71 38.44 14.19
C ILE E 399 20.27 38.07 14.53
N HIS E 400 19.34 38.73 13.85
CA HIS E 400 17.92 38.55 14.06
C HIS E 400 17.44 37.39 13.19
N CYS E 401 16.41 36.70 13.66
CA CYS E 401 15.83 35.61 12.90
C CYS E 401 14.32 35.64 13.01
N ARG E 402 13.66 35.10 11.99
CA ARG E 402 12.24 34.82 12.04
C ARG E 402 12.06 33.30 12.00
N ILE E 403 10.83 32.85 12.23
CA ILE E 403 10.53 31.43 12.31
C ILE E 403 9.24 31.16 11.54
N LYS E 404 8.99 29.88 11.27
CA LYS E 404 7.79 29.55 10.53
C LYS E 404 7.30 28.14 10.88
N GLN E 405 6.15 27.79 10.31
CA GLN E 405 5.45 26.54 10.58
C GLN E 405 5.21 25.68 9.36
N ILE E 406 4.67 26.22 8.27
CA ILE E 406 4.32 25.43 7.10
C ILE E 406 5.56 25.36 6.20
N ILE E 407 5.96 24.14 5.87
CA ILE E 407 7.25 23.89 5.24
C ILE E 407 7.03 23.12 3.94
N ASN E 408 7.37 23.76 2.82
CA ASN E 408 7.50 23.07 1.54
C ASN E 408 8.94 22.61 1.44
N MET E 409 9.24 21.46 2.05
CA MET E 409 10.60 21.00 2.13
C MET E 409 11.25 20.94 0.76
N TRP E 410 12.56 21.19 0.73
CA TRP E 410 13.33 21.05 -0.50
C TRP E 410 13.11 19.70 -1.17
N GLN E 411 12.71 18.69 -0.41
CA GLN E 411 12.60 17.34 -0.95
C GLN E 411 11.55 17.24 -2.04
N GLU E 412 10.52 18.09 -2.00
CA GLU E 412 9.38 17.86 -2.88
C GLU E 412 8.62 19.17 -3.07
N VAL E 413 7.77 19.18 -4.09
CA VAL E 413 6.75 20.21 -4.28
C VAL E 413 5.39 19.54 -4.33
N GLY E 414 4.37 20.27 -3.90
CA GLY E 414 3.00 19.79 -3.91
C GLY E 414 2.51 19.18 -2.61
N ARG E 415 3.39 18.94 -1.64
CA ARG E 415 3.03 18.33 -0.37
C ARG E 415 3.70 19.12 0.74
N ALA E 416 2.96 20.00 1.39
CA ALA E 416 3.52 20.84 2.43
C ALA E 416 3.39 20.17 3.79
N MET E 417 4.42 20.33 4.62
CA MET E 417 4.39 19.83 5.98
C MET E 417 4.01 20.98 6.90
N TYR E 418 3.04 20.75 7.77
CA TYR E 418 2.82 21.69 8.85
C TYR E 418 3.58 21.25 10.08
N ALA E 419 3.91 22.22 10.93
CA ALA E 419 4.67 21.91 12.11
C ALA E 419 3.93 22.45 13.32
N PRO E 420 3.77 21.63 14.36
CA PRO E 420 3.09 22.10 15.55
C PRO E 420 4.02 22.97 16.39
N PRO E 421 3.49 23.96 17.08
CA PRO E 421 4.35 24.80 17.92
C PRO E 421 4.87 24.02 19.12
N ILE E 422 6.03 24.44 19.61
CA ILE E 422 6.64 23.85 20.77
C ILE E 422 6.44 24.80 21.95
N ALA E 423 5.81 24.29 23.01
CA ALA E 423 5.59 25.11 24.19
C ALA E 423 6.90 25.50 24.85
N GLY E 424 6.86 26.56 25.63
CA GLY E 424 8.07 27.06 26.26
C GLY E 424 8.95 27.79 25.25
N ASN E 425 10.21 27.96 25.63
CA ASN E 425 11.22 28.63 24.80
C ASN E 425 12.14 27.61 24.16
N ILE E 426 13.14 28.11 23.41
CA ILE E 426 14.04 27.25 22.67
C ILE E 426 15.46 27.77 22.80
N THR E 427 16.39 26.88 23.15
CA THR E 427 17.82 27.12 22.99
C THR E 427 18.36 26.12 21.98
N CYS E 428 19.41 26.52 21.28
CA CYS E 428 20.08 25.61 20.37
C CYS E 428 21.52 26.09 20.20
N ILE E 429 22.47 25.16 20.28
CA ILE E 429 23.88 25.47 20.16
C ILE E 429 24.47 24.58 19.09
N SER E 430 25.29 25.13 18.21
CA SER E 430 25.80 24.33 17.12
C SER E 430 27.23 24.70 16.78
N ASN E 431 27.92 23.76 16.14
CA ASN E 431 29.24 23.98 15.56
C ASN E 431 29.08 24.42 14.11
N ILE E 432 29.90 25.35 13.69
CA ILE E 432 29.95 25.78 12.30
C ILE E 432 31.23 25.23 11.69
N THR E 433 31.10 24.59 10.53
CA THR E 433 32.16 23.80 9.94
C THR E 433 32.51 24.17 8.51
N GLY E 434 31.59 24.75 7.75
CA GLY E 434 31.89 25.02 6.35
C GLY E 434 30.90 25.99 5.76
N LEU E 435 31.21 26.39 4.52
CA LEU E 435 30.46 27.42 3.82
C LEU E 435 30.23 27.00 2.38
N LEU E 436 29.10 27.44 1.83
CA LEU E 436 28.76 27.18 0.43
C LEU E 436 28.60 28.52 -0.27
N LEU E 437 29.61 28.90 -1.06
CA LEU E 437 29.69 30.22 -1.67
C LEU E 437 29.41 30.12 -3.16
N THR E 438 28.99 31.26 -3.73
CA THR E 438 28.95 31.47 -5.16
C THR E 438 29.67 32.78 -5.46
N ARG E 439 29.92 33.03 -6.75
CA ARG E 439 30.81 34.10 -7.18
C ARG E 439 30.10 34.99 -8.21
N ASP E 440 30.84 36.00 -8.65
CA ASP E 440 30.35 36.93 -9.66
C ASP E 440 31.55 37.60 -10.31
N GLY E 441 31.55 37.65 -11.63
CA GLY E 441 32.62 38.27 -12.41
C GLY E 441 32.22 39.69 -12.78
N GLY E 442 33.13 40.43 -13.40
CA GLY E 442 32.73 41.79 -13.66
C GLY E 442 33.48 42.90 -12.96
N LYS E 443 32.94 43.29 -11.80
CA LYS E 443 32.75 44.68 -11.37
C LYS E 443 33.81 45.69 -11.81
N ASN E 444 35.05 45.63 -11.35
CA ASN E 444 36.07 46.54 -11.89
C ASN E 444 37.29 45.78 -12.41
N ASN E 445 38.01 45.08 -11.52
CA ASN E 445 39.09 44.19 -11.90
C ASN E 445 39.17 43.01 -10.95
N THR E 446 38.10 42.71 -10.23
CA THR E 446 38.22 42.10 -8.92
C THR E 446 37.22 40.94 -8.81
N GLU E 447 37.21 40.24 -7.68
CA GLU E 447 36.36 39.07 -7.51
C GLU E 447 35.41 39.30 -6.35
N THR E 448 34.17 38.89 -6.54
CA THR E 448 33.10 39.06 -5.56
C THR E 448 32.42 37.72 -5.30
N PHE E 449 32.13 37.45 -4.04
CA PHE E 449 31.48 36.22 -3.64
C PHE E 449 30.37 36.53 -2.64
N ARG E 450 29.51 35.54 -2.43
CA ARG E 450 28.39 35.66 -1.51
C ARG E 450 27.82 34.28 -1.26
N PRO E 451 27.14 34.07 -0.14
CA PRO E 451 26.63 32.73 0.17
C PRO E 451 25.68 32.24 -0.92
N GLY E 452 25.90 30.99 -1.34
CA GLY E 452 25.07 30.39 -2.37
C GLY E 452 24.15 29.32 -1.82
N GLY E 453 24.47 28.05 -2.07
CA GLY E 453 23.75 26.95 -1.45
C GLY E 453 22.51 26.52 -2.23
N GLY E 454 21.55 25.97 -1.49
CA GLY E 454 20.33 25.44 -2.06
C GLY E 454 20.33 23.95 -2.35
N ASN E 455 21.23 23.50 -3.22
CA ASN E 455 21.25 22.09 -3.63
C ASN E 455 21.60 21.18 -2.47
N MET E 456 20.66 20.32 -2.06
CA MET E 456 20.92 19.46 -0.90
C MET E 456 22.14 18.59 -1.13
N LYS E 457 22.38 18.16 -2.37
CA LYS E 457 23.46 17.25 -2.66
C LYS E 457 24.82 17.82 -2.27
N ASP E 458 25.02 19.11 -2.54
CA ASP E 458 26.27 19.75 -2.19
C ASP E 458 26.53 19.68 -0.69
N ASN E 459 25.48 19.58 0.12
CA ASN E 459 25.67 19.26 1.52
C ASN E 459 26.33 17.90 1.66
N TRP E 460 25.67 16.85 1.18
CA TRP E 460 26.18 15.50 1.34
C TRP E 460 27.44 15.28 0.53
N ARG E 461 27.57 15.93 -0.62
CA ARG E 461 28.82 15.86 -1.37
C ARG E 461 29.99 16.37 -0.54
N SER E 462 29.73 17.23 0.44
CA SER E 462 30.77 17.79 1.28
C SER E 462 31.40 16.80 2.24
N GLU E 463 30.79 15.63 2.44
CA GLU E 463 31.37 14.61 3.30
C GLU E 463 31.62 13.28 2.61
N LEU E 464 30.89 12.97 1.55
CA LEU E 464 31.09 11.73 0.82
C LEU E 464 32.31 11.81 -0.10
N TYR E 465 32.94 12.97 -0.17
CA TYR E 465 34.04 13.19 -1.09
C TYR E 465 35.23 12.28 -0.82
N LYS E 466 35.23 11.57 0.30
CA LYS E 466 36.35 10.71 0.67
C LYS E 466 36.21 9.28 0.18
N TYR E 467 35.08 8.92 -0.44
CA TYR E 467 34.73 7.52 -0.66
C TYR E 467 34.53 7.24 -2.14
N LYS E 468 35.00 6.08 -2.58
CA LYS E 468 34.61 5.53 -3.87
C LYS E 468 34.26 4.06 -3.69
N VAL E 469 33.38 3.55 -4.53
CA VAL E 469 32.95 2.15 -4.48
C VAL E 469 33.44 1.45 -5.73
N VAL E 470 33.91 0.21 -5.58
CA VAL E 470 34.38 -0.58 -6.71
C VAL E 470 33.87 -2.01 -6.57
N LYS E 471 33.88 -2.72 -7.70
CA LYS E 471 33.49 -4.11 -7.76
C LYS E 471 34.72 -4.98 -7.97
N ILE E 472 34.64 -6.21 -7.49
CA ILE E 472 35.76 -7.14 -7.49
C ILE E 472 35.50 -8.24 -8.50
N GLU E 473 36.43 -8.43 -9.44
CA GLU E 473 36.32 -9.45 -10.46
C GLU E 473 37.46 -10.44 -10.28
N PRO E 474 37.24 -11.49 -9.48
CA PRO E 474 38.36 -12.30 -8.97
C PRO E 474 38.99 -13.25 -9.96
N LEU E 475 38.58 -13.25 -11.22
CA LEU E 475 39.11 -14.16 -12.21
C LEU E 475 40.19 -13.48 -13.04
N GLY E 476 41.33 -14.14 -13.19
CA GLY E 476 42.37 -13.58 -14.02
C GLY E 476 43.21 -14.67 -14.63
N VAL E 477 44.03 -14.28 -15.60
CA VAL E 477 44.84 -15.24 -16.35
C VAL E 477 46.21 -14.65 -16.63
N ALA E 478 47.16 -15.54 -16.87
CA ALA E 478 48.53 -15.15 -17.19
C ALA E 478 49.30 -16.39 -17.63
N PRO E 479 50.50 -16.23 -18.17
CA PRO E 479 51.34 -17.39 -18.46
C PRO E 479 52.11 -17.90 -17.25
N THR E 480 52.49 -19.18 -17.31
CA THR E 480 53.30 -19.83 -16.29
C THR E 480 54.08 -20.96 -16.95
N ARG E 481 55.04 -21.52 -16.20
CA ARG E 481 55.73 -22.72 -16.67
C ARG E 481 55.29 -23.95 -15.87
N CYS E 482 54.17 -24.54 -16.29
CA CYS E 482 53.84 -25.92 -15.97
C CYS E 482 53.20 -26.49 -17.21
N LYS E 483 52.87 -27.76 -17.21
CA LYS E 483 51.84 -28.27 -18.09
C LYS E 483 51.38 -29.63 -17.62
N LEU F 19 41.71 -7.74 -0.83
CA LEU F 19 41.49 -6.67 0.14
C LEU F 19 42.79 -6.00 0.57
N GLY F 20 43.90 -6.72 0.50
CA GLY F 20 45.14 -6.16 1.01
C GLY F 20 46.37 -6.44 0.18
N ALA F 21 46.22 -7.14 -0.93
CA ALA F 21 47.34 -7.47 -1.79
C ALA F 21 47.32 -6.72 -3.11
N ALA F 22 46.36 -5.82 -3.30
CA ALA F 22 46.16 -5.19 -4.61
C ALA F 22 47.42 -4.49 -5.08
N GLY F 23 47.95 -3.59 -4.27
CA GLY F 23 49.11 -2.83 -4.66
C GLY F 23 50.37 -3.67 -4.73
N SER F 24 50.27 -4.94 -4.40
CA SER F 24 51.43 -5.81 -4.39
C SER F 24 51.68 -6.35 -5.80
N THR F 25 52.83 -6.99 -5.96
CA THR F 25 53.14 -7.64 -7.22
C THR F 25 52.34 -8.93 -7.35
N MET F 26 52.13 -9.35 -8.61
CA MET F 26 51.31 -10.53 -8.86
C MET F 26 51.80 -11.75 -8.10
N GLY F 27 53.10 -12.00 -8.13
CA GLY F 27 53.64 -13.13 -7.38
C GLY F 27 53.32 -13.02 -5.90
N ALA F 28 53.44 -11.83 -5.34
CA ALA F 28 53.08 -11.63 -3.95
C ALA F 28 51.57 -11.85 -3.74
N ALA F 29 50.75 -11.19 -4.55
CA ALA F 29 49.30 -11.27 -4.37
C ALA F 29 48.81 -12.70 -4.45
N SER F 30 49.45 -13.54 -5.26
CA SER F 30 49.01 -14.92 -5.44
C SER F 30 49.01 -15.71 -4.14
N MET F 31 49.88 -15.35 -3.20
CA MET F 31 49.98 -16.11 -1.96
C MET F 31 48.68 -16.10 -1.17
N THR F 32 47.91 -15.02 -1.28
CA THR F 32 46.72 -14.84 -0.46
C THR F 32 45.50 -14.71 -1.38
N LEU F 33 44.81 -15.81 -1.61
CA LEU F 33 43.62 -15.79 -2.44
C LEU F 33 42.37 -16.23 -1.71
N THR F 34 42.46 -17.20 -0.80
CA THR F 34 41.31 -17.60 0.01
C THR F 34 40.71 -16.40 0.73
N VAL F 35 41.51 -15.37 0.97
CA VAL F 35 41.02 -14.17 1.61
C VAL F 35 39.81 -13.63 0.87
N GLN F 36 39.98 -13.34 -0.41
CA GLN F 36 38.84 -12.94 -1.23
C GLN F 36 37.77 -14.02 -1.26
N ALA F 37 38.19 -15.29 -1.36
CA ALA F 37 37.23 -16.38 -1.46
C ALA F 37 36.23 -16.36 -0.32
N ARG F 38 36.68 -15.96 0.87
CA ARG F 38 35.77 -15.92 2.01
C ARG F 38 34.77 -14.78 1.88
N ASN F 39 35.20 -13.63 1.38
CA ASN F 39 34.36 -12.44 1.37
C ASN F 39 33.58 -12.27 0.07
N LEU F 40 33.89 -13.05 -0.97
CA LEU F 40 33.16 -12.94 -2.23
C LEU F 40 31.67 -13.16 -2.03
N LEU F 41 31.28 -13.90 -0.99
CA LEU F 41 29.89 -14.24 -0.75
C LEU F 41 29.58 -14.03 0.73
N SER F 42 28.28 -13.93 1.03
CA SER F 42 27.81 -13.76 2.40
C SER F 42 28.40 -12.51 3.07
N LEU F 64 8.54 -2.10 6.23
CA LEU F 64 9.69 -2.83 5.67
C LEU F 64 9.58 -2.91 4.16
N THR F 65 9.23 -1.77 3.56
CA THR F 65 9.00 -1.67 2.13
C THR F 65 10.08 -0.86 1.41
N VAL F 66 10.99 -0.23 2.16
CA VAL F 66 12.04 0.59 1.55
C VAL F 66 13.27 -0.26 1.26
N TRP F 67 13.75 -1.00 2.25
CA TRP F 67 14.93 -1.84 2.08
C TRP F 67 14.60 -3.30 1.81
N GLY F 68 13.36 -3.73 2.09
CA GLY F 68 13.04 -5.14 1.95
C GLY F 68 13.35 -5.68 0.57
N ILE F 69 12.81 -5.04 -0.46
CA ILE F 69 13.11 -5.44 -1.83
C ILE F 69 14.59 -5.30 -2.11
N LYS F 70 15.23 -4.29 -1.52
CA LYS F 70 16.62 -4.00 -1.81
C LYS F 70 17.53 -5.12 -1.32
N GLN F 71 17.34 -5.55 -0.08
CA GLN F 71 18.14 -6.63 0.48
C GLN F 71 18.03 -7.88 -0.38
N LEU F 72 16.81 -8.22 -0.79
CA LEU F 72 16.62 -9.41 -1.61
C LEU F 72 17.35 -9.28 -2.94
N GLN F 73 17.20 -8.13 -3.60
CA GLN F 73 17.92 -7.91 -4.85
C GLN F 73 19.41 -8.12 -4.66
N ALA F 74 19.98 -7.53 -3.60
CA ALA F 74 21.41 -7.63 -3.38
C ALA F 74 21.85 -9.07 -3.14
N ARG F 75 21.14 -9.76 -2.25
CA ARG F 75 21.53 -11.14 -1.93
C ARG F 75 21.44 -12.03 -3.16
N VAL F 76 20.36 -11.91 -3.92
CA VAL F 76 20.21 -12.74 -5.11
C VAL F 76 21.29 -12.42 -6.13
N LEU F 77 21.62 -11.13 -6.28
CA LEU F 77 22.70 -10.75 -7.18
C LEU F 77 24.01 -11.40 -6.76
N ALA F 78 24.29 -11.39 -5.45
CA ALA F 78 25.50 -12.03 -4.96
C ALA F 78 25.52 -13.50 -5.34
N VAL F 79 24.42 -14.20 -5.07
CA VAL F 79 24.33 -15.61 -5.43
C VAL F 79 24.56 -15.80 -6.91
N GLU F 80 23.96 -14.94 -7.73
CA GLU F 80 24.07 -15.09 -9.17
C GLU F 80 25.51 -14.95 -9.63
N ARG F 81 26.22 -13.93 -9.13
CA ARG F 81 27.60 -13.73 -9.55
C ARG F 81 28.47 -14.90 -9.10
N TYR F 82 28.31 -15.32 -7.85
CA TYR F 82 29.12 -16.42 -7.34
C TYR F 82 28.89 -17.68 -8.15
N LEU F 83 27.62 -17.99 -8.45
CA LEU F 83 27.33 -19.19 -9.21
C LEU F 83 27.81 -19.06 -10.65
N ARG F 84 27.78 -17.86 -11.22
CA ARG F 84 28.36 -17.67 -12.55
C ARG F 84 29.82 -18.06 -12.55
N ASP F 85 30.56 -17.59 -11.55
CA ASP F 85 31.97 -17.94 -11.48
C ASP F 85 32.14 -19.45 -11.28
N GLN F 86 31.33 -20.04 -10.41
CA GLN F 86 31.42 -21.48 -10.19
C GLN F 86 31.15 -22.24 -11.47
N GLN F 87 30.22 -21.76 -12.29
CA GLN F 87 29.90 -22.40 -13.55
C GLN F 87 31.04 -22.25 -14.55
N LEU F 88 31.67 -21.08 -14.57
CA LEU F 88 32.83 -20.89 -15.42
C LEU F 88 33.93 -21.88 -15.05
N LEU F 89 34.09 -22.14 -13.75
CA LEU F 89 35.00 -23.20 -13.35
C LEU F 89 34.49 -24.55 -13.84
N GLY F 90 33.27 -24.92 -13.49
CA GLY F 90 32.72 -26.20 -13.89
C GLY F 90 32.94 -26.50 -15.35
N ILE F 91 32.83 -25.50 -16.21
CA ILE F 91 33.13 -25.75 -17.61
C ILE F 91 34.64 -25.78 -17.83
N TRP F 92 35.41 -24.97 -17.11
CA TRP F 92 36.86 -24.99 -17.23
C TRP F 92 37.50 -26.13 -16.45
N GLY F 93 36.72 -26.94 -15.76
CA GLY F 93 37.36 -27.79 -14.79
C GLY F 93 37.85 -26.93 -13.65
N CYS F 94 38.83 -27.44 -12.92
CA CYS F 94 39.44 -26.70 -11.81
C CYS F 94 38.41 -26.29 -10.77
N SER F 95 37.40 -27.14 -10.54
CA SER F 95 36.26 -26.74 -9.72
C SER F 95 36.67 -26.32 -8.31
N GLY F 96 37.40 -27.18 -7.61
CA GLY F 96 37.77 -26.93 -6.24
C GLY F 96 39.18 -26.47 -6.02
N LYS F 97 39.82 -25.87 -7.02
CA LYS F 97 41.22 -25.44 -6.91
C LYS F 97 41.32 -23.96 -7.26
N LEU F 98 41.73 -23.16 -6.29
CA LEU F 98 41.94 -21.74 -6.53
C LEU F 98 43.05 -21.51 -7.55
N ILE F 99 43.99 -22.45 -7.63
CA ILE F 99 44.98 -22.46 -8.70
C ILE F 99 44.84 -23.76 -9.46
N CYS F 100 44.84 -23.68 -10.79
CA CYS F 100 44.85 -24.87 -11.61
C CYS F 100 45.61 -24.56 -12.88
N CYS F 101 46.45 -25.50 -13.30
CA CYS F 101 47.27 -25.34 -14.49
C CYS F 101 46.87 -26.40 -15.49
N THR F 102 46.72 -26.02 -16.75
CA THR F 102 46.10 -26.90 -17.73
C THR F 102 46.71 -26.65 -19.10
N ASN F 103 46.39 -27.55 -20.03
CA ASN F 103 46.98 -27.52 -21.38
C ASN F 103 46.27 -26.50 -22.26
N VAL F 104 46.73 -25.25 -22.16
CA VAL F 104 46.38 -24.20 -23.10
C VAL F 104 47.66 -23.41 -23.36
N PRO F 105 48.17 -23.40 -24.58
CA PRO F 105 49.36 -22.60 -24.87
C PRO F 105 49.01 -21.12 -24.85
N TRP F 106 49.99 -20.30 -24.48
CA TRP F 106 49.78 -18.86 -24.37
C TRP F 106 50.18 -18.16 -25.65
N ASN F 107 49.38 -17.20 -26.07
CA ASN F 107 49.73 -16.41 -27.24
C ASN F 107 50.69 -15.29 -26.91
N SER F 108 51.76 -15.22 -27.70
CA SER F 108 52.71 -14.10 -27.64
C SER F 108 52.11 -12.80 -28.16
N SER F 109 51.06 -12.87 -28.97
CA SER F 109 50.40 -11.68 -29.50
C SER F 109 49.56 -10.97 -28.46
N TRP F 110 49.03 -11.68 -27.48
CA TRP F 110 48.33 -11.02 -26.38
C TRP F 110 49.26 -10.09 -25.62
N SER F 111 50.48 -10.55 -25.36
CA SER F 111 51.50 -9.72 -24.73
C SER F 111 52.86 -10.31 -25.06
N ASN F 112 53.86 -9.44 -25.08
CA ASN F 112 55.23 -9.82 -25.38
C ASN F 112 56.10 -9.84 -24.14
N ARG F 113 55.54 -9.53 -22.99
CA ARG F 113 56.33 -9.31 -21.80
C ARG F 113 56.88 -10.62 -21.25
N ASN F 114 57.99 -10.50 -20.54
CA ASN F 114 58.61 -11.64 -19.87
C ASN F 114 57.84 -12.00 -18.62
N LEU F 115 57.85 -13.31 -18.32
CA LEU F 115 57.29 -13.80 -17.06
C LEU F 115 57.91 -13.09 -15.88
N SER F 116 59.23 -12.95 -15.88
CA SER F 116 59.91 -12.22 -14.81
C SER F 116 59.33 -10.82 -14.68
N GLU F 117 59.18 -10.12 -15.81
CA GLU F 117 58.67 -8.76 -15.78
C GLU F 117 57.21 -8.73 -15.32
N ILE F 118 56.43 -9.76 -15.66
CA ILE F 118 55.01 -9.70 -15.35
C ILE F 118 54.75 -10.06 -13.89
N TRP F 119 55.51 -11.02 -13.37
CA TRP F 119 55.34 -11.45 -11.99
C TRP F 119 56.19 -10.67 -11.00
N ASP F 120 57.11 -9.83 -11.47
CA ASP F 120 58.06 -9.20 -10.57
C ASP F 120 57.53 -7.88 -10.03
N ASN F 121 57.14 -6.96 -10.91
CA ASN F 121 56.86 -5.60 -10.52
C ASN F 121 55.58 -5.08 -11.18
N MET F 122 54.49 -5.82 -11.09
CA MET F 122 53.23 -5.35 -11.63
C MET F 122 52.08 -5.77 -10.73
N THR F 123 51.06 -4.94 -10.68
CA THR F 123 49.84 -5.29 -9.95
C THR F 123 48.81 -5.87 -10.91
N TRP F 124 48.00 -6.78 -10.36
CA TRP F 124 46.95 -7.41 -11.15
C TRP F 124 46.03 -6.37 -11.78
N LEU F 125 45.88 -5.21 -11.14
CA LEU F 125 45.10 -4.13 -11.73
C LEU F 125 45.61 -3.80 -13.12
N GLN F 126 46.92 -3.59 -13.26
CA GLN F 126 47.48 -3.24 -14.56
C GLN F 126 47.38 -4.40 -15.53
N TRP F 127 47.69 -5.61 -15.05
CA TRP F 127 47.64 -6.79 -15.90
C TRP F 127 46.27 -6.97 -16.53
N ASP F 128 45.22 -6.88 -15.71
CA ASP F 128 43.86 -6.99 -16.21
C ASP F 128 43.60 -5.96 -17.29
N LYS F 129 44.09 -4.73 -17.10
CA LYS F 129 43.89 -3.69 -18.10
C LYS F 129 44.47 -4.11 -19.44
N GLU F 130 45.68 -4.67 -19.45
CA GLU F 130 46.30 -5.08 -20.70
C GLU F 130 45.58 -6.26 -21.32
N ILE F 131 45.09 -7.19 -20.51
CA ILE F 131 44.59 -8.43 -21.09
C ILE F 131 43.11 -8.34 -21.46
N SER F 132 42.42 -7.31 -20.96
CA SER F 132 40.97 -7.16 -21.15
C SER F 132 40.49 -7.49 -22.56
N ASN F 133 41.24 -7.11 -23.58
CA ASN F 133 40.76 -7.28 -24.94
C ASN F 133 40.71 -8.76 -25.34
N TYR F 134 41.77 -9.50 -25.04
CA TYR F 134 41.80 -10.91 -25.37
C TYR F 134 41.16 -11.79 -24.31
N THR F 135 40.70 -11.21 -23.20
CA THR F 135 40.06 -12.01 -22.15
C THR F 135 38.92 -12.88 -22.69
N GLN F 136 38.06 -12.32 -23.54
CA GLN F 136 36.92 -13.10 -24.02
C GLN F 136 37.36 -14.26 -24.89
N ILE F 137 38.32 -14.02 -25.79
CA ILE F 137 38.83 -15.09 -26.63
C ILE F 137 39.48 -16.17 -25.77
N ILE F 138 40.24 -15.74 -24.77
CA ILE F 138 40.87 -16.71 -23.87
C ILE F 138 39.80 -17.56 -23.19
N TYR F 139 38.72 -16.93 -22.75
CA TYR F 139 37.65 -17.68 -22.10
C TYR F 139 37.02 -18.67 -23.07
N GLY F 140 36.80 -18.26 -24.31
CA GLY F 140 36.20 -19.14 -25.29
C GLY F 140 37.06 -20.34 -25.56
N LEU F 141 38.36 -20.11 -25.74
CA LEU F 141 39.26 -21.24 -26.00
C LEU F 141 39.32 -22.16 -24.79
N LEU F 142 39.56 -21.60 -23.61
CA LEU F 142 39.69 -22.39 -22.40
C LEU F 142 38.43 -23.17 -22.08
N GLU F 143 37.26 -22.72 -22.56
CA GLU F 143 36.04 -23.34 -22.09
C GLU F 143 35.79 -24.70 -22.72
N GLU F 144 36.15 -24.88 -23.99
CA GLU F 144 35.86 -26.14 -24.65
C GLU F 144 37.13 -26.85 -25.11
N SER F 145 37.98 -26.16 -25.86
CA SER F 145 39.18 -26.78 -26.41
C SER F 145 40.00 -27.46 -25.32
N GLN F 146 40.02 -26.88 -24.13
CA GLN F 146 40.76 -27.49 -23.03
C GLN F 146 39.97 -28.62 -22.39
N ASN F 147 38.82 -28.30 -21.81
CA ASN F 147 38.14 -29.22 -20.92
C ASN F 147 37.21 -30.19 -21.64
N GLN F 148 36.55 -29.76 -22.71
CA GLN F 148 35.60 -30.64 -23.39
C GLN F 148 36.29 -31.65 -24.28
N GLN F 149 37.32 -31.22 -25.01
CA GLN F 149 38.20 -32.19 -25.66
C GLN F 149 38.75 -33.18 -24.65
N GLU F 150 39.13 -32.68 -23.46
CA GLU F 150 39.59 -33.57 -22.41
C GLU F 150 38.54 -34.62 -22.08
N LYS F 151 37.30 -34.18 -21.82
CA LYS F 151 36.24 -35.12 -21.46
C LYS F 151 36.03 -36.16 -22.54
N ASN F 152 35.92 -35.71 -23.79
CA ASN F 152 35.67 -36.63 -24.89
C ASN F 152 36.80 -37.65 -25.01
N GLU F 153 38.03 -37.17 -25.13
CA GLU F 153 39.16 -38.07 -25.31
C GLU F 153 39.35 -38.96 -24.09
N GLN F 154 38.98 -38.47 -22.90
CA GLN F 154 39.14 -39.25 -21.69
C GLN F 154 38.18 -40.42 -21.65
N ASP F 155 36.90 -40.16 -21.94
CA ASP F 155 35.97 -41.28 -21.99
C ASP F 155 36.31 -42.22 -23.14
N LEU F 156 36.84 -41.68 -24.24
CA LEU F 156 37.32 -42.54 -25.32
C LEU F 156 38.43 -43.47 -24.85
N LEU F 157 39.35 -42.96 -24.01
CA LEU F 157 40.42 -43.80 -23.49
C LEU F 157 39.85 -44.98 -22.72
N ALA F 158 38.88 -44.74 -21.85
CA ALA F 158 38.21 -45.80 -21.12
C ALA F 158 37.20 -46.54 -21.97
N LEU F 159 36.97 -46.08 -23.20
CA LEU F 159 35.95 -46.67 -24.05
C LEU F 159 36.42 -48.01 -24.62
N ASP F 160 35.46 -48.86 -24.94
CA ASP F 160 35.74 -50.15 -25.55
C ASP F 160 35.68 -50.05 -27.07
N ASP G 1 -37.07 -11.63 -37.15
CA ASP G 1 -36.99 -12.62 -36.08
C ASP G 1 -38.32 -13.34 -35.91
N ARG G 2 -38.25 -14.63 -35.55
CA ARG G 2 -39.43 -15.41 -35.28
C ARG G 2 -39.11 -16.45 -34.22
N LEU G 3 -40.12 -16.85 -33.46
CA LEU G 3 -40.02 -17.97 -32.54
C LEU G 3 -41.07 -19.01 -32.92
N PHE G 4 -40.74 -20.28 -32.74
CA PHE G 4 -41.63 -21.37 -33.08
C PHE G 4 -41.54 -22.44 -31.99
N GLN G 5 -42.68 -23.02 -31.66
CA GLN G 5 -42.76 -23.90 -30.50
C GLN G 5 -43.29 -25.26 -30.91
N SER G 6 -42.96 -26.25 -30.08
CA SER G 6 -43.45 -27.61 -30.28
C SER G 6 -43.50 -28.30 -28.93
N GLY G 7 -44.14 -29.46 -28.90
CA GLY G 7 -44.20 -30.25 -27.70
C GLY G 7 -45.52 -30.11 -26.96
N GLY G 8 -45.46 -29.98 -25.64
CA GLY G 8 -46.66 -29.88 -24.82
C GLY G 8 -47.46 -31.16 -24.86
N GLY G 9 -48.79 -31.02 -24.73
CA GLY G 9 -49.70 -32.11 -24.97
C GLY G 9 -50.44 -32.53 -23.70
N VAL G 10 -50.62 -33.83 -23.57
CA VAL G 10 -51.50 -34.44 -22.58
C VAL G 10 -50.66 -35.14 -21.53
N SER G 11 -51.07 -35.06 -20.27
CA SER G 11 -50.37 -35.81 -19.23
C SER G 11 -51.24 -35.98 -18.00
N ARG G 12 -51.05 -37.11 -17.32
CA ARG G 12 -51.63 -37.30 -16.00
C ARG G 12 -50.83 -36.51 -14.97
N PRO G 13 -51.43 -36.20 -13.82
CA PRO G 13 -50.68 -35.57 -12.74
C PRO G 13 -49.47 -36.43 -12.35
N GLY G 14 -48.34 -35.76 -12.14
CA GLY G 14 -47.10 -36.45 -11.84
C GLY G 14 -46.31 -36.90 -13.04
N GLY G 15 -46.89 -36.85 -14.25
CA GLY G 15 -46.17 -37.19 -15.46
C GLY G 15 -45.10 -36.17 -15.77
N SER G 16 -44.60 -36.25 -17.00
CA SER G 16 -43.63 -35.29 -17.51
C SER G 16 -43.94 -34.91 -18.93
N LEU G 17 -43.63 -33.66 -19.28
CA LEU G 17 -43.79 -33.14 -20.63
C LEU G 17 -42.60 -32.24 -20.96
N ARG G 18 -42.58 -31.75 -22.19
CA ARG G 18 -41.45 -30.99 -22.69
C ARG G 18 -41.89 -30.14 -23.86
N VAL G 19 -41.46 -28.89 -23.86
CA VAL G 19 -41.79 -27.97 -24.94
C VAL G 19 -40.51 -27.32 -25.45
N ASN G 20 -40.39 -27.28 -26.77
CA ASN G 20 -39.25 -26.67 -27.44
C ASN G 20 -39.64 -25.31 -28.00
N CYS G 21 -38.68 -24.39 -27.97
CA CYS G 21 -38.87 -23.04 -28.47
C CYS G 21 -37.63 -22.66 -29.27
N GLY G 22 -37.74 -22.68 -30.59
CA GLY G 22 -36.62 -22.35 -31.45
C GLY G 22 -36.77 -21.00 -32.12
N ALA G 23 -35.64 -20.38 -32.46
CA ALA G 23 -35.62 -19.01 -32.94
C ALA G 23 -35.04 -18.93 -34.34
N SER G 24 -35.43 -17.87 -35.05
CA SER G 24 -34.89 -17.55 -36.36
C SER G 24 -34.64 -16.05 -36.44
N GLY G 25 -33.56 -15.69 -37.11
CA GLY G 25 -33.10 -14.32 -37.16
C GLY G 25 -32.17 -13.93 -36.04
N PHE G 26 -32.10 -14.73 -34.97
CA PHE G 26 -31.25 -14.45 -33.84
C PHE G 26 -31.14 -15.70 -33.00
N THR G 27 -30.08 -15.79 -32.22
CA THR G 27 -29.83 -16.95 -31.39
C THR G 27 -30.38 -16.72 -29.98
N VAL G 28 -30.97 -17.76 -29.41
CA VAL G 28 -31.46 -17.68 -28.05
C VAL G 28 -30.32 -17.34 -27.09
N ARG G 29 -29.14 -17.93 -27.30
CA ARG G 29 -28.11 -17.95 -26.29
C ARG G 29 -27.53 -16.57 -25.98
N THR G 30 -27.92 -15.52 -26.71
CA THR G 30 -27.40 -14.19 -26.46
C THR G 30 -28.51 -13.16 -26.27
N HIS G 31 -29.63 -13.55 -25.70
CA HIS G 31 -30.75 -12.64 -25.51
C HIS G 31 -31.45 -12.95 -24.20
N TYR G 32 -32.43 -12.13 -23.87
CA TYR G 32 -33.23 -12.32 -22.67
C TYR G 32 -34.53 -13.00 -23.05
N MET G 33 -34.81 -14.13 -22.40
CA MET G 33 -35.90 -15.00 -22.79
C MET G 33 -36.82 -15.28 -21.61
N TYR G 34 -38.10 -15.45 -21.92
CA TYR G 34 -39.13 -15.62 -20.89
C TYR G 34 -40.06 -16.77 -21.25
N TRP G 35 -40.41 -17.53 -20.22
CA TRP G 35 -41.42 -18.56 -20.28
C TRP G 35 -42.61 -18.12 -19.45
N LEU G 36 -43.79 -18.07 -20.07
CA LEU G 36 -45.01 -17.69 -19.39
C LEU G 36 -46.10 -18.71 -19.69
N ARG G 37 -47.15 -18.69 -18.87
CA ARG G 37 -48.29 -19.57 -19.10
C ARG G 37 -49.57 -18.81 -18.81
N GLN G 38 -50.64 -19.28 -19.44
CA GLN G 38 -51.95 -18.65 -19.32
C GLN G 38 -52.97 -19.76 -19.23
N SER G 39 -53.64 -19.85 -18.08
CA SER G 39 -54.73 -20.78 -17.92
C SER G 39 -55.95 -20.28 -18.69
N PRO G 40 -56.76 -21.19 -19.22
CA PRO G 40 -57.87 -20.79 -20.10
C PRO G 40 -58.78 -19.75 -19.44
N GLY G 41 -59.12 -18.73 -20.22
CA GLY G 41 -59.98 -17.65 -19.73
C GLY G 41 -59.37 -16.79 -18.66
N LYS G 42 -58.12 -17.01 -18.29
CA LYS G 42 -57.46 -16.27 -17.23
C LYS G 42 -56.31 -15.46 -17.81
N GLY G 43 -55.54 -14.82 -16.92
CA GLY G 43 -54.47 -13.95 -17.34
C GLY G 43 -53.13 -14.64 -17.47
N LEU G 44 -52.17 -13.91 -18.02
CA LEU G 44 -50.82 -14.42 -18.16
C LEU G 44 -50.13 -14.51 -16.80
N GLU G 45 -49.12 -15.38 -16.72
CA GLU G 45 -48.32 -15.47 -15.52
C GLU G 45 -46.89 -15.89 -15.88
N TRP G 46 -45.94 -15.35 -15.14
CA TRP G 46 -44.54 -15.68 -15.34
C TRP G 46 -44.27 -17.12 -14.91
N VAL G 47 -43.34 -17.76 -15.61
CA VAL G 47 -42.88 -19.09 -15.28
C VAL G 47 -41.37 -19.13 -15.08
N ALA G 48 -40.61 -18.70 -16.09
CA ALA G 48 -39.17 -18.82 -16.00
C ALA G 48 -38.52 -17.70 -16.78
N PHE G 49 -37.29 -17.36 -16.41
CA PHE G 49 -36.54 -16.33 -17.12
C PHE G 49 -35.09 -16.75 -17.26
N MET G 50 -34.55 -16.62 -18.47
CA MET G 50 -33.13 -16.85 -18.69
C MET G 50 -32.51 -15.59 -19.28
N ASN G 51 -31.48 -15.08 -18.62
CA ASN G 51 -30.78 -13.90 -19.09
C ASN G 51 -29.84 -14.24 -20.25
N SER G 52 -29.24 -13.18 -20.80
CA SER G 52 -28.19 -13.38 -21.79
C SER G 52 -27.06 -14.24 -21.25
N GLY G 53 -26.78 -14.12 -19.95
CA GLY G 53 -25.72 -14.91 -19.35
C GLY G 53 -26.03 -16.38 -19.19
N GLY G 54 -27.30 -16.77 -19.32
CA GLY G 54 -27.68 -18.16 -19.24
C GLY G 54 -28.11 -18.64 -17.88
N SER G 55 -27.97 -17.82 -16.83
CA SER G 55 -28.54 -18.17 -15.55
C SER G 55 -30.06 -18.03 -15.61
N VAL G 56 -30.75 -18.88 -14.87
CA VAL G 56 -32.20 -18.97 -14.95
C VAL G 56 -32.79 -18.69 -13.59
N SER G 57 -33.90 -17.95 -13.57
CA SER G 57 -34.72 -17.76 -12.39
C SER G 57 -36.08 -18.42 -12.60
N TYR G 58 -36.56 -19.12 -11.58
CA TYR G 58 -37.88 -19.74 -11.61
C TYR G 58 -38.79 -19.07 -10.60
N VAL G 59 -40.07 -19.02 -10.95
CA VAL G 59 -41.09 -18.70 -9.95
C VAL G 59 -41.17 -19.84 -8.96
N ASP G 60 -41.56 -19.52 -7.73
CA ASP G 60 -41.53 -20.51 -6.65
C ASP G 60 -42.40 -21.71 -6.95
N SER G 61 -43.55 -21.49 -7.60
CA SER G 61 -44.55 -22.53 -7.75
C SER G 61 -44.10 -23.71 -8.60
N VAL G 62 -43.03 -23.54 -9.38
CA VAL G 62 -42.52 -24.63 -10.22
C VAL G 62 -41.07 -24.96 -9.93
N ARG G 63 -40.41 -24.24 -9.03
CA ARG G 63 -39.03 -24.55 -8.69
C ARG G 63 -38.91 -25.98 -8.19
N GLY G 64 -37.86 -26.66 -8.64
CA GLY G 64 -37.71 -28.08 -8.37
C GLY G 64 -38.50 -28.98 -9.29
N ARG G 65 -39.45 -28.44 -10.04
CA ARG G 65 -40.24 -29.22 -10.97
C ARG G 65 -40.01 -28.85 -12.43
N PHE G 66 -39.89 -27.57 -12.74
CA PHE G 66 -39.60 -27.15 -14.11
C PHE G 66 -38.11 -26.86 -14.27
N SER G 67 -37.61 -27.10 -15.48
CA SER G 67 -36.21 -26.85 -15.78
C SER G 67 -36.10 -26.38 -17.23
N VAL G 68 -35.35 -25.30 -17.45
CA VAL G 68 -35.12 -24.80 -18.80
C VAL G 68 -33.67 -25.07 -19.15
N SER G 69 -33.44 -25.47 -20.40
CA SER G 69 -32.10 -25.75 -20.88
C SER G 69 -31.91 -25.23 -22.30
N ARG G 70 -30.69 -24.83 -22.61
CA ARG G 70 -30.36 -24.36 -23.94
C ARG G 70 -30.06 -25.55 -24.85
N ASP G 71 -30.58 -25.48 -26.07
CA ASP G 71 -30.20 -26.41 -27.14
C ASP G 71 -29.55 -25.54 -28.21
N ASN G 72 -28.25 -25.31 -28.04
CA ASN G 72 -27.53 -24.48 -29.00
C ASN G 72 -27.48 -25.11 -30.38
N PRO G 73 -27.24 -26.42 -30.56
CA PRO G 73 -27.28 -26.97 -31.92
C PRO G 73 -28.60 -26.73 -32.63
N ALA G 74 -29.71 -26.67 -31.89
CA ALA G 74 -31.00 -26.38 -32.50
C ALA G 74 -31.37 -24.91 -32.39
N ASN G 75 -30.52 -24.08 -31.78
CA ASN G 75 -30.83 -22.68 -31.53
C ASN G 75 -32.21 -22.55 -30.88
N ALA G 76 -32.33 -23.14 -29.70
CA ALA G 76 -33.62 -23.20 -29.05
C ALA G 76 -33.44 -23.26 -27.54
N MET G 77 -34.57 -23.15 -26.85
CA MET G 77 -34.66 -23.52 -25.45
C MET G 77 -35.63 -24.68 -25.30
N VAL G 78 -35.50 -25.38 -24.19
CA VAL G 78 -36.37 -26.50 -23.87
C VAL G 78 -36.86 -26.30 -22.44
N LEU G 79 -38.18 -26.30 -22.27
CA LEU G 79 -38.80 -26.36 -20.96
C LEU G 79 -39.17 -27.81 -20.71
N GLN G 80 -38.46 -28.46 -19.80
CA GLN G 80 -38.80 -29.77 -19.30
C GLN G 80 -39.61 -29.61 -18.03
N MET G 81 -40.72 -30.35 -17.93
CA MET G 81 -41.64 -30.21 -16.81
C MET G 81 -41.92 -31.59 -16.23
N ASP G 82 -41.58 -31.77 -14.96
CA ASP G 82 -41.83 -33.00 -14.24
C ASP G 82 -42.64 -32.70 -12.98
N ALA G 83 -43.19 -33.76 -12.40
CA ALA G 83 -44.09 -33.65 -11.25
C ALA G 83 -45.24 -32.70 -11.56
N LEU G 84 -45.91 -32.98 -12.68
CA LEU G 84 -46.97 -32.11 -13.16
C LEU G 84 -48.17 -32.13 -12.22
N LYS G 85 -48.80 -30.96 -12.07
CA LYS G 85 -49.98 -30.80 -11.26
C LYS G 85 -51.13 -30.28 -12.12
N ILE G 86 -52.33 -30.34 -11.56
CA ILE G 86 -53.51 -29.86 -12.27
C ILE G 86 -53.37 -28.38 -12.62
N GLU G 87 -52.80 -27.60 -11.70
CA GLU G 87 -52.69 -26.16 -11.88
C GLU G 87 -51.83 -25.79 -13.07
N ASP G 88 -50.98 -26.72 -13.53
CA ASP G 88 -50.08 -26.43 -14.64
C ASP G 88 -50.78 -26.43 -15.99
N THR G 89 -52.07 -26.73 -16.03
CA THR G 89 -52.78 -26.82 -17.30
C THR G 89 -53.00 -25.43 -17.88
N GLY G 90 -52.65 -25.26 -19.15
CA GLY G 90 -52.81 -23.99 -19.83
C GLY G 90 -52.00 -23.93 -21.10
N THR G 91 -52.00 -22.74 -21.69
CA THR G 91 -51.21 -22.49 -22.89
C THR G 91 -49.91 -21.78 -22.51
N TYR G 92 -48.80 -22.31 -23.01
CA TYR G 92 -47.48 -21.83 -22.64
C TYR G 92 -46.88 -21.04 -23.79
N TYR G 93 -46.07 -20.04 -23.45
CA TYR G 93 -45.49 -19.12 -24.40
C TYR G 93 -44.02 -18.87 -24.10
N CYS G 94 -43.24 -18.86 -25.17
CA CYS G 94 -41.83 -18.50 -25.15
C CYS G 94 -41.65 -17.16 -25.85
N ALA G 95 -40.91 -16.26 -25.23
CA ALA G 95 -40.87 -14.88 -25.72
C ALA G 95 -39.49 -14.28 -25.55
N ARG G 96 -39.20 -13.28 -26.39
CA ARG G 96 -37.92 -12.59 -26.42
C ARG G 96 -38.12 -11.14 -25.98
N GLU G 97 -37.18 -10.62 -25.20
CA GLU G 97 -37.29 -9.28 -24.65
C GLU G 97 -36.08 -8.45 -25.10
N LEU G 98 -36.31 -7.19 -25.44
CA LEU G 98 -35.25 -6.27 -25.84
C LEU G 98 -35.05 -5.21 -24.76
N ARG G 99 -33.84 -5.12 -24.24
CA ARG G 99 -33.49 -4.16 -23.20
C ARG G 99 -32.15 -3.54 -23.54
N GLU G 100 -31.80 -2.48 -22.82
CA GLU G 100 -30.52 -1.81 -22.99
C GLU G 100 -29.88 -1.64 -21.62
N ALA G 101 -28.74 -2.31 -21.42
CA ALA G 101 -28.04 -2.33 -20.13
C ALA G 101 -26.58 -2.00 -20.43
N TRP G 102 -26.27 -0.72 -20.49
CA TRP G 102 -25.00 -0.28 -21.02
C TRP G 102 -23.91 -0.50 -19.99
N TYR G 103 -22.84 -1.20 -20.40
CA TYR G 103 -21.74 -1.53 -19.52
C TYR G 103 -22.24 -2.22 -18.24
N GLY G 104 -23.23 -3.09 -18.42
CA GLY G 104 -23.93 -3.65 -17.29
C GLY G 104 -25.12 -2.80 -16.90
N ASP G 105 -24.87 -1.54 -16.56
CA ASP G 105 -25.93 -0.68 -16.04
C ASP G 105 -26.98 -0.37 -17.11
N LEU G 106 -28.25 -0.39 -16.70
CA LEU G 106 -29.34 -0.26 -17.64
C LEU G 106 -29.85 1.17 -17.74
N ARG G 107 -30.38 1.52 -18.90
CA ARG G 107 -31.00 2.81 -19.11
C ARG G 107 -32.33 2.73 -19.85
N ASP G 108 -32.50 1.79 -20.77
CA ASP G 108 -33.66 1.80 -21.65
C ASP G 108 -34.27 0.40 -21.68
N TYR G 109 -35.57 0.36 -21.95
CA TYR G 109 -36.32 -0.89 -21.88
C TYR G 109 -37.47 -0.86 -22.87
N SER G 110 -37.53 -1.84 -23.76
CA SER G 110 -38.65 -1.93 -24.68
C SER G 110 -39.76 -2.80 -24.12
N GLY G 111 -39.46 -4.06 -23.82
CA GLY G 111 -40.44 -5.05 -23.44
C GLY G 111 -40.30 -6.32 -24.27
N LEU G 112 -41.39 -7.06 -24.31
CA LEU G 112 -41.41 -8.33 -25.04
C LEU G 112 -41.88 -8.06 -26.46
N ASP G 113 -40.98 -8.23 -27.42
CA ASP G 113 -41.29 -7.91 -28.81
C ASP G 113 -41.61 -9.13 -29.66
N VAL G 114 -41.05 -10.30 -29.36
CA VAL G 114 -41.29 -11.48 -30.17
C VAL G 114 -41.98 -12.52 -29.30
N TRP G 115 -43.07 -13.08 -29.81
CA TRP G 115 -43.92 -14.00 -29.07
C TRP G 115 -44.23 -15.21 -29.93
N GLY G 116 -43.95 -16.39 -29.37
CA GLY G 116 -44.39 -17.62 -30.00
C GLY G 116 -45.89 -17.80 -29.87
N ARG G 117 -46.42 -18.67 -30.72
CA ARG G 117 -47.87 -18.84 -30.79
C ARG G 117 -48.44 -19.65 -29.64
N GLY G 118 -47.59 -20.32 -28.86
CA GLY G 118 -48.07 -21.00 -27.67
C GLY G 118 -48.34 -22.47 -27.91
N THR G 119 -48.10 -23.29 -26.88
CA THR G 119 -48.35 -24.72 -26.95
C THR G 119 -49.33 -25.09 -25.86
N ILE G 120 -50.25 -26.00 -26.15
CA ILE G 120 -51.29 -26.38 -25.20
C ILE G 120 -50.80 -27.51 -24.31
N VAL G 121 -51.04 -27.39 -23.01
CA VAL G 121 -50.70 -28.42 -22.03
C VAL G 121 -51.94 -28.69 -21.20
N SER G 122 -52.29 -29.97 -21.07
CA SER G 122 -53.46 -30.40 -20.33
C SER G 122 -53.08 -31.53 -19.39
N ILE G 123 -53.13 -31.25 -18.08
CA ILE G 123 -52.89 -32.24 -17.04
C ILE G 123 -54.25 -32.69 -16.50
N SER G 124 -54.57 -33.96 -16.71
CA SER G 124 -55.89 -34.46 -16.37
C SER G 124 -55.80 -35.94 -16.00
N SER G 125 -56.82 -36.41 -15.28
CA SER G 125 -56.92 -37.82 -14.93
C SER G 125 -58.17 -38.45 -15.55
N ASP H 1 -16.81 -8.82 50.34
CA ASP H 1 -15.51 -8.18 50.26
C ASP H 1 -15.24 -7.35 51.50
N ARG H 2 -13.97 -7.30 51.90
CA ARG H 2 -13.55 -6.48 53.03
C ARG H 2 -12.13 -5.99 52.81
N LEU H 3 -11.81 -4.85 53.37
CA LEU H 3 -10.45 -4.35 53.42
C LEU H 3 -10.03 -4.16 54.87
N PHE H 4 -8.76 -4.41 55.16
CA PHE H 4 -8.23 -4.28 56.51
C PHE H 4 -6.85 -3.64 56.45
N GLN H 5 -6.57 -2.78 57.41
CA GLN H 5 -5.39 -1.95 57.34
C GLN H 5 -4.54 -2.15 58.58
N SER H 6 -3.26 -1.83 58.44
CA SER H 6 -2.32 -1.90 59.55
C SER H 6 -1.19 -0.91 59.28
N GLY H 7 -0.39 -0.68 60.31
CA GLY H 7 0.76 0.21 60.18
C GLY H 7 0.53 1.59 60.72
N GLY H 8 0.96 2.60 59.98
CA GLY H 8 0.81 3.98 60.43
C GLY H 8 1.65 4.25 61.66
N GLY H 9 1.17 5.18 62.49
CA GLY H 9 1.72 5.39 63.81
C GLY H 9 2.36 6.77 63.95
N VAL H 10 3.48 6.79 64.66
CA VAL H 10 4.12 8.02 65.13
C VAL H 10 5.42 8.22 64.36
N SER H 11 5.72 9.48 64.03
CA SER H 11 7.00 9.75 63.38
C SER H 11 7.37 11.22 63.51
N ARG H 12 8.67 11.48 63.59
CA ARG H 12 9.18 12.83 63.50
C ARG H 12 9.17 13.27 62.04
N PRO H 13 9.18 14.59 61.78
CA PRO H 13 9.31 15.06 60.41
C PRO H 13 10.57 14.51 59.76
N GLY H 14 10.45 14.08 58.50
CA GLY H 14 11.55 13.48 57.79
C GLY H 14 11.70 11.98 58.01
N GLY H 15 10.99 11.41 58.97
CA GLY H 15 11.02 9.98 59.19
C GLY H 15 10.36 9.23 58.05
N SER H 16 10.09 7.95 58.31
CA SER H 16 9.37 7.10 57.37
C SER H 16 8.36 6.24 58.10
N LEU H 17 7.24 5.96 57.42
CA LEU H 17 6.20 5.07 57.92
C LEU H 17 5.68 4.23 56.78
N ARG H 18 4.77 3.31 57.10
CA ARG H 18 4.27 2.35 56.14
C ARG H 18 2.94 1.82 56.60
N VAL H 19 1.99 1.73 55.67
CA VAL H 19 0.65 1.24 55.98
C VAL H 19 0.29 0.15 54.98
N ASN H 20 -0.22 -0.96 55.49
CA ASN H 20 -0.66 -2.09 54.68
C ASN H 20 -2.18 -2.09 54.57
N CYS H 21 -2.66 -2.50 53.40
CA CYS H 21 -4.09 -2.59 53.11
C CYS H 21 -4.34 -3.90 52.40
N GLY H 22 -4.89 -4.88 53.12
CA GLY H 22 -5.16 -6.18 52.54
C GLY H 22 -6.64 -6.42 52.31
N ALA H 23 -6.95 -7.28 51.35
CA ALA H 23 -8.32 -7.48 50.89
C ALA H 23 -8.77 -8.92 51.09
N SER H 24 -10.09 -9.08 51.19
CA SER H 24 -10.72 -10.38 51.27
C SER H 24 -11.96 -10.38 50.39
N GLY H 25 -12.20 -11.51 49.73
CA GLY H 25 -13.26 -11.63 48.76
C GLY H 25 -12.85 -11.26 47.35
N PHE H 26 -11.72 -10.57 47.19
CA PHE H 26 -11.24 -10.17 45.89
C PHE H 26 -9.79 -9.75 46.03
N THR H 27 -9.07 -9.80 44.92
CA THR H 27 -7.65 -9.46 44.91
C THR H 27 -7.46 -8.01 44.53
N VAL H 28 -6.52 -7.35 45.20
CA VAL H 28 -6.19 -5.96 44.86
C VAL H 28 -5.75 -5.85 43.41
N ARG H 29 -4.96 -6.82 42.95
CA ARG H 29 -4.21 -6.65 41.71
C ARG H 29 -5.09 -6.56 40.47
N THR H 30 -6.41 -6.75 40.59
CA THR H 30 -7.29 -6.67 39.43
C THR H 30 -8.44 -5.71 39.66
N HIS H 31 -8.24 -4.63 40.40
CA HIS H 31 -9.30 -3.68 40.67
C HIS H 31 -8.72 -2.27 40.72
N TYR H 32 -9.60 -1.31 40.89
CA TYR H 32 -9.21 0.08 40.99
C TYR H 32 -9.18 0.48 42.46
N MET H 33 -8.04 1.00 42.90
CA MET H 33 -7.79 1.23 44.32
C MET H 33 -7.35 2.66 44.56
N TYR H 34 -7.74 3.18 45.72
CA TYR H 34 -7.50 4.57 46.08
C TYR H 34 -6.96 4.69 47.49
N TRP H 35 -6.00 5.59 47.63
CA TRP H 35 -5.45 6.02 48.91
C TRP H 35 -5.87 7.46 49.16
N LEU H 36 -6.53 7.69 50.29
CA LEU H 36 -6.97 9.01 50.69
C LEU H 36 -6.56 9.28 52.12
N ARG H 37 -6.57 10.56 52.49
CA ARG H 37 -6.26 10.93 53.86
C ARG H 37 -7.19 12.06 54.29
N GLN H 38 -7.40 12.14 55.60
CA GLN H 38 -8.30 13.12 56.19
C GLN H 38 -7.63 13.65 57.44
N SER H 39 -7.30 14.94 57.43
CA SER H 39 -6.77 15.60 58.61
C SER H 39 -7.89 15.80 59.62
N PRO H 40 -7.58 15.75 60.91
CA PRO H 40 -8.63 15.79 61.94
C PRO H 40 -9.54 17.00 61.78
N GLY H 41 -10.84 16.75 61.91
CA GLY H 41 -11.84 17.79 61.77
C GLY H 41 -11.96 18.40 60.40
N LYS H 42 -11.22 17.89 59.42
CA LYS H 42 -11.23 18.44 58.07
C LYS H 42 -11.80 17.41 57.10
N GLY H 43 -11.75 17.73 55.81
CA GLY H 43 -12.35 16.88 54.80
C GLY H 43 -11.36 15.87 54.22
N LEU H 44 -11.92 14.97 53.41
CA LEU H 44 -11.11 13.96 52.75
C LEU H 44 -10.27 14.59 51.65
N GLU H 45 -9.18 13.92 51.29
CA GLU H 45 -8.37 14.36 50.17
C GLU H 45 -7.71 13.15 49.52
N TRP H 46 -7.57 13.23 48.20
CA TRP H 46 -6.92 12.19 47.42
C TRP H 46 -5.43 12.15 47.73
N VAL H 47 -4.87 10.95 47.70
CA VAL H 47 -3.44 10.74 47.85
C VAL H 47 -2.86 9.98 46.67
N ALA H 48 -3.40 8.80 46.39
CA ALA H 48 -2.81 7.97 45.34
C ALA H 48 -3.88 7.12 44.70
N PHE H 49 -3.63 6.73 43.45
CA PHE H 49 -4.57 5.86 42.74
C PHE H 49 -3.81 4.81 41.95
N MET H 50 -4.24 3.55 42.06
CA MET H 50 -3.69 2.49 41.24
C MET H 50 -4.81 1.84 40.45
N ASN H 51 -4.66 1.80 39.13
CA ASN H 51 -5.64 1.18 38.27
C ASN H 51 -5.52 -0.34 38.30
N SER H 52 -6.46 -0.99 37.61
CA SER H 52 -6.36 -2.42 37.41
C SER H 52 -5.05 -2.80 36.74
N GLY H 53 -4.54 -1.94 35.86
CA GLY H 53 -3.29 -2.23 35.19
C GLY H 53 -2.06 -2.13 36.06
N GLY H 54 -2.17 -1.52 37.23
CA GLY H 54 -1.07 -1.43 38.16
C GLY H 54 -0.23 -0.16 38.06
N SER H 55 -0.48 0.67 37.06
CA SER H 55 0.16 1.99 37.03
C SER H 55 -0.47 2.86 38.11
N VAL H 56 0.34 3.75 38.67
CA VAL H 56 -0.07 4.54 39.83
C VAL H 56 0.06 6.02 39.47
N SER H 57 -0.92 6.81 39.91
CA SER H 57 -0.86 8.26 39.86
C SER H 57 -0.82 8.81 41.27
N TYR H 58 0.05 9.80 41.48
CA TYR H 58 0.16 10.49 42.76
C TYR H 58 -0.30 11.92 42.63
N VAL H 59 -0.89 12.44 43.70
CA VAL H 59 -1.09 13.88 43.82
C VAL H 59 0.27 14.54 43.96
N ASP H 60 0.37 15.79 43.51
CA ASP H 60 1.66 16.47 43.45
C ASP H 60 2.30 16.59 44.82
N SER H 61 1.49 16.81 45.86
CA SER H 61 2.02 17.14 47.18
C SER H 61 2.83 16.03 47.82
N VAL H 62 2.71 14.80 47.33
CA VAL H 62 3.46 13.68 47.89
C VAL H 62 4.33 12.98 46.85
N ARG H 63 4.27 13.39 45.59
CA ARG H 63 5.10 12.77 44.57
C ARG H 63 6.56 12.89 44.95
N GLY H 64 7.31 11.80 44.73
CA GLY H 64 8.68 11.73 45.18
C GLY H 64 8.84 11.35 46.63
N ARG H 65 7.78 11.41 47.42
CA ARG H 65 7.83 11.05 48.83
C ARG H 65 7.01 9.82 49.17
N PHE H 66 5.81 9.69 48.61
CA PHE H 66 4.98 8.50 48.83
C PHE H 66 5.14 7.52 47.68
N SER H 67 5.02 6.24 48.00
CA SER H 67 5.11 5.19 47.00
C SER H 67 4.18 4.05 47.38
N VAL H 68 3.40 3.58 46.41
CA VAL H 68 2.49 2.46 46.63
C VAL H 68 3.04 1.26 45.88
N SER H 69 2.94 0.09 46.50
CA SER H 69 3.43 -1.14 45.87
C SER H 69 2.47 -2.28 46.16
N ARG H 70 2.38 -3.20 45.21
CA ARG H 70 1.55 -4.38 45.38
C ARG H 70 2.29 -5.45 46.17
N ASP H 71 1.59 -6.08 47.11
CA ASP H 71 2.07 -7.28 47.79
C ASP H 71 1.10 -8.39 47.39
N ASN H 72 1.37 -9.00 46.24
CA ASN H 72 0.51 -10.07 45.77
C ASN H 72 0.50 -11.28 46.70
N PRO H 73 1.63 -11.75 47.24
CA PRO H 73 1.56 -12.86 48.20
C PRO H 73 0.65 -12.59 49.38
N ALA H 74 0.54 -11.35 49.81
CA ALA H 74 -0.35 -10.99 50.90
C ALA H 74 -1.69 -10.47 50.41
N ASN H 75 -1.88 -10.38 49.09
CA ASN H 75 -3.09 -9.79 48.51
C ASN H 75 -3.39 -8.44 49.13
N ALA H 76 -2.44 -7.52 48.96
CA ALA H 76 -2.52 -6.24 49.62
C ALA H 76 -1.81 -5.17 48.81
N MET H 77 -1.98 -3.94 49.25
CA MET H 77 -1.13 -2.84 48.82
C MET H 77 -0.38 -2.31 50.03
N VAL H 78 0.71 -1.62 49.75
CA VAL H 78 1.53 -1.00 50.78
C VAL H 78 1.78 0.44 50.38
N LEU H 79 1.43 1.38 51.26
CA LEU H 79 1.81 2.77 51.12
C LEU H 79 3.04 2.98 51.98
N GLN H 80 4.19 3.17 51.34
CA GLN H 80 5.41 3.57 52.00
C GLN H 80 5.53 5.08 51.91
N MET H 81 5.85 5.72 53.03
CA MET H 81 5.90 7.17 53.11
C MET H 81 7.23 7.60 53.71
N ASP H 82 7.99 8.36 52.94
CA ASP H 82 9.27 8.91 53.39
C ASP H 82 9.27 10.42 53.24
N ALA H 83 10.24 11.06 53.88
CA ALA H 83 10.32 12.51 53.94
C ALA H 83 9.02 13.11 54.47
N LEU H 84 8.60 12.60 55.63
CA LEU H 84 7.32 12.99 56.20
C LEU H 84 7.34 14.44 56.65
N LYS H 85 6.20 15.11 56.46
CA LYS H 85 6.01 16.49 56.85
C LYS H 85 4.86 16.58 57.85
N ILE H 86 4.75 17.74 58.50
CA ILE H 86 3.69 17.96 59.47
C ILE H 86 2.32 17.82 58.80
N GLU H 87 2.20 18.31 57.57
CA GLU H 87 0.92 18.31 56.88
C GLU H 87 0.40 16.90 56.62
N ASP H 88 1.27 15.91 56.68
CA ASP H 88 0.87 14.53 56.40
C ASP H 88 0.11 13.89 57.56
N THR H 89 -0.05 14.60 58.67
CA THR H 89 -0.71 14.03 59.83
C THR H 89 -2.21 13.90 59.59
N GLY H 90 -2.76 12.72 59.86
CA GLY H 90 -4.17 12.49 59.67
C GLY H 90 -4.49 10.99 59.65
N THR H 91 -5.75 10.71 59.35
CA THR H 91 -6.20 9.32 59.23
C THR H 91 -6.24 8.95 57.75
N TYR H 92 -5.64 7.80 57.43
CA TYR H 92 -5.49 7.35 56.06
C TYR H 92 -6.45 6.21 55.78
N TYR H 93 -6.91 6.13 54.53
CA TYR H 93 -7.91 5.17 54.11
C TYR H 93 -7.53 4.55 52.77
N CYS H 94 -7.72 3.24 52.70
CA CYS H 94 -7.58 2.46 51.49
C CYS H 94 -8.97 1.99 51.04
N ALA H 95 -9.26 2.16 49.75
CA ALA H 95 -10.63 1.95 49.30
C ALA H 95 -10.65 1.33 47.90
N ARG H 96 -11.75 0.64 47.60
CA ARG H 96 -11.95 -0.04 46.34
C ARG H 96 -13.08 0.61 45.57
N GLU H 97 -12.92 0.75 44.25
CA GLU H 97 -13.89 1.42 43.41
C GLU H 97 -14.40 0.47 42.35
N LEU H 98 -15.70 0.53 42.06
CA LEU H 98 -16.32 -0.30 41.02
C LEU H 98 -16.74 0.58 39.85
N ARG H 99 -16.23 0.26 38.66
CA ARG H 99 -16.53 1.01 37.45
C ARG H 99 -16.77 0.02 36.32
N GLU H 100 -17.29 0.53 35.21
CA GLU H 100 -17.53 -0.27 34.02
C GLU H 100 -16.92 0.43 32.82
N ALA H 101 -15.91 -0.21 32.22
CA ALA H 101 -15.17 0.38 31.11
C ALA H 101 -15.10 -0.69 30.02
N TRP H 102 -16.14 -0.73 29.19
CA TRP H 102 -16.33 -1.86 28.30
C TRP H 102 -15.38 -1.75 27.12
N TYR H 103 -14.60 -2.80 26.88
CA TYR H 103 -13.61 -2.83 25.82
C TYR H 103 -12.67 -1.64 25.91
N GLY H 104 -12.31 -1.29 27.15
CA GLY H 104 -11.59 -0.06 27.39
C GLY H 104 -12.53 1.08 27.66
N ASP H 105 -13.41 1.38 26.72
CA ASP H 105 -14.27 2.56 26.81
C ASP H 105 -15.29 2.40 27.93
N LEU H 106 -15.51 3.48 28.68
CA LEU H 106 -16.34 3.42 29.87
C LEU H 106 -17.77 3.86 29.58
N ARG H 107 -18.71 3.31 30.36
CA ARG H 107 -20.10 3.71 30.28
C ARG H 107 -20.74 3.93 31.64
N ASP H 108 -20.35 3.18 32.66
CA ASP H 108 -21.08 3.19 33.92
C ASP H 108 -20.08 3.34 35.07
N TYR H 109 -20.56 3.90 36.17
CA TYR H 109 -19.70 4.23 37.29
C TYR H 109 -20.48 4.16 38.59
N SER H 110 -20.01 3.36 39.54
CA SER H 110 -20.65 3.29 40.84
C SER H 110 -20.03 4.28 41.82
N GLY H 111 -18.73 4.15 42.06
CA GLY H 111 -18.03 4.90 43.08
C GLY H 111 -17.24 3.98 43.99
N LEU H 112 -16.96 4.49 45.18
CA LEU H 112 -16.16 3.76 46.16
C LEU H 112 -17.11 2.97 47.04
N ASP H 113 -17.07 1.64 46.91
CA ASP H 113 -17.99 0.79 47.64
C ASP H 113 -17.39 0.15 48.89
N VAL H 114 -16.09 -0.13 48.91
CA VAL H 114 -15.46 -0.79 50.05
C VAL H 114 -14.44 0.16 50.63
N TRP H 115 -14.50 0.34 51.95
CA TRP H 115 -13.69 1.29 52.68
C TRP H 115 -13.08 0.65 53.90
N GLY H 116 -11.76 0.74 54.01
CA GLY H 116 -11.09 0.34 55.23
C GLY H 116 -11.36 1.32 56.36
N ARG H 117 -11.11 0.85 57.58
CA ARG H 117 -11.45 1.65 58.75
C ARG H 117 -10.46 2.77 59.02
N GLY H 118 -9.32 2.78 58.35
CA GLY H 118 -8.40 3.90 58.46
C GLY H 118 -7.32 3.65 59.50
N THR H 119 -6.13 4.20 59.24
CA THR H 119 -5.01 4.09 60.15
C THR H 119 -4.55 5.50 60.53
N ILE H 120 -4.17 5.68 61.78
CA ILE H 120 -3.80 7.00 62.28
C ILE H 120 -2.31 7.23 62.05
N VAL H 121 -1.97 8.42 61.55
CA VAL H 121 -0.59 8.83 61.33
C VAL H 121 -0.40 10.20 61.98
N SER H 122 0.64 10.32 62.81
CA SER H 122 0.93 11.55 63.52
C SER H 122 2.41 11.89 63.35
N ILE H 123 2.67 12.98 62.63
CA ILE H 123 4.01 13.51 62.44
C ILE H 123 4.19 14.68 63.39
N SER H 124 5.10 14.54 64.36
CA SER H 124 5.26 15.53 65.40
C SER H 124 6.70 15.56 65.88
N SER H 125 7.08 16.66 66.51
CA SER H 125 8.39 16.80 67.11
C SER H 125 8.30 16.97 68.62
N ASP I 1 22.11 48.40 -6.58
CA ASP I 1 21.92 47.66 -7.81
C ASP I 1 21.79 48.61 -8.99
N ARG I 2 22.31 48.20 -10.15
CA ARG I 2 22.19 48.95 -11.38
C ARG I 2 22.13 48.01 -12.56
N LEU I 3 21.47 48.44 -13.62
CA LEU I 3 21.49 47.73 -14.89
C LEU I 3 22.03 48.67 -15.96
N PHE I 4 22.76 48.10 -16.92
CA PHE I 4 23.36 48.89 -18.00
C PHE I 4 23.22 48.12 -19.30
N GLN I 5 22.95 48.84 -20.38
CA GLN I 5 22.58 48.21 -21.63
C GLN I 5 23.52 48.66 -22.74
N SER I 6 23.59 47.82 -23.77
CA SER I 6 24.39 48.14 -24.95
C SER I 6 23.78 47.41 -26.14
N GLY I 7 24.24 47.78 -27.33
CA GLY I 7 23.80 47.13 -28.54
C GLY I 7 22.75 47.91 -29.29
N GLY I 8 21.71 47.21 -29.76
CA GLY I 8 20.66 47.85 -30.53
C GLY I 8 21.18 48.38 -31.86
N GLY I 9 20.56 49.46 -32.34
CA GLY I 9 21.09 50.21 -33.46
C GLY I 9 20.16 50.15 -34.66
N VAL I 10 20.78 50.05 -35.84
CA VAL I 10 20.11 50.22 -37.12
C VAL I 10 20.03 48.88 -37.83
N SER I 11 18.92 48.62 -38.50
CA SER I 11 18.82 47.39 -39.29
C SER I 11 17.72 47.50 -40.33
N ARG I 12 17.96 46.84 -41.47
CA ARG I 12 16.91 46.65 -42.46
C ARG I 12 15.95 45.57 -41.98
N PRO I 13 14.71 45.57 -42.51
CA PRO I 13 13.80 44.46 -42.21
C PRO I 13 14.41 43.12 -42.57
N GLY I 14 14.24 42.14 -41.69
CA GLY I 14 14.82 40.84 -41.87
C GLY I 14 16.24 40.69 -41.37
N GLY I 15 16.90 41.78 -41.01
CA GLY I 15 18.23 41.73 -40.43
C GLY I 15 18.21 41.12 -39.05
N SER I 16 19.33 41.28 -38.35
CA SER I 16 19.46 40.83 -36.98
C SER I 16 20.17 41.88 -36.14
N LEU I 17 19.79 41.96 -34.86
CA LEU I 17 20.43 42.84 -33.89
C LEU I 17 20.54 42.12 -32.56
N ARG I 18 21.16 42.79 -31.60
CA ARG I 18 21.44 42.17 -30.32
C ARG I 18 21.67 43.25 -29.28
N VAL I 19 21.08 43.06 -28.11
CA VAL I 19 21.21 44.02 -27.03
C VAL I 19 21.62 43.29 -25.77
N ASN I 20 22.62 43.83 -25.07
CA ASN I 20 23.13 43.28 -23.83
C ASN I 20 22.62 44.09 -22.64
N CYS I 21 22.35 43.38 -21.55
CA CYS I 21 21.86 43.99 -20.32
C CYS I 21 22.63 43.38 -19.15
N GLY I 22 23.58 44.13 -18.61
CA GLY I 22 24.39 43.64 -17.51
C GLY I 22 24.03 44.30 -16.19
N ALA I 23 24.28 43.59 -15.10
CA ALA I 23 23.84 44.01 -13.78
C ALA I 23 25.02 44.23 -12.84
N SER I 24 24.78 45.05 -11.83
CA SER I 24 25.74 45.30 -10.76
C SER I 24 24.99 45.34 -9.43
N GLY I 25 25.63 44.80 -8.41
CA GLY I 25 25.01 44.63 -7.11
C GLY I 25 24.25 43.34 -6.95
N PHE I 26 23.97 42.64 -8.04
CA PHE I 26 23.24 41.38 -7.99
C PHE I 26 23.40 40.69 -9.34
N THR I 27 23.22 39.38 -9.34
CA THR I 27 23.38 38.59 -10.54
C THR I 27 22.03 38.39 -11.21
N VAL I 28 22.03 38.46 -12.54
CA VAL I 28 20.81 38.20 -13.30
C VAL I 28 20.28 36.81 -13.01
N ARG I 29 21.18 35.84 -12.91
CA ARG I 29 20.77 34.44 -12.97
C ARG I 29 19.92 33.99 -11.79
N THR I 30 19.71 34.83 -10.79
CA THR I 30 18.91 34.45 -9.64
C THR I 30 17.80 35.46 -9.34
N HIS I 31 17.24 36.09 -10.36
CA HIS I 31 16.20 37.07 -10.17
C HIS I 31 15.19 36.98 -11.30
N TYR I 32 14.14 37.78 -11.18
CA TYR I 32 13.10 37.83 -12.20
C TYR I 32 13.36 39.04 -13.09
N MET I 33 13.45 38.79 -14.40
CA MET I 33 13.90 39.79 -15.35
C MET I 33 12.89 39.94 -16.49
N TYR I 34 12.79 41.18 -16.99
CA TYR I 34 11.81 41.52 -18.00
C TYR I 34 12.45 42.33 -19.13
N TRP I 35 12.02 42.01 -20.34
CA TRP I 35 12.33 42.76 -21.54
C TRP I 35 11.07 43.43 -22.05
N LEU I 36 11.13 44.75 -22.20
CA LEU I 36 9.99 45.52 -22.70
C LEU I 36 10.46 46.45 -23.80
N ARG I 37 9.50 46.93 -24.59
CA ARG I 37 9.82 47.90 -25.63
C ARG I 37 8.73 48.95 -25.68
N GLN I 38 9.12 50.13 -26.18
CA GLN I 38 8.23 51.28 -26.26
C GLN I 38 8.48 51.95 -27.59
N SER I 39 7.46 51.93 -28.46
CA SER I 39 7.55 52.66 -29.71
C SER I 39 7.42 54.15 -29.44
N PRO I 40 8.08 54.98 -30.26
CA PRO I 40 8.13 56.42 -29.97
C PRO I 40 6.73 57.02 -29.81
N GLY I 41 6.58 57.84 -28.78
CA GLY I 41 5.32 58.49 -28.49
C GLY I 41 4.21 57.56 -28.07
N LYS I 42 4.48 56.28 -27.90
CA LYS I 42 3.47 55.29 -27.55
C LYS I 42 3.80 54.70 -26.17
N GLY I 43 3.02 53.71 -25.77
CA GLY I 43 3.16 53.13 -24.45
C GLY I 43 4.11 51.94 -24.40
N LEU I 44 4.39 51.50 -23.19
CA LEU I 44 5.25 50.34 -22.99
C LEU I 44 4.54 49.07 -23.41
N GLU I 45 5.31 48.03 -23.73
CA GLU I 45 4.74 46.73 -24.03
C GLU I 45 5.73 45.64 -23.62
N TRP I 46 5.17 44.53 -23.15
CA TRP I 46 5.97 43.38 -22.77
C TRP I 46 6.59 42.73 -23.99
N VAL I 47 7.79 42.19 -23.81
CA VAL I 47 8.49 41.43 -24.84
C VAL I 47 8.85 40.04 -24.35
N ALA I 48 9.59 39.96 -23.25
CA ALA I 48 10.07 38.66 -22.81
C ALA I 48 10.21 38.66 -21.29
N PHE I 49 10.12 37.47 -20.71
CA PHE I 49 10.30 37.33 -19.27
C PHE I 49 11.13 36.10 -18.95
N MET I 50 12.10 36.25 -18.08
CA MET I 50 12.87 35.12 -17.58
C MET I 50 12.76 35.06 -16.07
N ASN I 51 12.33 33.92 -15.56
CA ASN I 51 12.20 33.73 -14.13
C ASN I 51 13.56 33.45 -13.49
N SER I 52 13.54 33.37 -12.16
CA SER I 52 14.74 32.94 -11.43
C SER I 52 15.20 31.58 -11.92
N GLY I 53 14.28 30.70 -12.31
CA GLY I 53 14.65 29.39 -12.79
C GLY I 53 15.30 29.36 -14.14
N GLY I 54 15.21 30.45 -14.90
CA GLY I 54 15.84 30.54 -16.20
C GLY I 54 14.98 30.15 -17.38
N SER I 55 13.78 29.64 -17.15
CA SER I 55 12.84 29.44 -18.24
C SER I 55 12.31 30.79 -18.71
N VAL I 56 12.04 30.90 -20.00
CA VAL I 56 11.68 32.16 -20.61
C VAL I 56 10.31 32.03 -21.26
N SER I 57 9.50 33.07 -21.12
CA SER I 57 8.25 33.21 -21.84
C SER I 57 8.35 34.39 -22.81
N TYR I 58 7.85 34.19 -24.02
CA TYR I 58 7.81 35.24 -25.02
C TYR I 58 6.37 35.62 -25.33
N VAL I 59 6.17 36.90 -25.63
CA VAL I 59 4.92 37.32 -26.24
C VAL I 59 4.83 36.72 -27.65
N ASP I 60 3.60 36.49 -28.11
CA ASP I 60 3.40 35.79 -29.37
C ASP I 60 4.06 36.52 -30.54
N SER I 61 4.03 37.85 -30.52
CA SER I 61 4.42 38.63 -31.69
C SER I 61 5.90 38.50 -32.04
N VAL I 62 6.72 37.98 -31.13
CA VAL I 62 8.15 37.82 -31.40
C VAL I 62 8.61 36.38 -31.22
N ARG I 63 7.73 35.47 -30.79
CA ARG I 63 8.11 34.09 -30.64
C ARG I 63 8.64 33.53 -31.96
N GLY I 64 9.71 32.76 -31.87
CA GLY I 64 10.40 32.28 -33.06
C GLY I 64 11.35 33.28 -33.67
N ARG I 65 11.27 34.55 -33.27
CA ARG I 65 12.16 35.58 -33.79
C ARG I 65 13.09 36.16 -32.75
N PHE I 66 12.62 36.39 -31.53
CA PHE I 66 13.46 36.89 -30.45
C PHE I 66 13.90 35.73 -29.56
N SER I 67 15.09 35.87 -28.99
CA SER I 67 15.63 34.87 -28.09
C SER I 67 16.46 35.55 -27.02
N VAL I 68 16.23 35.17 -25.76
CA VAL I 68 17.00 35.72 -24.65
C VAL I 68 17.90 34.62 -24.12
N SER I 69 19.13 34.99 -23.76
CA SER I 69 20.09 34.03 -23.24
C SER I 69 20.88 34.66 -22.11
N ARG I 70 21.27 33.82 -21.16
CA ARG I 70 22.10 34.26 -20.04
C ARG I 70 23.56 34.30 -20.44
N ASP I 71 24.27 35.35 -20.04
CA ASP I 71 25.72 35.42 -20.14
C ASP I 71 26.20 35.52 -18.70
N ASN I 72 26.36 34.36 -18.07
CA ASN I 72 26.82 34.34 -16.68
C ASN I 72 28.23 34.90 -16.53
N PRO I 73 29.21 34.59 -17.39
CA PRO I 73 30.52 35.22 -17.23
C PRO I 73 30.47 36.73 -17.23
N ALA I 74 29.54 37.33 -17.97
CA ALA I 74 29.39 38.77 -17.98
C ALA I 74 28.31 39.26 -17.01
N ASN I 75 27.65 38.34 -16.30
CA ASN I 75 26.54 38.69 -15.42
C ASN I 75 25.53 39.55 -16.16
N ALA I 76 24.97 38.99 -17.22
CA ALA I 76 24.10 39.76 -18.08
C ALA I 76 23.08 38.85 -18.76
N MET I 77 22.15 39.49 -19.44
CA MET I 77 21.29 38.82 -20.40
C MET I 77 21.56 39.41 -21.78
N VAL I 78 21.20 38.64 -22.79
CA VAL I 78 21.33 39.06 -24.17
C VAL I 78 20.00 38.80 -24.88
N LEU I 79 19.44 39.85 -25.47
CA LEU I 79 18.31 39.71 -26.37
C LEU I 79 18.86 39.71 -27.79
N GLN I 80 18.80 38.55 -28.43
CA GLN I 80 19.11 38.40 -29.84
C GLN I 80 17.80 38.49 -30.61
N MET I 81 17.80 39.28 -31.69
CA MET I 81 16.60 39.54 -32.46
C MET I 81 16.90 39.28 -33.94
N ASP I 82 16.18 38.34 -34.52
CA ASP I 82 16.28 38.01 -35.93
C ASP I 82 14.92 38.12 -36.59
N ALA I 83 14.93 38.15 -37.92
CA ALA I 83 13.73 38.36 -38.72
C ALA I 83 13.02 39.65 -38.29
N LEU I 84 13.78 40.73 -38.27
CA LEU I 84 13.27 42.00 -37.78
C LEU I 84 12.20 42.57 -38.70
N LYS I 85 11.20 43.19 -38.10
CA LYS I 85 10.11 43.83 -38.81
C LYS I 85 10.06 45.30 -38.47
N ILE I 86 9.29 46.06 -39.24
CA ILE I 86 9.14 47.49 -39.01
C ILE I 86 8.57 47.74 -37.63
N GLU I 87 7.62 46.92 -37.20
CA GLU I 87 6.94 47.13 -35.93
C GLU I 87 7.89 47.03 -34.74
N ASP I 88 9.05 46.40 -34.93
CA ASP I 88 9.99 46.21 -33.84
C ASP I 88 10.76 47.48 -33.50
N THR I 89 10.55 48.57 -34.23
CA THR I 89 11.30 49.80 -34.00
C THR I 89 10.84 50.48 -32.72
N GLY I 90 11.79 50.84 -31.88
CA GLY I 90 11.47 51.48 -30.61
C GLY I 90 12.64 51.43 -29.65
N THR I 91 12.38 51.90 -28.44
CA THR I 91 13.37 51.86 -27.37
C THR I 91 13.10 50.66 -26.48
N TYR I 92 14.14 49.88 -26.22
CA TYR I 92 14.03 48.63 -25.48
C TYR I 92 14.60 48.82 -24.08
N TYR I 93 14.02 48.09 -23.12
CA TYR I 93 14.37 48.20 -21.72
C TYR I 93 14.48 46.83 -21.08
N CYS I 94 15.52 46.69 -20.27
CA CYS I 94 15.76 45.54 -19.42
C CYS I 94 15.54 45.93 -17.97
N ALA I 95 14.78 45.10 -17.24
CA ALA I 95 14.36 45.53 -15.90
C ALA I 95 14.32 44.34 -14.95
N ARG I 96 14.46 44.66 -13.67
CA ARG I 96 14.48 43.67 -12.58
C ARG I 96 13.25 43.83 -11.71
N GLU I 97 12.66 42.71 -11.30
CA GLU I 97 11.44 42.72 -10.51
C GLU I 97 11.67 42.03 -9.18
N LEU I 98 11.10 42.59 -8.11
CA LEU I 98 11.19 42.02 -6.78
C LEU I 98 9.85 41.47 -6.34
N ARG I 99 9.80 40.17 -6.02
CA ARG I 99 8.59 39.51 -5.59
C ARG I 99 8.91 38.61 -4.41
N GLU I 100 7.87 38.11 -3.77
CA GLU I 100 8.01 37.20 -2.64
C GLU I 100 7.11 35.99 -2.88
N ALA I 101 7.75 34.81 -3.04
CA ALA I 101 7.03 33.59 -3.36
C ALA I 101 7.53 32.52 -2.39
N TRP I 102 6.91 32.48 -1.21
CA TRP I 102 7.47 31.72 -0.11
C TRP I 102 7.20 30.24 -0.33
N TYR I 103 8.27 29.43 -0.27
CA TYR I 103 8.18 27.99 -0.50
C TYR I 103 7.48 27.70 -1.83
N GLY I 104 7.79 28.51 -2.83
CA GLY I 104 7.05 28.46 -4.07
C GLY I 104 5.88 29.41 -4.06
N ASP I 105 4.97 29.21 -3.11
CA ASP I 105 3.73 29.98 -3.10
C ASP I 105 3.99 31.44 -2.79
N LEU I 106 3.29 32.33 -3.48
CA LEU I 106 3.54 33.76 -3.39
C LEU I 106 2.60 34.43 -2.41
N ARG I 107 3.09 35.52 -1.81
CA ARG I 107 2.27 36.35 -0.94
C ARG I 107 2.42 37.84 -1.20
N ASP I 108 3.61 38.31 -1.59
CA ASP I 108 3.87 39.74 -1.65
C ASP I 108 4.51 40.08 -2.98
N TYR I 109 4.31 41.32 -3.42
CA TYR I 109 4.75 41.74 -4.74
C TYR I 109 5.08 43.22 -4.73
N SER I 110 6.29 43.57 -5.12
CA SER I 110 6.67 44.97 -5.21
C SER I 110 6.40 45.53 -6.60
N GLY I 111 7.03 44.93 -7.62
CA GLY I 111 7.01 45.43 -8.98
C GLY I 111 8.41 45.54 -9.54
N LEU I 112 8.54 46.40 -10.56
CA LEU I 112 9.80 46.59 -11.24
C LEU I 112 10.54 47.74 -10.56
N ASP I 113 11.64 47.41 -9.89
CA ASP I 113 12.38 48.41 -9.12
C ASP I 113 13.61 48.94 -9.84
N VAL I 114 14.27 48.14 -10.67
CA VAL I 114 15.49 48.57 -11.34
C VAL I 114 15.23 48.58 -12.84
N TRP I 115 15.59 49.69 -13.48
CA TRP I 115 15.31 49.92 -14.88
C TRP I 115 16.55 50.43 -15.59
N GLY I 116 16.93 49.75 -16.66
CA GLY I 116 17.97 50.26 -17.54
C GLY I 116 17.50 51.45 -18.33
N ARG I 117 18.46 52.21 -18.85
CA ARG I 117 18.14 53.45 -19.53
C ARG I 117 17.58 53.24 -20.94
N GLY I 118 17.67 52.04 -21.48
CA GLY I 118 17.04 51.75 -22.76
C GLY I 118 18.01 51.90 -23.91
N THR I 119 17.81 51.06 -24.94
CA THR I 119 18.62 51.10 -26.15
C THR I 119 17.70 51.35 -27.33
N ILE I 120 18.17 52.15 -28.30
CA ILE I 120 17.34 52.51 -29.44
C ILE I 120 17.52 51.48 -30.55
N VAL I 121 16.41 51.07 -31.15
CA VAL I 121 16.41 50.14 -32.27
C VAL I 121 15.55 50.74 -33.38
N SER I 122 16.10 50.80 -34.59
CA SER I 122 15.42 51.37 -35.73
C SER I 122 15.52 50.41 -36.91
N ILE I 123 14.38 49.84 -37.31
CA ILE I 123 14.26 48.98 -38.47
C ILE I 123 13.70 49.81 -39.61
N SER I 124 14.49 50.01 -40.66
CA SER I 124 14.11 50.89 -41.75
C SER I 124 14.73 50.42 -43.05
N SER I 125 14.15 50.86 -44.16
CA SER I 125 14.69 50.57 -45.48
C SER I 125 15.11 51.85 -46.18
N SER J 2 -47.08 -6.95 -5.16
CA SER J 2 -48.34 -7.46 -5.69
C SER J 2 -48.62 -6.92 -7.09
N ALA J 3 -49.87 -7.05 -7.52
CA ALA J 3 -50.25 -6.69 -8.87
C ALA J 3 -50.81 -5.28 -8.93
N LEU J 4 -50.66 -4.65 -10.09
CA LEU J 4 -51.25 -3.35 -10.32
C LEU J 4 -52.76 -3.47 -10.46
N ALA J 5 -53.45 -2.35 -10.31
CA ALA J 5 -54.90 -2.33 -10.27
C ALA J 5 -55.45 -1.86 -11.61
N GLN J 6 -56.14 -2.75 -12.30
CA GLN J 6 -56.95 -2.38 -13.45
C GLN J 6 -58.41 -2.70 -13.15
N PRO J 7 -59.33 -1.80 -13.49
CA PRO J 7 -60.74 -2.17 -13.49
C PRO J 7 -60.99 -3.32 -14.46
N PRO J 8 -61.81 -4.29 -14.08
CA PRO J 8 -61.93 -5.50 -14.89
C PRO J 8 -62.42 -5.26 -16.31
N SER J 9 -63.30 -4.28 -16.52
CA SER J 9 -63.90 -4.10 -17.84
C SER J 9 -64.32 -2.66 -18.01
N VAL J 10 -64.23 -2.18 -19.25
CA VAL J 10 -64.69 -0.86 -19.63
C VAL J 10 -65.48 -0.98 -20.92
N SER J 11 -66.35 0.00 -21.15
CA SER J 11 -67.22 -0.01 -22.31
C SER J 11 -67.46 1.42 -22.79
N GLY J 12 -67.60 1.56 -24.11
CA GLY J 12 -67.82 2.86 -24.70
C GLY J 12 -68.39 2.75 -26.10
N SER J 13 -68.93 3.85 -26.58
CA SER J 13 -69.56 3.89 -27.89
C SER J 13 -68.52 4.07 -28.99
N PRO J 14 -68.80 3.57 -30.19
CA PRO J 14 -67.86 3.75 -31.30
C PRO J 14 -67.59 5.23 -31.58
N GLY J 15 -66.35 5.54 -31.94
CA GLY J 15 -65.99 6.90 -32.27
C GLY J 15 -65.62 7.74 -31.07
N GLN J 16 -66.14 7.37 -29.90
CA GLN J 16 -65.80 8.09 -28.67
C GLN J 16 -64.37 7.81 -28.26
N SER J 17 -64.02 8.26 -27.06
CA SER J 17 -62.77 7.90 -26.42
C SER J 17 -63.05 7.37 -25.03
N VAL J 18 -62.25 6.40 -24.60
CA VAL J 18 -62.25 5.96 -23.21
C VAL J 18 -60.81 5.80 -22.76
N THR J 19 -60.64 5.72 -21.44
CA THR J 19 -59.34 5.56 -20.84
C THR J 19 -59.37 4.37 -19.89
N ILE J 20 -58.31 3.58 -19.94
CA ILE J 20 -58.07 2.52 -18.97
C ILE J 20 -57.00 3.00 -18.01
N THR J 21 -57.29 2.90 -16.72
CA THR J 21 -56.40 3.39 -15.67
C THR J 21 -55.55 2.25 -15.12
N CYS J 22 -54.48 2.64 -14.43
CA CYS J 22 -53.45 1.70 -14.00
C CYS J 22 -52.86 2.25 -12.71
N THR J 23 -53.32 1.73 -11.58
CA THR J 23 -53.06 2.33 -10.29
C THR J 23 -52.11 1.47 -9.48
N GLY J 24 -51.40 2.11 -8.55
CA GLY J 24 -50.44 1.45 -7.71
C GLY J 24 -49.02 1.48 -8.20
N ILE J 25 -48.69 2.38 -9.14
CA ILE J 25 -47.38 2.32 -9.79
C ILE J 25 -46.26 2.59 -8.80
N ASN J 26 -46.48 3.52 -7.87
CA ASN J 26 -45.43 3.91 -6.93
C ASN J 26 -45.48 3.11 -5.64
N ASP J 27 -46.00 1.88 -5.69
CA ASP J 27 -46.12 1.08 -4.48
C ASP J 27 -44.78 0.51 -4.03
N TYR J 28 -43.84 0.29 -4.95
CA TYR J 28 -42.60 -0.39 -4.63
C TYR J 28 -41.42 0.44 -5.12
N GLY J 29 -40.93 1.30 -4.25
CA GLY J 29 -39.75 2.08 -4.51
C GLY J 29 -40.06 3.32 -5.32
N ALA J 30 -39.05 4.17 -5.42
CA ALA J 30 -39.15 5.42 -6.15
C ALA J 30 -38.41 5.39 -7.48
N ALA J 31 -37.86 4.24 -7.87
CA ALA J 31 -37.14 4.13 -9.13
C ALA J 31 -38.03 4.56 -10.29
N TYR J 32 -37.41 5.04 -11.36
CA TYR J 32 -38.19 5.55 -12.47
C TYR J 32 -39.01 4.45 -13.09
N LYS J 33 -40.32 4.66 -13.13
CA LYS J 33 -41.26 3.63 -13.52
C LYS J 33 -41.47 3.67 -15.03
N PHE J 34 -40.94 2.68 -15.72
CA PHE J 34 -41.21 2.51 -17.14
C PHE J 34 -42.57 1.83 -17.28
N VAL J 35 -43.49 2.49 -17.97
CA VAL J 35 -44.86 2.04 -18.08
C VAL J 35 -45.11 1.54 -19.48
N SER J 36 -45.69 0.34 -19.57
CA SER J 36 -45.95 -0.31 -20.84
C SER J 36 -47.39 -0.81 -20.88
N TRP J 37 -47.86 -1.01 -22.11
CA TRP J 37 -49.23 -1.41 -22.38
C TRP J 37 -49.27 -2.49 -23.45
N TYR J 38 -50.17 -3.47 -23.28
CA TYR J 38 -50.25 -4.60 -24.20
C TYR J 38 -51.69 -4.87 -24.62
N GLN J 39 -51.88 -5.15 -25.91
CA GLN J 39 -53.15 -5.54 -26.48
C GLN J 39 -53.13 -7.03 -26.75
N GLN J 40 -54.26 -7.68 -26.56
CA GLN J 40 -54.40 -9.10 -26.89
C GLN J 40 -55.81 -9.31 -27.40
N HIS J 41 -55.94 -9.67 -28.66
CA HIS J 41 -57.23 -10.04 -29.17
C HIS J 41 -57.55 -11.47 -28.76
N PRO J 42 -58.84 -11.82 -28.68
CA PRO J 42 -59.19 -13.17 -28.24
C PRO J 42 -58.58 -14.23 -29.15
N GLY J 43 -58.06 -15.28 -28.54
CA GLY J 43 -57.38 -16.32 -29.27
C GLY J 43 -56.02 -15.92 -29.82
N LYS J 44 -55.58 -14.69 -29.61
CA LYS J 44 -54.32 -14.20 -30.12
C LYS J 44 -53.35 -14.00 -28.95
N GLU J 45 -52.11 -13.77 -29.30
CA GLU J 45 -51.10 -13.53 -28.30
C GLU J 45 -51.05 -12.05 -27.94
N PRO J 46 -50.30 -11.69 -26.91
CA PRO J 46 -50.10 -10.27 -26.62
C PRO J 46 -49.34 -9.56 -27.74
N ARG J 47 -49.67 -8.29 -27.91
CA ARG J 47 -48.94 -7.41 -28.82
C ARG J 47 -48.65 -6.10 -28.09
N LEU J 48 -47.41 -5.66 -28.18
CA LEU J 48 -46.96 -4.49 -27.42
C LEU J 48 -47.54 -3.23 -28.05
N ILE J 49 -48.22 -2.42 -27.23
CA ILE J 49 -48.83 -1.19 -27.74
C ILE J 49 -47.96 0.02 -27.46
N MET J 50 -47.66 0.26 -26.20
CA MET J 50 -47.11 1.55 -25.79
C MET J 50 -46.01 1.30 -24.78
N LYS J 51 -44.97 2.11 -24.85
CA LYS J 51 -43.95 2.18 -23.82
C LYS J 51 -43.79 3.63 -23.39
N ASN J 52 -43.13 3.83 -22.25
CA ASN J 52 -42.68 5.17 -21.86
C ASN J 52 -43.84 6.16 -21.90
N VAL J 53 -44.62 6.19 -20.83
CA VAL J 53 -46.09 6.17 -20.79
C VAL J 53 -46.75 6.66 -22.07
N LYS J 54 -46.25 7.73 -22.67
CA LYS J 54 -46.94 8.24 -23.84
C LYS J 54 -46.30 7.89 -25.17
N ASP J 55 -45.24 7.07 -25.19
CA ASP J 55 -44.51 6.81 -26.44
C ASP J 55 -45.20 5.71 -27.23
N ARG J 56 -45.64 6.05 -28.44
CA ARG J 56 -46.23 5.07 -29.34
C ARG J 56 -45.16 4.14 -29.90
N TRP J 57 -45.56 2.88 -30.13
CA TRP J 57 -44.72 1.90 -30.79
C TRP J 57 -45.17 1.71 -32.22
N SER J 58 -44.64 0.69 -32.88
CA SER J 58 -44.51 0.62 -34.33
C SER J 58 -45.72 1.04 -35.14
N VAL J 59 -46.83 0.31 -35.05
CA VAL J 59 -47.91 0.52 -36.00
C VAL J 59 -49.13 1.03 -35.28
N THR J 60 -48.94 1.45 -34.05
CA THR J 60 -50.04 1.95 -33.25
C THR J 60 -50.48 3.32 -33.74
N PRO J 61 -51.73 3.50 -34.15
CA PRO J 61 -52.15 4.79 -34.70
C PRO J 61 -52.17 5.88 -33.65
N ASN J 62 -52.50 7.08 -34.11
CA ASN J 62 -52.57 8.25 -33.24
C ASN J 62 -53.62 8.08 -32.14
N ARG J 63 -54.66 7.28 -32.40
CA ARG J 63 -55.80 7.20 -31.51
C ARG J 63 -55.44 6.69 -30.12
N PHE J 64 -54.24 6.15 -29.96
CA PHE J 64 -53.77 5.64 -28.67
C PHE J 64 -52.82 6.67 -28.09
N SER J 65 -53.10 7.10 -26.85
CA SER J 65 -52.24 8.05 -26.17
C SER J 65 -52.07 7.64 -24.71
N GLY J 66 -50.98 8.11 -24.10
CA GLY J 66 -50.67 7.79 -22.73
C GLY J 66 -50.54 9.04 -21.88
N SER J 67 -50.93 8.92 -20.61
CA SER J 67 -50.78 9.98 -19.63
C SER J 67 -50.51 9.33 -18.28
N THR J 68 -50.11 10.14 -17.29
CA THR J 68 -49.73 9.59 -16.00
C THR J 68 -50.02 10.59 -14.90
N SER J 69 -50.34 10.08 -13.71
CA SER J 69 -50.60 10.92 -12.54
C SER J 69 -49.82 10.43 -11.33
N GLY J 70 -48.53 10.16 -11.52
CA GLY J 70 -47.71 9.69 -10.42
C GLY J 70 -47.90 8.22 -10.10
N ASN J 71 -49.05 7.88 -9.52
CA ASN J 71 -49.32 6.49 -9.19
C ASN J 71 -50.31 5.82 -10.14
N THR J 72 -51.03 6.61 -10.93
CA THR J 72 -52.00 6.09 -11.89
C THR J 72 -51.61 6.51 -13.29
N ALA J 73 -51.37 5.53 -14.15
CA ALA J 73 -51.22 5.76 -15.58
C ALA J 73 -52.58 5.64 -16.23
N SER J 74 -52.69 6.19 -17.43
CA SER J 74 -53.93 6.18 -18.19
C SER J 74 -53.62 6.00 -19.67
N LEU J 75 -54.19 4.95 -20.25
CA LEU J 75 -54.11 4.71 -21.68
C LEU J 75 -55.46 5.07 -22.28
N THR J 76 -55.48 6.08 -23.15
CA THR J 76 -56.72 6.53 -23.77
C THR J 76 -56.74 6.11 -25.23
N ILE J 77 -57.92 5.69 -25.68
CA ILE J 77 -58.14 5.38 -27.09
C ILE J 77 -59.31 6.23 -27.55
N SER J 78 -59.10 6.96 -28.64
CA SER J 78 -60.12 7.79 -29.25
C SER J 78 -60.56 7.16 -30.57
N ASN J 79 -61.65 7.68 -31.12
CA ASN J 79 -62.29 7.14 -32.31
C ASN J 79 -62.44 5.62 -32.16
N LEU J 80 -63.24 5.25 -31.17
CA LEU J 80 -63.43 3.84 -30.88
C LEU J 80 -63.99 3.11 -32.10
N GLN J 81 -63.47 1.91 -32.34
CA GLN J 81 -63.92 1.09 -33.44
C GLN J 81 -63.78 -0.37 -33.06
N SER J 82 -64.43 -1.23 -33.85
CA SER J 82 -64.58 -2.63 -33.49
C SER J 82 -63.24 -3.30 -33.23
N ASP J 83 -62.21 -2.92 -33.99
CA ASP J 83 -60.89 -3.53 -33.82
C ASP J 83 -60.41 -3.40 -32.37
N ASP J 84 -60.82 -2.35 -31.68
CA ASP J 84 -60.26 -2.06 -30.37
C ASP J 84 -60.77 -3.00 -29.29
N GLU J 85 -61.82 -3.77 -29.55
CA GLU J 85 -62.34 -4.70 -28.56
C GLU J 85 -61.28 -5.76 -28.26
N ALA J 86 -60.73 -5.74 -27.05
CA ALA J 86 -59.62 -6.65 -26.76
C ALA J 86 -59.28 -6.56 -25.28
N GLN J 87 -58.34 -7.41 -24.86
CA GLN J 87 -57.88 -7.44 -23.50
C GLN J 87 -56.56 -6.68 -23.38
N TYR J 88 -56.49 -5.77 -22.41
CA TYR J 88 -55.35 -4.87 -22.27
C TYR J 88 -54.65 -5.10 -20.94
N PHE J 89 -53.33 -5.07 -20.98
CA PHE J 89 -52.52 -5.29 -19.79
C PHE J 89 -51.57 -4.12 -19.59
N CYS J 90 -51.66 -3.51 -18.42
CA CYS J 90 -50.70 -2.52 -17.96
C CYS J 90 -49.55 -3.21 -17.25
N ALA J 91 -48.37 -2.62 -17.38
CA ALA J 91 -47.20 -3.19 -16.73
C ALA J 91 -46.19 -2.09 -16.45
N VAL J 92 -45.41 -2.30 -15.41
CA VAL J 92 -44.39 -1.35 -14.99
C VAL J 92 -43.11 -2.11 -14.72
N TYR J 93 -42.00 -1.56 -15.17
CA TYR J 93 -40.68 -2.12 -14.93
C TYR J 93 -39.75 -1.04 -14.43
N ALA J 94 -38.77 -1.44 -13.63
CA ALA J 94 -37.75 -0.55 -13.14
C ALA J 94 -36.49 -1.34 -12.87
N GLY J 95 -35.37 -0.63 -12.81
CA GLY J 95 -34.10 -1.24 -12.48
C GLY J 95 -34.17 -1.98 -11.17
N GLY J 96 -33.51 -3.13 -11.09
CA GLY J 96 -33.53 -3.95 -9.91
C GLY J 96 -34.71 -4.90 -9.85
N PHE J 97 -35.77 -4.63 -10.60
CA PHE J 97 -36.87 -5.58 -10.70
C PHE J 97 -36.36 -6.90 -11.25
N THR J 98 -37.00 -7.99 -10.85
CA THR J 98 -36.75 -9.26 -11.52
C THR J 98 -37.80 -9.52 -12.59
N PHE J 99 -39.06 -9.38 -12.23
CA PHE J 99 -40.07 -9.34 -13.26
C PHE J 99 -40.81 -8.01 -13.22
N PRO J 100 -41.16 -7.45 -14.37
CA PRO J 100 -42.02 -6.27 -14.37
C PRO J 100 -43.38 -6.61 -13.80
N ARG J 101 -43.92 -5.69 -13.03
CA ARG J 101 -45.22 -5.91 -12.40
C ARG J 101 -46.29 -5.86 -13.48
N LEU J 102 -47.20 -6.82 -13.45
CA LEU J 102 -48.21 -6.98 -14.48
C LEU J 102 -49.60 -6.72 -13.90
N GLY J 103 -50.39 -5.93 -14.61
CA GLY J 103 -51.74 -5.65 -14.17
C GLY J 103 -52.65 -6.84 -14.32
N GLY J 104 -53.85 -6.72 -13.75
CA GLY J 104 -54.82 -7.78 -13.90
C GLY J 104 -55.45 -7.87 -15.26
N GLY J 105 -55.37 -6.80 -16.06
CA GLY J 105 -55.99 -6.81 -17.38
C GLY J 105 -57.39 -6.24 -17.37
N THR J 106 -57.80 -5.63 -18.48
CA THR J 106 -59.14 -5.11 -18.65
C THR J 106 -59.67 -5.46 -20.03
N LYS J 107 -60.90 -5.97 -20.08
CA LYS J 107 -61.56 -6.22 -21.35
C LYS J 107 -62.26 -4.94 -21.82
N LEU J 108 -61.91 -4.49 -23.01
CA LEU J 108 -62.54 -3.33 -23.62
C LEU J 108 -63.48 -3.80 -24.71
N SER J 109 -64.75 -3.41 -24.59
CA SER J 109 -65.78 -3.71 -25.56
C SER J 109 -66.36 -2.41 -26.11
N VAL J 110 -66.77 -2.44 -27.37
CA VAL J 110 -67.39 -1.30 -28.02
C VAL J 110 -68.87 -1.62 -28.12
N LEU J 111 -69.71 -0.63 -27.81
CA LEU J 111 -71.14 -0.86 -27.74
C LEU J 111 -71.80 -0.83 -29.11
N SER K 2 -11.27 22.86 40.56
CA SER K 2 -11.45 23.12 41.98
C SER K 2 -12.56 22.25 42.57
N ALA K 3 -13.02 22.63 43.75
CA ALA K 3 -13.99 21.83 44.50
C ALA K 3 -15.41 22.31 44.24
N LEU K 4 -16.35 21.39 44.36
CA LEU K 4 -17.76 21.73 44.27
C LEU K 4 -18.19 22.50 45.51
N ALA K 5 -19.33 23.18 45.40
CA ALA K 5 -19.81 24.07 46.44
C ALA K 5 -20.91 23.41 47.24
N GLN K 6 -20.63 23.14 48.51
CA GLN K 6 -21.67 22.77 49.44
C GLN K 6 -21.75 23.82 50.54
N PRO K 7 -22.96 24.22 50.94
CA PRO K 7 -23.10 25.01 52.16
C PRO K 7 -22.57 24.23 53.35
N PRO K 8 -21.86 24.89 54.26
CA PRO K 8 -21.16 24.15 55.32
C PRO K 8 -22.09 23.35 56.21
N SER K 9 -23.29 23.84 56.49
CA SER K 9 -24.15 23.18 57.45
C SER K 9 -25.61 23.48 57.14
N VAL K 10 -26.48 22.51 57.42
CA VAL K 10 -27.92 22.66 57.28
C VAL K 10 -28.57 22.09 58.53
N SER K 11 -29.79 22.55 58.79
CA SER K 11 -30.51 22.16 59.98
C SER K 11 -32.01 22.10 59.68
N GLY K 12 -32.69 21.17 60.34
CA GLY K 12 -34.11 21.00 60.14
C GLY K 12 -34.74 20.21 61.26
N SER K 13 -36.06 20.30 61.35
CA SER K 13 -36.82 19.65 62.40
C SER K 13 -37.07 18.18 62.06
N PRO K 14 -37.18 17.32 63.07
CA PRO K 14 -37.48 15.90 62.81
C PRO K 14 -38.76 15.74 62.01
N GLY K 15 -38.77 14.75 61.12
CA GLY K 15 -39.96 14.46 60.34
C GLY K 15 -40.08 15.31 59.09
N GLN K 16 -39.49 16.50 59.10
CA GLN K 16 -39.52 17.37 57.94
C GLN K 16 -38.64 16.81 56.83
N SER K 17 -38.45 17.61 55.79
CA SER K 17 -37.49 17.32 54.74
C SER K 17 -36.57 18.52 54.57
N VAL K 18 -35.31 18.25 54.26
CA VAL K 18 -34.39 19.29 53.82
C VAL K 18 -33.60 18.78 52.63
N THR K 19 -32.96 19.72 51.94
CA THR K 19 -32.16 19.40 50.77
C THR K 19 -30.78 20.00 50.92
N ILE K 20 -29.77 19.23 50.56
CA ILE K 20 -28.41 19.72 50.44
C ILE K 20 -28.10 19.91 48.97
N THR K 21 -27.60 21.09 48.63
CA THR K 21 -27.32 21.46 47.26
C THR K 21 -25.85 21.24 46.93
N CYS K 22 -25.57 21.20 45.63
CA CYS K 22 -24.26 20.80 45.13
C CYS K 22 -24.03 21.55 43.83
N THR K 23 -23.29 22.65 43.90
CA THR K 23 -23.22 23.59 42.80
C THR K 23 -21.84 23.57 42.15
N GLY K 24 -21.82 23.96 40.88
CA GLY K 24 -20.59 23.97 40.10
C GLY K 24 -20.35 22.74 39.26
N ILE K 25 -21.38 21.92 39.03
CA ILE K 25 -21.16 20.62 38.40
C ILE K 25 -20.64 20.79 36.98
N ASN K 26 -21.15 21.77 36.25
CA ASN K 26 -20.78 21.95 34.86
C ASN K 26 -19.61 22.90 34.68
N ASP K 27 -18.74 22.99 35.68
CA ASP K 27 -17.61 23.91 35.59
C ASP K 27 -16.51 23.40 34.68
N TYR K 28 -16.37 22.09 34.53
CA TYR K 28 -15.25 21.51 33.80
C TYR K 28 -15.77 20.53 32.76
N GLY K 29 -16.01 21.06 31.56
CA GLY K 29 -16.41 20.24 30.44
C GLY K 29 -17.90 19.96 30.43
N ALA K 30 -18.33 19.40 29.31
CA ALA K 30 -19.73 19.04 29.11
C ALA K 30 -19.97 17.54 29.21
N ALA K 31 -18.97 16.75 29.56
CA ALA K 31 -19.13 15.31 29.67
C ALA K 31 -20.24 14.98 30.65
N TYR K 32 -20.87 13.82 30.45
CA TYR K 32 -22.01 13.48 31.29
C TYR K 32 -21.56 13.32 32.74
N LYS K 33 -22.18 14.10 33.61
CA LYS K 33 -21.76 14.20 34.99
C LYS K 33 -22.45 13.14 35.83
N PHE K 34 -21.70 12.14 36.25
CA PHE K 34 -22.19 11.14 37.19
C PHE K 34 -22.11 11.75 38.58
N VAL K 35 -23.25 11.85 39.26
CA VAL K 35 -23.35 12.52 40.55
C VAL K 35 -23.54 11.48 41.63
N SER K 36 -22.74 11.59 42.69
CA SER K 36 -22.75 10.65 43.79
C SER K 36 -22.81 11.40 45.11
N TRP K 37 -23.26 10.69 46.14
CA TRP K 37 -23.48 11.23 47.47
C TRP K 37 -22.98 10.25 48.53
N TYR K 38 -22.36 10.79 49.59
CA TYR K 38 -21.77 9.96 50.63
C TYR K 38 -22.17 10.44 52.01
N GLN K 39 -22.50 9.49 52.89
CA GLN K 39 -22.81 9.75 54.29
C GLN K 39 -21.61 9.31 55.13
N GLN K 40 -21.34 10.06 56.19
CA GLN K 40 -20.30 9.68 57.14
C GLN K 40 -20.79 10.08 58.53
N HIS K 41 -21.00 9.10 59.38
CA HIS K 41 -21.31 9.43 60.75
C HIS K 41 -20.02 9.75 61.50
N PRO K 42 -20.11 10.52 62.58
CA PRO K 42 -18.88 10.90 63.29
C PRO K 42 -18.14 9.67 63.79
N GLY K 43 -16.82 9.70 63.63
CA GLY K 43 -15.99 8.57 63.98
C GLY K 43 -16.09 7.39 63.06
N LYS K 44 -16.94 7.46 62.03
CA LYS K 44 -17.14 6.38 61.09
C LYS K 44 -16.55 6.75 59.74
N GLU K 45 -16.48 5.77 58.87
CA GLU K 45 -15.96 6.00 57.54
C GLU K 45 -17.08 6.45 56.62
N PRO K 46 -16.75 6.87 55.40
CA PRO K 46 -17.80 7.17 54.43
C PRO K 46 -18.58 5.93 54.05
N ARG K 47 -19.86 6.17 53.74
CA ARG K 47 -20.73 5.14 53.19
C ARG K 47 -21.48 5.72 52.00
N LEU K 48 -21.49 4.98 50.91
CA LEU K 48 -22.06 5.46 49.67
C LEU K 48 -23.58 5.48 49.76
N ILE K 49 -24.18 6.64 49.48
CA ILE K 49 -25.64 6.78 49.56
C ILE K 49 -26.28 6.63 48.20
N MET K 50 -25.90 7.49 47.27
CA MET K 50 -26.66 7.66 46.04
C MET K 50 -25.70 7.78 44.88
N LYS K 51 -26.09 7.21 43.75
CA LYS K 51 -25.40 7.43 42.49
C LYS K 51 -26.44 7.87 41.47
N ASN K 52 -25.95 8.41 40.34
CA ASN K 52 -26.81 8.65 39.17
C ASN K 52 -28.06 9.43 39.57
N VAL K 53 -27.92 10.76 39.62
CA VAL K 53 -28.35 11.65 40.69
C VAL K 53 -29.49 11.10 41.54
N LYS K 54 -30.48 10.46 40.93
CA LYS K 54 -31.61 10.02 41.74
C LYS K 54 -31.61 8.53 42.05
N ASP K 55 -30.58 7.78 41.68
CA ASP K 55 -30.61 6.32 41.86
C ASP K 55 -30.19 5.95 43.28
N ARG K 56 -31.10 5.32 44.00
CA ARG K 56 -30.79 4.81 45.33
C ARG K 56 -29.87 3.60 45.26
N TRP K 57 -29.01 3.48 46.28
CA TRP K 57 -28.13 2.33 46.44
C TRP K 57 -28.69 1.43 47.53
N SER K 58 -27.90 0.46 47.96
CA SER K 58 -28.36 -0.78 48.58
C SER K 58 -29.44 -0.64 49.64
N VAL K 59 -29.12 -0.02 50.76
CA VAL K 59 -30.03 -0.10 51.90
C VAL K 59 -30.59 1.27 52.22
N THR K 60 -30.41 2.19 51.31
CA THR K 60 -30.88 3.54 51.49
C THR K 60 -32.39 3.60 51.36
N PRO K 61 -33.12 4.04 52.39
CA PRO K 61 -34.58 4.03 52.33
C PRO K 61 -35.12 5.02 51.31
N ASN K 62 -36.44 5.02 51.18
CA ASN K 62 -37.12 5.92 50.25
C ASN K 62 -36.89 7.38 50.59
N ARG K 63 -36.64 7.67 51.87
CA ARG K 63 -36.60 9.05 52.34
C ARG K 63 -35.50 9.86 51.68
N PHE K 64 -34.57 9.21 50.99
CA PHE K 64 -33.49 9.88 50.29
C PHE K 64 -33.83 9.93 48.81
N SER K 65 -33.81 11.13 48.23
CA SER K 65 -34.08 11.29 46.81
C SER K 65 -33.10 12.29 46.21
N GLY K 66 -32.92 12.19 44.89
CA GLY K 66 -32.00 13.05 44.17
C GLY K 66 -32.70 13.82 43.06
N SER K 67 -32.23 15.04 42.83
CA SER K 67 -32.72 15.88 41.73
C SER K 67 -31.54 16.70 41.22
N THR K 68 -31.71 17.35 40.08
CA THR K 68 -30.61 18.07 39.46
C THR K 68 -31.14 19.26 38.66
N SER K 69 -30.33 20.32 38.60
CA SER K 69 -30.69 21.52 37.84
C SER K 69 -29.55 21.95 36.93
N GLY K 70 -28.96 21.00 36.21
CA GLY K 70 -27.86 21.31 35.32
C GLY K 70 -26.54 21.49 36.03
N ASN K 71 -26.39 22.58 36.77
CA ASN K 71 -25.15 22.81 37.50
C ASN K 71 -25.28 22.56 39.00
N THR K 72 -26.49 22.47 39.51
CA THR K 72 -26.73 22.21 40.93
C THR K 72 -27.52 20.92 41.08
N ALA K 73 -26.93 19.97 41.78
CA ALA K 73 -27.63 18.78 42.24
C ALA K 73 -28.24 19.05 43.61
N SER K 74 -29.22 18.23 43.97
CA SER K 74 -29.90 18.37 45.25
C SER K 74 -30.22 17.00 45.79
N LEU K 75 -29.74 16.73 47.01
CA LEU K 75 -30.07 15.51 47.73
C LEU K 75 -31.04 15.89 48.82
N THR K 76 -32.25 15.34 48.76
CA THR K 76 -33.28 15.65 49.73
C THR K 76 -33.51 14.45 50.63
N ILE K 77 -33.71 14.73 51.91
CA ILE K 77 -34.06 13.71 52.88
C ILE K 77 -35.35 14.14 53.55
N SER K 78 -36.34 13.26 53.54
CA SER K 78 -37.62 13.48 54.18
C SER K 78 -37.74 12.61 55.42
N ASN K 79 -38.77 12.90 56.22
CA ASN K 79 -38.97 12.26 57.52
C ASN K 79 -37.66 12.27 58.30
N LEU K 80 -37.20 13.47 58.61
CA LEU K 80 -35.94 13.63 59.31
C LEU K 80 -35.98 12.90 60.65
N GLN K 81 -34.87 12.23 60.96
CA GLN K 81 -34.75 11.51 62.22
C GLN K 81 -33.28 11.54 62.65
N SER K 82 -33.07 11.18 63.92
CA SER K 82 -31.77 11.36 64.54
C SER K 82 -30.66 10.68 63.77
N ASP K 83 -30.95 9.52 63.17
CA ASP K 83 -29.93 8.80 62.42
C ASP K 83 -29.32 9.67 61.33
N ASP K 84 -30.08 10.60 60.80
CA ASP K 84 -29.64 11.35 59.63
C ASP K 84 -28.56 12.39 59.96
N GLU K 85 -28.35 12.70 61.23
CA GLU K 85 -27.33 13.67 61.60
C GLU K 85 -25.96 13.14 61.22
N ALA K 86 -25.32 13.76 60.23
CA ALA K 86 -24.07 13.21 59.73
C ALA K 86 -23.44 14.20 58.74
N GLN K 87 -22.25 13.85 58.27
CA GLN K 87 -21.54 14.66 57.30
C GLN K 87 -21.72 14.07 55.90
N TYR K 88 -22.09 14.92 54.96
CA TYR K 88 -22.45 14.48 53.62
C TYR K 88 -21.50 15.09 52.60
N PHE K 89 -21.12 14.28 51.63
CA PHE K 89 -20.20 14.71 50.57
C PHE K 89 -20.81 14.47 49.21
N CYS K 90 -20.92 15.52 48.43
CA CYS K 90 -21.27 15.46 47.03
C CYS K 90 -20.03 15.24 46.19
N ALA K 91 -20.20 14.51 45.10
CA ALA K 91 -19.08 14.26 44.20
C ALA K 91 -19.58 14.04 42.80
N VAL K 92 -18.74 14.36 41.84
CA VAL K 92 -19.06 14.22 40.42
C VAL K 92 -17.88 13.57 39.73
N TYR K 93 -18.17 12.62 38.86
CA TYR K 93 -17.17 11.96 38.05
C TYR K 93 -17.60 11.96 36.59
N ALA K 94 -16.62 11.95 35.70
CA ALA K 94 -16.87 11.86 34.28
C ALA K 94 -15.67 11.22 33.61
N GLY K 95 -15.90 10.70 32.41
CA GLY K 95 -14.82 10.12 31.63
C GLY K 95 -13.69 11.10 31.42
N GLY K 96 -12.47 10.61 31.47
CA GLY K 96 -11.30 11.45 31.34
C GLY K 96 -10.84 12.06 32.65
N PHE K 97 -11.72 12.14 33.64
CA PHE K 97 -11.30 12.59 34.96
C PHE K 97 -10.21 11.67 35.49
N THR K 98 -9.32 12.22 36.31
CA THR K 98 -8.41 11.37 37.05
C THR K 98 -8.93 11.11 38.46
N PHE K 99 -9.34 12.16 39.15
CA PHE K 99 -10.10 11.94 40.35
C PHE K 99 -11.46 12.61 40.23
N PRO K 100 -12.51 11.98 40.75
CA PRO K 100 -13.81 12.63 40.79
C PRO K 100 -13.75 13.85 41.71
N ARG K 101 -14.40 14.91 41.29
CA ARG K 101 -14.39 16.15 42.06
C ARG K 101 -15.22 15.93 43.33
N LEU K 102 -14.67 16.38 44.45
CA LEU K 102 -15.26 16.14 45.76
C LEU K 102 -15.71 17.45 46.37
N GLY K 103 -16.93 17.47 46.91
CA GLY K 103 -17.43 18.66 47.55
C GLY K 103 -16.76 18.91 48.89
N GLY K 104 -17.04 20.09 49.43
CA GLY K 104 -16.50 20.41 50.74
C GLY K 104 -17.16 19.69 51.89
N GLY K 105 -18.36 19.15 51.68
CA GLY K 105 -19.07 18.47 52.74
C GLY K 105 -20.02 19.39 53.49
N THR K 106 -21.11 18.83 54.01
CA THR K 106 -22.06 19.57 54.83
C THR K 106 -22.47 18.74 56.03
N LYS K 107 -22.46 19.36 57.21
CA LYS K 107 -22.95 18.71 58.41
C LYS K 107 -24.46 18.93 58.52
N LEU K 108 -25.21 17.84 58.60
CA LEU K 108 -26.65 17.88 58.78
C LEU K 108 -26.97 17.51 60.21
N SER K 109 -27.67 18.41 60.90
CA SER K 109 -28.14 18.22 62.25
C SER K 109 -29.65 18.31 62.31
N VAL K 110 -30.26 17.54 63.20
CA VAL K 110 -31.69 17.55 63.41
C VAL K 110 -31.94 18.31 64.70
N LEU K 111 -32.94 19.18 64.69
CA LEU K 111 -33.19 20.06 65.83
C LEU K 111 -33.96 19.36 66.94
N SER L 2 -7.14 42.25 -21.80
CA SER L 2 -6.86 43.52 -22.47
C SER L 2 -6.23 44.52 -21.50
N ALA L 3 -6.23 45.78 -21.89
CA ALA L 3 -5.55 46.83 -21.14
C ALA L 3 -6.52 47.54 -20.20
N LEU L 4 -5.97 48.06 -19.11
CA LEU L 4 -6.75 48.88 -18.20
C LEU L 4 -7.07 50.22 -18.82
N ALA L 5 -8.05 50.90 -18.26
CA ALA L 5 -8.57 52.14 -18.83
C ALA L 5 -8.02 53.33 -18.06
N GLN L 6 -7.21 54.14 -18.73
CA GLN L 6 -6.84 55.44 -18.22
C GLN L 6 -7.34 56.51 -19.18
N PRO L 7 -7.91 57.60 -18.67
CA PRO L 7 -8.16 58.75 -19.52
C PRO L 7 -6.85 59.27 -20.09
N PRO L 8 -6.83 59.67 -21.36
CA PRO L 8 -5.55 59.99 -22.01
C PRO L 8 -4.80 61.13 -21.36
N SER L 9 -5.49 62.13 -20.83
CA SER L 9 -4.82 63.31 -20.32
C SER L 9 -5.66 63.98 -19.25
N VAL L 10 -4.99 64.58 -18.27
CA VAL L 10 -5.63 65.34 -17.22
C VAL L 10 -4.85 66.63 -17.03
N SER L 11 -5.54 67.64 -16.48
CA SER L 11 -4.96 68.95 -16.30
C SER L 11 -5.50 69.59 -15.04
N GLY L 12 -4.65 70.38 -14.38
CA GLY L 12 -5.03 71.05 -13.15
C GLY L 12 -4.11 72.19 -12.84
N SER L 13 -4.57 73.07 -11.94
CA SER L 13 -3.83 74.25 -11.56
C SER L 13 -2.78 73.91 -10.50
N PRO L 14 -1.68 74.65 -10.47
CA PRO L 14 -0.65 74.42 -9.45
C PRO L 14 -1.22 74.53 -8.04
N GLY L 15 -0.73 73.69 -7.15
CA GLY L 15 -1.16 73.73 -5.77
C GLY L 15 -2.42 72.95 -5.50
N GLN L 16 -3.25 72.77 -6.52
CA GLN L 16 -4.47 72.00 -6.38
C GLN L 16 -4.15 70.51 -6.23
N SER L 17 -5.19 69.70 -6.28
CA SER L 17 -5.05 68.26 -6.37
C SER L 17 -5.86 67.74 -7.54
N VAL L 18 -5.35 66.70 -8.20
CA VAL L 18 -6.14 65.96 -9.17
C VAL L 18 -5.92 64.48 -8.96
N THR L 19 -6.79 63.69 -9.55
CA THR L 19 -6.74 62.23 -9.45
C THR L 19 -6.75 61.63 -10.84
N ILE L 20 -5.91 60.62 -11.04
CA ILE L 20 -5.94 59.80 -12.23
C ILE L 20 -6.60 58.47 -11.86
N THR L 21 -7.58 58.08 -12.64
CA THR L 21 -8.36 56.89 -12.39
C THR L 21 -7.83 55.72 -13.22
N CYS L 22 -8.23 54.52 -12.80
CA CYS L 22 -7.67 53.28 -13.34
C CYS L 22 -8.75 52.22 -13.26
N THR L 23 -9.44 52.00 -14.37
CA THR L 23 -10.67 51.22 -14.38
C THR L 23 -10.47 49.88 -15.07
N GLY L 24 -11.30 48.92 -14.69
CA GLY L 24 -11.23 47.58 -15.24
C GLY L 24 -10.42 46.59 -14.42
N ILE L 25 -10.13 46.91 -13.16
CA ILE L 25 -9.19 46.09 -12.40
C ILE L 25 -9.73 44.68 -12.20
N ASN L 26 -11.02 44.55 -11.95
CA ASN L 26 -11.62 43.25 -11.67
C ASN L 26 -12.13 42.55 -12.91
N ASP L 27 -11.54 42.85 -14.07
CA ASP L 27 -12.02 42.23 -15.31
C ASP L 27 -11.59 40.78 -15.45
N TYR L 28 -10.46 40.39 -14.85
CA TYR L 28 -9.91 39.06 -15.05
C TYR L 28 -9.64 38.41 -13.69
N GLY L 29 -10.64 37.68 -13.22
CA GLY L 29 -10.50 36.91 -12.00
C GLY L 29 -10.73 37.75 -10.77
N ALA L 30 -10.83 37.05 -9.65
CA ALA L 30 -11.05 37.67 -8.35
C ALA L 30 -9.80 37.67 -7.48
N ALA L 31 -8.65 37.23 -8.02
CA ALA L 31 -7.41 37.21 -7.24
C ALA L 31 -7.09 38.60 -6.71
N TYR L 32 -6.37 38.65 -5.60
CA TYR L 32 -6.10 39.94 -4.99
C TYR L 32 -5.26 40.79 -5.92
N LYS L 33 -5.78 41.97 -6.24
CA LYS L 33 -5.20 42.83 -7.25
C LYS L 33 -4.17 43.75 -6.61
N PHE L 34 -2.89 43.48 -6.89
CA PHE L 34 -1.82 44.38 -6.48
C PHE L 34 -1.77 45.52 -7.49
N VAL L 35 -1.94 46.74 -7.00
CA VAL L 35 -2.04 47.92 -7.85
C VAL L 35 -0.78 48.74 -7.72
N SER L 36 -0.21 49.12 -8.85
CA SER L 36 1.04 49.86 -8.91
C SER L 36 0.89 51.06 -9.85
N TRP L 37 1.77 52.03 -9.64
CA TRP L 37 1.75 53.29 -10.37
C TRP L 37 3.17 53.69 -10.76
N TYR L 38 3.33 54.25 -11.96
CA TYR L 38 4.64 54.59 -12.48
C TYR L 38 4.64 56.00 -13.07
N GLN L 39 5.70 56.75 -12.78
CA GLN L 39 5.94 58.07 -13.33
C GLN L 39 7.03 57.97 -14.39
N GLN L 40 6.90 58.75 -15.45
CA GLN L 40 7.92 58.84 -16.48
C GLN L 40 7.97 60.27 -16.96
N HIS L 41 9.08 60.93 -16.73
CA HIS L 41 9.25 62.26 -17.29
C HIS L 41 9.67 62.13 -18.76
N PRO L 42 9.40 63.14 -19.57
CA PRO L 42 9.74 63.03 -20.99
C PRO L 42 11.23 62.80 -21.18
N GLY L 43 11.56 61.90 -22.10
CA GLY L 43 12.94 61.52 -22.33
C GLY L 43 13.57 60.68 -21.24
N LYS L 44 12.82 60.39 -20.18
CA LYS L 44 13.33 59.60 -19.06
C LYS L 44 12.66 58.24 -19.05
N GLU L 45 13.19 57.37 -18.23
CA GLU L 45 12.62 56.03 -18.09
C GLU L 45 11.51 56.03 -17.05
N PRO L 46 10.78 54.94 -16.94
CA PRO L 46 9.80 54.84 -15.85
C PRO L 46 10.46 54.82 -14.49
N ARG L 47 9.75 55.38 -13.51
CA ARG L 47 10.14 55.31 -12.12
C ARG L 47 8.93 54.90 -11.29
N LEU L 48 9.14 53.93 -10.41
CA LEU L 48 8.05 53.36 -9.64
C LEU L 48 7.58 54.33 -8.57
N ILE L 49 6.29 54.65 -8.56
CA ILE L 49 5.74 55.59 -7.60
C ILE L 49 5.13 54.87 -6.41
N MET L 50 4.14 54.03 -6.67
CA MET L 50 3.27 53.55 -5.61
C MET L 50 3.01 52.08 -5.84
N LYS L 51 2.93 51.32 -4.76
CA LYS L 51 2.46 49.95 -4.77
C LYS L 51 1.34 49.81 -3.75
N ASN L 52 0.59 48.72 -3.84
CA ASN L 52 -0.34 48.33 -2.78
C ASN L 52 -1.26 49.50 -2.41
N VAL L 53 -2.34 49.64 -3.19
CA VAL L 53 -2.82 50.89 -3.79
C VAL L 53 -2.37 52.15 -3.08
N LYS L 54 -2.38 52.17 -1.76
CA LYS L 54 -2.03 53.41 -1.08
C LYS L 54 -0.63 53.46 -0.51
N ASP L 55 0.20 52.44 -0.74
CA ASP L 55 1.52 52.38 -0.10
C ASP L 55 2.53 53.20 -0.88
N ARG L 56 3.08 54.22 -0.25
CA ARG L 56 4.14 55.02 -0.84
C ARG L 56 5.45 54.25 -0.91
N TRP L 57 6.22 54.51 -1.96
CA TRP L 57 7.55 53.96 -2.13
C TRP L 57 8.58 55.03 -1.79
N SER L 58 9.85 54.75 -2.11
CA SER L 58 11.01 55.34 -1.45
C SER L 58 10.97 56.83 -1.22
N VAL L 59 10.97 57.63 -2.28
CA VAL L 59 11.21 59.06 -2.10
C VAL L 59 9.98 59.84 -2.50
N THR L 60 8.88 59.14 -2.65
CA THR L 60 7.63 59.77 -3.04
C THR L 60 7.05 60.57 -1.89
N PRO L 61 6.85 61.87 -2.05
CA PRO L 61 6.37 62.70 -0.93
C PRO L 61 4.94 62.36 -0.55
N ASN L 62 4.47 63.03 0.50
CA ASN L 62 3.13 62.84 0.99
C ASN L 62 2.07 63.18 -0.04
N ARG L 63 2.40 64.08 -0.97
CA ARG L 63 1.41 64.63 -1.89
C ARG L 63 0.79 63.56 -2.78
N PHE L 64 1.38 62.38 -2.83
CA PHE L 64 0.87 61.27 -3.63
C PHE L 64 0.13 60.31 -2.71
N SER L 65 -1.12 60.01 -3.04
CA SER L 65 -1.91 59.08 -2.25
C SER L 65 -2.70 58.16 -3.18
N GLY L 66 -3.08 57.00 -2.65
CA GLY L 66 -3.82 56.01 -3.41
C GLY L 66 -5.13 55.66 -2.75
N SER L 67 -6.13 55.38 -3.57
CA SER L 67 -7.44 54.92 -3.12
C SER L 67 -7.97 53.93 -4.15
N THR L 68 -9.05 53.21 -3.79
CA THR L 68 -9.56 52.18 -4.67
C THR L 68 -11.07 52.04 -4.48
N SER L 69 -11.76 51.66 -5.56
CA SER L 69 -13.20 51.44 -5.53
C SER L 69 -13.57 50.10 -6.15
N GLY L 70 -12.85 49.05 -5.79
CA GLY L 70 -13.12 47.73 -6.34
C GLY L 70 -12.57 47.53 -7.73
N ASN L 71 -13.17 48.19 -8.73
CA ASN L 71 -12.70 48.07 -10.09
C ASN L 71 -11.93 49.29 -10.57
N THR L 72 -12.04 50.41 -9.87
CA THR L 72 -11.33 51.63 -10.23
C THR L 72 -10.41 52.03 -9.09
N ALA L 73 -9.11 52.11 -9.39
CA ALA L 73 -8.14 52.71 -8.51
C ALA L 73 -8.02 54.19 -8.84
N SER L 74 -7.48 54.94 -7.89
CA SER L 74 -7.32 56.38 -8.04
C SER L 74 -6.01 56.80 -7.39
N LEU L 75 -5.14 57.43 -8.19
CA LEU L 75 -3.91 58.03 -7.69
C LEU L 75 -4.11 59.53 -7.66
N THR L 76 -4.06 60.12 -6.47
CA THR L 76 -4.26 61.54 -6.31
C THR L 76 -2.95 62.22 -5.99
N ILE L 77 -2.74 63.39 -6.58
CA ILE L 77 -1.59 64.23 -6.28
C ILE L 77 -2.11 65.58 -5.84
N SER L 78 -1.66 66.03 -4.68
CA SER L 78 -2.02 67.33 -4.13
C SER L 78 -0.81 68.26 -4.21
N ASN L 79 -1.07 69.55 -3.96
CA ASN L 79 -0.06 70.60 -4.11
C ASN L 79 0.66 70.44 -5.45
N LEU L 80 -0.12 70.60 -6.52
CA LEU L 80 0.42 70.42 -7.85
C LEU L 80 1.57 71.39 -8.10
N GLN L 81 2.61 70.88 -8.74
CA GLN L 81 3.77 71.70 -9.06
C GLN L 81 4.39 71.17 -10.36
N SER L 82 5.26 72.00 -10.94
CA SER L 82 5.76 71.75 -12.28
C SER L 82 6.40 70.38 -12.40
N ASP L 83 7.08 69.91 -11.36
CA ASP L 83 7.73 68.61 -11.41
C ASP L 83 6.74 67.50 -11.77
N ASP L 84 5.47 67.66 -11.41
CA ASP L 84 4.51 66.58 -11.56
C ASP L 84 4.08 66.36 -13.00
N GLU L 85 4.39 67.29 -13.90
CA GLU L 85 4.03 67.12 -15.31
C GLU L 85 4.76 65.91 -15.88
N ALA L 86 4.03 64.85 -16.20
CA ALA L 86 4.70 63.63 -16.61
C ALA L 86 3.67 62.62 -17.10
N GLN L 87 4.15 61.48 -17.59
CA GLN L 87 3.29 60.41 -18.06
C GLN L 87 3.19 59.33 -16.99
N TYR L 88 1.97 58.92 -16.68
CA TYR L 88 1.71 58.01 -15.57
C TYR L 88 1.08 56.73 -16.10
N PHE L 89 1.52 55.61 -15.53
CA PHE L 89 1.02 54.30 -15.93
C PHE L 89 0.50 53.55 -14.72
N CYS L 90 -0.76 53.15 -14.80
CA CYS L 90 -1.37 52.25 -13.84
C CYS L 90 -1.13 50.81 -14.26
N ALA L 91 -0.98 49.94 -13.28
CA ALA L 91 -0.75 48.53 -13.56
C ALA L 91 -1.28 47.68 -12.43
N VAL L 92 -1.67 46.47 -12.76
CA VAL L 92 -2.21 45.53 -11.79
C VAL L 92 -1.55 44.19 -12.02
N TYR L 93 -1.17 43.52 -10.94
CA TYR L 93 -0.59 42.19 -10.98
C TYR L 93 -1.31 41.30 -9.99
N ALA L 94 -1.34 40.01 -10.29
CA ALA L 94 -1.91 39.01 -9.39
C ALA L 94 -1.24 37.69 -9.67
N GLY L 95 -1.32 36.80 -8.68
CA GLY L 95 -0.81 35.46 -8.82
C GLY L 95 -1.37 34.76 -10.04
N GLY L 96 -0.54 33.99 -10.74
CA GLY L 96 -0.95 33.33 -11.94
C GLY L 96 -0.82 34.17 -13.18
N PHE L 97 -0.77 35.49 -13.04
CA PHE L 97 -0.51 36.34 -14.18
C PHE L 97 0.84 35.99 -14.79
N THR L 98 0.97 36.20 -16.10
CA THR L 98 2.29 36.11 -16.70
C THR L 98 2.89 37.50 -16.85
N PHE L 99 2.14 38.43 -17.38
CA PHE L 99 2.56 39.82 -17.28
C PHE L 99 1.52 40.61 -16.53
N PRO L 100 1.93 41.55 -15.69
CA PRO L 100 0.97 42.47 -15.08
C PRO L 100 0.31 43.32 -16.14
N ARG L 101 -0.99 43.54 -15.98
CA ARG L 101 -1.74 44.32 -16.94
C ARG L 101 -1.32 45.78 -16.82
N LEU L 102 -1.09 46.41 -17.97
CA LEU L 102 -0.55 47.76 -18.03
C LEU L 102 -1.59 48.70 -18.62
N GLY L 103 -1.77 49.85 -17.97
CA GLY L 103 -2.70 50.84 -18.48
C GLY L 103 -2.19 51.52 -19.72
N GLY L 104 -3.07 52.29 -20.34
CA GLY L 104 -2.66 53.05 -21.51
C GLY L 104 -1.80 54.25 -21.20
N GLY L 105 -1.80 54.73 -19.96
CA GLY L 105 -1.02 55.89 -19.60
C GLY L 105 -1.81 57.18 -19.70
N THR L 106 -1.46 58.16 -18.86
CA THR L 106 -2.09 59.47 -18.90
C THR L 106 -1.03 60.55 -18.76
N LYS L 107 -1.09 61.57 -19.61
CA LYS L 107 -0.21 62.72 -19.49
C LYS L 107 -0.83 63.72 -18.53
N LEU L 108 -0.09 64.07 -17.49
CA LEU L 108 -0.52 65.07 -16.53
C LEU L 108 0.27 66.36 -16.78
N SER L 109 -0.46 67.44 -17.02
CA SER L 109 0.10 68.76 -17.22
C SER L 109 -0.45 69.72 -16.17
N VAL L 110 0.39 70.67 -15.77
CA VAL L 110 -0.01 71.70 -14.81
C VAL L 110 -0.22 72.97 -15.60
N LEU L 111 -1.30 73.68 -15.27
CA LEU L 111 -1.68 74.85 -16.05
C LEU L 111 -0.89 76.09 -15.65
C1 NAG M . 18.12 -35.31 -39.45
C2 NAG M . 19.49 -35.28 -38.79
C3 NAG M . 20.55 -35.77 -39.75
C4 NAG M . 20.19 -37.16 -40.27
C5 NAG M . 18.76 -37.18 -40.82
C6 NAG M . 18.28 -38.57 -41.16
C7 NAG M . 20.16 -33.70 -37.04
C8 NAG M . 20.48 -32.27 -36.71
N2 NAG M . 19.81 -33.95 -38.31
O3 NAG M . 21.77 -35.76 -39.04
O4 NAG M . 21.04 -37.57 -41.33
O5 NAG M . 17.84 -36.64 -39.87
O6 NAG M . 17.67 -39.18 -40.03
O7 NAG M . 20.21 -34.59 -36.19
C1 NAG M . 22.37 -37.86 -40.84
C2 NAG M . 22.84 -39.25 -41.26
C3 NAG M . 24.30 -39.46 -40.81
C4 NAG M . 25.18 -38.32 -41.30
C5 NAG M . 24.59 -36.97 -40.87
C6 NAG M . 25.36 -35.79 -41.41
C7 NAG M . 20.93 -40.77 -41.36
C8 NAG M . 20.15 -41.84 -40.65
N2 NAG M . 21.99 -40.28 -40.71
O3 NAG M . 24.77 -40.70 -41.29
O4 NAG M . 26.48 -38.45 -40.77
O5 NAG M . 23.26 -36.86 -41.36
O6 NAG M . 24.85 -35.38 -42.67
O7 NAG M . 20.61 -40.38 -42.48
C1 NAG N . -33.19 23.85 -14.27
C2 NAG N . -34.33 23.99 -13.27
C3 NAG N . -35.54 24.64 -13.95
C4 NAG N . -35.13 25.96 -14.60
C5 NAG N . -33.94 25.73 -15.53
C6 NAG N . -33.41 27.00 -16.15
C7 NAG N . -34.60 22.39 -11.43
C8 NAG N . -34.11 23.48 -10.53
N2 NAG N . -34.70 22.69 -12.73
O3 NAG N . -36.55 24.87 -12.97
O4 NAG N . -36.21 26.51 -15.34
O5 NAG N . -32.86 25.13 -14.81
O6 NAG N . -33.64 28.13 -15.31
O7 NAG N . -34.90 21.28 -11.00
C1 NAG N . -36.74 27.61 -14.56
C2 NAG N . -37.31 28.69 -15.49
C3 NAG N . -37.90 29.83 -14.66
C4 NAG N . -38.93 29.29 -13.68
C5 NAG N . -38.31 28.17 -12.82
C6 NAG N . -39.32 27.51 -11.92
C7 NAG N . -36.12 28.70 -17.63
C8 NAG N . -35.04 29.35 -18.44
N2 NAG N . -36.30 29.19 -16.41
O3 NAG N . -38.50 30.79 -15.53
O4 NAG N . -39.37 30.34 -12.83
O5 NAG N . -37.77 27.15 -13.67
O6 NAG N . -40.55 27.28 -12.59
O7 NAG N . -36.79 27.77 -18.06
C1 NAG O . -35.16 19.09 -26.85
C2 NAG O . -35.06 20.15 -27.95
C3 NAG O . -36.32 20.15 -28.83
C4 NAG O . -36.69 18.75 -29.31
C5 NAG O . -36.70 17.79 -28.11
C6 NAG O . -36.83 16.32 -28.46
C7 NAG O . -35.47 22.25 -26.58
C8 NAG O . -36.79 21.72 -26.08
N2 NAG O . -34.76 21.48 -27.43
O3 NAG O . -36.10 21.01 -29.95
O4 NAG O . -37.95 18.89 -29.96
O5 NAG O . -35.45 17.87 -27.41
O6 NAG O . -35.96 15.97 -29.53
O7 NAG O . -35.06 23.35 -26.22
C1 NAG O . -38.42 17.72 -30.72
C2 NAG O . -39.90 17.57 -30.33
C3 NAG O . -40.43 16.28 -30.91
C4 NAG O . -40.15 16.20 -32.40
C5 NAG O . -38.71 16.56 -32.75
C6 NAG O . -38.48 16.71 -34.24
C7 NAG O . -40.47 18.73 -28.24
C8 NAG O . -40.57 18.61 -26.76
N2 NAG O . -40.05 17.63 -28.88
O3 NAG O . -41.83 16.22 -30.67
O4 NAG O . -40.38 14.86 -32.84
O5 NAG O . -38.31 17.80 -32.15
O6 NAG O . -39.68 17.08 -34.90
O7 NAG O . -40.75 19.76 -28.84
C1 BMA O . -41.61 14.79 -33.61
C2 BMA O . -42.61 13.87 -32.84
C3 BMA O . -43.98 13.89 -33.53
C4 BMA O . -44.43 15.33 -33.86
C5 BMA O . -43.34 16.07 -34.62
C6 BMA O . -43.68 17.52 -34.92
O2 BMA O . -42.82 14.33 -31.52
O3 BMA O . -44.96 13.24 -32.73
O4 BMA O . -45.62 15.29 -34.64
O5 BMA O . -42.16 16.08 -33.82
O6 BMA O . -42.49 18.20 -35.23
C1 NAG P . -28.20 24.20 -5.98
C2 NAG P . -29.11 24.19 -7.21
C3 NAG P . -30.22 25.22 -7.05
C4 NAG P . -30.92 25.11 -5.70
C5 NAG P . -29.91 25.01 -4.57
C6 NAG P . -30.55 24.66 -3.24
C7 NAG P . -27.60 23.54 -9.05
C8 NAG P . -26.92 24.01 -10.29
N2 NAG P . -28.35 24.46 -8.42
O3 NAG P . -31.17 25.05 -8.10
O4 NAG P . -31.69 26.29 -5.52
O5 NAG P . -28.96 23.97 -4.84
O6 NAG P . -31.40 23.53 -3.37
O7 NAG P . -27.50 22.39 -8.63
C1 NAG P . -33.06 26.01 -5.20
C2 NAG P . -33.62 27.26 -4.53
C3 NAG P . -35.09 27.06 -4.19
C4 NAG P . -35.86 26.67 -5.44
C5 NAG P . -35.22 25.45 -6.10
C6 NAG P . -35.86 25.08 -7.42
C7 NAG P . -31.70 28.26 -3.36
C8 NAG P . -31.07 28.54 -2.03
N2 NAG P . -32.87 27.61 -3.33
O3 NAG P . -35.62 28.26 -3.64
O4 NAG P . -37.21 26.36 -5.11
O5 NAG P . -33.83 25.71 -6.38
O6 NAG P . -35.45 25.96 -8.47
O7 NAG P . -31.17 28.61 -4.41
C1 NAG Q . -29.56 2.41 -7.76
C2 NAG Q . -29.04 1.58 -6.59
C3 NAG Q . -30.17 0.73 -6.05
C4 NAG Q . -31.46 1.53 -5.85
C5 NAG Q . -31.73 2.58 -6.95
C6 NAG Q . -32.75 3.61 -6.52
C7 NAG Q . -27.21 0.08 -6.06
C8 NAG Q . -26.09 -0.76 -6.57
N2 NAG Q . -27.90 0.76 -6.97
O3 NAG Q . -29.77 0.16 -4.81
O4 NAG Q . -32.54 0.61 -5.97
O5 NAG Q . -30.53 3.28 -7.31
O6 NAG Q . -34.04 3.03 -6.48
O7 NAG Q . -27.46 0.15 -4.86
C1 NAG Q . -32.81 -0.30 -4.88
C2 NAG Q . -34.26 -0.70 -5.03
C3 NAG Q . -34.65 -1.73 -3.96
C4 NAG Q . -33.68 -2.91 -3.98
C5 NAG Q . -32.25 -2.39 -3.84
C6 NAG Q . -31.22 -3.47 -3.91
C7 NAG Q . -36.14 0.70 -5.80
C8 NAG Q . -36.37 -0.33 -6.86
N2 NAG Q . -35.13 0.47 -4.95
O3 NAG Q . -35.97 -2.20 -4.19
O4 NAG Q . -33.98 -3.79 -2.90
O5 NAG Q . -31.98 -1.47 -4.90
O6 NAG Q . -29.92 -2.91 -4.07
O7 NAG Q . -36.82 1.71 -5.71
C1 BMA Q . -34.27 -5.12 -3.37
C2 BMA Q . -34.14 -6.04 -2.14
C3 BMA Q . -34.61 -7.46 -2.47
C4 BMA Q . -35.98 -7.45 -3.14
C5 BMA Q . -35.93 -6.57 -4.38
C6 BMA Q . -37.26 -6.52 -5.11
O2 BMA Q . -34.98 -5.57 -1.09
O3 BMA Q . -34.65 -8.27 -1.30
O4 BMA Q . -36.33 -8.77 -3.53
O5 BMA Q . -35.57 -5.22 -3.96
O6 BMA Q . -37.88 -7.83 -5.00
C1 MAN Q . -37.99 -8.43 -6.32
C2 MAN Q . -38.77 -7.46 -7.25
C3 MAN Q . -40.23 -7.41 -6.85
C4 MAN Q . -40.81 -8.81 -6.83
C5 MAN Q . -40.03 -9.68 -5.86
C6 MAN Q . -40.52 -11.09 -5.86
O2 MAN Q . -38.77 -7.94 -8.60
O3 MAN Q . -40.98 -6.59 -7.73
O4 MAN Q . -42.16 -8.75 -6.40
O5 MAN Q . -38.64 -9.70 -6.25
O6 MAN Q . -41.92 -11.01 -5.65
C1 MAN Q . -42.60 -12.02 -6.41
C2 MAN Q . -44.01 -11.50 -6.62
C3 MAN Q . -44.66 -11.28 -5.26
C4 MAN Q . -44.59 -12.57 -4.42
C5 MAN Q . -43.14 -13.08 -4.34
C6 MAN Q . -43.02 -14.43 -3.66
O2 MAN Q . -44.82 -12.47 -7.29
O3 MAN Q . -46.01 -10.85 -5.38
O4 MAN Q . -45.06 -12.31 -3.11
O5 MAN Q . -42.61 -13.21 -5.68
O6 MAN Q . -41.67 -14.60 -3.24
C1 NAG R . 2.10 -26.84 -42.01
C2 NAG R . 2.91 -28.10 -42.37
C3 NAG R . 2.15 -29.00 -43.34
C4 NAG R . 0.75 -29.27 -42.80
C5 NAG R . 0.04 -27.95 -42.53
C6 NAG R . -1.34 -28.12 -41.96
C7 NAG R . 4.64 -27.08 -43.93
C8 NAG R . 3.56 -26.45 -44.78
N2 NAG R . 4.26 -27.81 -42.85
O3 NAG R . 2.87 -30.22 -43.48
O4 NAG R . -0.01 -30.01 -43.75
O5 NAG R . 0.80 -27.21 -41.57
O6 NAG R . -1.74 -26.97 -41.20
O7 NAG R . 5.82 -26.93 -44.21
C1 NAG R . -0.05 -31.38 -43.30
C2 NAG R . -1.50 -31.89 -43.33
C3 NAG R . -1.53 -33.39 -43.01
C4 NAG R . -0.58 -34.15 -43.91
C5 NAG R . 0.81 -33.56 -43.77
C6 NAG R . 1.84 -34.23 -44.66
C7 NAG R . -3.66 -31.09 -42.50
C8 NAG R . -4.36 -30.28 -41.44
N2 NAG R . -2.33 -31.15 -42.39
O3 NAG R . -2.86 -33.87 -43.16
O4 NAG R . -0.59 -35.54 -43.60
O5 NAG R . 0.78 -32.18 -44.14
O6 NAG R . 1.78 -33.72 -45.99
O7 NAG R . -4.27 -31.65 -43.39
C1 BMA R . -1.11 -36.22 -44.77
C2 BMA R . -0.38 -37.58 -44.90
C3 BMA R . -0.98 -38.34 -46.09
C4 BMA R . -2.50 -38.42 -46.01
C5 BMA R . -3.10 -37.02 -45.83
C6 BMA R . -4.60 -37.03 -45.65
O2 BMA R . -0.61 -38.39 -43.76
O3 BMA R . -0.41 -39.64 -46.22
O4 BMA R . -3.03 -39.01 -47.18
O5 BMA R . -2.51 -36.43 -44.65
O6 BMA R . -5.09 -35.72 -45.86
C1 NAG S . 10.03 -23.71 -41.33
C2 NAG S . 11.02 -23.70 -42.46
C3 NAG S . 12.10 -22.68 -42.14
C4 NAG S . 11.46 -21.32 -41.86
C5 NAG S . 10.20 -21.37 -41.00
C6 NAG S . 9.34 -20.13 -41.17
C7 NAG S . 11.59 -26.14 -42.15
C8 NAG S . 12.29 -27.29 -42.82
N2 NAG S . 11.61 -24.99 -42.84
O3 NAG S . 12.99 -22.58 -43.23
O4 NAG S . 12.40 -20.49 -41.18
O5 NAG S . 9.35 -22.48 -41.31
O6 NAG S . 8.41 -19.95 -40.13
O7 NAG S . 11.07 -26.27 -41.06
C1 NAG S . 12.61 -19.48 -42.16
C2 NAG S . 13.32 -18.29 -41.52
C3 NAG S . 13.63 -17.26 -42.59
C4 NAG S . 14.39 -17.90 -43.75
C5 NAG S . 13.66 -19.14 -44.25
C6 NAG S . 14.44 -19.90 -45.29
C7 NAG S . 13.07 -17.02 -39.45
C8 NAG S . 12.11 -16.49 -38.43
N2 NAG S . 12.53 -17.71 -40.45
O3 NAG S . 14.41 -16.21 -42.01
O4 NAG S . 14.49 -17.00 -44.85
O5 NAG S . 13.43 -20.04 -43.17
O6 NAG S . 15.27 -20.89 -44.69
O7 NAG S . 14.28 -16.82 -39.37
C1 BMA S . 15.74 -16.29 -44.80
C2 BMA S . 15.30 -14.85 -44.94
C3 BMA S . 16.43 -13.91 -44.68
C4 BMA S . 17.06 -14.22 -43.31
C5 BMA S . 17.54 -15.68 -43.30
C6 BMA S . 18.12 -16.10 -41.97
O2 BMA S . 14.28 -14.52 -44.00
O3 BMA S . 15.96 -12.56 -44.72
O4 BMA S . 18.14 -13.35 -43.06
O5 BMA S . 16.43 -16.53 -43.56
O6 BMA S . 17.24 -17.06 -41.39
C1 MAN S . 16.23 -11.96 -46.02
C2 MAN S . 15.68 -10.51 -45.97
C3 MAN S . 14.17 -10.48 -46.14
C4 MAN S . 13.77 -11.21 -47.43
C5 MAN S . 14.23 -12.65 -47.33
C6 MAN S . 13.90 -13.48 -48.56
O2 MAN S . 16.20 -9.72 -47.03
O3 MAN S . 13.65 -9.16 -46.15
O4 MAN S . 12.36 -11.17 -47.60
O5 MAN S . 15.67 -12.70 -47.13
O6 MAN S . 14.21 -14.85 -48.26
C1 NAG T . -2.52 1.37 -34.28
C2 NAG T . -2.77 2.17 -35.51
C3 NAG T . -2.24 3.57 -35.29
C4 NAG T . -2.80 4.17 -34.00
C5 NAG T . -3.13 3.18 -32.87
C6 NAG T . -4.40 3.56 -32.13
C7 NAG T . -2.81 0.67 -37.44
C8 NAG T . -2.06 0.16 -38.61
N2 NAG T . -2.17 1.57 -36.68
O3 NAG T . -2.58 4.39 -36.41
O4 NAG T . -1.81 5.05 -33.47
O5 NAG T . -3.36 1.82 -33.29
O6 NAG T . -5.31 4.23 -33.00
O7 NAG T . -3.94 0.28 -37.17
C1 NAG T . -2.08 6.43 -33.74
C2 NAG T . -1.87 7.21 -32.45
C3 NAG T . -2.08 8.70 -32.69
C4 NAG T . -1.18 9.17 -33.82
C5 NAG T . -1.42 8.33 -35.06
C6 NAG T . -0.46 8.65 -36.20
C7 NAG T . -2.37 5.83 -30.49
C8 NAG T . -3.40 5.47 -29.45
N2 NAG T . -2.75 6.74 -31.39
O3 NAG T . -1.77 9.41 -31.50
O4 NAG T . -1.45 10.54 -34.10
O5 NAG T . -1.22 6.94 -34.76
O6 NAG T . 0.83 8.13 -35.92
O7 NAG T . -1.26 5.32 -30.52
C1 BMA T . -0.36 11.36 -33.60
C2 BMA T . -0.13 12.49 -34.62
C3 BMA T . 1.01 13.34 -34.11
C4 BMA T . 0.72 13.87 -32.71
C5 BMA T . 0.44 12.70 -31.77
C6 BMA T . 0.06 13.17 -30.39
O2 BMA T . -1.27 13.33 -34.68
O3 BMA T . 1.27 14.41 -34.99
O4 BMA T . 1.83 14.60 -32.23
O5 BMA T . -0.65 11.91 -32.31
O6 BMA T . -0.15 12.04 -29.56
C1 MAN T . 2.64 14.30 -35.43
C2 MAN T . 3.25 15.72 -35.41
C3 MAN T . 2.59 16.58 -36.48
C4 MAN T . 2.64 15.87 -37.85
C5 MAN T . 1.99 14.49 -37.73
C6 MAN T . 2.07 13.69 -39.02
O2 MAN T . 4.64 15.69 -35.73
O3 MAN T . 3.21 17.86 -36.57
O4 MAN T . 1.93 16.64 -38.81
O5 MAN T . 2.69 13.73 -36.72
O6 MAN T . 1.40 12.45 -38.81
C1 MAN T . 0.25 12.37 -28.22
C2 MAN T . 0.15 11.07 -27.39
C3 MAN T . -1.31 10.69 -27.17
C4 MAN T . -2.07 11.87 -26.55
C5 MAN T . -1.96 13.07 -27.49
C6 MAN T . -2.64 14.31 -26.94
O2 MAN T . 0.70 11.25 -26.08
O3 MAN T . -1.45 9.54 -26.33
O4 MAN T . -3.44 11.54 -26.39
O5 MAN T . -0.57 13.41 -27.68
O6 MAN T . -2.48 15.35 -27.91
C1 NAG U . -17.41 -30.99 -31.67
C2 NAG U . -17.33 -32.10 -30.62
C3 NAG U . -18.20 -33.28 -31.03
C4 NAG U . -19.62 -32.82 -31.35
C5 NAG U . -19.58 -31.68 -32.37
C6 NAG U . -20.94 -31.07 -32.62
C7 NAG U . -15.26 -32.22 -29.31
C8 NAG U . -13.85 -32.73 -29.26
N2 NAG U . -15.96 -32.52 -30.41
O3 NAG U . -18.23 -34.23 -29.98
O4 NAG U . -20.37 -33.91 -31.89
O5 NAG U . -18.76 -30.62 -31.87
O6 NAG U . -21.33 -30.23 -31.54
O7 NAG U . -15.75 -31.59 -28.39
C1 NAG U . -21.54 -34.05 -31.06
C2 NAG U . -22.45 -35.14 -31.64
C3 NAG U . -23.67 -35.31 -30.73
C4 NAG U . -23.23 -35.58 -29.30
C5 NAG U . -22.27 -34.50 -28.82
C6 NAG U . -21.69 -34.79 -27.45
C7 NAG U . -22.10 -35.08 -34.06
C8 NAG U . -22.69 -34.72 -35.39
N2 NAG U . -22.86 -34.83 -32.99
O3 NAG U . -24.47 -36.38 -31.23
O4 NAG U . -24.37 -35.58 -28.45
O5 NAG U . -21.16 -34.40 -29.73
O6 NAG U . -21.00 -36.03 -27.43
O7 NAG U . -20.99 -35.59 -33.96
C1 BMA U . -24.76 -36.94 -28.17
C2 BMA U . -25.28 -37.01 -26.72
C3 BMA U . -25.83 -38.40 -26.43
C4 BMA U . -26.82 -38.85 -27.52
C5 BMA U . -26.18 -38.72 -28.90
C6 BMA U . -27.13 -39.08 -30.02
O2 BMA U . -26.35 -36.10 -26.53
O3 BMA U . -26.46 -38.46 -25.15
O4 BMA U . -27.20 -40.20 -27.30
O5 BMA U . -25.77 -37.36 -29.09
O6 BMA U . -27.71 -40.34 -29.73
C1 NAG V . -4.31 -13.54 -49.76
C2 NAG V . -3.48 -13.05 -50.95
C3 NAG V . -4.31 -13.10 -52.25
C4 NAG V . -4.96 -14.48 -52.42
C5 NAG V . -5.74 -14.81 -51.16
C6 NAG V . -6.38 -16.17 -51.21
C7 NAG V . -2.05 -11.40 -49.83
C8 NAG V . -1.69 -9.95 -49.72
N2 NAG V . -3.01 -11.70 -50.73
O3 NAG V . -3.46 -12.82 -53.34
O4 NAG V . -5.90 -14.47 -53.48
O5 NAG V . -4.84 -14.82 -50.04
O6 NAG V . -5.50 -17.10 -51.83
O7 NAG V . -1.52 -12.25 -49.13
C1 NAG V . -5.41 -14.80 -54.80
C2 NAG V . -5.87 -16.19 -55.26
C3 NAG V . -5.52 -16.39 -56.73
C4 NAG V . -6.13 -15.30 -57.58
C5 NAG V . -5.61 -13.96 -57.08
C6 NAG V . -6.21 -12.78 -57.80
C7 NAG V . -5.80 -18.49 -54.43
C8 NAG V . -5.08 -19.49 -53.57
N2 NAG V . -5.30 -17.25 -54.45
O3 NAG V . -5.98 -17.67 -57.15
O4 NAG V . -5.82 -15.46 -58.95
O5 NAG V . -5.93 -13.79 -55.68
O6 NAG V . -7.58 -13.00 -58.10
O7 NAG V . -6.80 -18.79 -55.09
C1 BMA V . -6.86 -16.21 -59.61
C2 BMA V . -6.86 -15.92 -61.13
C3 BMA V . -7.82 -16.89 -61.86
C4 BMA V . -7.60 -18.35 -61.42
C5 BMA V . -7.67 -18.45 -59.90
C6 BMA V . -7.40 -19.85 -59.39
O2 BMA V . -5.57 -16.14 -61.68
O3 BMA V . -7.69 -16.78 -63.26
O4 BMA V . -8.60 -19.18 -62.00
O5 BMA V . -6.67 -17.59 -59.35
O6 BMA V . -6.98 -19.78 -58.03
C1 NAG W . -9.66 -0.07 -53.30
C2 NAG W . -8.20 0.38 -53.34
C3 NAG W . -7.71 0.43 -54.78
C4 NAG W . -7.93 -0.92 -55.46
C5 NAG W . -9.40 -1.29 -55.36
C6 NAG W . -9.72 -2.64 -55.95
C7 NAG W . -6.96 1.92 -51.91
C8 NAG W . -6.92 3.29 -51.30
N2 NAG W . -8.02 1.66 -52.68
O3 NAG W . -6.32 0.78 -54.77
O4 NAG W . -7.54 -0.88 -56.83
O5 NAG W . -9.80 -1.33 -53.98
O6 NAG W . -10.11 -3.57 -54.95
O7 NAG W . -6.08 1.10 -51.72
C1 NAG W . -6.15 -1.24 -57.06
C2 NAG W . -6.03 -2.69 -57.55
C3 NAG W . -4.58 -3.03 -57.87
C4 NAG W . -3.97 -2.01 -58.81
C5 NAG W . -4.14 -0.60 -58.26
C6 NAG W . -3.66 0.47 -59.19
C7 NAG W . -7.21 -4.73 -56.88
C8 NAG W . -7.67 -5.58 -55.75
N2 NAG W . -6.56 -3.62 -56.56
O3 NAG W . -4.53 -4.32 -58.47
O4 NAG W . -2.57 -2.27 -58.97
O5 NAG W . -5.54 -0.35 -58.02
O6 NAG W . -3.98 0.16 -60.55
O7 NAG W . -7.41 -5.04 -58.06
C1 NAG X . -19.36 -6.09 -54.11
C2 NAG X . -20.45 -5.97 -53.07
C3 NAG X . -21.29 -4.70 -53.26
C4 NAG X . -21.46 -4.25 -54.71
C5 NAG X . -20.22 -4.48 -55.56
C6 NAG X . -19.75 -3.27 -56.32
C7 NAG X . -22.00 -7.57 -52.01
C8 NAG X . -22.79 -8.84 -52.19
N2 NAG X . -21.29 -7.16 -53.06
O3 NAG X . -20.74 -3.64 -52.49
O4 NAG X . -22.57 -4.89 -55.32
O5 NAG X . -19.14 -4.86 -54.71
O6 NAG X . -20.80 -2.38 -56.66
O7 NAG X . -22.03 -6.95 -50.95
C1 NAG X . -23.33 -3.82 -55.96
C2 NAG X . -23.68 -4.16 -57.42
C3 NAG X . -24.56 -3.08 -58.02
C4 NAG X . -25.77 -2.82 -57.13
C5 NAG X . -25.29 -2.46 -55.73
C6 NAG X . -26.41 -2.18 -54.76
C7 NAG X . -21.80 -5.51 -58.25
C8 NAG X . -20.59 -5.52 -59.14
N2 NAG X . -22.48 -4.36 -58.22
O3 NAG X . -24.97 -3.43 -59.32
O4 NAG X . -26.59 -1.79 -57.66
O5 NAG X . -24.54 -3.57 -55.21
O6 NAG X . -27.05 -3.38 -54.34
O7 NAG X . -22.13 -6.48 -57.58
C1 BMA X . -27.79 -2.51 -58.03
C2 BMA X . -28.94 -1.50 -58.22
C3 BMA X . -30.18 -2.26 -58.68
C4 BMA X . -29.88 -3.17 -59.90
C5 BMA X . -28.69 -4.08 -59.60
C6 BMA X . -28.27 -4.92 -60.79
O2 BMA X . -28.62 -0.57 -59.24
O3 BMA X . -31.25 -1.36 -58.99
O4 BMA X . -31.03 -3.96 -60.20
O5 BMA X . -27.57 -3.26 -59.23
O6 BMA X . -27.15 -5.71 -60.43
C1 NAG Y . -27.58 0.09 -37.43
C2 NAG Y . -28.71 0.10 -36.42
C3 NAG Y . -29.79 -0.86 -36.87
C4 NAG Y . -30.25 -0.54 -38.28
C5 NAG Y . -29.06 -0.40 -39.23
C6 NAG Y . -29.45 0.14 -40.58
C7 NAG Y . -27.62 0.63 -34.29
C8 NAG Y . -27.17 0.10 -32.96
N2 NAG Y . -28.22 -0.26 -35.10
O3 NAG Y . -30.90 -0.76 -35.97
O4 NAG Y . -31.06 -1.61 -38.78
O5 NAG Y . -28.08 0.50 -38.70
O6 NAG Y . -30.06 1.41 -40.48
O7 NAG Y . -27.44 1.79 -34.62
C1 NAG Y . -32.47 -1.30 -38.81
C2 NAG Y . -33.07 -2.03 -40.02
C3 NAG Y . -34.58 -1.82 -40.07
C4 NAG Y . -35.21 -2.23 -38.75
C5 NAG Y . -34.54 -1.49 -37.59
C6 NAG Y . -35.03 -1.93 -36.24
C7 NAG Y . -31.83 -2.39 -42.10
C8 NAG Y . -31.25 -1.75 -43.32
N2 NAG Y . -32.44 -1.57 -41.25
O3 NAG Y . -35.13 -2.60 -41.12
O4 NAG Y . -36.61 -1.90 -38.76
O5 NAG Y . -33.13 -1.74 -37.61
O6 NAG Y . -35.23 -3.34 -36.20
O7 NAG Y . -31.75 -3.60 -41.89
C1 BMA Y . -37.40 -3.12 -38.74
C2 BMA Y . -38.64 -2.93 -37.79
C3 BMA Y . -39.56 -4.14 -37.88
C4 BMA Y . -39.90 -4.43 -39.33
C5 BMA Y . -38.61 -4.65 -40.12
C6 BMA Y . -38.87 -4.97 -41.57
O2 BMA Y . -39.41 -1.81 -38.19
O3 BMA Y . -40.77 -3.97 -37.14
O4 BMA Y . -40.72 -5.57 -39.43
O5 BMA Y . -37.83 -3.45 -40.06
O6 BMA Y . -37.70 -4.70 -42.31
C1 MAN Y . -40.79 -4.86 -36.00
C2 MAN Y . -41.46 -6.20 -36.42
C3 MAN Y . -42.31 -6.73 -35.27
C4 MAN Y . -41.57 -6.52 -33.98
C5 MAN Y . -41.56 -5.04 -33.68
C6 MAN Y . -40.42 -4.60 -32.82
O2 MAN Y . -40.47 -7.20 -36.63
O3 MAN Y . -42.65 -8.09 -35.41
O4 MAN Y . -42.21 -7.22 -32.92
O5 MAN Y . -41.51 -4.27 -34.92
O6 MAN Y . -40.42 -3.18 -32.83
C1 MAN Y . -44.06 -8.23 -35.19
C2 MAN Y . -44.30 -9.63 -34.63
C3 MAN Y . -43.84 -10.64 -35.66
C4 MAN Y . -44.52 -10.40 -37.01
C5 MAN Y . -44.32 -8.93 -37.45
C6 MAN Y . -45.13 -8.58 -38.68
O2 MAN Y . -45.69 -9.89 -34.47
O3 MAN Y . -44.11 -11.97 -35.24
O4 MAN Y . -43.96 -11.26 -37.99
O5 MAN Y . -44.75 -8.05 -36.39
O6 MAN Y . -44.81 -7.24 -39.07
C1 MAN Y . -37.82 -5.38 -43.58
C2 MAN Y . -36.43 -5.34 -44.25
C3 MAN Y . -36.13 -3.91 -44.72
C4 MAN Y . -37.28 -3.37 -45.59
C5 MAN Y . -38.57 -3.41 -44.77
C6 MAN Y . -39.76 -2.92 -45.55
O2 MAN Y . -36.40 -6.15 -45.43
O3 MAN Y . -34.91 -3.84 -45.43
O4 MAN Y . -37.01 -2.04 -45.97
O5 MAN Y . -38.83 -4.78 -44.38
O6 MAN Y . -40.93 -3.19 -44.79
C1 MAN Y . -42.05 -2.48 -45.34
C2 MAN Y . -43.23 -2.57 -44.33
C3 MAN Y . -43.85 -3.99 -44.34
C4 MAN Y . -44.14 -4.45 -45.77
C5 MAN Y . -42.86 -4.38 -46.61
C6 MAN Y . -43.06 -4.79 -48.04
O2 MAN Y . -44.28 -1.67 -44.66
O3 MAN Y . -45.03 -4.04 -43.55
O4 MAN Y . -44.62 -5.78 -45.75
O5 MAN Y . -42.39 -3.01 -46.62
O6 MAN Y . -41.83 -4.60 -48.73
C1 NAG Z . -28.97 -5.75 -47.47
C2 NAG Z . -29.91 -4.71 -46.85
C3 NAG Z . -30.19 -3.58 -47.83
C4 NAG Z . -30.65 -4.08 -49.20
C5 NAG Z . -29.91 -5.34 -49.59
C6 NAG Z . -29.47 -5.34 -51.04
C7 NAG Z . -31.39 -5.57 -45.10
C8 NAG Z . -32.70 -6.21 -44.80
N2 NAG Z . -31.14 -5.32 -46.39
O3 NAG Z . -29.03 -2.76 -47.97
O4 NAG Z . -32.05 -4.29 -49.22
O5 NAG Z . -28.71 -5.43 -48.80
O6 NAG Z . -28.76 -4.15 -51.35
O7 NAG Z . -30.58 -5.27 -44.22
C1 NAG Z . -32.51 -3.13 -49.95
C2 NAG Z . -33.54 -3.53 -51.00
C3 NAG Z . -34.00 -2.29 -51.75
C4 NAG Z . -34.45 -1.19 -50.81
C5 NAG Z . -33.44 -0.95 -49.69
C6 NAG Z . -33.96 -0.03 -48.61
C7 NAG Z . -32.87 -5.81 -51.62
C8 NAG Z . -32.33 -6.69 -52.71
N2 NAG Z . -33.01 -4.52 -51.92
O3 NAG Z . -35.06 -2.66 -52.63
O4 NAG Z . -34.56 0.03 -51.53
O5 NAG Z . -33.09 -2.18 -49.04
O6 NAG Z . -35.35 -0.27 -48.35
O7 NAG Z . -33.16 -6.26 -50.51
C1 BMA Z . -35.91 0.25 -51.99
C2 BMA Z . -36.21 1.75 -51.79
C3 BMA Z . -37.55 2.11 -52.46
C4 BMA Z . -37.61 1.58 -53.90
C5 BMA Z . -37.33 0.07 -53.91
C6 BMA Z . -37.32 -0.50 -55.31
O2 BMA Z . -35.22 2.54 -52.42
O3 BMA Z . -37.76 3.52 -52.46
O4 BMA Z . -38.91 1.81 -54.43
O5 BMA Z . -36.03 -0.15 -53.34
O6 BMA Z . -36.82 -1.83 -55.25
C1 NAG AA . -0.46 -1.06 -41.74
C2 NAG AA . 0.90 -1.46 -41.15
C3 NAG AA . 2.06 -0.87 -41.95
C4 NAG AA . 1.88 -1.11 -43.46
C5 NAG AA . 0.48 -0.73 -43.90
C6 NAG AA . 0.20 -1.08 -45.34
C7 NAG AA . 1.11 0.03 -39.11
C8 NAG AA . 0.98 1.27 -39.96
N2 NAG AA . 1.04 -1.17 -39.73
O3 NAG AA . 3.27 -1.47 -41.49
O4 NAG AA . 2.80 -0.28 -44.18
O5 NAG AA . -0.50 -1.42 -43.12
O6 NAG AA . 1.13 -2.06 -45.80
O7 NAG AA . 1.24 0.11 -37.90
C1 NAG AA . 4.10 -0.88 -44.30
C2 NAG AA . 4.76 -0.39 -45.58
C3 NAG AA . 6.16 -0.99 -45.70
C4 NAG AA . 6.98 -0.69 -44.46
C5 NAG AA . 6.24 -1.10 -43.19
C6 NAG AA . 6.93 -0.65 -41.93
C7 NAG AA . 3.04 0.14 -47.24
C8 NAG AA . 2.31 -0.34 -48.45
N2 NAG AA . 3.96 -0.70 -46.74
O3 NAG AA . 6.80 -0.45 -46.85
O4 NAG AA . 8.21 -1.40 -44.52
O5 NAG AA . 4.93 -0.54 -43.17
O6 NAG AA . 7.29 0.72 -41.99
O7 NAG AA . 2.82 1.23 -46.73
C1 BMA AA . 9.29 -0.44 -44.65
C2 BMA AA . 10.50 -0.97 -43.86
C3 BMA AA . 11.70 -0.06 -44.06
C4 BMA AA . 11.94 0.23 -45.57
C5 BMA AA . 10.65 0.74 -46.23
C6 BMA AA . 10.80 0.95 -47.72
O2 BMA AA . 10.88 -2.25 -44.30
O3 BMA AA . 12.89 -0.60 -43.48
O4 BMA AA . 12.95 1.21 -45.71
O5 BMA AA . 9.63 -0.26 -46.02
O6 BMA AA . 9.63 1.60 -48.19
C1 NAG BA . -36.12 -20.47 -44.55
C2 NAG BA . -35.88 -19.46 -45.66
C3 NAG BA . -35.92 -18.05 -45.08
C4 NAG BA . -37.11 -17.81 -44.17
C5 NAG BA . -37.55 -19.03 -43.32
C6 NAG BA . -39.00 -18.94 -42.89
C7 NAG BA . -34.49 -19.90 -47.65
C8 NAG BA . -33.10 -20.12 -48.15
N2 NAG BA . -34.61 -19.70 -46.33
O3 NAG BA . -35.95 -17.11 -46.15
O4 NAG BA . -36.66 -16.87 -43.20
O5 NAG BA . -37.40 -20.28 -44.02
O6 NAG BA . -39.86 -18.76 -44.00
O7 NAG BA . -35.47 -19.90 -48.39
C1 NAG BA . -37.22 -15.53 -43.15
C2 NAG BA . -36.01 -14.64 -43.32
C3 NAG BA . -36.41 -13.18 -43.14
C4 NAG BA . -37.54 -12.84 -44.11
C5 NAG BA . -38.68 -13.84 -43.98
C6 NAG BA . -39.77 -13.63 -45.01
C7 NAG BA . -33.69 -15.21 -42.75
C8 NAG BA . -32.74 -15.58 -41.65
N2 NAG BA . -34.96 -15.00 -42.38
O3 NAG BA . -35.28 -12.34 -43.38
O4 NAG BA . -38.03 -11.52 -43.84
O5 NAG BA . -38.21 -15.19 -44.15
O6 NAG BA . -40.14 -12.25 -45.09
O7 NAG BA . -33.32 -15.08 -43.91
C1 NAG CA . 20.32 -47.11 22.18
C2 NAG CA . 20.99 -47.41 20.86
C3 NAG CA . 21.35 -48.87 20.76
C4 NAG CA . 22.23 -49.27 21.95
C5 NAG CA . 21.56 -48.86 23.26
C6 NAG CA . 22.47 -49.04 24.46
C7 NAG CA . 20.54 -46.19 18.77
C8 NAG CA . 19.56 -45.91 17.68
N2 NAG CA . 20.14 -47.02 19.73
O3 NAG CA . 22.03 -49.03 19.52
O4 NAG CA . 22.43 -50.68 22.01
O5 NAG CA . 21.19 -47.48 23.24
O6 NAG CA . 23.25 -47.87 24.69
O7 NAG CA . 21.66 -45.68 18.78
C1 NAG CA . 23.30 -51.12 20.96
C2 NAG CA . 24.47 -51.95 21.47
C3 NAG CA . 25.30 -52.48 20.31
C4 NAG CA . 24.41 -53.23 19.32
C5 NAG CA . 23.24 -52.34 18.89
C6 NAG CA . 22.25 -53.05 18.00
C7 NAG CA . 25.12 -51.11 23.69
C8 NAG CA . 26.08 -50.24 24.45
N2 NAG CA . 25.30 -51.16 22.37
O3 NAG CA . 26.32 -53.33 20.79
O4 NAG CA . 25.15 -53.60 18.17
O5 NAG CA . 22.51 -51.92 20.04
O6 NAG CA . 21.23 -53.68 18.76
O7 NAG CA . 24.23 -51.75 24.24
C1 NAG DA . -36.75 12.05 19.24
C2 NAG DA . -36.84 13.54 19.55
C3 NAG DA . -38.06 13.82 20.43
C4 NAG DA . -39.32 13.26 19.79
C5 NAG DA . -39.12 11.79 19.45
C6 NAG DA . -40.29 11.17 18.72
C7 NAG DA . -34.81 14.93 19.68
C8 NAG DA . -35.23 15.50 18.37
N2 NAG DA . -35.63 13.99 20.20
O3 NAG DA . -38.18 15.23 20.61
O4 NAG DA . -40.44 13.41 20.65
O5 NAG DA . -37.97 11.62 18.61
O6 NAG DA . -40.99 12.13 17.95
O7 NAG DA . -33.79 15.28 20.25
C1 NAG DA . -41.24 14.50 20.14
C2 NAG DA . -42.72 14.26 20.46
C3 NAG DA . -43.55 15.43 19.95
C4 NAG DA . -43.03 16.74 20.52
C5 NAG DA . -41.53 16.89 20.22
C6 NAG DA . -40.92 18.11 20.86
C7 NAG DA . -43.21 11.86 20.57
C8 NAG DA . -43.74 10.67 19.84
N2 NAG DA . -43.19 13.01 19.89
O3 NAG DA . -44.91 15.24 20.32
O4 NAG DA . -43.73 17.84 19.94
O5 NAG DA . -40.81 15.75 20.72
O6 NAG DA . -41.37 18.27 22.20
O7 NAG DA . -42.80 11.78 21.72
C1 NAG EA . -38.36 2.58 28.85
C2 NAG EA . -39.68 1.82 28.78
C3 NAG EA . -40.44 1.87 30.11
C4 NAG EA . -39.55 1.50 31.29
C5 NAG EA . -38.24 2.32 31.23
C6 NAG EA . -37.16 1.89 32.21
C7 NAG EA . -41.06 3.45 27.40
C8 NAG EA . -40.82 4.55 28.42
N2 NAG EA . -40.51 2.24 27.65
O3 NAG EA . -41.56 0.98 30.05
O4 NAG EA . -40.33 1.76 32.45
O5 NAG EA . -37.63 2.14 29.93
O6 NAG EA . -37.01 0.48 32.24
O7 NAG EA . -41.72 3.65 26.40
C1 NAG EA . -39.78 1.28 33.74
C2 NAG EA . -39.97 2.43 34.70
C3 NAG EA . -39.27 2.11 36.01
C4 NAG EA . -39.71 0.74 36.54
C5 NAG EA . -39.69 -0.34 35.45
C6 NAG EA . -40.35 -1.63 35.90
C7 NAG EA . -40.31 4.59 33.60
C8 NAG EA . -39.63 5.81 33.04
N2 NAG EA . -39.50 3.67 34.13
O3 NAG EA . -39.56 3.12 36.95
O4 NAG EA . -38.81 0.34 37.56
O5 NAG EA . -40.40 0.08 34.28
O6 NAG EA . -41.31 -1.38 36.92
O7 NAG EA . -41.51 4.44 33.57
C1 BMA EA . -39.44 0.45 38.86
C2 BMA EA . -38.67 1.51 39.70
C3 BMA EA . -39.40 1.79 41.01
C4 BMA EA . -40.91 2.01 40.80
C5 BMA EA . -41.50 0.86 39.97
C6 BMA EA . -42.98 1.06 39.66
O2 BMA EA . -38.60 2.76 39.01
O3 BMA EA . -38.84 2.90 41.69
O4 BMA EA . -41.57 2.09 42.05
O5 BMA EA . -40.81 0.81 38.73
O6 BMA EA . -43.31 0.19 38.58
C1 NAG FA . -32.14 15.68 11.54
C2 NAG FA . -32.91 15.25 12.79
C3 NAG FA . -34.09 16.19 13.03
C4 NAG FA . -33.67 17.66 12.98
C5 NAG FA . -32.80 17.95 11.75
C6 NAG FA . -32.17 19.32 11.78
C7 NAG FA . -32.61 12.81 12.86
C8 NAG FA . -33.28 11.49 12.69
N2 NAG FA . -33.38 13.89 12.66
O3 NAG FA . -34.66 15.90 14.30
O4 NAG FA . -34.85 18.44 12.87
O5 NAG FA . -31.72 17.01 11.69
O6 NAG FA . -31.53 19.55 13.03
O7 NAG FA . -31.41 12.91 13.14
C1 NAG FA . -34.93 19.46 13.87
C2 NAG FA . -35.90 20.51 13.37
C3 NAG FA . -36.07 21.62 14.40
C4 NAG FA . -36.48 21.04 15.73
C5 NAG FA . -35.50 19.95 16.17
C6 NAG FA . -35.93 19.23 17.43
C7 NAG FA . -35.68 20.44 10.92
C8 NAG FA . -35.18 21.16 9.69
N2 NAG FA . -35.48 21.06 12.08
O3 NAG FA . -37.04 22.55 13.94
O4 NAG FA . -36.52 22.06 16.73
O5 NAG FA . -35.39 18.95 15.13
O6 NAG FA . -36.96 18.29 17.17
O7 NAG FA . -36.23 19.35 10.85
C1 NAG GA . -14.59 11.86 24.09
C2 NAG GA . -13.24 12.36 23.58
C3 NAG GA . -12.65 13.33 24.57
C4 NAG GA . -13.67 14.37 25.04
C5 NAG GA . -15.10 13.83 25.23
C6 NAG GA . -16.14 14.93 25.28
C7 NAG GA . -11.15 11.47 22.72
C8 NAG GA . -10.28 10.27 22.55
N2 NAG GA . -12.32 11.26 23.32
O3 NAG GA . -11.54 13.99 23.99
O4 NAG GA . -13.29 14.80 26.35
O5 NAG GA . -15.46 12.93 24.18
O6 NAG GA . -16.04 15.64 26.51
O7 NAG GA . -10.80 12.57 22.31
C1 NAG GA . -12.14 15.67 26.48
C2 NAG GA . -12.32 16.36 27.83
C3 NAG GA . -11.13 17.28 28.12
C4 NAG GA . -9.82 16.52 27.99
C5 NAG GA . -9.76 15.86 26.62
C6 NAG GA . -8.52 15.01 26.42
C7 NAG GA . -14.43 17.08 28.87
C8 NAG GA . -14.05 16.23 30.04
N2 NAG GA . -13.57 17.11 27.85
O3 NAG GA . -11.25 17.82 29.42
O4 NAG GA . -8.73 17.42 28.14
O5 NAG GA . -10.88 14.99 26.46
O6 NAG GA . -8.66 14.21 25.26
O7 NAG GA . -15.49 17.71 28.84
C1 BMA GA . -7.87 17.03 29.23
C2 BMA GA . -6.54 17.79 29.02
C3 BMA GA . -5.61 17.59 30.22
C4 BMA GA . -6.33 17.87 31.54
C5 BMA GA . -7.56 17.00 31.63
C6 BMA GA . -8.32 17.23 32.94
O2 BMA GA . -6.79 19.18 28.93
O3 BMA GA . -4.46 18.42 30.10
O4 BMA GA . -5.46 17.59 32.62
O5 BMA GA . -8.44 17.32 30.52
O6 BMA GA . -7.36 17.48 33.99
C1 MAN GA . -7.40 16.42 34.97
C2 MAN GA . -8.86 16.28 35.50
C3 MAN GA . -9.21 17.48 36.37
C4 MAN GA . -8.18 17.64 37.48
C5 MAN GA . -6.80 17.81 36.87
C6 MAN GA . -5.75 17.90 37.93
O2 MAN GA . -8.99 15.15 36.36
O3 MAN GA . -10.50 17.35 36.92
O4 MAN GA . -8.49 18.78 38.25
O5 MAN GA . -6.49 16.67 36.04
O6 MAN GA . -6.18 18.91 38.82
C1 MAN GA . -5.84 18.57 40.17
C2 MAN GA . -6.82 19.31 41.06
C3 MAN GA . -6.66 20.80 40.81
C4 MAN GA . -5.20 21.24 41.00
C5 MAN GA . -4.27 20.35 40.14
C6 MAN GA . -2.80 20.63 40.40
O2 MAN GA . -6.51 19.13 42.44
O3 MAN GA . -7.52 21.58 41.64
O4 MAN GA . -5.05 22.59 40.61
O5 MAN GA . -4.52 18.97 40.43
O6 MAN GA . -2.05 20.13 39.30
C1 NAG HA . 6.87 -38.35 31.01
C2 NAG HA . 8.07 -39.31 31.20
C3 NAG HA . 8.22 -39.75 32.65
C4 NAG HA . 8.22 -38.53 33.58
C5 NAG HA . 6.96 -37.70 33.32
C6 NAG HA . 6.90 -36.45 34.16
C7 NAG HA . 7.14 -41.42 30.15
C8 NAG HA . 5.91 -41.35 31.03
N2 NAG HA . 8.06 -40.46 30.29
O3 NAG HA . 9.43 -40.47 32.80
O4 NAG HA . 8.23 -38.94 34.93
O5 NAG HA . 6.96 -37.28 31.95
O6 NAG HA . 6.09 -35.46 33.53
O7 NAG HA . 7.27 -42.33 29.34
C1 NAG HA . 9.57 -38.77 35.43
C2 NAG HA . 9.54 -38.01 36.76
C3 NAG HA . 10.94 -37.95 37.38
C4 NAG HA . 11.53 -39.35 37.47
C5 NAG HA . 11.54 -39.98 36.09
C6 NAG HA . 12.07 -41.39 36.07
C7 NAG HA . 8.49 -35.94 37.57
C8 NAG HA . 7.99 -34.57 37.20
N2 NAG HA . 9.01 -36.66 36.57
O3 NAG HA . 10.87 -37.35 38.66
O4 NAG HA . 12.85 -39.30 38.01
O5 NAG HA . 10.19 -40.04 35.60
O6 NAG HA . 11.09 -42.33 36.47
O7 NAG HA . 8.41 -36.37 38.72
C1 BMA HA . 12.80 -40.01 39.27
C2 BMA HA . 14.15 -40.75 39.47
C3 BMA HA . 14.12 -41.46 40.83
C4 BMA HA . 13.75 -40.48 41.95
C5 BMA HA . 12.42 -39.79 41.62
C6 BMA HA . 12.02 -38.75 42.66
O2 BMA HA . 15.22 -39.83 39.51
O3 BMA HA . 15.37 -42.08 41.12
O4 BMA HA . 13.61 -41.18 43.17
O5 BMA HA . 12.56 -39.11 40.36
O6 BMA HA . 10.66 -38.43 42.46
C1 NAG IA . 7.00 -42.07 23.32
C2 NAG IA . 6.86 -43.56 23.10
C3 NAG IA . 6.46 -43.79 21.66
C4 NAG IA . 5.20 -42.99 21.33
C5 NAG IA . 5.19 -41.56 21.89
C6 NAG IA . 3.78 -41.01 21.99
C7 NAG IA . 9.27 -44.02 23.74
C8 NAG IA . 10.20 -45.13 24.10
N2 NAG IA . 8.00 -44.39 23.47
O3 NAG IA . 6.23 -45.18 21.45
O4 NAG IA . 5.06 -42.89 19.92
O5 NAG IA . 5.75 -41.48 23.20
O6 NAG IA . 3.75 -39.60 22.10
O7 NAG IA . 9.64 -42.85 23.68
C1 NAG IA . 3.88 -43.64 19.71
C2 NAG IA . 3.34 -43.39 18.31
C3 NAG IA . 2.12 -44.26 18.07
C4 NAG IA . 2.45 -45.72 18.37
C5 NAG IA . 3.08 -45.87 19.74
C6 NAG IA . 3.57 -47.27 20.02
C7 NAG IA . 2.99 -41.41 16.91
C8 NAG IA . 2.65 -39.95 16.88
N2 NAG IA . 3.02 -41.98 18.12
O3 NAG IA . 1.70 -44.11 16.72
O4 NAG IA . 1.27 -46.51 18.36
O5 NAG IA . 4.21 -45.01 19.86
O6 NAG IA . 4.92 -47.42 19.62
O7 NAG IA . 3.23 -42.04 15.89
C1 BMA IA . 1.08 -47.10 17.06
C2 BMA IA . -0.36 -46.75 16.74
C3 BMA IA . -0.69 -47.08 15.32
C4 BMA IA . 0.32 -46.42 14.38
C5 BMA IA . 1.74 -46.92 14.74
C6 BMA IA . 2.82 -46.26 13.90
O2 BMA IA . -0.58 -45.35 16.90
O3 BMA IA . -2.02 -46.63 15.03
O4 BMA IA . 0.03 -46.73 13.03
O5 BMA IA . 2.00 -46.59 16.10
O6 BMA IA . 3.59 -45.42 14.76
C1 MAN IA . -2.96 -47.73 15.14
C2 MAN IA . -4.38 -47.14 14.80
C3 MAN IA . -4.95 -46.38 15.99
C4 MAN IA . -4.97 -47.28 17.23
C5 MAN IA . -3.54 -47.66 17.56
C6 MAN IA . -3.43 -48.57 18.78
O2 MAN IA . -5.31 -48.19 14.53
O3 MAN IA . -6.26 -45.89 15.72
O4 MAN IA . -5.52 -46.56 18.32
O5 MAN IA . -2.96 -48.39 16.42
O6 MAN IA . -2.05 -48.73 19.08
C1 NAG JA . -15.69 -25.32 16.96
C2 NAG JA . -16.95 -26.04 17.32
C3 NAG JA . -17.89 -25.97 16.14
C4 NAG JA . -18.08 -24.52 15.66
C5 NAG JA . -16.87 -23.58 15.88
C6 NAG JA . -17.32 -22.19 16.27
C7 NAG JA . -16.45 -27.76 18.97
C8 NAG JA . -16.25 -29.20 19.22
N2 NAG JA . -16.71 -27.41 17.71
O3 NAG JA . -19.16 -26.53 16.50
O4 NAG JA . -18.30 -24.56 14.25
O5 NAG JA . -15.94 -23.99 16.90
O6 NAG JA . -18.52 -22.23 17.03
O7 NAG JA . -16.38 -26.92 19.87
C1 NAG JA . -19.68 -24.41 13.90
C2 NAG JA . -19.76 -23.41 12.76
C3 NAG JA . -21.20 -23.26 12.29
C4 NAG JA . -21.77 -24.62 11.92
C5 NAG JA . -21.62 -25.58 13.09
C6 NAG JA . -22.04 -26.98 12.75
C7 NAG JA . -17.95 -21.76 12.91
C8 NAG JA . -17.55 -20.39 13.36
N2 NAG JA . -19.22 -22.11 13.15
O3 NAG JA . -21.23 -22.39 11.16
O4 NAG JA . -23.15 -24.47 11.58
O5 NAG JA . -20.25 -25.65 13.49
O6 NAG JA . -21.08 -27.61 11.92
O7 NAG JA . -17.16 -22.53 12.35
C1 BMA JA . -23.30 -24.59 10.14
C2 BMA JA . -24.60 -25.37 9.88
C3 BMA JA . -24.77 -25.53 8.40
C4 BMA JA . -24.75 -24.17 7.70
C5 BMA JA . -23.46 -23.43 8.04
C6 BMA JA . -23.43 -22.04 7.45
O2 BMA JA . -25.72 -24.62 10.34
O3 BMA JA . -25.95 -26.22 8.08
O4 BMA JA . -24.83 -24.34 6.29
O5 BMA JA . -23.35 -23.34 9.48
O6 BMA JA . -22.19 -21.44 7.77
C1 MAN JA . -25.60 -27.40 7.33
C2 MAN JA . -26.61 -27.53 6.17
C3 MAN JA . -27.99 -27.87 6.73
C4 MAN JA . -27.92 -29.07 7.68
C5 MAN JA . -26.89 -28.80 8.78
C6 MAN JA . -26.70 -29.98 9.71
O2 MAN JA . -26.27 -28.61 5.32
O3 MAN JA . -28.94 -28.11 5.69
O4 MAN JA . -29.19 -29.29 8.26
O5 MAN JA . -25.61 -28.52 8.17
O6 MAN JA . -25.76 -29.60 10.71
C1 MAN JA . -21.81 -20.56 6.70
C2 MAN JA . -20.39 -20.04 7.03
C3 MAN JA . -20.45 -19.04 8.19
C4 MAN JA . -21.46 -17.94 7.89
C5 MAN JA . -22.84 -18.57 7.65
C6 MAN JA . -23.89 -17.55 7.28
O2 MAN JA . -19.84 -19.31 5.93
O3 MAN JA . -19.17 -18.48 8.46
O4 MAN JA . -21.54 -17.04 8.98
O5 MAN JA . -22.74 -19.50 6.54
O6 MAN JA . -25.12 -18.24 7.10
C1 NAG KA . 8.35 -19.19 42.65
C2 NAG KA . 9.75 -18.57 42.64
C3 NAG KA . 10.33 -18.56 44.06
C4 NAG KA . 9.35 -17.90 45.03
C5 NAG KA . 7.97 -18.55 44.90
C6 NAG KA . 6.91 -17.85 45.73
C7 NAG KA . 11.05 -18.78 40.57
C8 NAG KA . 11.96 -19.66 39.77
N2 NAG KA . 10.64 -19.29 41.74
O3 NAG KA . 11.56 -17.84 44.06
O4 NAG KA . 9.83 -18.04 46.37
O5 NAG KA . 7.52 -18.49 43.55
O6 NAG KA . 6.49 -16.64 45.11
O7 NAG KA . 10.72 -17.66 40.19
C1 NAG KA . 9.91 -16.70 46.91
C2 NAG KA . 10.31 -16.77 48.38
C3 NAG KA . 10.44 -15.36 48.95
C4 NAG KA . 11.38 -14.52 48.10
C5 NAG KA . 10.95 -14.57 46.64
C6 NAG KA . 11.93 -13.88 45.72
C7 NAG KA . 9.41 -18.89 49.22
C8 NAG KA . 8.37 -19.53 50.09
N2 NAG KA . 9.37 -17.56 49.17
O3 NAG KA . 10.89 -15.44 50.30
O4 NAG KA . 11.36 -13.17 48.54
O5 NAG KA . 10.87 -15.93 46.19
O6 NAG KA . 13.23 -14.45 45.80
O7 NAG KA . 10.23 -19.55 48.61
C1 BMA KA . 12.51 -12.93 49.37
C2 BMA KA . 12.98 -11.48 49.11
C3 BMA KA . 14.13 -11.13 50.07
C4 BMA KA . 13.75 -11.47 51.52
C5 BMA KA . 13.29 -12.93 51.64
C6 BMA KA . 12.84 -13.30 53.02
O2 BMA KA . 11.95 -10.56 49.37
O3 BMA KA . 14.49 -9.76 49.97
O4 BMA KA . 14.89 -11.27 52.36
O5 BMA KA . 12.18 -13.12 50.74
O6 BMA KA . 13.87 -12.91 53.94
C1 NAG LA . -9.69 -38.70 32.79
C2 NAG LA . -10.33 -40.05 32.49
C3 NAG LA . -11.06 -40.60 33.72
C4 NAG LA . -10.17 -40.55 34.95
C5 NAG LA . -9.62 -39.14 35.11
C6 NAG LA . -8.68 -38.99 36.28
C7 NAG LA . -10.84 -39.78 30.10
C8 NAG LA . -11.92 -39.69 29.08
N2 NAG LA . -11.24 -39.96 31.36
O3 NAG LA . -11.48 -41.92 33.47
O4 NAG LA . -10.89 -40.83 36.14
O5 NAG LA . -8.88 -38.79 33.93
O6 NAG LA . -7.85 -40.14 36.38
O7 NAG LA . -9.65 -39.67 29.80
C1 NAG LA . -10.99 -42.20 36.55
C2 NAG LA . -10.13 -42.50 37.78
C3 NAG LA . -10.43 -43.90 38.32
C4 NAG LA . -11.91 -44.04 38.61
C5 NAG LA . -12.70 -43.76 37.33
C6 NAG LA . -14.19 -43.81 37.54
C7 NAG LA . -7.80 -42.24 38.49
C8 NAG LA . -6.37 -42.12 38.05
N2 NAG LA . -8.70 -42.36 37.52
O3 NAG LA . -9.65 -44.15 39.48
O4 NAG LA . -12.22 -45.35 39.10
O5 NAG LA . -12.38 -42.45 36.85
O6 NAG LA . -14.55 -43.25 38.80
O7 NAG LA . -8.12 -42.20 39.67
C1 BMA LA . -12.17 -45.35 40.55
C2 BMA LA . -13.03 -46.51 41.10
C3 BMA LA . -12.80 -46.66 42.62
C4 BMA LA . -11.30 -46.66 42.98
C5 BMA LA . -10.62 -45.43 42.37
C6 BMA LA . -9.13 -45.40 42.64
O2 BMA LA . -12.65 -47.75 40.52
O3 BMA LA . -13.41 -47.84 43.13
O4 BMA LA . -11.14 -46.65 44.38
O5 BMA LA . -10.82 -45.46 40.96
O6 BMA LA . -8.52 -44.56 41.66
C1 NAG MA . -24.38 -36.31 31.74
C2 NAG MA . -24.31 -37.14 30.47
C3 NAG MA . -24.78 -38.57 30.74
C4 NAG MA . -23.97 -39.18 31.87
C5 NAG MA . -24.08 -38.28 33.11
C6 NAG MA . -23.27 -38.76 34.28
C7 NAG MA . -24.67 -36.53 28.13
C8 NAG MA . -25.58 -35.87 27.15
N2 NAG MA . -25.09 -36.55 29.40
O3 NAG MA . -24.64 -39.34 29.55
O4 NAG MA . -24.43 -40.48 32.21
O5 NAG MA . -23.62 -36.95 32.78
O6 NAG MA . -22.20 -37.87 34.55
O7 NAG MA . -23.61 -37.03 27.80
C1 NAG MA . -23.77 -41.55 31.47
C2 NAG MA . -22.68 -42.22 32.32
C3 NAG MA . -22.05 -43.39 31.58
C4 NAG MA . -23.12 -44.35 31.05
C5 NAG MA . -24.16 -43.59 30.24
C6 NAG MA . -25.30 -44.46 29.78
C7 NAG MA . -21.04 -41.30 33.90
C8 NAG MA . -20.00 -40.24 34.12
N2 NAG MA . -21.66 -41.26 32.71
O3 NAG MA . -21.17 -44.08 32.45
O4 NAG MA . -22.50 -45.33 30.23
O5 NAG MA . -24.72 -42.54 31.04
O6 NAG MA . -25.67 -45.38 30.80
O7 NAG MA . -21.31 -42.14 34.74
C1 NAG NA . -22.65 -32.08 42.23
C2 NAG NA . -22.69 -30.59 42.50
C3 NAG NA . -24.12 -30.04 42.58
C4 NAG NA . -25.14 -31.03 43.15
C5 NAG NA . -24.89 -32.47 42.74
C6 NAG NA . -26.09 -33.17 42.15
C7 NAG NA . -21.37 -29.06 43.93
C8 NAG NA . -20.63 -28.93 45.22
N2 NAG NA . -21.93 -30.25 43.69
O3 NAG NA . -24.54 -29.61 41.28
O4 NAG NA . -25.19 -30.94 44.56
O5 NAG NA . -23.88 -32.49 41.75
O6 NAG NA . -27.31 -32.68 42.66
O7 NAG NA . -21.50 -28.12 43.15
C1 NAG NA . -26.61 -30.83 44.90
C2 NAG NA . -27.01 -31.83 46.01
C3 NAG NA . -28.47 -31.63 46.38
C4 NAG NA . -28.72 -30.16 46.75
C5 NAG NA . -28.31 -29.29 45.56
C6 NAG NA . -28.51 -27.82 45.80
C7 NAG NA . -25.60 -33.80 45.66
C8 NAG NA . -25.56 -35.22 45.19
N2 NAG NA . -26.78 -33.20 45.59
O3 NAG NA . -28.82 -32.47 47.48
O4 NAG NA . -30.08 -29.93 47.10
O5 NAG NA . -26.92 -29.49 45.31
O6 NAG NA . -27.52 -27.28 46.67
O7 NAG NA . -24.59 -33.22 46.07
C1 BMA NA . -30.00 -29.62 48.51
C2 BMA NA . -31.30 -28.94 48.94
C3 BMA NA . -31.24 -28.68 50.44
C4 BMA NA . -30.85 -29.94 51.23
C5 BMA NA . -29.56 -30.56 50.66
C6 BMA NA . -29.19 -31.88 51.33
O2 BMA NA . -32.41 -29.79 48.72
O3 BMA NA . -32.47 -28.15 50.93
O4 BMA NA . -30.66 -29.62 52.60
O5 BMA NA . -29.76 -30.80 49.26
O6 BMA NA . -28.01 -32.37 50.71
C1 NAG OA . -23.89 -13.10 37.52
C2 NAG OA . -23.84 -11.63 37.88
C3 NAG OA . -23.55 -11.46 39.37
C4 NAG OA . -24.54 -12.27 40.20
C5 NAG OA . -24.65 -13.71 39.69
C6 NAG OA . -25.79 -14.47 40.34
C7 NAG OA . -23.09 -10.51 35.84
C8 NAG OA . -21.97 -9.80 35.14
N2 NAG OA . -22.85 -10.93 37.08
O3 NAG OA . -23.64 -10.09 39.71
O4 NAG OA . -24.07 -12.33 41.55
O5 NAG OA . -24.90 -13.73 38.27
O6 NAG OA . -27.04 -13.83 40.12
O7 NAG OA . -24.17 -10.71 35.28
C1 NAG OA . -24.80 -11.47 42.44
C2 NAG OA . -24.86 -12.18 43.80
C3 NAG OA . -25.54 -11.29 44.84
C4 NAG OA . -24.87 -9.93 44.90
C5 NAG OA . -24.82 -9.32 43.50
C6 NAG OA . -24.06 -8.02 43.45
C7 NAG OA . -24.98 -14.62 44.04
C8 NAG OA . -25.83 -15.84 43.86
N2 NAG OA . -25.55 -13.46 43.69
O3 NAG OA . -25.47 -11.92 46.12
O4 NAG OA . -25.58 -9.06 45.77
O5 NAG OA . -24.16 -10.21 42.60
O6 NAG OA . -22.89 -8.07 44.27
O7 NAG OA . -23.84 -14.69 44.47
C1 BMA OA . -24.80 -8.75 46.95
C2 BMA OA . -24.98 -7.24 47.32
C3 BMA OA . -24.26 -6.94 48.65
C4 BMA OA . -24.72 -7.93 49.70
C5 BMA OA . -24.42 -9.36 49.23
C6 BMA OA . -24.81 -10.39 50.26
O2 BMA OA . -26.34 -6.92 47.52
O3 BMA OA . -24.51 -5.61 49.10
O4 BMA OA . -24.03 -7.68 50.92
O5 BMA OA . -25.17 -9.59 48.03
O6 BMA OA . -24.97 -11.63 49.60
C1 MAN OA . -23.29 -4.83 49.04
C2 MAN OA . -22.52 -4.96 50.38
C3 MAN OA . -21.88 -3.63 50.73
C4 MAN OA . -21.29 -3.02 49.49
C5 MAN OA . -22.46 -2.56 48.62
C6 MAN OA . -22.12 -2.51 47.16
O2 MAN OA . -21.44 -5.87 50.25
O3 MAN OA . -20.88 -3.74 51.73
O4 MAN OA . -20.48 -1.90 49.81
O5 MAN OA . -23.59 -3.47 48.76
O6 MAN OA . -23.33 -2.30 46.46
C1 MAN OA . -21.12 -2.74 52.73
C2 MAN OA . -19.76 -2.37 53.33
C3 MAN OA . -19.16 -3.61 53.97
C4 MAN OA . -20.14 -4.23 54.97
C5 MAN OA . -21.51 -4.47 54.31
C6 MAN OA . -22.56 -4.91 55.31
O2 MAN OA . -19.93 -1.45 54.40
O3 MAN OA . -17.95 -3.31 54.62
O4 MAN OA . -19.61 -5.46 55.44
O5 MAN OA . -21.97 -3.25 53.70
O6 MAN OA . -23.76 -5.21 54.59
C1 MAN OA . -24.93 -12.66 50.62
C2 MAN OA . -24.81 -14.01 49.88
C3 MAN OA . -26.12 -14.35 49.17
C4 MAN OA . -27.30 -14.27 50.15
C5 MAN OA . -27.35 -12.87 50.75
C6 MAN OA . -28.47 -12.70 51.75
O2 MAN OA . -24.57 -15.08 50.80
O3 MAN OA . -26.07 -15.63 48.56
O4 MAN OA . -28.51 -14.54 49.48
O5 MAN OA . -26.11 -12.61 51.43
O6 MAN OA . -28.29 -11.43 52.39
C1 MAN OA . -29.49 -11.11 53.12
C2 MAN OA . -29.37 -9.63 53.56
C3 MAN OA . -28.37 -9.47 54.72
C4 MAN OA . -28.64 -10.49 55.83
C5 MAN OA . -28.63 -11.91 55.23
C6 MAN OA . -28.91 -12.98 56.25
O2 MAN OA . -30.62 -9.12 54.04
O3 MAN OA . -28.38 -8.15 55.26
O4 MAN OA . -27.64 -10.39 56.83
O5 MAN OA . -29.65 -11.99 54.22
O6 MAN OA . -28.96 -14.23 55.56
C1 NAG PA . -23.34 -21.06 46.07
C2 NAG PA . -24.29 -19.86 45.96
C3 NAG PA . -25.76 -20.29 46.07
C4 NAG PA . -26.01 -21.18 47.28
C5 NAG PA . -24.85 -22.11 47.55
C6 NAG PA . -25.29 -23.51 47.89
C7 NAG PA . -23.33 -17.72 46.66
C8 NAG PA . -23.08 -16.79 47.81
N2 NAG PA . -23.97 -18.85 46.96
O3 NAG PA . -26.13 -20.98 44.87
O4 NAG PA . -26.29 -20.39 48.43
O5 NAG PA . -24.07 -22.22 46.34
O6 NAG PA . -26.22 -24.01 46.93
O7 NAG PA . -22.97 -17.47 45.52
C1 NAG PA . -27.73 -20.53 48.54
C2 NAG PA . -28.13 -20.80 49.98
C3 NAG PA . -29.65 -20.94 50.07
C4 NAG PA . -30.36 -19.75 49.42
C5 NAG PA . -29.79 -19.44 48.03
C6 NAG PA . -30.31 -18.13 47.46
C7 NAG PA . -26.22 -22.02 50.90
C8 NAG PA . -25.73 -23.33 51.44
N2 NAG PA . -27.49 -21.99 50.50
O3 NAG PA . -30.03 -21.06 51.43
O4 NAG PA . -31.73 -20.08 49.23
O5 NAG PA . -28.36 -19.32 48.08
O6 NAG PA . -30.45 -17.15 48.48
O7 NAG PA . -25.47 -21.04 50.81
C1 BMA PA . -32.54 -19.60 50.33
C2 BMA PA . -33.84 -19.06 49.72
C3 BMA PA . -34.85 -18.74 50.83
C4 BMA PA . -34.98 -19.91 51.81
C5 BMA PA . -33.61 -20.32 52.35
C6 BMA PA . -33.67 -21.51 53.28
O2 BMA PA . -34.46 -20.02 48.89
O3 BMA PA . -36.12 -18.40 50.31
O4 BMA PA . -35.81 -19.53 52.90
O5 BMA PA . -32.78 -20.66 51.24
O6 BMA PA . -32.35 -21.96 53.54
C1 NAG QA . -15.94 -32.81 20.10
C2 NAG QA . -14.93 -33.21 19.01
C3 NAG QA . -15.39 -34.45 18.25
C4 NAG QA . -15.85 -35.57 19.18
C5 NAG QA . -16.79 -35.02 20.24
C6 NAG QA . -17.16 -36.05 21.28
C7 NAG QA . -15.33 -31.50 17.19
C8 NAG QA . -16.77 -31.91 17.06
N2 NAG QA . -14.56 -32.12 18.11
O3 NAG QA . -14.31 -34.89 17.43
O4 NAG QA . -16.55 -36.55 18.44
O5 NAG QA . -16.20 -33.92 20.94
O6 NAG QA . -16.21 -37.11 21.30
O7 NAG QA . -14.87 -30.61 16.48
C1 NAG QA . -15.67 -37.52 17.82
C2 NAG QA . -16.39 -38.84 17.69
C3 NAG QA . -15.48 -39.86 17.02
C4 NAG QA . -14.97 -39.33 15.69
C5 NAG QA . -14.34 -37.95 15.85
C6 NAG QA . -14.00 -37.29 14.53
C7 NAG QA . -18.06 -39.06 19.47
C8 NAG QA . -18.37 -39.65 20.81
N2 NAG QA . -16.85 -39.34 18.97
O3 NAG QA . -16.20 -41.08 16.82
O4 NAG QA . -14.00 -40.22 15.15
O5 NAG QA . -15.25 -37.06 16.52
O6 NAG QA . -15.10 -37.36 13.63
O7 NAG QA . -18.86 -38.36 18.86
C1 BMA QA . -14.53 -40.82 13.95
C2 BMA QA . -13.36 -40.98 12.95
C3 BMA QA . -13.85 -41.73 11.72
C4 BMA QA . -14.62 -43.02 12.08
C5 BMA QA . -15.73 -42.69 13.10
C6 BMA QA . -16.46 -43.93 13.58
O2 BMA QA . -12.33 -41.76 13.52
O3 BMA QA . -12.78 -42.06 10.84
O4 BMA QA . -15.20 -43.58 10.93
O5 BMA QA . -15.13 -42.07 14.25
O6 BMA QA . -17.60 -43.52 14.34
C1 NAG RA . -11.84 -16.66 57.22
C2 NAG RA . -13.07 -17.54 57.06
C3 NAG RA . -14.06 -16.85 56.13
C4 NAG RA . -14.28 -15.39 56.48
C5 NAG RA . -13.04 -14.64 57.01
C6 NAG RA . -13.40 -13.42 57.83
C7 NAG RA . -13.05 -20.00 57.18
C8 NAG RA . -12.61 -21.26 56.51
N2 NAG RA . -12.73 -18.86 56.55
O3 NAG RA . -15.31 -17.54 56.19
O4 NAG RA . -14.56 -14.75 55.23
O5 NAG RA . -12.20 -15.46 57.84
O6 NAG RA . -14.28 -13.76 58.89
O7 NAG RA . -13.66 -20.02 58.25
C1 NAG RA . -15.87 -14.18 54.97
C2 NAG RA . -16.30 -14.91 53.71
C3 NAG RA . -17.61 -14.32 53.20
C4 NAG RA . -18.66 -14.35 54.32
C5 NAG RA . -18.11 -13.71 55.60
C6 NAG RA . -19.06 -13.85 56.77
C7 NAG RA . -14.84 -15.92 52.02
C8 NAG RA . -13.77 -15.67 50.99
N2 NAG RA . -15.28 -14.85 52.68
O3 NAG RA . -18.07 -15.05 52.08
O4 NAG RA . -19.83 -13.66 53.91
O5 NAG RA . -16.87 -14.33 55.98
O6 NAG RA . -20.39 -13.50 56.40
O7 NAG RA . -15.29 -17.04 52.22
C1 NAG SA . 55.89 -1.56 -2.39
C2 NAG SA . 55.82 -3.05 -2.12
C3 NAG SA . 57.16 -3.56 -1.63
C4 NAG SA . 58.25 -3.20 -2.64
C5 NAG SA . 58.22 -1.71 -2.96
C6 NAG SA . 59.14 -1.33 -4.10
C7 NAG SA . 53.80 -4.26 -1.43
C8 NAG SA . 52.81 -4.49 -0.32
N2 NAG SA . 54.78 -3.38 -1.16
O3 NAG SA . 57.02 -4.97 -1.48
O4 NAG SA . 59.55 -3.47 -2.13
O5 NAG SA . 56.90 -1.30 -3.34
O6 NAG SA . 58.47 -1.44 -5.35
O7 NAG SA . 53.73 -4.84 -2.50
C1 NAG SA . 59.79 -4.90 -2.05
C2 NAG SA . 61.08 -5.31 -2.76
C3 NAG SA . 61.33 -6.79 -2.56
C4 NAG SA . 61.30 -7.16 -1.09
C5 NAG SA . 59.99 -6.67 -0.46
C6 NAG SA . 59.93 -6.89 1.03
C7 NAG SA . 61.45 -3.82 -4.69
C8 NAG SA . 61.31 -3.66 -6.17
N2 NAG SA . 61.03 -4.98 -4.18
O3 NAG SA . 62.59 -7.15 -3.13
O4 NAG SA . 61.40 -8.56 -0.92
O5 NAG SA . 59.86 -5.26 -0.66
O6 NAG SA . 60.46 -5.77 1.74
O7 NAG SA . 61.94 -2.94 -3.98
C1 NAG TA . -14.30 38.77 12.22
C2 NAG TA . -15.48 39.29 11.41
C3 NAG TA . -15.76 40.75 11.76
C4 NAG TA . -15.93 40.91 13.27
C5 NAG TA . -14.72 40.32 13.99
C6 NAG TA . -14.86 40.34 15.50
C7 NAG TA . -15.97 38.39 9.17
C8 NAG TA . -17.13 37.68 9.81
N2 NAG TA . -15.23 39.16 9.98
O3 NAG TA . -16.93 41.18 11.08
O4 NAG TA . -16.07 42.28 13.61
O5 NAG TA . -14.57 38.94 13.62
O6 NAG TA . -16.22 40.29 15.91
O7 NAG TA . -15.73 38.28 7.98
C1 NAG TA . -17.47 42.52 13.91
C2 NAG TA . -17.60 43.62 14.97
C3 NAG TA . -19.08 43.88 15.25
C4 NAG TA . -19.81 44.21 13.96
C5 NAG TA . -19.59 43.11 12.93
C6 NAG TA . -20.18 43.43 11.58
C7 NAG TA . -15.65 43.64 16.46
C8 NAG TA . -15.09 43.21 17.78
N2 NAG TA . -16.90 43.26 16.20
O3 NAG TA . -19.20 44.97 16.17
O4 NAG TA . -21.21 44.33 14.22
O5 NAG TA . -18.17 42.90 12.73
O6 NAG TA . -19.93 44.78 11.22
O7 NAG TA . -14.99 44.30 15.65
C1 NAG UA . -2.82 45.94 13.54
C2 NAG UA . -2.62 46.55 14.92
C3 NAG UA . -2.37 48.07 14.84
C4 NAG UA . -1.31 48.41 13.81
C5 NAG UA . -1.61 47.70 12.48
C6 NAG UA . -0.51 47.77 11.44
C7 NAG UA . -5.00 46.53 15.79
C8 NAG UA . -5.47 47.34 14.61
N2 NAG UA . -3.69 46.22 15.87
O3 NAG UA . -1.98 48.55 16.13
O4 NAG UA . -1.30 49.84 13.72
O5 NAG UA . -1.77 46.29 12.72
O6 NAG UA . 0.76 47.50 12.00
O7 NAG UA . -5.79 46.16 16.65
C1 NAG UA . -0.20 50.44 12.96
C2 NAG UA . -0.87 51.50 12.08
C3 NAG UA . 0.15 52.06 11.11
C4 NAG UA . 1.40 52.54 11.85
C5 NAG UA . 1.90 51.51 12.88
C6 NAG UA . 2.98 52.08 13.78
C7 NAG UA . -3.28 51.14 11.79
C8 NAG UA . -4.34 50.47 10.95
N2 NAG UA . -2.02 50.94 11.39
O3 NAG UA . -0.42 53.13 10.40
O4 NAG UA . 2.44 52.76 10.91
O5 NAG UA . 0.85 51.06 13.74
O6 NAG UA . 2.87 53.48 13.90
O7 NAG UA . -3.54 51.82 12.77
C1 BMA UA . 2.66 54.18 10.72
C2 BMA UA . 2.32 54.53 9.24
C3 BMA UA . 2.38 56.05 9.04
C4 BMA UA . 1.62 56.81 10.14
C5 BMA UA . 2.09 56.35 11.53
C6 BMA UA . 1.34 57.00 12.66
O2 BMA UA . 1.01 54.13 8.90
O3 BMA UA . 1.87 56.41 7.76
O4 BMA UA . 1.85 58.20 10.01
O5 BMA UA . 1.86 54.94 11.62
O6 BMA UA . 1.54 56.22 13.83
C1 NAG VA . -19.02 30.49 10.62
C2 NAG VA . -18.40 31.86 10.81
C3 NAG VA . -19.49 32.90 11.12
C4 NAG VA . -20.63 32.81 10.12
C5 NAG VA . -21.10 31.38 9.91
C6 NAG VA . -22.07 31.23 8.76
C7 NAG VA . -16.18 31.38 11.76
C8 NAG VA . -15.32 31.45 12.98
N2 NAG VA . -17.42 31.84 11.89
O3 NAG VA . -18.91 34.19 11.09
O4 NAG VA . -21.72 33.55 10.67
O5 NAG VA . -19.97 30.54 9.59
O6 NAG VA . -21.57 31.86 7.60
O7 NAG VA . -15.77 30.91 10.70
C1 NAG VA . -22.23 34.54 9.75
C2 NAG VA . -23.65 34.87 10.20
C3 NAG VA . -24.25 35.94 9.30
C4 NAG VA . -23.33 37.16 9.27
C5 NAG VA . -21.92 36.76 8.87
C6 NAG VA . -20.93 37.90 8.95
C7 NAG VA . -24.49 32.79 11.21
C8 NAG VA . -25.43 31.64 11.06
N2 NAG VA . -24.50 33.68 10.22
O3 NAG VA . -25.53 36.31 9.78
O4 NAG VA . -23.83 38.12 8.33
O5 NAG VA . -21.43 35.73 9.75
O6 NAG VA . -20.55 38.18 10.28
O7 NAG VA . -23.75 32.91 12.18
C1 NAG WA . -5.17 29.37 -6.31
C2 NAG WA . -5.37 28.24 -7.30
C3 NAG WA . -5.62 28.82 -8.68
C4 NAG WA . -6.65 29.95 -8.66
C5 NAG WA . -6.56 30.87 -7.42
C6 NAG WA . -7.82 31.69 -7.21
C7 NAG WA . -4.28 26.18 -8.01
C8 NAG WA . -3.05 25.36 -7.99
N2 NAG WA . -4.24 27.32 -7.33
O3 NAG WA . -6.07 27.79 -9.55
O4 NAG WA . -6.38 30.81 -9.75
O5 NAG WA . -6.33 30.12 -6.23
O6 NAG WA . -7.91 32.70 -8.20
O7 NAG WA . -5.29 25.83 -8.62
C1 NAG WA . -6.71 30.36 -11.09
C2 NAG WA . -6.83 31.64 -11.92
C3 NAG WA . -7.13 31.29 -13.38
C4 NAG WA . -6.10 30.30 -13.91
C5 NAG WA . -6.06 29.08 -13.01
C6 NAG WA . -5.02 28.07 -13.41
C7 NAG WA . -7.70 33.83 -11.19
C8 NAG WA . -6.37 34.40 -11.61
N2 NAG WA . -7.86 32.50 -11.37
O3 NAG WA . -7.10 32.48 -14.16
O4 NAG WA . -6.47 29.90 -15.23
O5 NAG WA . -5.74 29.49 -11.67
O6 NAG WA . -4.84 27.11 -12.37
O7 NAG WA . -8.58 34.52 -10.72
C1 BMA WA . -5.42 30.19 -16.18
C2 BMA WA . -5.74 29.35 -17.43
C3 BMA WA . -4.79 29.71 -18.58
C4 BMA WA . -4.75 31.21 -18.81
C5 BMA WA . -4.35 31.90 -17.51
C6 BMA WA . -4.26 33.41 -17.67
O2 BMA WA . -7.06 29.63 -17.88
O3 BMA WA . -5.19 29.05 -19.79
O4 BMA WA . -3.80 31.52 -19.81
O5 BMA WA . -5.34 31.59 -16.51
O6 BMA WA . -3.76 33.71 -18.99
C1 MAN WA . -2.46 34.35 -18.90
C2 MAN WA . -2.60 35.62 -18.02
C3 MAN WA . -3.39 36.70 -18.74
C4 MAN WA . -2.77 36.98 -20.09
C5 MAN WA . -2.71 35.70 -20.92
C6 MAN WA . -2.03 35.94 -22.23
O2 MAN WA . -1.33 36.21 -17.77
O3 MAN WA . -3.47 37.89 -17.99
O4 MAN WA . -3.54 37.94 -20.79
O5 MAN WA . -1.97 34.69 -20.20
O6 MAN WA . -2.68 37.04 -22.81
C1 MAN WA . -1.74 37.84 -23.54
C2 MAN WA . -2.33 39.25 -23.58
C3 MAN WA . -3.67 39.17 -24.31
C4 MAN WA . -3.51 38.51 -25.69
C5 MAN WA . -2.80 37.15 -25.55
C6 MAN WA . -2.45 36.52 -26.89
O2 MAN WA . -1.52 40.12 -24.36
O3 MAN WA . -4.28 40.45 -24.44
O4 MAN WA . -4.77 38.31 -26.28
O5 MAN WA . -1.56 37.33 -24.81
O6 MAN WA . -2.23 35.13 -26.69
C1 NAG XA . 47.61 14.70 -0.85
C2 NAG XA . 48.89 13.99 -1.36
C3 NAG XA . 49.89 15.00 -1.94
C4 NAG XA . 49.21 15.90 -2.95
C5 NAG XA . 47.99 16.56 -2.31
C6 NAG XA . 47.23 17.44 -3.26
C7 NAG XA . 49.98 13.42 0.85
C8 NAG XA . 49.88 14.85 1.31
N2 NAG XA . 49.50 13.11 -0.38
O3 NAG XA . 50.96 14.28 -2.55
O4 NAG XA . 50.11 16.91 -3.40
O5 NAG XA . 47.09 15.55 -1.88
O6 NAG XA . 45.87 17.58 -2.87
O7 NAG XA . 50.48 12.56 1.57
C1 NAG XA . 50.58 16.52 -4.70
C2 NAG XA . 50.44 17.70 -5.68
C3 NAG XA . 51.08 17.36 -7.02
C4 NAG XA . 52.52 16.89 -6.81
C5 NAG XA . 52.50 15.70 -5.87
C6 NAG XA . 53.88 15.15 -5.56
C7 NAG XA . 48.66 19.28 -6.28
C8 NAG XA . 47.18 19.47 -6.41
N2 NAG XA . 49.05 18.07 -5.86
O3 NAG XA . 51.07 18.51 -7.87
O4 NAG XA . 53.11 16.53 -8.06
O5 NAG XA . 51.94 16.11 -4.61
O6 NAG XA . 54.54 15.92 -4.57
O7 NAG XA . 49.47 20.16 -6.55
C1 BMA XA . 54.20 17.45 -8.27
C2 BMA XA . 55.35 16.70 -8.99
C3 BMA XA . 56.49 17.68 -9.26
C4 BMA XA . 55.98 18.94 -9.99
C5 BMA XA . 54.83 19.56 -9.19
C6 BMA XA . 54.23 20.77 -9.89
O2 BMA XA . 54.92 16.22 -10.25
O3 BMA XA . 57.54 17.08 -10.02
O4 BMA XA . 57.04 19.88 -10.11
O5 BMA XA . 53.80 18.57 -9.04
O6 BMA XA . 53.44 21.48 -8.95
C1 NAG YA . 47.79 8.00 4.45
C2 NAG YA . 48.93 7.70 5.38
C3 NAG YA . 48.42 6.76 6.46
C4 NAG YA . 47.21 7.36 7.15
C5 NAG YA . 46.19 8.02 6.21
C6 NAG YA . 45.32 9.02 6.93
C7 NAG YA . 50.33 6.70 3.53
C8 NAG YA . 51.74 6.26 3.22
N2 NAG YA . 50.15 7.18 4.77
O3 NAG YA . 49.46 6.54 7.42
O4 NAG YA . 46.51 6.35 7.86
O5 NAG YA . 46.81 8.75 5.14
O6 NAG YA . 44.13 9.34 6.22
O7 NAG YA . 49.44 6.60 2.71
C1 NAG YA . 46.70 6.78 9.20
C2 NAG YA . 45.75 6.04 10.13
C3 NAG YA . 46.02 6.45 11.56
C4 NAG YA . 47.50 6.27 11.90
C5 NAG YA . 48.38 6.96 10.87
C6 NAG YA . 49.85 6.68 11.06
C7 NAG YA . 43.38 5.42 10.07
C8 NAG YA . 42.01 5.83 9.63
N2 NAG YA . 44.36 6.28 9.77
O3 NAG YA . 45.22 5.65 12.42
O4 NAG YA . 47.81 6.84 13.16
O5 NAG YA . 48.04 6.51 9.55
O6 NAG YA . 50.24 5.54 10.32
O7 NAG YA . 43.59 4.38 10.67
C1 BMA YA . 47.74 5.85 14.19
C2 BMA YA . 46.85 6.52 15.23
C3 BMA YA . 46.45 5.54 16.30
C4 BMA YA . 45.83 4.29 15.67
C5 BMA YA . 46.85 3.65 14.70
C6 BMA YA . 46.30 2.44 13.97
O2 BMA YA . 45.64 6.96 14.64
O3 BMA YA . 45.54 6.17 17.20
O4 BMA YA . 45.48 3.36 16.67
O5 BMA YA . 47.20 4.63 13.71
O6 BMA YA . 46.17 2.78 12.59
C1 MAN YA . 46.22 6.65 18.38
C2 MAN YA . 45.14 7.30 19.29
C3 MAN YA . 44.78 8.70 18.79
C4 MAN YA . 46.02 9.56 18.66
C5 MAN YA . 46.95 8.92 17.65
C6 MAN YA . 48.25 9.68 17.43
O2 MAN YA . 45.62 7.49 20.62
O3 MAN YA . 43.82 9.34 19.63
O4 MAN YA . 45.68 10.86 18.20
O5 MAN YA . 47.30 7.57 18.09
O6 MAN YA . 48.95 9.08 16.35
C1 NAG ZA . 23.63 18.95 15.98
C2 NAG ZA . 23.99 19.88 17.09
C3 NAG ZA . 23.16 19.53 18.31
C4 NAG ZA . 21.67 19.47 17.96
C5 NAG ZA . 21.33 19.06 16.51
C6 NAG ZA . 20.15 19.83 15.98
C7 NAG ZA . 26.29 20.64 16.79
C8 NAG ZA . 27.70 20.51 17.23
N2 NAG ZA . 25.40 19.85 17.40
O3 NAG ZA . 23.38 20.48 19.34
O4 NAG ZA . 21.07 18.48 18.80
O5 NAG ZA . 22.38 19.25 15.54
O6 NAG ZA . 20.10 21.15 16.53
O7 NAG ZA . 25.95 21.43 15.91
C1 NAG ZA . 20.36 19.05 19.91
C2 NAG ZA . 19.02 18.34 20.00
C3 NAG ZA . 18.24 18.85 21.21
C4 NAG ZA . 19.08 18.70 22.47
C5 NAG ZA . 20.43 19.40 22.29
C6 NAG ZA . 21.37 19.16 23.45
C7 NAG ZA . 18.23 17.62 17.80
C8 NAG ZA . 17.36 17.94 16.62
N2 NAG ZA . 18.23 18.51 18.80
O3 NAG ZA . 17.03 18.11 21.35
O4 NAG ZA . 18.39 19.26 23.58
O5 NAG ZA . 21.09 18.87 21.12
O6 NAG ZA . 21.88 17.85 23.42
O7 NAG ZA . 18.92 16.60 17.84
C1 BMA ZA . 17.88 18.21 24.42
C2 BMA ZA . 18.03 18.66 25.88
C3 BMA ZA . 17.51 17.57 26.77
C4 BMA ZA . 16.07 17.20 26.42
C5 BMA ZA . 15.99 16.81 24.94
C6 BMA ZA . 14.57 16.53 24.52
O2 BMA ZA . 17.21 19.80 26.12
O3 BMA ZA . 17.60 17.92 28.14
O4 BMA ZA . 15.64 16.12 27.22
O5 BMA ZA . 16.51 17.90 24.15
O6 BMA ZA . 14.57 16.14 23.16
C1 MAN ZA . 18.43 16.94 28.79
C2 MAN ZA . 17.77 16.62 30.14
C3 MAN ZA . 17.83 17.83 31.07
C4 MAN ZA . 19.27 18.36 31.16
C5 MAN ZA . 19.81 18.66 29.76
C6 MAN ZA . 21.26 19.10 29.75
O2 MAN ZA . 18.47 15.57 30.82
O3 MAN ZA . 17.33 17.53 32.36
O4 MAN ZA . 19.30 19.55 31.93
O5 MAN ZA . 19.73 17.46 28.97
O6 MAN ZA . 21.62 19.40 28.41
C1 MAN ZA . 13.50 15.19 22.96
C2 MAN ZA . 13.64 14.68 21.50
C3 MAN ZA . 13.22 15.78 20.52
C4 MAN ZA . 11.83 16.30 20.86
C5 MAN ZA . 11.84 16.84 22.30
C6 MAN ZA . 10.48 17.33 22.75
O2 MAN ZA . 12.74 13.59 21.24
O3 MAN ZA . 13.25 15.32 19.17
O4 MAN ZA . 11.48 17.35 19.98
O5 MAN ZA . 12.24 15.78 23.20
O6 MAN ZA . 10.62 17.83 24.07
C1 NAG AB . 36.23 25.82 -16.73
C2 NAG AB . 36.14 25.07 -18.06
C3 NAG AB . 36.88 25.85 -19.14
C4 NAG AB . 36.38 27.29 -19.20
C5 NAG AB . 36.46 27.93 -17.81
C6 NAG AB . 35.85 29.31 -17.75
C7 NAG AB . 35.91 22.63 -17.95
C8 NAG AB . 36.63 21.32 -17.81
N2 NAG AB . 36.68 23.74 -17.94
O3 NAG AB . 36.65 25.23 -20.41
O4 NAG AB . 37.18 28.04 -20.10
O5 NAG AB . 35.72 27.12 -16.87
O6 NAG AB . 34.43 29.24 -17.75
O7 NAG AB . 34.69 22.70 -18.07
C1 NAG AB . 36.29 28.63 -21.08
C2 NAG AB . 37.06 29.53 -22.03
C3 NAG AB . 36.12 30.12 -23.07
C4 NAG AB . 35.35 29.01 -23.78
C5 NAG AB . 34.67 28.09 -22.76
C6 NAG AB . 34.02 26.88 -23.39
C7 NAG AB . 38.93 30.43 -20.72
C8 NAG AB . 39.50 31.64 -20.04
N2 NAG AB . 37.74 30.60 -21.31
O3 NAG AB . 36.86 30.89 -23.99
O4 NAG AB . 34.36 29.57 -24.62
O5 NAG AB . 35.63 27.59 -21.82
O6 NAG AB . 34.96 26.10 -24.11
O7 NAG AB . 39.51 29.35 -20.72
C1 BMA AB . 34.84 29.57 -25.98
C2 BMA AB . 33.65 29.29 -26.92
C3 BMA AB . 34.09 29.42 -28.38
C4 BMA AB . 34.85 30.74 -28.62
C5 BMA AB . 36.00 30.88 -27.61
C6 BMA AB . 36.73 32.20 -27.75
O2 BMA AB . 32.62 30.25 -26.73
O3 BMA AB . 32.99 29.33 -29.27
O4 BMA AB . 35.36 30.76 -29.94
O5 BMA AB . 35.45 30.81 -26.29
O6 BMA AB . 37.08 32.38 -29.12
C1 NAG BB . 43.35 25.92 10.71
C2 NAG BB . 44.21 25.87 11.98
C3 NAG BB . 44.93 27.20 12.21
C4 NAG BB . 45.66 27.64 10.95
C5 NAG BB . 44.68 27.65 9.78
C6 NAG BB . 45.33 28.02 8.48
C7 NAG BB . 42.84 24.32 13.33
C8 NAG BB . 42.02 24.17 14.57
N2 NAG BB . 43.38 25.53 13.13
O3 NAG BB . 45.84 27.06 13.29
O4 NAG BB . 46.14 28.98 11.08
O5 NAG BB . 44.16 26.33 9.62
O6 NAG BB . 46.62 27.44 8.38
O7 NAG BB . 43.01 23.39 12.54
C1 NAG BB . 47.46 29.15 11.62
C2 NAG BB . 48.49 29.57 10.56
C3 NAG BB . 49.81 29.96 11.22
C4 NAG BB . 49.58 31.06 12.24
C5 NAG BB . 48.58 30.55 13.27
C6 NAG BB . 48.22 31.60 14.30
C7 NAG BB . 49.27 28.78 8.38
C8 NAG BB . 49.45 27.60 7.47
N2 NAG BB . 48.71 28.53 9.56
O3 NAG BB . 50.73 30.38 10.22
O4 NAG BB . 50.79 31.44 12.88
O5 NAG BB . 47.36 30.18 12.63
O6 NAG BB . 48.13 32.90 13.72
O7 NAG BB . 49.62 29.91 8.06
C1 BMA BB . 51.39 32.55 12.18
C2 BMA BB . 52.34 33.33 13.11
C3 BMA BB . 53.14 34.37 12.31
C4 BMA BB . 53.76 33.76 11.03
C5 BMA BB . 52.68 33.06 10.21
C6 BMA BB . 53.23 32.38 8.98
O2 BMA BB . 53.29 32.46 13.70
O3 BMA BB . 54.16 34.98 13.09
O4 BMA BB . 54.37 34.78 10.26
O5 BMA BB . 52.08 32.06 11.04
O6 BMA BB . 52.31 31.37 8.57
C1 NAG CB . 36.22 34.20 20.87
C2 NAG CB . 36.46 33.03 21.83
C3 NAG CB . 37.65 33.31 22.74
C4 NAG CB . 38.88 33.64 21.90
C5 NAG CB . 38.56 34.81 20.97
C6 NAG CB . 39.70 35.18 20.06
C7 NAG CB . 34.88 31.49 22.88
C8 NAG CB . 33.63 31.35 23.68
N2 NAG CB . 35.27 32.74 22.60
O3 NAG CB . 37.87 32.17 23.56
O4 NAG CB . 39.99 33.98 22.72
O5 NAG CB . 37.44 34.47 20.14
O6 NAG CB . 39.39 34.88 18.70
O7 NAG CB . 35.52 30.51 22.49
C1 NAG CB . 40.82 32.85 23.10
C2 NAG CB . 42.08 32.78 22.23
C3 NAG CB . 42.98 31.64 22.69
C4 NAG CB . 43.27 31.71 24.17
C5 NAG CB . 41.96 31.81 24.96
C6 NAG CB . 42.17 31.99 26.44
C7 NAG CB . 42.44 33.17 19.84
C8 NAG CB . 41.95 32.89 18.45
N2 NAG CB . 41.74 32.61 20.82
O3 NAG CB . 44.21 31.71 21.96
O4 NAG CB . 43.98 30.56 24.60
O5 NAG CB . 41.19 32.93 24.49
O6 NAG CB . 43.24 32.90 26.70
O7 NAG CB . 43.42 33.87 20.06
C1 NAG DB . 37.32 42.07 12.64
C2 NAG DB . 36.13 42.52 11.81
C3 NAG DB . 35.24 43.52 12.57
C4 NAG DB . 35.99 44.43 13.54
C5 NAG DB . 37.14 43.75 14.24
C6 NAG DB . 37.13 43.89 15.74
C7 NAG DB . 35.80 43.09 9.43
C8 NAG DB . 36.44 43.69 8.21
N2 NAG DB . 36.56 43.06 10.53
O3 NAG DB . 34.22 42.80 13.27
O4 NAG DB . 36.47 45.59 12.87
O5 NAG DB . 37.09 42.35 13.97
O6 NAG DB . 36.51 45.09 16.18
O7 NAG DB . 34.65 42.69 9.42
C1 NAG DB . 36.05 46.72 13.70
C2 NAG DB . 37.22 47.68 13.98
C3 NAG DB . 36.74 48.89 14.78
C4 NAG DB . 35.54 49.52 14.08
C5 NAG DB . 34.45 48.48 13.90
C6 NAG DB . 33.22 49.00 13.21
C7 NAG DB . 39.24 46.27 14.05
C8 NAG DB . 40.28 45.68 14.94
N2 NAG DB . 38.32 47.01 14.67
O3 NAG DB . 37.79 49.83 14.93
O4 NAG DB . 35.06 50.66 14.80
O5 NAG DB . 34.96 47.42 13.09
O6 NAG DB . 33.41 49.18 11.82
O7 NAG DB . 39.22 46.09 12.85
C1 BMA DB . 35.38 51.75 13.93
C2 BMA DB . 34.55 52.97 14.37
C3 BMA DB . 34.94 54.16 13.49
C4 BMA DB . 36.47 54.37 13.45
C5 BMA DB . 37.19 53.06 13.07
C6 BMA DB . 38.70 53.18 13.13
O2 BMA DB . 34.85 53.34 15.70
O3 BMA DB . 34.30 55.36 13.92
O4 BMA DB . 36.80 55.39 12.51
O5 BMA DB . 36.78 52.03 13.99
O6 BMA DB . 39.26 51.91 12.78
C1 NAG EB . 18.71 41.86 6.48
C2 NAG EB . 17.61 42.33 5.56
C3 NAG EB . 18.15 43.36 4.57
C4 NAG EB . 18.86 44.49 5.30
C5 NAG EB . 19.86 43.94 6.33
C6 NAG EB . 20.42 45.02 7.23
C7 NAG EB . 16.07 40.43 5.42
C8 NAG EB . 15.54 39.33 4.56
N2 NAG EB . 17.00 41.21 4.86
O3 NAG EB . 17.08 43.88 3.80
O4 NAG EB . 19.60 45.27 4.37
O5 NAG EB . 19.24 42.97 7.19
O6 NAG EB . 19.38 45.68 7.95
O7 NAG EB . 15.68 40.61 6.57
C1 NAG EB . 19.00 46.54 4.07
C2 NAG EB . 20.13 47.54 3.82
C3 NAG EB . 19.56 48.90 3.41
C4 NAG EB . 18.62 48.74 2.23
C5 NAG EB . 17.55 47.70 2.54
C6 NAG EB . 16.66 47.41 1.36
C7 NAG EB . 22.27 47.44 5.00
C8 NAG EB . 22.98 47.63 6.31
N2 NAG EB . 20.96 47.68 5.01
O3 NAG EB . 20.63 49.77 3.06
O4 NAG EB . 18.00 49.98 1.92
O5 NAG EB . 18.17 46.46 2.91
O6 NAG EB . 17.40 47.34 0.14
O7 NAG EB . 22.87 47.10 3.99
C1 BMA EB . 18.45 50.49 0.65
C2 BMA EB . 17.25 51.11 -0.14
C3 BMA EB . 17.73 51.78 -1.43
C4 BMA EB . 18.87 52.74 -1.10
C5 BMA EB . 20.00 51.98 -0.40
C6 BMA EB . 21.17 52.87 -0.10
O2 BMA EB . 16.62 52.13 0.61
O3 BMA EB . 16.70 52.48 -2.12
O4 BMA EB . 19.37 53.33 -2.29
O5 BMA EB . 19.48 51.46 0.82
O6 BMA EB . 21.93 52.27 0.94
C1 MAN EB . 16.39 51.81 -3.37
C2 MAN EB . 17.28 52.39 -4.49
C3 MAN EB . 16.48 52.49 -5.78
C4 MAN EB . 15.64 51.25 -5.93
C5 MAN EB . 14.53 51.32 -4.89
C6 MAN EB . 14.01 49.97 -4.49
O2 MAN EB . 18.35 51.51 -4.79
O3 MAN EB . 17.29 52.66 -6.93
O4 MAN EB . 15.06 51.18 -7.22
O5 MAN EB . 15.01 51.98 -3.68
O6 MAN EB . 13.17 50.17 -3.37
C1 MAN EB . 16.75 53.74 -7.71
C2 MAN EB . 17.10 53.47 -9.16
C3 MAN EB . 18.61 53.43 -9.31
C4 MAN EB . 19.24 54.71 -8.75
C5 MAN EB . 18.75 54.97 -7.32
C6 MAN EB . 19.19 56.32 -6.78
O2 MAN EB . 16.68 54.55 -9.99
O3 MAN EB . 19.00 53.26 -10.66
O4 MAN EB . 20.65 54.59 -8.75
O5 MAN EB . 17.31 54.94 -7.27
O6 MAN EB . 18.78 56.43 -5.42
C1 MAN EB . 23.23 52.89 0.94
C2 MAN EB . 24.14 52.04 1.85
C3 MAN EB . 23.74 52.21 3.30
C4 MAN EB . 23.68 53.69 3.68
C5 MAN EB . 22.69 54.41 2.76
C6 MAN EB . 22.60 55.89 3.04
O2 MAN EB . 25.51 52.46 1.75
O3 MAN EB . 24.61 51.51 4.19
O4 MAN EB . 23.25 53.84 5.03
O5 MAN EB . 23.14 54.24 1.40
O6 MAN EB . 21.82 56.47 1.99
C1 MAN EB . 21.46 57.81 2.38
C2 MAN EB . 20.39 58.31 1.36
C3 MAN EB . 21.03 58.64 0.01
C4 MAN EB . 22.27 59.54 0.19
C5 MAN EB . 23.25 58.85 1.14
C6 MAN EB . 24.49 59.67 1.40
O2 MAN EB . 19.75 59.51 1.81
O3 MAN EB . 20.11 59.27 -0.88
O4 MAN EB . 22.90 59.75 -1.07
O5 MAN EB . 22.60 58.65 2.41
O6 MAN EB . 25.28 58.98 2.37
C1 NAG FB . 29.15 47.12 5.99
C2 NAG FB . 27.77 47.78 6.14
C3 NAG FB . 27.72 48.68 7.39
C4 NAG FB . 28.89 49.66 7.45
C5 NAG FB . 30.17 49.03 6.92
C6 NAG FB . 31.37 49.37 7.78
C7 NAG FB . 26.51 48.07 4.06
C8 NAG FB . 26.25 48.96 2.89
N2 NAG FB . 27.41 48.52 4.96
O3 NAG FB . 27.72 47.86 8.56
O4 NAG FB . 28.58 50.85 6.73
O5 NAG FB . 30.03 47.61 6.96
O6 NAG FB . 31.12 49.09 9.14
O7 NAG FB . 25.95 47.00 4.20
C1 NAG FB . 28.28 51.77 7.81
C2 NAG FB . 28.96 53.10 7.57
C3 NAG FB . 28.64 54.06 8.72
C4 NAG FB . 27.13 54.14 8.96
C5 NAG FB . 26.49 52.75 9.03
C6 NAG FB . 24.98 52.81 9.05
C7 NAG FB . 30.99 52.50 6.31
C8 NAG FB . 32.49 52.44 6.35
N2 NAG FB . 30.40 52.96 7.42
O3 NAG FB . 29.16 55.33 8.41
O4 NAG FB . 26.91 54.76 10.22
O5 NAG FB . 26.87 51.95 7.90
O6 NAG FB . 24.49 53.83 8.19
O7 NAG FB . 30.35 52.15 5.33
C1 BMA FB . 26.68 56.17 10.07
C2 BMA FB . 25.55 56.57 11.05
C3 BMA FB . 25.41 58.08 11.12
C4 BMA FB . 26.76 58.77 11.34
C5 BMA FB . 27.76 58.32 10.26
C6 BMA FB . 29.13 58.90 10.47
O2 BMA FB . 25.86 56.12 12.36
O3 BMA FB . 24.50 58.48 12.14
O4 BMA FB . 26.60 60.18 11.26
O5 BMA FB . 27.88 56.89 10.34
O6 BMA FB . 30.04 58.26 9.58
C1 NAG GB . 31.25 20.48 18.36
C2 NAG GB . 31.48 18.96 18.31
C3 NAG GB . 32.10 18.45 19.62
C4 NAG GB . 33.28 19.30 20.06
C5 NAG GB . 32.94 20.78 20.01
C6 NAG GB . 34.12 21.67 20.28
C7 NAG GB . 29.15 18.00 18.63
C8 NAG GB . 29.01 18.72 19.95
N2 NAG GB . 30.31 18.19 17.94
O3 NAG GB . 32.49 17.09 19.41
O4 NAG GB . 33.61 18.99 21.41
O5 NAG GB . 32.45 21.14 18.70
O6 NAG GB . 35.34 20.97 20.10
O7 NAG GB . 28.26 17.31 18.18
C1 NAG GB . 34.47 17.83 21.52
C2 NAG GB . 35.33 17.96 22.75
C3 NAG GB . 36.24 16.74 22.89
C4 NAG GB . 35.40 15.47 22.89
C5 NAG GB . 34.48 15.43 21.66
C6 NAG GB . 33.50 14.28 21.71
C7 NAG GB . 35.70 20.34 23.26
C8 NAG GB . 36.64 21.49 23.16
N2 NAG GB . 36.13 19.18 22.74
O3 NAG GB . 36.97 16.84 24.11
O4 NAG GB . 36.25 14.33 22.84
O5 NAG GB . 33.70 16.62 21.59
O6 NAG GB . 32.85 14.20 22.98
O7 NAG GB . 34.60 20.44 23.79
C1 BMA GB . 36.13 13.62 24.09
C2 BMA GB . 36.24 12.11 23.78
C3 BMA GB . 36.25 11.31 25.08
C4 BMA GB . 37.25 11.88 26.10
C5 BMA GB . 37.03 13.39 26.29
C6 BMA GB . 38.05 14.02 27.21
O2 BMA GB . 37.47 11.81 23.13
O3 BMA GB . 36.51 9.93 24.84
O4 BMA GB . 37.10 11.22 27.35
O5 BMA GB . 37.14 14.02 25.01
O6 BMA GB . 37.64 15.35 27.49
C1 NAG HB . 33.47 49.72 -9.85
C2 NAG HB . 33.76 50.21 -8.44
C3 NAG HB . 32.49 50.16 -7.61
C4 NAG HB . 31.29 50.77 -8.33
C5 NAG HB . 31.26 50.56 -9.85
C6 NAG HB . 30.42 51.61 -10.56
C7 NAG HB . 35.93 49.93 -7.31
C8 NAG HB . 36.89 48.95 -6.70
N2 NAG HB . 34.81 49.42 -7.81
O3 NAG HB . 32.70 50.86 -6.39
O4 NAG HB . 30.17 50.05 -7.84
O5 NAG HB . 32.57 50.60 -10.46
O6 NAG HB . 30.86 52.92 -10.24
O7 NAG HB . 36.17 51.13 -7.35
C1 NAG HB . 29.15 50.70 -7.04
C2 NAG HB . 29.14 49.87 -5.77
C3 NAG HB . 28.01 50.33 -4.86
C4 NAG HB . 28.16 51.83 -4.59
C5 NAG HB . 28.29 52.62 -5.90
C6 NAG HB . 28.57 54.08 -5.68
C7 NAG HB . 29.79 47.51 -5.57
C8 NAG HB . 29.51 46.11 -6.00
N2 NAG HB . 28.99 48.45 -6.08
O3 NAG HB . 28.05 49.61 -3.64
O4 NAG HB . 27.01 52.31 -3.88
O5 NAG HB . 29.37 52.08 -6.69
O6 NAG HB . 27.70 54.63 -4.70
O7 NAG HB . 30.70 47.78 -4.79
C1 NAG IB . -25.61 27.95 -20.55
C2 NAG IB . -25.73 28.63 -21.90
C3 NAG IB . -24.75 29.79 -21.99
C4 NAG IB . -25.02 30.76 -20.85
C5 NAG IB . -25.01 30.04 -19.51
C6 NAG IB . -25.43 30.91 -18.35
C7 NAG IB . -26.55 27.32 -23.81
C8 NAG IB . -27.87 27.94 -23.52
N2 NAG IB . -25.54 27.69 -23.00
O3 NAG IB . -24.87 30.43 -23.25
O4 NAG IB . -24.04 31.79 -20.85
O5 NAG IB . -25.90 28.90 -19.52
O6 NAG IB . -26.14 32.05 -18.79
O7 NAG IB . -26.38 26.53 -24.72
C1 NAG JB . -42.28 17.49 -10.55
C2 NAG JB . -42.96 17.36 -11.93
C3 NAG JB . -44.43 17.75 -11.82
C4 NAG JB . -45.13 16.87 -10.80
C5 NAG JB . -44.43 16.98 -9.44
C6 NAG JB . -45.01 16.05 -8.40
C7 NAG JB . -41.66 17.61 -13.99
C8 NAG JB . -41.01 18.55 -14.96
N2 NAG JB . -42.29 18.17 -12.94
O3 NAG JB . -45.06 17.56 -13.09
O4 NAG JB . -46.49 17.27 -10.68
O5 NAG JB . -43.03 16.66 -9.56
O6 NAG JB . -46.03 15.21 -8.95
O7 NAG JB . -41.62 16.40 -14.14
C1 NAG KB . -10.80 22.52 -34.66
C2 NAG KB . -11.51 23.31 -35.77
C3 NAG KB . -10.51 24.11 -36.60
C4 NAG KB . -9.66 24.99 -35.70
C5 NAG KB . -8.96 24.12 -34.66
C6 NAG KB . -8.16 24.92 -33.66
C7 NAG KB . -13.56 22.18 -36.49
C8 NAG KB . -14.18 21.23 -37.47
N2 NAG KB . -12.27 22.41 -36.63
O3 NAG KB . -11.22 24.93 -37.52
O4 NAG KB . -8.68 25.69 -36.46
O5 NAG KB . -9.93 23.40 -33.92
O6 NAG KB . -9.02 25.62 -32.78
O7 NAG KB . -14.23 22.70 -35.60
C1 NAG LB . -28.02 -21.80 -52.09
C2 NAG LB . -29.14 -21.75 -50.99
C3 NAG LB . -30.49 -21.29 -51.57
C4 NAG LB . -30.36 -20.12 -52.53
C5 NAG LB . -29.33 -20.47 -53.58
C6 NAG LB . -29.18 -19.41 -54.65
C7 NAG LB . -28.65 -23.56 -49.35
C8 NAG LB . -29.08 -24.93 -48.89
N2 NAG LB . -29.33 -23.06 -50.38
O3 NAG LB . -31.42 -20.98 -50.53
O4 NAG LB . -31.62 -19.88 -53.16
O5 NAG LB . -28.08 -20.60 -52.91
O6 NAG LB . -27.97 -19.58 -55.37
O7 NAG LB . -27.73 -22.96 -48.83
C1 NAG MB . -9.50 18.85 -38.01
C2 NAG MB . -8.41 17.82 -38.32
C3 NAG MB . -7.41 18.42 -39.31
C4 NAG MB . -8.12 18.93 -40.56
C5 NAG MB . -9.23 19.90 -40.17
C6 NAG MB . -10.07 20.33 -41.36
C7 NAG MB . -8.04 16.25 -36.46
C8 NAG MB . -7.20 15.96 -35.25
N2 NAG MB . -7.73 17.37 -37.13
O3 NAG MB . -6.45 17.42 -39.66
O4 NAG MB . -7.18 19.59 -41.40
O5 NAG MB . -10.12 19.29 -39.24
O6 NAG MB . -11.27 19.56 -41.43
O7 NAG MB . -8.98 15.54 -36.78
C1 NAG NB . 17.67 -55.05 -11.46
C2 NAG NB . 16.26 -55.72 -11.37
C3 NAG NB . 16.36 -57.04 -10.65
C4 NAG NB . 17.30 -57.97 -11.40
C5 NAG NB . 18.70 -57.35 -11.36
C6 NAG NB . 19.72 -58.14 -12.13
C7 NAG NB . 13.99 -55.07 -10.67
C8 NAG NB . 13.16 -54.11 -9.86
N2 NAG NB . 15.32 -54.85 -10.69
O3 NAG NB . 15.09 -57.66 -10.48
O4 NAG NB . 17.34 -59.22 -10.73
O5 NAG NB . 18.68 -56.04 -11.94
O6 NAG NB . 19.54 -58.01 -13.54
O7 NAG NB . 13.48 -56.01 -11.27
C1 NAG OB . 22.04 -55.08 -31.59
C2 NAG OB . 21.83 -56.49 -31.04
C3 NAG OB . 21.34 -57.43 -32.14
C4 NAG OB . 20.10 -56.83 -32.81
C5 NAG OB . 20.34 -55.38 -33.24
C6 NAG OB . 19.09 -54.70 -33.76
C7 NAG OB . 24.21 -57.33 -30.71
C8 NAG OB . 24.57 -56.98 -32.13
N2 NAG OB . 22.95 -57.06 -30.29
O3 NAG OB . 21.03 -58.70 -31.57
O4 NAG OB . 19.79 -57.60 -33.98
O5 NAG OB . 20.81 -54.59 -32.15
O6 NAG OB . 19.42 -53.75 -34.76
O7 NAG OB . 25.03 -57.83 -29.95
C1 NAG PB . 5.12 -46.28 -17.06
C2 NAG PB . 4.67 -47.19 -18.20
C3 NAG PB . 3.53 -46.53 -18.96
C4 NAG PB . 2.41 -46.16 -18.02
C5 NAG PB . 2.94 -45.31 -16.86
C6 NAG PB . 1.89 -45.01 -15.82
C7 NAG PB . 6.62 -48.51 -18.89
C8 NAG PB . 7.69 -48.69 -19.92
N2 NAG PB . 5.77 -47.50 -19.09
O3 NAG PB . 3.06 -47.41 -19.98
O4 NAG PB . 1.40 -45.43 -18.73
O5 NAG PB . 4.00 -46.00 -16.20
O6 NAG PB . 1.35 -46.22 -15.28
O7 NAG PB . 6.54 -49.24 -17.90
C1 NAG QB . -40.38 3.19 14.54
C2 NAG QB . -41.54 2.30 14.93
C3 NAG QB . -42.25 1.81 13.67
C4 NAG QB . -42.72 3.02 12.86
C5 NAG QB . -41.55 3.96 12.59
C6 NAG QB . -41.97 5.26 11.94
C7 NAG QB . -41.44 1.08 17.04
C8 NAG QB . -42.27 2.19 17.59
N2 NAG QB . -41.11 1.18 15.75
O3 NAG QB . -43.35 0.98 14.03
O4 NAG QB . -43.28 2.58 11.63
O5 NAG QB . -40.87 4.32 13.81
O6 NAG QB . -43.35 5.50 12.10
O7 NAG QB . -41.08 0.14 17.74
C1 NAG RB . -32.71 19.46 27.35
C2 NAG RB . -33.38 18.76 28.55
C3 NAG RB . -34.14 19.77 29.39
C4 NAG RB . -33.20 20.87 29.85
C5 NAG RB . -32.52 21.54 28.66
C6 NAG RB . -31.49 22.57 29.08
C7 NAG RB . -34.00 16.40 28.42
C8 NAG RB . -34.99 15.38 27.92
N2 NAG RB . -34.26 17.68 28.13
O3 NAG RB . -34.69 19.12 30.54
O4 NAG RB . -33.93 21.83 30.62
O5 NAG RB . -31.85 20.57 27.83
O6 NAG RB . -31.31 22.61 30.48
O7 NAG RB . -33.02 16.07 29.06
C1 NAG SB . -36.65 -17.57 12.83
C2 NAG SB . -37.99 -17.91 13.49
C3 NAG SB . -38.69 -19.04 12.73
C4 NAG SB . -38.82 -18.70 11.25
C5 NAG SB . -37.42 -18.44 10.70
C6 NAG SB . -37.47 -18.00 9.25
C7 NAG SB . -37.97 -17.42 15.89
C8 NAG SB . -37.74 -17.98 17.27
N2 NAG SB . -37.81 -18.28 14.88
O3 NAG SB . -39.99 -19.23 13.28
O4 NAG SB . -39.41 -19.79 10.55
O5 NAG SB . -36.82 -17.37 11.42
O6 NAG SB . -37.98 -16.68 9.13
O7 NAG SB . -38.28 -16.24 15.71
C1 NAG TB . -11.13 -27.64 55.41
C2 NAG TB . -11.08 -26.10 55.70
C3 NAG TB . -12.15 -25.69 56.74
C4 NAG TB . -13.50 -26.34 56.50
C5 NAG TB . -13.29 -27.84 56.41
C6 NAG TB . -14.58 -28.62 56.27
C7 NAG TB . -8.71 -25.36 55.47
C8 NAG TB . -7.49 -24.95 56.24
N2 NAG TB . -9.78 -25.70 56.21
O3 NAG TB . -12.30 -24.27 56.78
O4 NAG TB . -14.36 -26.07 57.60
O5 NAG TB . -12.51 -28.08 55.24
O6 NAG TB . -14.34 -29.95 55.80
O7 NAG TB . -8.73 -25.41 54.25
C1 NAG UB . -34.42 -21.54 15.24
C2 NAG UB . -33.32 -22.59 15.08
C3 NAG UB . -33.90 -23.87 14.51
C4 NAG UB . -35.07 -24.37 15.36
C5 NAG UB . -36.11 -23.26 15.52
C6 NAG UB . -37.22 -23.62 16.48
C7 NAG UB . -31.10 -21.57 14.71
C8 NAG UB . -30.09 -21.15 13.68
N2 NAG UB . -32.23 -22.11 14.24
O3 NAG UB . -32.88 -24.86 14.45
O4 NAG UB . -35.67 -25.49 14.74
O5 NAG UB . -35.49 -22.07 16.05
O6 NAG UB . -36.97 -23.08 17.78
O7 NAG UB . -30.93 -21.36 15.91
C1 NAG VB . 48.45 -27.76 19.08
C2 NAG VB . 48.61 -26.96 20.40
C3 NAG VB . 50.08 -26.66 20.63
C4 NAG VB . 50.88 -27.94 20.74
C5 NAG VB . 50.80 -28.64 19.39
C6 NAG VB . 51.49 -29.99 19.38
C7 NAG VB . 47.64 -24.95 21.44
C8 NAG VB . 46.86 -23.68 21.21
N2 NAG VB . 47.85 -25.72 20.37
O3 NAG VB . 50.27 -25.85 21.80
O4 NAG VB . 52.24 -27.62 21.02
O5 NAG VB . 49.44 -28.89 19.04
O6 NAG VB . 50.77 -30.97 20.11
O7 NAG VB . 48.04 -25.27 22.55
C1 NAG WB . 41.80 -46.27 25.21
C2 NAG WB . 43.17 -45.92 25.80
C3 NAG WB . 43.38 -46.64 27.14
C4 NAG WB . 42.21 -46.35 28.07
C5 NAG WB . 40.87 -46.62 27.39
C6 NAG WB . 39.69 -46.18 28.22
C7 NAG WB . 44.78 -47.20 24.30
C8 NAG WB . 44.02 -48.49 24.53
N2 NAG WB . 44.32 -46.09 24.90
O3 NAG WB . 44.61 -46.20 27.73
O4 NAG WB . 42.30 -47.19 29.22
O5 NAG WB . 40.77 -45.91 26.14
O6 NAG WB . 38.56 -47.01 27.97
O7 NAG WB . 45.77 -47.17 23.58
C1 NAG XB . 34.71 -23.41 26.68
C2 NAG XB . 34.90 -24.19 27.98
C3 NAG XB . 33.66 -24.02 28.86
C4 NAG XB . 33.36 -22.54 29.08
C5 NAG XB . 33.26 -21.82 27.74
C6 NAG XB . 33.10 -20.32 27.87
C7 NAG XB . 36.38 -26.08 27.50
C8 NAG XB . 36.45 -27.56 27.29
N2 NAG XB . 35.15 -25.60 27.74
O3 NAG XB . 33.86 -24.67 30.11
O4 NAG XB . 32.13 -22.38 29.78
O5 NAG XB . 34.46 -22.04 26.98
O6 NAG XB . 34.18 -19.76 28.61
O7 NAG XB . 37.37 -25.36 27.46
C1 NAG YB . -9.69 35.92 21.41
C2 NAG YB . -9.14 36.79 22.52
C3 NAG YB . -9.45 36.16 23.87
C4 NAG YB . -10.95 35.97 24.00
C5 NAG YB . -11.50 35.19 22.81
C6 NAG YB . -13.02 35.12 22.78
C7 NAG YB . -7.22 38.23 22.05
C8 NAG YB . -8.22 39.33 21.87
N2 NAG YB . -7.71 37.03 22.37
O3 NAG YB . -8.94 36.98 24.92
O4 NAG YB . -11.26 35.28 25.20
O5 NAG YB . -11.11 35.80 21.56
O6 NAG YB . -13.60 36.11 23.62
O7 NAG YB . -6.02 38.42 21.92
C1 NAG ZB . -16.15 43.86 1.84
C2 NAG ZB . -15.28 45.10 2.11
C3 NAG ZB . -16.06 46.37 1.79
C4 NAG ZB . -16.52 46.34 0.34
C5 NAG ZB . -17.36 45.09 0.07
C6 NAG ZB . -17.75 44.95 -1.39
C7 NAG ZB . -13.50 45.03 3.79
C8 NAG ZB . -13.14 45.08 5.25
N2 NAG ZB . -14.80 45.13 3.49
O3 NAG ZB . -15.22 47.50 1.98
O4 NAG ZB . -17.27 47.51 0.06
O5 NAG ZB . -16.63 43.89 0.43
O6 NAG ZB . -17.17 45.97 -2.19
O7 NAG ZB . -12.65 44.89 2.92
C1 NAG AC . 8.67 29.31 29.59
C2 NAG AC . 8.80 30.57 30.44
C3 NAG AC . 9.24 30.23 31.86
C4 NAG AC . 8.33 29.19 32.47
C5 NAG AC . 8.31 27.96 31.58
C6 NAG AC . 7.35 26.90 32.06
C7 NAG AC . 9.34 32.54 29.06
C8 NAG AC . 10.43 33.40 28.53
N2 NAG AC . 9.73 31.51 29.83
O3 NAG AC . 9.21 31.42 32.65
O4 NAG AC . 8.79 28.82 33.77
O5 NAG AC . 7.88 28.33 30.27
O6 NAG AC . 6.00 27.32 31.86
O7 NAG AC . 8.16 32.74 28.80
C1 NAG BC . 42.41 46.27 -4.18
C2 NAG BC . 41.22 46.69 -5.09
C3 NAG BC . 40.94 48.21 -4.99
C4 NAG BC . 40.98 48.73 -3.56
C5 NAG BC . 42.30 48.32 -2.94
C6 NAG BC . 42.50 48.85 -1.56
C7 NAG BC . 41.25 45.20 -7.10
C8 NAG BC . 41.58 45.16 -8.55
N2 NAG BC . 41.49 46.37 -6.49
O3 NAG BC . 39.69 48.54 -5.59
O4 NAG BC . 40.91 50.15 -3.58
O5 NAG BC . 42.29 46.89 -2.86
O6 NAG BC . 43.53 48.15 -0.86
O7 NAG BC . 40.79 44.25 -6.49
C1 NAG CC . 13.74 29.30 28.75
C2 NAG CC . 14.94 28.37 28.52
C3 NAG CC . 15.63 28.08 29.85
C4 NAG CC . 16.02 29.37 30.56
C5 NAG CC . 14.80 30.28 30.71
C6 NAG CC . 15.15 31.64 31.25
C7 NAG CC . 14.62 26.91 26.57
C8 NAG CC . 14.17 25.55 26.10
N2 NAG CC . 14.54 27.13 27.88
O3 NAG CC . 16.78 27.29 29.61
O4 NAG CC . 16.55 29.08 31.85
O5 NAG CC . 14.18 30.50 29.43
O6 NAG CC . 15.27 32.60 30.22
O7 NAG CC . 14.96 27.77 25.78
C1 NAG DC . 46.92 -17.68 -31.16
C2 NAG DC . 46.81 -16.62 -32.27
C3 NAG DC . 47.09 -17.25 -33.63
C4 NAG DC . 48.49 -17.84 -33.63
C5 NAG DC . 48.54 -18.96 -32.62
C6 NAG DC . 49.91 -19.59 -32.47
C7 NAG DC . 45.19 -14.91 -33.01
C8 NAG DC . 43.76 -14.44 -32.95
N2 NAG DC . 45.48 -16.01 -32.29
O3 NAG DC . 46.92 -16.32 -34.70
O4 NAG DC . 48.76 -18.38 -34.92
O5 NAG DC . 48.18 -18.47 -31.32
O6 NAG DC . 50.81 -18.73 -31.79
O7 NAG DC . 46.03 -14.31 -33.66
C1 NAG EC . 63.21 -11.71 -20.06
C2 NAG EC . 63.57 -11.99 -21.53
C3 NAG EC . 64.79 -11.18 -21.94
C4 NAG EC . 64.55 -9.69 -21.65
C5 NAG EC . 64.08 -9.49 -20.20
C6 NAG EC . 63.66 -8.06 -19.91
C7 NAG EC . 64.58 -14.33 -21.39
C8 NAG EC . 65.54 -13.90 -20.31
N2 NAG EC . 63.72 -13.41 -21.87
O3 NAG EC . 65.03 -11.36 -23.34
O4 NAG EC . 65.76 -8.97 -21.83
O5 NAG EC . 62.95 -10.30 -19.90
O6 NAG EC . 63.94 -7.71 -18.57
O7 NAG EC . 64.58 -15.48 -21.82
C1 NAG FC . 41.89 -2.88 -26.59
C2 NAG FC . 43.13 -2.07 -26.95
C3 NAG FC . 42.95 -0.62 -26.52
C4 NAG FC . 41.67 -0.05 -27.11
C5 NAG FC . 40.49 -0.94 -26.77
C6 NAG FC . 39.21 -0.50 -27.44
C7 NAG FC . 45.04 -3.62 -26.90
C8 NAG FC . 46.25 -4.06 -26.13
N2 NAG FC . 44.33 -2.63 -26.34
O3 NAG FC . 44.08 0.14 -26.93
O4 NAG FC . 41.44 1.26 -26.61
O5 NAG FC . 40.74 -2.28 -27.20
O6 NAG FC . 39.35 -0.48 -28.85
O7 NAG FC . 44.72 -4.13 -27.97
#